data_9E9F
#
_entry.id   9E9F
#
_entity_poly.entity_id   1
_entity_poly.type   'polypeptide(L)'
_entity_poly.pdbx_seq_one_letter_code
;MARFFIDRPVFAWVISLLIVLAGVLAIRFLPVAQYPDIAPPVVNVSASYPGASAKVVEEAVTAIIEREMNGAPGLLYTKA
TSSTGQASLTLTFRQGVNADLAAVEVQNRLKIVESRLPESVRRDGIYVEKAADSIQLIVTLTSSSGRYDAMELGEIASSN
VLQALRRVEGVGKVETWGAEYAMRIWPDPAKLTSMNLSASDLVNAVRRHNARLTVGDIGNLGVPDSAPISATVKVDDTLV
TPEQFGEIPLRIRADGGAIRLRDVARVEFGQSEYGFVSRVNQMTATGLAVKMAPGSNAVATAKRIRATLDELSRYFPEGV
SYNIPYDTSAFVEISIRKVVSTLLEAMLLVFAVMYLFMQNFRATLIPTLVVPVALLGTFTVMLGLGFSINVLTMFGMVLA
IGILVDDAIIVVENVERLMAEEGLSPHDATVKAMRQISGAIVGITVVLVSVFVPMAFFSGAVGNIYRQFAVTLAVSIGFS
AFLALSLTPALCATLLRPIDADHHEKRGFFGWFNRAFLRLTGRYRNAVAGILARPIRWMLVYALVIGVVALLFVRLPQAF
LPEEDQGDFMIMVMQPEGTPMAETMANVGDVERYLAEHEPVAYAYAVGGFSLYGDGTSSAMIFATLKDWSERREASQHVG
AIVERINQRFAGLPNRTVYAMNSPPLPDLGSTSGFDFRLQDRGGVGYEALVKARDQLLARAAEDPRLANVMFAGQGEAPQ
IRLDIDRRKAETLGVSMDEINTTLAVMFGSDYIGDFMHGSQVRKVVVQADGAKRLGIDDIGRLHVRNEQGEMVPLATFAK
AAWTLGPPQLTRYNGYPSFNLEGQAAPGYSSGEAMQAMEQLMQGLPEGIAHEWSGQSFEERLSGAQAPALFALSVLIVFL
ALAALYESWSIPLAVILVVPLGVLGALLGVSLRGLPNDIYFKVGLITIIGLSAKNAILIIEVAKDHYQEGMSLLQATLEA
ARLRLRPIVMTSLAFGFGVVPLALSSGAGSGAQVAIGTGVLGGIVTATVLAVFLVPLFFLVVGRLFRLRKA
;
_entity_poly.pdbx_strand_id   B,C,A
#
# COMPACT_ATOMS: atom_id res chain seq x y z
N MET A 1 5.25 26.26 34.46
CA MET A 1 3.80 26.16 34.49
C MET A 1 3.31 25.67 35.84
N ALA A 2 4.26 25.32 36.71
CA ALA A 2 3.89 24.78 38.01
C ALA A 2 3.06 25.77 38.81
N ARG A 3 3.47 27.04 38.83
CA ARG A 3 2.73 28.05 39.58
C ARG A 3 1.30 28.19 39.05
N PHE A 4 1.13 28.13 37.73
CA PHE A 4 -0.18 28.22 37.13
C PHE A 4 -1.14 27.19 37.71
N PHE A 5 -0.70 25.93 37.76
CA PHE A 5 -1.55 24.89 38.34
C PHE A 5 -1.68 25.05 39.86
N ILE A 6 -0.65 25.58 40.51
CA ILE A 6 -0.75 25.85 41.94
C ILE A 6 -1.92 26.79 42.22
N ASP A 7 -2.07 27.82 41.40
CA ASP A 7 -3.17 28.75 41.56
C ASP A 7 -4.47 28.29 40.89
N ARG A 8 -4.43 27.18 40.14
CA ARG A 8 -5.61 26.65 39.47
C ARG A 8 -5.73 25.15 39.77
N PRO A 9 -6.06 24.79 41.01
CA PRO A 9 -6.20 23.36 41.32
C PRO A 9 -7.29 22.68 40.52
N VAL A 10 -8.41 23.37 40.31
CA VAL A 10 -9.52 22.79 39.55
C VAL A 10 -9.06 22.44 38.14
N PHE A 11 -8.27 23.30 37.53
CA PHE A 11 -7.78 23.05 36.18
C PHE A 11 -6.93 21.79 36.13
N ALA A 12 -6.02 21.64 37.11
CA ALA A 12 -5.18 20.45 37.14
C ALA A 12 -6.01 19.19 37.31
N TRP A 13 -7.00 19.25 38.22
CA TRP A 13 -7.89 18.10 38.41
C TRP A 13 -8.63 17.78 37.11
N VAL A 14 -9.08 18.80 36.39
CA VAL A 14 -9.78 18.59 35.13
C VAL A 14 -8.89 17.86 34.14
N ILE A 15 -7.64 18.33 33.99
CA ILE A 15 -6.71 17.70 33.05
C ILE A 15 -6.50 16.24 33.43
N SER A 16 -6.26 15.99 34.73
CA SER A 16 -6.03 14.62 35.18
C SER A 16 -7.24 13.73 34.89
N LEU A 17 -8.43 14.23 35.19
CA LEU A 17 -9.64 13.43 34.97
C LEU A 17 -9.86 13.14 33.49
N LEU A 18 -9.60 14.12 32.64
CA LEU A 18 -9.67 13.89 31.20
C LEU A 18 -8.72 12.78 30.77
N ILE A 19 -7.49 12.83 31.29
CA ILE A 19 -6.52 11.78 30.98
C ILE A 19 -7.04 10.42 31.43
N VAL A 20 -7.63 10.36 32.63
CA VAL A 20 -8.13 9.10 33.15
C VAL A 20 -9.25 8.55 32.28
N LEU A 21 -10.17 9.42 31.88
CA LEU A 21 -11.27 9.00 31.00
C LEU A 21 -10.75 8.45 29.69
N ALA A 22 -9.80 9.18 29.07
CA ALA A 22 -9.20 8.69 27.83
C ALA A 22 -8.55 7.34 28.04
N GLY A 23 -7.84 7.17 29.16
CA GLY A 23 -7.20 5.90 29.44
C GLY A 23 -8.21 4.76 29.55
N VAL A 24 -9.31 4.99 30.25
CA VAL A 24 -10.31 3.94 30.40
C VAL A 24 -10.89 3.56 29.05
N LEU A 25 -11.24 4.56 28.24
CA LEU A 25 -11.79 4.25 26.92
C LEU A 25 -10.79 3.50 26.05
N ALA A 26 -9.53 3.93 26.07
CA ALA A 26 -8.50 3.25 25.29
C ALA A 26 -8.33 1.81 25.74
N ILE A 27 -8.33 1.58 27.06
CA ILE A 27 -8.23 0.22 27.58
C ILE A 27 -9.37 -0.63 27.07
N ARG A 28 -10.58 -0.08 27.05
CA ARG A 28 -11.71 -0.82 26.50
C ARG A 28 -11.49 -1.14 25.03
N PHE A 29 -10.91 -0.20 24.28
CA PHE A 29 -10.72 -0.43 22.85
C PHE A 29 -9.38 -1.08 22.50
N LEU A 30 -8.50 -1.27 23.47
CA LEU A 30 -7.15 -1.79 23.18
C LEU A 30 -7.20 -3.29 22.97
N PRO A 31 -6.60 -3.81 21.90
CA PRO A 31 -6.45 -5.27 21.77
C PRO A 31 -5.47 -5.81 22.78
N VAL A 32 -5.65 -7.08 23.15
CA VAL A 32 -4.83 -7.75 24.15
C VAL A 32 -4.21 -8.97 23.53
N ALA A 33 -2.88 -9.09 23.64
CA ALA A 33 -2.15 -10.28 23.22
C ALA A 33 -1.10 -10.60 24.27
N GLN A 34 -0.29 -11.61 24.00
CA GLN A 34 0.80 -11.98 24.90
C GLN A 34 2.10 -11.29 24.49
N TYR A 35 2.44 -11.34 23.21
CA TYR A 35 3.63 -10.72 22.65
C TYR A 35 3.24 -9.85 21.48
N PRO A 36 4.08 -8.90 21.10
CA PRO A 36 3.75 -8.03 19.98
C PRO A 36 3.86 -8.78 18.66
N ASP A 37 3.62 -8.06 17.57
CA ASP A 37 3.66 -8.65 16.23
C ASP A 37 5.12 -8.87 15.85
N ILE A 38 5.68 -9.97 16.36
CA ILE A 38 7.05 -10.35 16.01
C ILE A 38 7.12 -11.27 14.80
N ALA A 39 5.98 -11.68 14.26
CA ALA A 39 5.95 -12.60 13.13
C ALA A 39 6.57 -11.94 11.90
N PRO A 40 7.62 -12.52 11.31
CA PRO A 40 8.16 -11.98 10.06
C PRO A 40 7.24 -12.31 8.90
N PRO A 41 7.02 -11.36 8.00
CA PRO A 41 6.22 -11.66 6.80
C PRO A 41 6.82 -12.82 6.01
N VAL A 42 5.94 -13.74 5.61
CA VAL A 42 6.36 -14.99 4.98
C VAL A 42 5.48 -15.22 3.76
N VAL A 43 6.10 -15.53 2.62
CA VAL A 43 5.36 -15.84 1.39
C VAL A 43 5.78 -17.22 0.91
N ASN A 44 4.78 -18.08 0.70
CA ASN A 44 5.01 -19.46 0.27
C ASN A 44 4.72 -19.60 -1.21
N VAL A 45 5.67 -20.17 -1.95
CA VAL A 45 5.53 -20.44 -3.37
C VAL A 45 5.51 -21.94 -3.56
N SER A 46 4.48 -22.45 -4.21
CA SER A 46 4.29 -23.89 -4.38
C SER A 46 4.13 -24.23 -5.86
N ALA A 47 4.92 -25.19 -6.33
CA ALA A 47 4.84 -25.68 -7.70
C ALA A 47 4.82 -27.19 -7.69
N SER A 48 4.28 -27.77 -8.76
CA SER A 48 4.19 -29.22 -8.89
C SER A 48 4.67 -29.63 -10.27
N TYR A 49 5.41 -30.75 -10.32
CA TYR A 49 5.88 -31.35 -11.57
C TYR A 49 5.54 -32.83 -11.50
N PRO A 50 4.28 -33.19 -11.81
CA PRO A 50 3.89 -34.62 -11.75
C PRO A 50 4.71 -35.50 -12.66
N GLY A 51 5.18 -34.97 -13.78
CA GLY A 51 6.04 -35.72 -14.69
C GLY A 51 7.48 -35.80 -14.26
N ALA A 52 7.80 -35.38 -13.04
CA ALA A 52 9.17 -35.42 -12.55
C ALA A 52 9.19 -35.98 -11.12
N SER A 53 10.39 -36.16 -10.61
CA SER A 53 10.60 -36.72 -9.27
C SER A 53 11.50 -35.80 -8.46
N ALA A 54 11.96 -36.26 -7.31
CA ALA A 54 12.84 -35.44 -6.50
C ALA A 54 14.21 -35.28 -7.17
N LYS A 55 14.84 -34.13 -6.90
CA LYS A 55 16.19 -33.80 -7.34
C LYS A 55 16.25 -33.52 -8.84
N VAL A 56 15.19 -33.85 -9.57
CA VAL A 56 15.00 -33.23 -10.88
C VAL A 56 14.08 -32.03 -10.76
N VAL A 57 13.07 -32.12 -9.89
CA VAL A 57 12.26 -30.96 -9.56
C VAL A 57 13.15 -29.84 -9.03
N GLU A 58 14.07 -30.19 -8.13
CA GLU A 58 14.94 -29.19 -7.53
C GLU A 58 15.78 -28.47 -8.58
N GLU A 59 16.38 -29.23 -9.49
CA GLU A 59 17.23 -28.62 -10.51
C GLU A 59 16.40 -27.82 -11.52
N ALA A 60 15.22 -28.33 -11.88
CA ALA A 60 14.42 -27.70 -12.92
C ALA A 60 13.47 -26.63 -12.40
N VAL A 61 13.06 -26.71 -11.14
CA VAL A 61 12.07 -25.76 -10.62
C VAL A 61 12.63 -25.01 -9.42
N THR A 62 12.99 -25.76 -8.37
CA THR A 62 13.39 -25.14 -7.11
C THR A 62 14.56 -24.20 -7.28
N ALA A 63 15.63 -24.68 -7.91
CA ALA A 63 16.82 -23.86 -8.08
C ALA A 63 16.52 -22.61 -8.89
N ILE A 64 15.77 -22.75 -9.98
CA ILE A 64 15.47 -21.61 -10.84
C ILE A 64 14.65 -20.58 -10.07
N ILE A 65 13.62 -21.04 -9.37
CA ILE A 65 12.75 -20.13 -8.63
C ILE A 65 13.54 -19.41 -7.53
N GLU A 66 14.37 -20.16 -6.80
CA GLU A 66 15.13 -19.54 -5.71
C GLU A 66 16.15 -18.55 -6.26
N ARG A 67 16.77 -18.84 -7.40
CA ARG A 67 17.69 -17.90 -8.01
C ARG A 67 16.97 -16.65 -8.48
N GLU A 68 15.76 -16.81 -9.01
CA GLU A 68 14.98 -15.63 -9.41
C GLU A 68 14.60 -14.79 -8.21
N MET A 69 14.14 -15.43 -7.14
CA MET A 69 13.70 -14.68 -5.96
C MET A 69 14.86 -14.01 -5.24
N ASN A 70 16.09 -14.48 -5.50
CA ASN A 70 17.27 -13.86 -4.92
C ASN A 70 17.33 -12.38 -5.29
N GLY A 71 17.58 -11.55 -4.29
CA GLY A 71 17.54 -10.12 -4.48
C GLY A 71 16.19 -9.47 -4.24
N ALA A 72 15.23 -10.22 -3.70
CA ALA A 72 13.92 -9.65 -3.43
C ALA A 72 14.03 -8.55 -2.37
N PRO A 73 13.27 -7.47 -2.50
CA PRO A 73 13.32 -6.40 -1.49
C PRO A 73 12.77 -6.89 -0.16
N GLY A 74 13.60 -6.79 0.88
CA GLY A 74 13.19 -7.19 2.21
C GLY A 74 13.25 -8.68 2.47
N LEU A 75 13.83 -9.47 1.57
CA LEU A 75 13.87 -10.92 1.71
C LEU A 75 14.85 -11.28 2.82
N LEU A 76 14.31 -11.69 3.97
CA LEU A 76 15.17 -12.08 5.09
C LEU A 76 15.95 -13.35 4.75
N TYR A 77 15.26 -14.38 4.28
CA TYR A 77 15.93 -15.61 3.86
C TYR A 77 14.97 -16.49 3.07
N THR A 78 15.49 -17.59 2.56
CA THR A 78 14.73 -18.50 1.70
C THR A 78 14.97 -19.94 2.12
N LYS A 79 13.88 -20.70 2.30
CA LYS A 79 13.96 -22.13 2.59
C LYS A 79 13.20 -22.88 1.51
N ALA A 80 13.91 -23.67 0.70
CA ALA A 80 13.29 -24.37 -0.42
C ALA A 80 13.40 -25.87 -0.19
N THR A 81 12.25 -26.52 -0.06
CA THR A 81 12.16 -27.96 0.10
C THR A 81 11.54 -28.55 -1.16
N SER A 82 12.29 -29.40 -1.84
CA SER A 82 11.82 -30.07 -3.04
C SER A 82 11.60 -31.54 -2.73
N SER A 83 10.35 -31.99 -2.92
CA SER A 83 9.95 -33.36 -2.78
C SER A 83 9.80 -33.98 -4.17
N THR A 84 9.30 -35.21 -4.24
CA THR A 84 9.08 -35.88 -5.51
C THR A 84 7.89 -35.23 -6.21
N GLY A 85 8.16 -34.53 -7.31
CA GLY A 85 7.11 -33.90 -8.07
C GLY A 85 6.45 -32.71 -7.42
N GLN A 86 7.09 -32.11 -6.42
CA GLN A 86 6.51 -30.97 -5.72
C GLN A 86 7.62 -30.14 -5.09
N ALA A 87 7.56 -28.83 -5.26
CA ALA A 87 8.57 -27.90 -4.77
C ALA A 87 7.89 -26.80 -3.98
N SER A 88 8.36 -26.55 -2.76
CA SER A 88 7.83 -25.48 -1.91
C SER A 88 8.97 -24.59 -1.46
N LEU A 89 8.91 -23.31 -1.85
CA LEU A 89 9.92 -22.32 -1.49
C LEU A 89 9.26 -21.29 -0.59
N THR A 90 9.64 -21.28 0.69
CA THR A 90 9.15 -20.31 1.64
C THR A 90 10.15 -19.17 1.72
N LEU A 91 9.74 -17.99 1.27
CA LEU A 91 10.56 -16.80 1.31
C LEU A 91 10.13 -16.00 2.55
N THR A 92 11.00 -15.98 3.55
CA THR A 92 10.74 -15.20 4.75
C THR A 92 11.26 -13.79 4.54
N PHE A 93 10.38 -12.81 4.68
CA PHE A 93 10.75 -11.40 4.56
C PHE A 93 10.93 -10.80 5.94
N ARG A 94 11.81 -9.81 6.03
CA ARG A 94 12.10 -9.18 7.30
C ARG A 94 10.88 -8.44 7.84
N GLN A 95 10.81 -8.35 9.16
CA GLN A 95 9.70 -7.64 9.81
C GLN A 95 9.63 -6.21 9.32
N GLY A 96 8.42 -5.77 8.99
CA GLY A 96 8.20 -4.45 8.45
C GLY A 96 7.93 -4.40 6.96
N VAL A 97 7.69 -5.54 6.33
CA VAL A 97 7.41 -5.61 4.89
C VAL A 97 5.93 -5.90 4.70
N ASN A 98 5.28 -5.11 3.85
CA ASN A 98 3.90 -5.36 3.49
C ASN A 98 3.77 -6.73 2.84
N ALA A 99 3.04 -7.64 3.50
CA ALA A 99 2.94 -9.01 3.00
C ALA A 99 2.32 -9.05 1.61
N ASP A 100 1.26 -8.26 1.41
CA ASP A 100 0.58 -8.27 0.11
C ASP A 100 1.48 -7.72 -1.00
N LEU A 101 2.18 -6.62 -0.73
CA LEU A 101 3.10 -6.09 -1.72
C LEU A 101 4.26 -7.06 -1.99
N ALA A 102 4.73 -7.73 -0.93
CA ALA A 102 5.77 -8.74 -1.11
C ALA A 102 5.29 -9.87 -2.02
N ALA A 103 4.06 -10.34 -1.79
CA ALA A 103 3.50 -11.38 -2.65
C ALA A 103 3.35 -10.88 -4.08
N VAL A 104 2.97 -9.61 -4.25
CA VAL A 104 2.89 -9.02 -5.59
C VAL A 104 4.24 -9.08 -6.29
N GLU A 105 5.30 -8.67 -5.58
CA GLU A 105 6.63 -8.72 -6.16
C GLU A 105 7.04 -10.15 -6.49
N VAL A 106 6.71 -11.08 -5.60
CA VAL A 106 7.04 -12.49 -5.83
C VAL A 106 6.33 -12.99 -7.08
N GLN A 107 5.06 -12.63 -7.25
CA GLN A 107 4.33 -13.02 -8.45
C GLN A 107 4.97 -12.44 -9.70
N ASN A 108 5.40 -11.18 -9.62
CA ASN A 108 6.07 -10.56 -10.76
C ASN A 108 7.33 -11.34 -11.13
N ARG A 109 8.18 -11.62 -10.15
CA ARG A 109 9.40 -12.37 -10.41
C ARG A 109 9.08 -13.77 -10.92
N LEU A 110 8.03 -14.40 -10.39
CA LEU A 110 7.64 -15.72 -10.84
C LEU A 110 7.23 -15.71 -12.30
N LYS A 111 6.49 -14.68 -12.72
CA LYS A 111 6.15 -14.55 -14.13
C LYS A 111 7.39 -14.30 -14.98
N ILE A 112 8.33 -13.49 -14.47
CA ILE A 112 9.55 -13.21 -15.22
C ILE A 112 10.32 -14.50 -15.47
N VAL A 113 10.43 -15.35 -14.44
CA VAL A 113 11.20 -16.60 -14.57
C VAL A 113 10.35 -17.76 -15.08
N GLU A 114 9.06 -17.54 -15.32
CA GLU A 114 8.17 -18.63 -15.71
C GLU A 114 8.64 -19.31 -16.98
N SER A 115 9.12 -18.53 -17.95
CA SER A 115 9.54 -19.11 -19.23
C SER A 115 10.65 -20.13 -19.05
N ARG A 116 11.63 -19.83 -18.20
CA ARG A 116 12.72 -20.77 -17.96
C ARG A 116 12.20 -22.08 -17.37
N LEU A 117 11.21 -21.99 -16.50
CA LEU A 117 10.67 -23.18 -15.85
C LEU A 117 10.06 -24.11 -16.89
N PRO A 118 10.04 -25.41 -16.63
CA PRO A 118 9.52 -26.37 -17.61
C PRO A 118 8.08 -26.04 -17.99
N GLU A 119 7.77 -26.19 -19.28
CA GLU A 119 6.46 -25.84 -19.78
C GLU A 119 5.36 -26.59 -19.05
N SER A 120 5.62 -27.86 -18.71
CA SER A 120 4.67 -28.61 -17.90
C SER A 120 4.39 -27.91 -16.58
N VAL A 121 5.46 -27.40 -15.94
CA VAL A 121 5.29 -26.67 -14.69
C VAL A 121 4.49 -25.40 -14.91
N ARG A 122 4.78 -24.69 -16.00
CA ARG A 122 4.05 -23.46 -16.30
C ARG A 122 2.57 -23.72 -16.45
N ARG A 123 2.21 -24.76 -17.21
CA ARG A 123 0.81 -25.10 -17.37
C ARG A 123 0.18 -25.57 -16.07
N ASP A 124 0.96 -26.27 -15.24
CA ASP A 124 0.47 -26.70 -13.94
C ASP A 124 0.06 -25.52 -13.07
N GLY A 125 0.88 -24.46 -13.07
CA GLY A 125 0.53 -23.27 -12.32
C GLY A 125 1.20 -23.21 -10.96
N ILE A 126 2.04 -22.21 -10.75
CA ILE A 126 2.74 -22.03 -9.49
C ILE A 126 1.97 -21.03 -8.63
N TYR A 127 1.62 -21.44 -7.43
CA TYR A 127 0.77 -20.66 -6.55
C TYR A 127 1.60 -19.90 -5.53
N VAL A 128 1.18 -18.68 -5.20
CA VAL A 128 1.85 -17.82 -4.25
C VAL A 128 0.83 -17.44 -3.18
N GLU A 129 1.16 -17.72 -1.91
CA GLU A 129 0.27 -17.45 -0.80
C GLU A 129 1.06 -16.80 0.32
N LYS A 130 0.34 -16.28 1.33
CA LYS A 130 0.97 -15.64 2.47
C LYS A 130 0.56 -16.25 3.80
N ALA A 131 -0.12 -17.38 3.80
CA ALA A 131 -0.67 -17.94 5.03
C ALA A 131 0.44 -18.41 5.96
N ALA A 132 0.19 -18.27 7.25
CA ALA A 132 1.08 -18.81 8.27
C ALA A 132 0.86 -20.31 8.42
N ASP A 133 1.91 -21.01 8.82
CA ASP A 133 1.89 -22.47 8.91
C ASP A 133 1.92 -22.97 10.35
N SER A 134 1.54 -22.13 11.31
CA SER A 134 1.55 -22.48 12.72
C SER A 134 0.12 -22.67 13.19
N ILE A 135 -0.20 -23.87 13.66
CA ILE A 135 -1.54 -24.13 14.19
C ILE A 135 -1.67 -23.43 15.54
N GLN A 136 -2.70 -22.58 15.66
CA GLN A 136 -2.97 -21.88 16.91
C GLN A 136 -4.10 -22.50 17.71
N LEU A 137 -4.97 -23.29 17.08
CA LEU A 137 -6.12 -23.86 17.75
C LEU A 137 -6.57 -25.10 17.00
N ILE A 138 -7.11 -26.06 17.75
CA ILE A 138 -7.59 -27.32 17.19
C ILE A 138 -9.04 -27.51 17.62
N VAL A 139 -9.85 -28.06 16.72
CA VAL A 139 -11.25 -28.38 16.99
C VAL A 139 -11.47 -29.86 16.72
N THR A 140 -12.16 -30.52 17.64
CA THR A 140 -12.50 -31.94 17.49
C THR A 140 -13.98 -32.13 17.77
N LEU A 141 -14.66 -32.80 16.84
CA LEU A 141 -16.07 -33.17 17.04
C LEU A 141 -16.16 -34.55 17.66
N THR A 142 -16.85 -34.63 18.80
CA THR A 142 -17.04 -35.87 19.53
C THR A 142 -18.52 -36.15 19.66
N SER A 143 -18.94 -37.34 19.23
CA SER A 143 -20.32 -37.78 19.38
C SER A 143 -20.40 -38.66 20.63
N SER A 144 -21.12 -38.18 21.65
CA SER A 144 -21.22 -38.92 22.91
C SER A 144 -21.87 -40.28 22.69
N SER A 145 -22.93 -40.33 21.90
CA SER A 145 -23.62 -41.60 21.67
C SER A 145 -22.73 -42.59 20.92
N GLY A 146 -21.88 -42.10 20.03
CA GLY A 146 -21.06 -42.96 19.19
C GLY A 146 -21.70 -43.32 17.87
N ARG A 147 -22.92 -42.85 17.60
CA ARG A 147 -23.60 -43.14 16.34
C ARG A 147 -22.73 -42.74 15.15
N TYR A 148 -22.14 -41.55 15.20
CA TYR A 148 -21.30 -41.05 14.12
C TYR A 148 -19.85 -41.42 14.41
N ASP A 149 -19.22 -42.15 13.50
CA ASP A 149 -17.82 -42.53 13.64
C ASP A 149 -16.95 -41.53 12.89
N ALA A 150 -15.68 -41.89 12.70
CA ALA A 150 -14.70 -41.00 12.10
C ALA A 150 -15.19 -40.41 10.78
N MET A 151 -15.67 -41.28 9.88
CA MET A 151 -16.15 -40.81 8.59
C MET A 151 -17.38 -39.92 8.74
N GLU A 152 -18.32 -40.29 9.61
CA GLU A 152 -19.53 -39.50 9.78
C GLU A 152 -19.20 -38.15 10.39
N LEU A 153 -18.41 -38.15 11.47
CA LEU A 153 -17.97 -36.91 12.09
C LEU A 153 -17.19 -36.04 11.10
N GLY A 154 -16.32 -36.65 10.30
CA GLY A 154 -15.60 -35.88 9.29
C GLY A 154 -16.52 -35.23 8.29
N GLU A 155 -17.53 -35.97 7.83
CA GLU A 155 -18.50 -35.41 6.91
C GLU A 155 -19.26 -34.25 7.57
N ILE A 156 -19.66 -34.44 8.83
CA ILE A 156 -20.37 -33.38 9.57
C ILE A 156 -19.51 -32.13 9.64
N ALA A 157 -18.24 -32.28 10.01
CA ALA A 157 -17.35 -31.15 10.13
C ALA A 157 -17.16 -30.45 8.79
N SER A 158 -16.93 -31.22 7.73
CA SER A 158 -16.74 -30.63 6.41
C SER A 158 -17.99 -29.89 5.94
N SER A 159 -19.17 -30.41 6.30
CA SER A 159 -20.41 -29.78 5.85
C SER A 159 -20.72 -28.49 6.60
N ASN A 160 -20.44 -28.45 7.90
CA ASN A 160 -20.80 -27.27 8.69
C ASN A 160 -19.59 -26.55 9.25
N VAL A 161 -18.75 -27.30 9.96
CA VAL A 161 -17.69 -26.67 10.75
C VAL A 161 -16.63 -26.05 9.84
N LEU A 162 -16.15 -26.82 8.87
CA LEU A 162 -15.04 -26.40 8.01
C LEU A 162 -15.25 -25.02 7.40
N GLN A 163 -16.33 -24.85 6.64
CA GLN A 163 -16.59 -23.58 5.99
C GLN A 163 -16.84 -22.47 7.00
N ALA A 164 -17.59 -22.77 8.07
CA ALA A 164 -17.87 -21.76 9.07
C ALA A 164 -16.58 -21.29 9.74
N LEU A 165 -15.67 -22.22 10.06
CA LEU A 165 -14.42 -21.83 10.70
C LEU A 165 -13.59 -20.93 9.79
N ARG A 166 -13.52 -21.25 8.50
CA ARG A 166 -12.85 -20.37 7.55
C ARG A 166 -13.55 -19.01 7.52
N ARG A 167 -14.88 -19.00 7.64
CA ARG A 167 -15.62 -17.74 7.63
C ARG A 167 -15.24 -16.85 8.82
N VAL A 168 -14.85 -17.46 9.94
CA VAL A 168 -14.46 -16.70 11.13
C VAL A 168 -13.37 -15.71 10.76
N GLU A 169 -13.50 -14.48 11.26
CA GLU A 169 -12.50 -13.45 11.00
C GLU A 169 -11.28 -13.67 11.88
N GLY A 170 -10.11 -13.57 11.27
CA GLY A 170 -8.85 -13.70 11.98
C GLY A 170 -8.10 -15.00 11.77
N VAL A 171 -8.72 -16.00 11.15
CA VAL A 171 -8.07 -17.27 10.87
C VAL A 171 -7.79 -17.34 9.37
N GLY A 172 -6.52 -17.52 9.02
CA GLY A 172 -6.16 -17.56 7.61
C GLY A 172 -6.59 -18.85 6.94
N LYS A 173 -6.40 -19.97 7.61
CA LYS A 173 -6.65 -21.28 7.00
C LYS A 173 -7.07 -22.28 8.07
N VAL A 174 -8.05 -23.10 7.74
CA VAL A 174 -8.52 -24.18 8.59
C VAL A 174 -8.20 -25.48 7.89
N GLU A 175 -7.30 -26.28 8.46
CA GLU A 175 -6.89 -27.54 7.88
C GLU A 175 -7.62 -28.71 8.55
N THR A 176 -8.01 -29.69 7.73
CA THR A 176 -8.77 -30.84 8.18
C THR A 176 -7.83 -32.02 8.38
N TRP A 177 -7.95 -32.70 9.53
CA TRP A 177 -7.13 -33.85 9.86
C TRP A 177 -7.94 -35.14 9.89
N GLY A 178 -9.10 -35.18 9.24
CA GLY A 178 -9.95 -36.34 9.23
C GLY A 178 -9.60 -37.32 8.12
N ALA A 179 -10.52 -38.25 7.87
CA ALA A 179 -10.34 -39.26 6.84
C ALA A 179 -11.70 -39.72 6.37
N GLU A 180 -11.73 -40.33 5.19
CA GLU A 180 -12.96 -40.79 4.57
C GLU A 180 -12.82 -42.24 4.12
N TYR A 181 -13.91 -42.99 4.24
CA TYR A 181 -13.91 -44.42 3.94
C TYR A 181 -13.46 -44.67 2.50
N ALA A 182 -12.86 -45.83 2.30
CA ALA A 182 -12.50 -46.32 0.97
C ALA A 182 -12.67 -47.84 0.98
N MET A 183 -12.33 -48.50 -0.13
CA MET A 183 -12.64 -49.92 -0.24
C MET A 183 -11.49 -50.69 -0.88
N ARG A 184 -10.26 -50.44 -0.42
CA ARG A 184 -9.07 -50.96 -1.11
C ARG A 184 -8.90 -52.46 -0.84
N ILE A 185 -9.70 -53.27 -1.54
CA ILE A 185 -9.51 -54.72 -1.53
C ILE A 185 -8.68 -55.17 -2.73
N TRP A 186 -7.36 -55.03 -2.67
CA TRP A 186 -6.55 -55.41 -3.83
C TRP A 186 -5.32 -56.20 -3.43
N PRO A 187 -4.95 -57.22 -4.20
CA PRO A 187 -3.94 -58.19 -3.73
C PRO A 187 -2.53 -57.64 -3.76
N ASP A 188 -1.63 -58.42 -3.14
CA ASP A 188 -0.20 -58.15 -3.05
C ASP A 188 0.52 -58.88 -4.19
N PRO A 189 1.79 -58.60 -4.45
CA PRO A 189 2.47 -59.37 -5.50
C PRO A 189 2.70 -60.82 -5.11
N ALA A 190 2.64 -61.14 -3.82
CA ALA A 190 2.63 -62.55 -3.43
C ALA A 190 1.43 -63.28 -4.02
N LYS A 191 0.24 -62.68 -3.91
CA LYS A 191 -0.96 -63.29 -4.46
C LYS A 191 -0.86 -63.44 -5.97
N LEU A 192 -0.46 -62.36 -6.67
CA LEU A 192 -0.35 -62.41 -8.12
C LEU A 192 0.73 -63.38 -8.57
N THR A 193 1.82 -63.46 -7.81
CA THR A 193 2.89 -64.40 -8.12
C THR A 193 2.42 -65.84 -7.97
N SER A 194 1.68 -66.12 -6.90
CA SER A 194 1.04 -67.43 -6.79
C SER A 194 0.06 -67.65 -7.94
N MET A 195 -0.57 -66.58 -8.40
CA MET A 195 -1.44 -66.61 -9.57
C MET A 195 -0.60 -66.47 -10.83
N ASN A 196 -1.26 -66.23 -11.97
CA ASN A 196 -0.57 -65.96 -13.23
C ASN A 196 -1.07 -64.67 -13.87
N LEU A 197 -1.62 -63.76 -13.07
CA LEU A 197 -2.16 -62.51 -13.56
C LEU A 197 -1.28 -61.34 -13.14
N SER A 198 -1.32 -60.28 -13.93
CA SER A 198 -0.63 -59.03 -13.61
C SER A 198 -1.59 -58.00 -13.05
N ALA A 199 -2.75 -58.47 -12.59
CA ALA A 199 -3.75 -57.69 -11.87
C ALA A 199 -4.45 -56.68 -12.77
N SER A 200 -4.02 -56.56 -14.02
CA SER A 200 -4.80 -55.81 -15.00
C SER A 200 -6.15 -56.47 -15.20
N ASP A 201 -6.15 -57.80 -15.31
CA ASP A 201 -7.37 -58.57 -15.43
C ASP A 201 -8.37 -58.20 -14.35
N LEU A 202 -7.98 -58.36 -13.08
CA LEU A 202 -8.93 -58.18 -11.98
C LEU A 202 -9.31 -56.71 -11.80
N VAL A 203 -8.33 -55.80 -11.83
CA VAL A 203 -8.63 -54.38 -11.66
C VAL A 203 -9.56 -53.90 -12.77
N ASN A 204 -9.25 -54.26 -14.01
CA ASN A 204 -10.08 -53.86 -15.14
C ASN A 204 -11.46 -54.47 -15.04
N ALA A 205 -11.55 -55.74 -14.65
CA ALA A 205 -12.84 -56.38 -14.43
C ALA A 205 -13.67 -55.70 -13.35
N VAL A 206 -13.02 -55.31 -12.25
CA VAL A 206 -13.71 -54.59 -11.18
C VAL A 206 -14.24 -53.27 -11.71
N ARG A 207 -13.43 -52.57 -12.51
CA ARG A 207 -13.87 -51.34 -13.14
C ARG A 207 -15.09 -51.58 -14.01
N ARG A 208 -15.06 -52.66 -14.80
CA ARG A 208 -16.20 -52.98 -15.67
C ARG A 208 -17.46 -53.26 -14.85
N HIS A 209 -17.33 -54.07 -13.80
CA HIS A 209 -18.50 -54.48 -13.03
C HIS A 209 -19.07 -53.32 -12.23
N ASN A 210 -18.22 -52.39 -11.80
CA ASN A 210 -18.69 -51.18 -11.15
C ASN A 210 -19.66 -50.42 -12.05
N ALA A 211 -19.32 -50.30 -13.33
CA ALA A 211 -20.18 -49.64 -14.29
C ALA A 211 -21.46 -50.44 -14.52
N VAL A 240 -22.18 -51.56 -3.76
CA VAL A 240 -21.36 -52.76 -3.87
C VAL A 240 -20.47 -52.91 -2.64
N THR A 241 -20.53 -54.08 -2.01
CA THR A 241 -19.81 -54.40 -0.79
C THR A 241 -18.39 -54.85 -1.10
N PRO A 242 -17.47 -54.74 -0.13
CA PRO A 242 -16.09 -55.22 -0.37
C PRO A 242 -16.04 -56.68 -0.78
N GLU A 243 -16.89 -57.52 -0.20
CA GLU A 243 -17.02 -58.90 -0.67
C GLU A 243 -17.34 -58.92 -2.16
N GLN A 244 -18.37 -58.17 -2.58
CA GLN A 244 -18.71 -58.07 -3.99
C GLN A 244 -17.58 -57.45 -4.80
N PHE A 245 -16.82 -56.54 -4.20
CA PHE A 245 -15.65 -55.99 -4.89
C PHE A 245 -14.65 -57.09 -5.23
N GLY A 246 -14.32 -57.92 -4.24
CA GLY A 246 -13.41 -59.03 -4.49
C GLY A 246 -14.01 -60.07 -5.42
N GLU A 247 -15.28 -60.44 -5.20
CA GLU A 247 -15.94 -61.49 -5.96
C GLU A 247 -16.29 -60.95 -7.35
N ILE A 248 -15.27 -60.82 -8.19
CA ILE A 248 -15.47 -60.33 -9.55
C ILE A 248 -14.71 -61.23 -10.53
N PRO A 249 -15.37 -61.74 -11.57
CA PRO A 249 -14.70 -62.67 -12.49
C PRO A 249 -13.52 -62.02 -13.21
N LEU A 250 -12.52 -62.85 -13.52
CA LEU A 250 -11.34 -62.38 -14.21
C LEU A 250 -10.74 -63.50 -15.05
N ARG A 260 -16.55 -65.05 -10.35
CA ARG A 260 -16.44 -64.07 -9.29
C ARG A 260 -15.45 -64.56 -8.24
N LEU A 261 -14.16 -64.41 -8.53
CA LEU A 261 -13.09 -64.93 -7.69
C LEU A 261 -12.65 -63.84 -6.71
N ARG A 262 -13.06 -63.99 -5.44
CA ARG A 262 -12.59 -63.09 -4.41
C ARG A 262 -11.18 -63.42 -3.96
N ASP A 263 -10.83 -64.71 -3.97
CA ASP A 263 -9.54 -65.15 -3.47
C ASP A 263 -8.39 -64.44 -4.18
N VAL A 264 -8.53 -64.20 -5.48
CA VAL A 264 -7.49 -63.50 -6.22
C VAL A 264 -7.27 -62.09 -5.67
N ALA A 265 -8.33 -61.48 -5.12
CA ALA A 265 -8.24 -60.16 -4.52
C ALA A 265 -8.55 -60.18 -3.03
N ARG A 266 -8.50 -61.34 -2.39
CA ARG A 266 -8.86 -61.47 -0.98
C ARG A 266 -7.80 -60.82 -0.10
N VAL A 267 -8.11 -59.64 0.45
CA VAL A 267 -7.17 -58.88 1.27
C VAL A 267 -7.91 -58.25 2.43
N GLU A 268 -7.17 -57.59 3.32
CA GLU A 268 -7.79 -56.87 4.43
C GLU A 268 -8.77 -55.83 3.91
N PHE A 269 -9.91 -55.70 4.60
CA PHE A 269 -10.97 -54.81 4.15
C PHE A 269 -10.46 -53.37 4.09
N GLY A 270 -10.23 -52.88 2.87
CA GLY A 270 -9.78 -51.51 2.71
C GLY A 270 -10.84 -50.55 3.19
N GLN A 271 -10.45 -49.63 4.08
CA GLN A 271 -11.33 -48.56 4.52
C GLN A 271 -10.51 -47.38 5.01
N SER A 272 -10.39 -46.35 4.19
CA SER A 272 -9.60 -45.18 4.56
C SER A 272 -10.32 -44.29 5.56
N GLU A 273 -11.41 -44.76 6.17
CA GLU A 273 -12.05 -44.02 7.24
C GLU A 273 -11.08 -43.77 8.39
N TYR A 274 -10.15 -44.68 8.63
CA TYR A 274 -9.11 -44.53 9.63
C TYR A 274 -7.77 -44.13 9.03
N GLY A 275 -7.76 -43.74 7.75
CA GLY A 275 -6.54 -43.43 7.04
C GLY A 275 -5.61 -42.47 7.75
N PHE A 276 -6.16 -41.37 8.26
CA PHE A 276 -5.40 -40.36 9.00
C PHE A 276 -6.09 -40.07 10.33
N VAL A 277 -6.40 -41.16 11.04
CA VAL A 277 -7.15 -41.07 12.30
C VAL A 277 -6.51 -40.07 13.24
N SER A 278 -7.34 -39.20 13.81
CA SER A 278 -6.88 -38.25 14.82
C SER A 278 -7.18 -38.82 16.20
N ARG A 279 -6.13 -39.18 16.91
CA ARG A 279 -6.21 -39.83 18.22
C ARG A 279 -6.27 -38.76 19.30
N VAL A 280 -7.47 -38.47 19.77
CA VAL A 280 -7.69 -37.58 20.91
C VAL A 280 -8.05 -38.48 22.10
N ASN A 281 -7.15 -38.52 23.09
CA ASN A 281 -7.36 -39.28 24.32
C ASN A 281 -7.72 -40.74 24.01
N GLN A 282 -6.88 -41.36 23.17
CA GLN A 282 -7.05 -42.75 22.74
C GLN A 282 -8.40 -42.97 22.06
N MET A 283 -8.91 -41.93 21.40
CA MET A 283 -10.18 -42.00 20.67
C MET A 283 -9.95 -41.42 19.28
N THR A 284 -10.90 -41.66 18.39
CA THR A 284 -10.81 -41.16 17.02
C THR A 284 -11.82 -40.05 16.84
N ALA A 285 -11.34 -38.85 16.51
CA ALA A 285 -12.23 -37.73 16.24
C ALA A 285 -11.68 -36.92 15.08
N THR A 286 -12.58 -36.24 14.37
CA THR A 286 -12.15 -35.42 13.24
C THR A 286 -11.28 -34.26 13.70
N GLY A 287 -10.14 -34.10 13.04
CA GLY A 287 -9.21 -33.04 13.39
C GLY A 287 -9.40 -31.82 12.50
N LEU A 288 -9.50 -30.65 13.12
CA LEU A 288 -9.70 -29.39 12.40
C LEU A 288 -8.63 -28.41 12.89
N ALA A 289 -7.47 -28.44 12.24
CA ALA A 289 -6.43 -27.48 12.54
C ALA A 289 -6.88 -26.09 12.16
N VAL A 290 -6.61 -25.13 13.03
CA VAL A 290 -6.95 -23.73 12.79
C VAL A 290 -5.65 -22.93 12.86
N LYS A 291 -5.27 -22.33 11.74
CA LYS A 291 -4.10 -21.45 11.66
C LYS A 291 -4.60 -20.01 11.56
N MET A 292 -4.42 -19.25 12.64
CA MET A 292 -4.86 -17.87 12.64
C MET A 292 -4.07 -17.03 11.65
N ALA A 293 -4.76 -16.10 11.00
CA ALA A 293 -4.12 -15.25 10.00
C ALA A 293 -3.08 -14.36 10.67
N PRO A 294 -1.99 -14.04 9.96
CA PRO A 294 -0.97 -13.16 10.53
C PRO A 294 -1.54 -11.80 10.88
N GLY A 295 -1.03 -11.22 11.97
CA GLY A 295 -1.52 -9.94 12.43
C GLY A 295 -2.96 -9.96 12.89
N SER A 296 -3.37 -11.03 13.55
CA SER A 296 -4.73 -11.16 14.06
C SER A 296 -4.67 -11.46 15.55
N ASN A 297 -5.46 -10.71 16.34
CA ASN A 297 -5.52 -10.93 17.77
C ASN A 297 -5.96 -12.35 18.09
N ALA A 298 -5.09 -13.11 18.74
CA ALA A 298 -5.38 -14.52 19.02
C ALA A 298 -6.60 -14.65 19.92
N VAL A 299 -6.71 -13.81 20.94
CA VAL A 299 -7.82 -13.91 21.88
C VAL A 299 -9.15 -13.69 21.18
N ALA A 300 -9.26 -12.59 20.43
CA ALA A 300 -10.51 -12.27 19.74
C ALA A 300 -10.85 -13.34 18.71
N THR A 301 -9.85 -13.78 17.94
CA THR A 301 -10.09 -14.82 16.95
C THR A 301 -10.58 -16.11 17.60
N ALA A 302 -9.95 -16.50 18.71
CA ALA A 302 -10.41 -17.67 19.46
C ALA A 302 -11.85 -17.50 19.91
N LYS A 303 -12.19 -16.34 20.45
CA LYS A 303 -13.57 -16.09 20.89
C LYS A 303 -14.55 -16.23 19.74
N ARG A 304 -14.22 -15.64 18.59
CA ARG A 304 -15.09 -15.75 17.42
C ARG A 304 -15.24 -17.20 16.99
N ILE A 305 -14.14 -17.96 17.01
CA ILE A 305 -14.18 -19.37 16.66
C ILE A 305 -15.14 -20.11 17.60
N ARG A 306 -15.03 -19.83 18.91
CA ARG A 306 -15.90 -20.50 19.87
C ARG A 306 -17.36 -20.16 19.65
N ALA A 307 -17.66 -18.89 19.33
CA ALA A 307 -19.04 -18.50 19.06
C ALA A 307 -19.59 -19.23 17.83
N THR A 308 -18.79 -19.28 16.76
CA THR A 308 -19.23 -19.99 15.56
C THR A 308 -19.44 -21.47 15.84
N LEU A 309 -18.55 -22.06 16.64
CA LEU A 309 -18.75 -23.44 17.06
C LEU A 309 -20.02 -23.60 17.88
N ASP A 310 -20.35 -22.59 18.68
CA ASP A 310 -21.62 -22.63 19.42
C ASP A 310 -22.81 -22.70 18.47
N GLU A 311 -22.77 -21.90 17.40
CA GLU A 311 -23.87 -21.99 16.42
C GLU A 311 -23.89 -23.34 15.73
N LEU A 312 -22.72 -23.85 15.35
CA LEU A 312 -22.67 -25.15 14.69
C LEU A 312 -23.23 -26.25 15.59
N SER A 313 -22.91 -26.19 16.88
CA SER A 313 -23.51 -27.12 17.83
C SER A 313 -24.99 -26.87 18.01
N ARG A 314 -25.44 -25.63 17.87
CA ARG A 314 -26.87 -25.37 17.84
C ARG A 314 -27.53 -26.13 16.70
N TYR A 315 -26.81 -26.34 15.61
CA TYR A 315 -27.28 -27.20 14.53
C TYR A 315 -26.54 -28.54 14.50
N PHE A 316 -26.19 -29.06 15.68
CA PHE A 316 -25.50 -30.34 15.75
C PHE A 316 -26.43 -31.49 15.33
N PRO A 317 -25.87 -32.60 14.80
CA PRO A 317 -26.72 -33.70 14.35
C PRO A 317 -27.49 -34.38 15.46
N GLU A 318 -26.87 -35.35 16.13
CA GLU A 318 -27.52 -36.01 17.26
C GLU A 318 -26.73 -35.82 18.54
N GLY A 319 -25.46 -36.21 18.52
CA GLY A 319 -24.64 -36.16 19.72
C GLY A 319 -23.34 -35.41 19.55
N VAL A 320 -23.12 -34.87 18.34
CA VAL A 320 -21.85 -34.23 18.05
C VAL A 320 -21.70 -32.96 18.87
N SER A 321 -20.50 -32.76 19.41
CA SER A 321 -20.18 -31.56 20.18
C SER A 321 -18.74 -31.18 19.90
N TYR A 322 -18.47 -29.88 19.88
CA TYR A 322 -17.12 -29.39 19.66
C TYR A 322 -16.35 -29.36 20.97
N ASN A 323 -15.18 -30.00 20.99
CA ASN A 323 -14.32 -30.08 22.16
C ASN A 323 -12.92 -29.65 21.74
N ILE A 324 -12.65 -28.35 21.86
CA ILE A 324 -11.34 -27.80 21.56
C ILE A 324 -10.31 -28.39 22.50
N PRO A 325 -9.37 -29.21 22.01
CA PRO A 325 -8.38 -29.82 22.89
C PRO A 325 -7.08 -29.04 23.01
N TYR A 326 -6.87 -28.05 22.17
CA TYR A 326 -5.60 -27.32 22.12
C TYR A 326 -5.89 -25.85 21.88
N ASP A 327 -5.36 -24.99 22.75
CA ASP A 327 -5.56 -23.56 22.62
C ASP A 327 -4.35 -22.84 23.20
N THR A 328 -4.07 -21.66 22.68
CA THR A 328 -2.96 -20.84 23.12
C THR A 328 -3.40 -19.58 23.88
N SER A 329 -4.59 -19.07 23.58
CA SER A 329 -5.06 -17.83 24.19
C SER A 329 -5.22 -17.94 25.70
N ALA A 330 -5.46 -19.14 26.23
CA ALA A 330 -5.68 -19.29 27.66
C ALA A 330 -4.45 -18.85 28.45
N PHE A 331 -3.27 -19.28 28.03
CA PHE A 331 -2.05 -18.84 28.70
C PHE A 331 -1.86 -17.34 28.55
N VAL A 332 -2.23 -16.78 27.41
CA VAL A 332 -2.17 -15.33 27.22
C VAL A 332 -3.02 -14.63 28.28
N GLU A 333 -4.26 -15.09 28.44
CA GLU A 333 -5.17 -14.48 29.40
C GLU A 333 -4.62 -14.59 30.82
N ILE A 334 -4.17 -15.78 31.21
CA ILE A 334 -3.70 -15.96 32.58
C ILE A 334 -2.42 -15.14 32.82
N SER A 335 -1.57 -15.03 31.80
CA SER A 335 -0.36 -14.23 31.93
C SER A 335 -0.71 -12.76 32.13
N ILE A 336 -1.64 -12.24 31.34
CA ILE A 336 -2.06 -10.85 31.49
C ILE A 336 -2.61 -10.63 32.89
N ARG A 337 -3.45 -11.55 33.36
CA ARG A 337 -4.00 -11.45 34.71
C ARG A 337 -2.89 -11.41 35.75
N LYS A 338 -1.90 -12.29 35.61
CA LYS A 338 -0.83 -12.36 36.59
C LYS A 338 -0.03 -11.07 36.62
N VAL A 339 0.27 -10.51 35.45
CA VAL A 339 1.06 -9.28 35.42
C VAL A 339 0.25 -8.12 36.00
N VAL A 340 -1.06 -8.11 35.77
CA VAL A 340 -1.89 -7.07 36.39
C VAL A 340 -1.84 -7.18 37.91
N SER A 341 -1.94 -8.40 38.43
CA SER A 341 -1.85 -8.60 39.87
C SER A 341 -0.49 -8.14 40.39
N THR A 342 0.58 -8.46 39.66
CA THR A 342 1.91 -8.00 40.03
C THR A 342 1.97 -6.48 40.08
N LEU A 343 1.36 -5.82 39.10
CA LEU A 343 1.33 -4.36 39.08
C LEU A 343 0.65 -3.82 40.34
N LEU A 344 -0.48 -4.42 40.70
CA LEU A 344 -1.19 -3.98 41.89
C LEU A 344 -0.33 -4.14 43.14
N GLU A 345 0.34 -5.29 43.25
CA GLU A 345 1.21 -5.53 44.40
C GLU A 345 2.36 -4.52 44.44
N ALA A 346 2.95 -4.23 43.29
CA ALA A 346 4.02 -3.23 43.22
C ALA A 346 3.52 -1.87 43.69
N MET A 347 2.34 -1.46 43.21
CA MET A 347 1.74 -0.22 43.69
C MET A 347 1.61 -0.21 45.21
N LEU A 348 1.11 -1.31 45.77
CA LEU A 348 0.98 -1.40 47.22
C LEU A 348 2.33 -1.22 47.91
N LEU A 349 3.36 -1.89 47.41
CA LEU A 349 4.68 -1.80 48.03
C LEU A 349 5.24 -0.38 47.93
N VAL A 350 5.07 0.26 46.78
CA VAL A 350 5.55 1.63 46.62
C VAL A 350 4.84 2.56 47.60
N PHE A 351 3.52 2.37 47.76
CA PHE A 351 2.80 3.12 48.80
C PHE A 351 3.44 2.88 50.17
N ALA A 352 3.79 1.63 50.46
CA ALA A 352 4.39 1.32 51.75
C ALA A 352 5.68 2.10 51.96
N VAL A 353 6.55 2.11 50.96
CA VAL A 353 7.84 2.80 51.11
C VAL A 353 7.63 4.30 51.25
N MET A 354 6.80 4.87 50.39
CA MET A 354 6.58 6.31 50.44
C MET A 354 5.95 6.73 51.76
N TYR A 355 5.07 5.88 52.31
CA TYR A 355 4.56 6.13 53.66
C TYR A 355 5.68 6.05 54.69
N LEU A 356 6.52 5.01 54.60
CA LEU A 356 7.62 4.85 55.54
C LEU A 356 8.46 6.12 55.61
N PHE A 357 8.66 6.78 54.47
CA PHE A 357 9.48 8.00 54.48
C PHE A 357 8.67 9.23 54.88
N MET A 358 7.58 9.52 54.17
CA MET A 358 6.82 10.73 54.45
C MET A 358 6.08 10.64 55.78
N GLN A 359 5.54 9.47 56.10
CA GLN A 359 4.81 9.23 57.36
C GLN A 359 3.60 10.14 57.51
N ASN A 360 2.92 10.46 56.40
CA ASN A 360 1.70 11.25 56.42
C ASN A 360 0.85 10.84 55.24
N PHE A 361 -0.44 10.63 55.47
CA PHE A 361 -1.28 9.99 54.45
C PHE A 361 -1.38 10.82 53.19
N ARG A 362 -1.63 12.13 53.31
CA ARG A 362 -1.81 12.98 52.13
C ARG A 362 -0.54 13.02 51.28
N ALA A 363 0.61 13.18 51.94
CA ALA A 363 1.88 13.25 51.22
C ALA A 363 2.13 11.97 50.44
N THR A 364 1.85 10.82 51.06
CA THR A 364 1.94 9.56 50.32
C THR A 364 0.87 9.46 49.25
N LEU A 365 -0.29 10.06 49.49
CA LEU A 365 -1.40 9.95 48.56
C LEU A 365 -1.08 10.60 47.23
N ILE A 366 -0.40 11.75 47.27
CA ILE A 366 -0.16 12.52 46.04
C ILE A 366 0.53 11.68 44.95
N PRO A 367 1.72 11.10 45.17
CA PRO A 367 2.32 10.29 44.11
C PRO A 367 1.49 9.07 43.72
N THR A 368 0.82 8.46 44.70
CA THR A 368 -0.05 7.32 44.40
C THR A 368 -1.17 7.75 43.47
N LEU A 369 -1.67 8.97 43.61
CA LEU A 369 -2.61 9.51 42.65
C LEU A 369 -1.94 9.78 41.32
N VAL A 370 -0.66 10.18 41.35
CA VAL A 370 0.06 10.48 40.11
C VAL A 370 0.16 9.24 39.24
N VAL A 371 0.40 8.08 39.84
CA VAL A 371 0.67 6.84 39.10
C VAL A 371 -0.42 6.49 38.09
N PRO A 372 -1.67 6.24 38.52
CA PRO A 372 -2.66 5.71 37.56
C PRO A 372 -2.92 6.65 36.39
N VAL A 373 -2.91 7.96 36.63
CA VAL A 373 -3.14 8.92 35.56
C VAL A 373 -2.11 8.74 34.45
N ALA A 374 -0.83 8.67 34.84
CA ALA A 374 0.22 8.48 33.85
C ALA A 374 0.07 7.14 33.15
N LEU A 375 -0.27 6.09 33.91
CA LEU A 375 -0.46 4.79 33.27
C LEU A 375 -1.59 4.81 32.24
N LEU A 376 -2.70 5.47 32.58
CA LEU A 376 -3.83 5.54 31.65
C LEU A 376 -3.49 6.36 30.42
N GLY A 377 -2.76 7.46 30.60
CA GLY A 377 -2.27 8.20 29.45
C GLY A 377 -1.37 7.35 28.56
N THR A 378 -0.52 6.53 29.18
CA THR A 378 0.32 5.61 28.42
C THR A 378 -0.53 4.61 27.65
N PHE A 379 -1.60 4.13 28.26
CA PHE A 379 -2.53 3.23 27.57
C PHE A 379 -3.13 3.93 26.36
N THR A 380 -3.52 5.19 26.52
CA THR A 380 -4.11 5.94 25.40
C THR A 380 -3.09 6.09 24.27
N VAL A 381 -1.84 6.39 24.62
CA VAL A 381 -0.80 6.53 23.60
C VAL A 381 -0.56 5.19 22.92
N MET A 382 -0.58 4.10 23.68
CA MET A 382 -0.44 2.77 23.09
C MET A 382 -1.53 2.52 22.07
N LEU A 383 -2.77 2.91 22.40
CA LEU A 383 -3.85 2.78 21.43
C LEU A 383 -3.59 3.63 20.21
N GLY A 384 -3.07 4.86 20.41
CA GLY A 384 -2.78 5.72 19.28
C GLY A 384 -1.72 5.14 18.36
N LEU A 385 -0.66 4.57 18.93
CA LEU A 385 0.42 4.01 18.13
C LEU A 385 0.11 2.61 17.60
N GLY A 386 -1.00 2.01 18.01
CA GLY A 386 -1.32 0.66 17.62
C GLY A 386 -0.70 -0.42 18.46
N PHE A 387 0.02 -0.07 19.53
CA PHE A 387 0.63 -1.06 20.40
C PHE A 387 -0.44 -1.78 21.20
N SER A 388 -0.54 -3.08 21.01
CA SER A 388 -1.52 -3.89 21.73
C SER A 388 -1.05 -4.14 23.16
N ILE A 389 -2.00 -4.37 24.05
CA ILE A 389 -1.69 -4.68 25.44
C ILE A 389 -1.11 -6.08 25.51
N ASN A 390 0.20 -6.19 25.68
CA ASN A 390 0.87 -7.47 25.78
C ASN A 390 1.62 -7.56 27.10
N VAL A 391 2.22 -8.73 27.33
CA VAL A 391 2.96 -8.95 28.56
C VAL A 391 4.12 -7.96 28.67
N LEU A 392 4.74 -7.61 27.54
CA LEU A 392 5.88 -6.71 27.57
C LEU A 392 5.48 -5.32 28.05
N THR A 393 4.39 -4.78 27.52
CA THR A 393 3.94 -3.44 27.94
C THR A 393 3.55 -3.44 29.41
N MET A 394 2.93 -4.53 29.88
CA MET A 394 2.60 -4.61 31.30
C MET A 394 3.86 -4.67 32.16
N PHE A 395 4.89 -5.39 31.70
CA PHE A 395 6.20 -5.32 32.35
C PHE A 395 6.69 -3.88 32.40
N GLY A 396 6.50 -3.16 31.30
CA GLY A 396 6.90 -1.77 31.26
C GLY A 396 6.18 -0.94 32.30
N MET A 397 4.87 -1.15 32.45
CA MET A 397 4.11 -0.43 33.47
C MET A 397 4.61 -0.75 34.87
N VAL A 398 4.86 -2.04 35.13
CA VAL A 398 5.31 -2.46 36.46
C VAL A 398 6.65 -1.82 36.78
N LEU A 399 7.57 -1.82 35.81
CA LEU A 399 8.83 -1.11 36.00
C LEU A 399 8.60 0.38 36.15
N ALA A 400 7.61 0.91 35.43
CA ALA A 400 7.39 2.36 35.42
C ALA A 400 7.00 2.87 36.79
N ILE A 401 6.18 2.12 37.52
CA ILE A 401 5.57 2.59 38.76
C ILE A 401 6.53 3.40 39.64
N GLY A 402 7.70 2.81 39.95
CA GLY A 402 8.66 3.53 40.78
C GLY A 402 9.21 4.78 40.13
N ILE A 403 9.54 4.70 38.85
CA ILE A 403 10.04 5.86 38.13
C ILE A 403 9.01 6.97 38.13
N LEU A 404 7.75 6.61 37.96
CA LEU A 404 6.65 7.56 38.01
C LEU A 404 6.55 8.21 39.39
N VAL A 405 6.66 7.41 40.46
CA VAL A 405 6.52 8.03 41.78
C VAL A 405 7.69 8.96 42.07
N ASP A 406 8.89 8.65 41.56
CA ASP A 406 10.10 9.40 41.89
C ASP A 406 9.94 10.92 41.86
N ASP A 407 9.39 11.46 40.77
CA ASP A 407 9.29 12.92 40.63
C ASP A 407 8.39 13.53 41.69
N ALA A 408 7.19 12.98 41.84
CA ALA A 408 6.28 13.46 42.88
C ALA A 408 6.88 13.27 44.26
N ILE A 409 7.69 12.22 44.44
CA ILE A 409 8.41 12.01 45.69
C ILE A 409 9.31 13.20 45.96
N ILE A 410 10.09 13.59 44.97
CA ILE A 410 10.97 14.75 45.11
C ILE A 410 10.14 15.97 45.49
N VAL A 411 9.06 16.21 44.75
CA VAL A 411 8.26 17.42 44.94
C VAL A 411 7.68 17.45 46.35
N VAL A 412 7.01 16.38 46.74
CA VAL A 412 6.34 16.31 48.03
C VAL A 412 7.35 16.38 49.16
N GLU A 413 8.49 15.69 49.02
CA GLU A 413 9.51 15.73 50.05
C GLU A 413 9.99 17.15 50.27
N ASN A 414 10.28 17.87 49.18
CA ASN A 414 10.75 19.24 49.35
C ASN A 414 9.68 20.13 49.93
N VAL A 415 8.42 19.95 49.50
CA VAL A 415 7.33 20.76 50.04
C VAL A 415 7.19 20.53 51.54
N GLU A 416 7.22 19.27 51.96
CA GLU A 416 7.15 18.96 53.39
C GLU A 416 8.31 19.56 54.15
N ARG A 417 9.52 19.45 53.58
CA ARG A 417 10.70 20.01 54.24
C ARG A 417 10.54 21.51 54.46
N LEU A 418 10.08 22.23 53.43
CA LEU A 418 9.86 23.66 53.59
C LEU A 418 8.75 23.94 54.59
N MET A 419 7.69 23.13 54.58
CA MET A 419 6.57 23.34 55.49
C MET A 419 6.93 23.04 56.93
N ALA A 420 7.99 22.27 57.16
CA ALA A 420 8.40 21.96 58.53
C ALA A 420 9.53 22.86 59.00
N GLU A 421 10.63 22.88 58.25
CA GLU A 421 11.79 23.67 58.66
C GLU A 421 11.47 25.15 58.72
N GLU A 422 10.94 25.70 57.63
CA GLU A 422 10.62 27.12 57.56
C GLU A 422 9.18 27.43 57.94
N GLY A 423 8.38 26.41 58.22
CA GLY A 423 6.99 26.62 58.60
C GLY A 423 6.16 27.36 57.57
N LEU A 424 6.52 27.23 56.30
CA LEU A 424 5.76 27.91 55.25
C LEU A 424 4.38 27.29 55.10
N SER A 425 3.43 28.11 54.70
CA SER A 425 2.09 27.61 54.41
C SER A 425 2.17 26.65 53.22
N PRO A 426 1.27 25.65 53.16
CA PRO A 426 1.32 24.67 52.07
C PRO A 426 1.42 25.31 50.69
N HIS A 427 0.66 26.38 50.47
CA HIS A 427 0.74 27.09 49.20
C HIS A 427 2.12 27.70 48.99
N ASP A 428 2.60 28.47 49.97
CA ASP A 428 3.91 29.12 49.84
C ASP A 428 5.03 28.10 49.80
N ALA A 429 4.95 27.09 50.66
CA ALA A 429 5.96 26.03 50.65
C ALA A 429 6.00 25.35 49.29
N THR A 430 4.83 25.06 48.72
CA THR A 430 4.76 24.45 47.40
C THR A 430 5.39 25.35 46.34
N VAL A 431 5.10 26.64 46.39
CA VAL A 431 5.65 27.56 45.40
C VAL A 431 7.17 27.58 45.47
N LYS A 432 7.72 27.75 46.67
CA LYS A 432 9.17 27.79 46.82
C LYS A 432 9.81 26.46 46.43
N ALA A 433 9.20 25.35 46.83
CA ALA A 433 9.71 24.03 46.47
C ALA A 433 9.71 23.84 44.96
N MET A 434 8.65 24.30 44.28
CA MET A 434 8.66 24.25 42.82
C MET A 434 9.82 25.07 42.26
N ARG A 435 10.00 26.28 42.77
CA ARG A 435 11.09 27.14 42.31
C ARG A 435 12.44 26.45 42.45
N GLN A 436 12.58 25.59 43.46
CA GLN A 436 13.86 24.94 43.72
C GLN A 436 13.94 23.49 43.28
N ILE A 437 12.88 22.93 42.70
CA ILE A 437 12.84 21.51 42.39
C ILE A 437 12.54 21.26 40.91
N SER A 438 11.91 22.23 40.24
CA SER A 438 11.50 22.02 38.86
C SER A 438 12.67 21.64 37.96
N GLY A 439 13.83 22.27 38.16
CA GLY A 439 14.99 21.93 37.35
C GLY A 439 15.40 20.48 37.51
N ALA A 440 15.42 19.98 38.75
CA ALA A 440 15.73 18.58 38.98
C ALA A 440 14.72 17.67 38.31
N ILE A 441 13.43 18.03 38.40
CA ILE A 441 12.39 17.24 37.74
C ILE A 441 12.68 17.14 36.24
N VAL A 442 12.93 18.30 35.61
CA VAL A 442 13.17 18.34 34.18
C VAL A 442 14.38 17.49 33.82
N GLY A 443 15.47 17.63 34.58
CA GLY A 443 16.66 16.85 34.29
C GLY A 443 16.44 15.36 34.36
N ILE A 444 15.78 14.91 35.43
CA ILE A 444 15.55 13.48 35.60
C ILE A 444 14.67 12.94 34.46
N THR A 445 13.59 13.66 34.14
CA THR A 445 12.71 13.20 33.08
C THR A 445 13.46 13.15 31.74
N VAL A 446 14.24 14.18 31.46
CA VAL A 446 14.99 14.23 30.20
C VAL A 446 15.92 13.04 30.10
N VAL A 447 16.68 12.76 31.16
CA VAL A 447 17.66 11.69 31.08
C VAL A 447 16.97 10.34 30.91
N LEU A 448 15.85 10.12 31.61
CA LEU A 448 15.15 8.85 31.47
C LEU A 448 14.60 8.67 30.06
N VAL A 449 13.92 9.69 29.54
CA VAL A 449 13.36 9.59 28.19
C VAL A 449 14.47 9.39 27.17
N SER A 450 15.59 10.11 27.35
CA SER A 450 16.71 9.96 26.43
C SER A 450 17.26 8.54 26.46
N VAL A 451 17.42 7.96 27.65
CA VAL A 451 17.93 6.59 27.73
C VAL A 451 16.96 5.60 27.11
N PHE A 452 15.67 5.91 27.13
CA PHE A 452 14.70 5.01 26.51
C PHE A 452 14.40 5.35 25.06
N VAL A 453 15.05 6.37 24.49
CA VAL A 453 14.83 6.71 23.09
C VAL A 453 15.48 5.71 22.14
N PRO A 454 16.79 5.41 22.24
CA PRO A 454 17.44 4.69 21.15
C PRO A 454 16.88 3.31 20.88
N MET A 455 16.45 2.60 21.92
CA MET A 455 16.02 1.22 21.77
C MET A 455 14.84 1.11 20.79
N ALA A 456 14.00 2.14 20.72
CA ALA A 456 12.86 2.09 19.83
C ALA A 456 13.28 2.00 18.36
N PHE A 457 14.39 2.66 18.00
CA PHE A 457 14.79 2.72 16.60
C PHE A 457 15.21 1.36 16.06
N PHE A 458 15.58 0.42 16.92
CA PHE A 458 16.03 -0.89 16.45
C PHE A 458 14.93 -1.63 15.73
N SER A 459 15.31 -2.39 14.71
CA SER A 459 14.39 -3.18 13.91
C SER A 459 14.53 -4.66 14.26
N GLY A 460 13.74 -5.49 13.58
CA GLY A 460 13.65 -6.89 13.91
C GLY A 460 12.66 -7.14 15.05
N ALA A 461 12.45 -8.43 15.33
CA ALA A 461 11.59 -8.80 16.47
C ALA A 461 12.16 -8.30 17.78
N VAL A 462 13.48 -8.36 17.93
CA VAL A 462 14.14 -7.74 19.08
C VAL A 462 13.80 -6.25 19.11
N GLY A 463 13.80 -5.62 17.94
CA GLY A 463 13.40 -4.23 17.87
C GLY A 463 11.97 -4.02 18.31
N ASN A 464 11.08 -4.95 17.98
CA ASN A 464 9.68 -4.84 18.39
C ASN A 464 9.54 -4.93 19.91
N ILE A 465 10.24 -5.88 20.52
CA ILE A 465 10.23 -5.99 21.98
C ILE A 465 10.77 -4.71 22.61
N TYR A 466 11.89 -4.22 22.07
CA TYR A 466 12.46 -2.96 22.53
C TYR A 466 11.45 -1.83 22.38
N ARG A 467 10.72 -1.80 21.27
CA ARG A 467 9.74 -0.76 21.02
C ARG A 467 8.62 -0.80 22.05
N GLN A 468 8.11 -1.99 22.33
CA GLN A 468 7.08 -2.10 23.38
C GLN A 468 7.58 -1.49 24.68
N PHE A 469 8.72 -1.95 25.15
CA PHE A 469 9.23 -1.48 26.45
C PHE A 469 9.52 0.01 26.41
N ALA A 470 10.14 0.48 25.32
CA ALA A 470 10.51 1.88 25.21
C ALA A 470 9.30 2.79 25.21
N VAL A 471 8.30 2.47 24.37
CA VAL A 471 7.10 3.30 24.31
C VAL A 471 6.45 3.37 25.69
N THR A 472 6.27 2.21 26.32
CA THR A 472 5.63 2.20 27.64
C THR A 472 6.40 3.10 28.62
N LEU A 473 7.70 2.85 28.78
CA LEU A 473 8.47 3.57 29.78
C LEU A 473 8.54 5.06 29.47
N ALA A 474 8.88 5.42 28.23
CA ALA A 474 9.06 6.80 27.86
C ALA A 474 7.78 7.60 28.04
N VAL A 475 6.66 7.08 27.51
CA VAL A 475 5.40 7.82 27.64
C VAL A 475 5.00 7.94 29.10
N SER A 476 5.16 6.87 29.87
CA SER A 476 4.82 6.93 31.28
C SER A 476 5.64 8.00 31.99
N ILE A 477 6.94 8.05 31.73
CA ILE A 477 7.81 9.02 32.40
C ILE A 477 7.44 10.44 31.97
N GLY A 478 7.16 10.65 30.70
CA GLY A 478 6.75 11.98 30.25
C GLY A 478 5.49 12.45 30.94
N PHE A 479 4.48 11.57 31.03
CA PHE A 479 3.26 11.93 31.73
C PHE A 479 3.51 12.14 33.22
N SER A 480 4.42 11.35 33.80
CA SER A 480 4.78 11.53 35.19
C SER A 480 5.36 12.92 35.44
N ALA A 481 6.25 13.36 34.54
CA ALA A 481 6.80 14.71 34.66
C ALA A 481 5.70 15.76 34.52
N PHE A 482 4.83 15.60 33.53
CA PHE A 482 3.74 16.55 33.34
C PHE A 482 2.90 16.67 34.60
N LEU A 483 2.52 15.54 35.20
CA LEU A 483 1.76 15.56 36.44
C LEU A 483 2.56 16.18 37.58
N ALA A 484 3.86 15.86 37.66
CA ALA A 484 4.70 16.40 38.70
C ALA A 484 4.84 17.92 38.60
N LEU A 485 4.57 18.48 37.42
CA LEU A 485 4.58 19.93 37.27
C LEU A 485 3.18 20.52 37.18
N SER A 486 2.14 19.68 37.08
CA SER A 486 0.78 20.22 37.02
C SER A 486 -0.08 19.78 38.19
N LEU A 487 -0.24 18.46 38.36
CA LEU A 487 -1.14 17.97 39.40
C LEU A 487 -0.49 18.00 40.77
N THR A 488 0.72 17.45 40.87
CA THR A 488 1.46 17.32 42.12
C THR A 488 1.62 18.66 42.85
N PRO A 489 2.01 19.76 42.17
CA PRO A 489 2.05 21.05 42.88
C PRO A 489 0.71 21.46 43.46
N ALA A 490 -0.38 21.31 42.70
CA ALA A 490 -1.70 21.67 43.19
C ALA A 490 -2.06 20.86 44.42
N LEU A 491 -1.81 19.55 44.38
CA LEU A 491 -2.10 18.70 45.52
C LEU A 491 -1.25 19.09 46.73
N CYS A 492 0.04 19.36 46.50
CA CYS A 492 0.90 19.81 47.58
C CYS A 492 0.41 21.11 48.20
N ALA A 493 -0.21 21.97 47.41
CA ALA A 493 -0.75 23.22 47.93
C ALA A 493 -2.13 23.06 48.54
N THR A 494 -2.83 21.95 48.27
CA THR A 494 -4.16 21.73 48.82
C THR A 494 -4.21 20.53 49.76
N LEU A 495 -3.78 19.35 49.31
CA LEU A 495 -3.90 18.15 50.14
C LEU A 495 -3.06 18.27 51.41
N LEU A 496 -1.84 18.76 51.28
CA LEU A 496 -0.95 18.83 52.44
C LEU A 496 -1.48 19.83 53.46
N ARG A 497 -1.46 19.43 54.72
CA ARG A 497 -1.91 20.26 55.83
C ARG A 497 -0.76 20.51 56.78
N PRO A 498 -0.68 21.71 57.38
CA PRO A 498 0.45 22.04 58.25
C PRO A 498 0.71 21.01 59.34
N ILE A 499 1.90 20.44 59.33
CA ILE A 499 2.25 19.39 60.29
C ILE A 499 2.51 20.04 61.65
N ASP A 500 1.88 19.49 62.69
CA ASP A 500 2.05 20.00 64.03
C ASP A 500 3.17 19.24 64.74
N ALA A 501 3.39 19.56 66.01
CA ALA A 501 4.46 18.92 66.77
C ALA A 501 4.23 17.43 66.91
N ASP A 502 2.98 17.00 67.06
CA ASP A 502 2.69 15.58 67.20
C ASP A 502 3.15 14.80 65.98
N HIS A 503 2.82 15.30 64.79
CA HIS A 503 3.34 14.67 63.58
C HIS A 503 4.81 14.98 63.38
N HIS A 504 5.28 16.13 63.89
CA HIS A 504 6.69 16.49 63.75
C HIS A 504 7.58 15.51 64.51
N GLU A 505 7.18 15.14 65.72
CA GLU A 505 7.89 14.16 66.54
C GLU A 505 6.99 12.94 66.70
N LYS A 506 7.24 11.90 65.89
CA LYS A 506 6.41 10.71 65.94
C LYS A 506 6.53 9.97 67.27
N ARG A 507 7.75 9.89 67.81
CA ARG A 507 8.02 9.19 69.07
C ARG A 507 7.59 7.73 68.99
N GLY A 508 7.80 7.11 67.83
CA GLY A 508 7.46 5.71 67.63
C GLY A 508 8.39 5.05 66.64
N PHE A 509 7.90 4.00 65.97
CA PHE A 509 8.68 3.35 64.93
C PHE A 509 9.07 4.35 63.84
N PHE A 510 8.14 5.21 63.45
CA PHE A 510 8.44 6.25 62.48
C PHE A 510 9.48 7.23 63.04
N GLY A 511 9.34 7.61 64.31
CA GLY A 511 10.35 8.46 64.93
C GLY A 511 11.71 7.78 64.99
N TRP A 512 11.71 6.48 65.29
CA TRP A 512 12.97 5.72 65.26
C TRP A 512 13.58 5.74 63.87
N PHE A 513 12.75 5.55 62.85
CA PHE A 513 13.24 5.59 61.47
C PHE A 513 13.84 6.96 61.16
N ASN A 514 13.18 8.03 61.59
CA ASN A 514 13.69 9.37 61.34
C ASN A 514 15.04 9.59 62.00
N ARG A 515 15.13 9.24 63.29
CA ARG A 515 16.38 9.43 64.03
C ARG A 515 17.50 8.58 63.44
N ALA A 516 17.20 7.33 63.10
CA ALA A 516 18.20 6.46 62.51
C ALA A 516 18.66 7.00 61.15
N PHE A 517 17.74 7.54 60.36
CA PHE A 517 18.13 8.11 59.08
C PHE A 517 18.99 9.35 59.27
N LEU A 518 18.71 10.14 60.29
CA LEU A 518 19.58 11.29 60.58
C LEU A 518 20.99 10.82 60.95
N ARG A 519 21.07 9.80 61.79
CA ARG A 519 22.39 9.23 62.13
C ARG A 519 23.09 8.70 60.89
N LEU A 520 22.35 7.99 60.04
CA LEU A 520 22.91 7.46 58.81
C LEU A 520 23.38 8.60 57.89
N THR A 521 22.63 9.69 57.86
CA THR A 521 23.03 10.84 57.05
C THR A 521 24.34 11.43 57.55
N GLY A 522 24.50 11.53 58.87
CA GLY A 522 25.76 12.01 59.41
C GLY A 522 26.92 11.09 59.06
N ARG A 523 26.72 9.79 59.25
CA ARG A 523 27.76 8.82 58.89
C ARG A 523 28.06 8.87 57.41
N TYR A 524 27.02 9.05 56.58
CA TYR A 524 27.19 9.16 55.14
C TYR A 524 28.00 10.39 54.76
N ARG A 525 27.75 11.51 55.43
CA ARG A 525 28.56 12.69 55.19
C ARG A 525 30.01 12.43 55.52
N ASN A 526 30.26 11.77 56.66
CA ASN A 526 31.63 11.44 57.01
C ASN A 526 32.26 10.51 55.97
N ALA A 527 31.48 9.54 55.49
CA ALA A 527 31.99 8.60 54.49
C ALA A 527 32.32 9.31 53.19
N VAL A 528 31.47 10.23 52.76
CA VAL A 528 31.73 10.99 51.53
C VAL A 528 32.97 11.86 51.71
N ALA A 529 33.13 12.47 52.89
CA ALA A 529 34.37 13.18 53.19
C ALA A 529 35.57 12.26 53.05
N GLY A 530 35.45 11.03 53.53
CA GLY A 530 36.52 10.06 53.34
C GLY A 530 36.78 9.74 51.87
N ILE A 531 35.72 9.60 51.09
CA ILE A 531 35.86 9.33 49.66
C ILE A 531 36.62 10.46 48.99
N LEU A 532 36.29 11.69 49.33
CA LEU A 532 36.97 12.84 48.75
C LEU A 532 38.34 13.09 49.38
N ALA A 533 38.65 12.43 50.50
CA ALA A 533 39.93 12.64 51.16
C ALA A 533 41.09 12.12 50.31
N ARG A 534 40.94 10.94 49.73
CA ARG A 534 41.97 10.33 48.89
C ARG A 534 41.34 10.01 47.53
N PRO A 535 41.12 11.02 46.70
CA PRO A 535 40.41 10.80 45.43
C PRO A 535 41.07 9.75 44.55
N ILE A 536 42.40 9.72 44.50
CA ILE A 536 43.10 8.78 43.63
C ILE A 536 42.75 7.34 43.98
N ARG A 537 42.76 7.02 45.28
CA ARG A 537 42.48 5.66 45.72
C ARG A 537 41.09 5.21 45.29
N TRP A 538 40.07 6.03 45.58
CA TRP A 538 38.71 5.63 45.26
C TRP A 538 38.46 5.61 43.75
N MET A 539 39.13 6.49 43.00
CA MET A 539 39.04 6.42 41.55
C MET A 539 39.64 5.12 41.04
N LEU A 540 40.74 4.67 41.64
CA LEU A 540 41.29 3.36 41.29
C LEU A 540 40.29 2.26 41.60
N VAL A 541 39.60 2.38 42.73
CA VAL A 541 38.55 1.41 43.06
C VAL A 541 37.47 1.41 41.99
N TYR A 542 37.09 2.59 41.51
CA TYR A 542 36.08 2.71 40.46
C TYR A 542 36.55 2.05 39.17
N ALA A 543 37.82 2.25 38.81
CA ALA A 543 38.36 1.59 37.62
C ALA A 543 38.33 0.07 37.79
N LEU A 544 38.63 -0.41 39.00
CA LEU A 544 38.50 -1.83 39.28
C LEU A 544 37.05 -2.28 39.11
N VAL A 545 36.10 -1.45 39.53
CA VAL A 545 34.69 -1.76 39.33
C VAL A 545 34.37 -1.92 37.85
N ILE A 546 34.90 -1.01 37.03
CA ILE A 546 34.68 -1.11 35.58
C ILE A 546 35.25 -2.41 35.04
N GLY A 547 36.46 -2.76 35.46
CA GLY A 547 37.05 -4.02 35.03
C GLY A 547 36.21 -5.22 35.42
N VAL A 548 35.70 -5.21 36.65
CA VAL A 548 34.82 -6.29 37.10
C VAL A 548 33.55 -6.34 36.26
N VAL A 549 33.01 -5.17 35.90
CA VAL A 549 31.85 -5.13 35.01
C VAL A 549 32.17 -5.85 33.71
N ALA A 550 33.32 -5.54 33.13
CA ALA A 550 33.71 -6.17 31.87
C ALA A 550 33.83 -7.68 32.03
N LEU A 551 34.49 -8.12 33.10
CA LEU A 551 34.66 -9.56 33.33
C LEU A 551 33.31 -10.25 33.49
N LEU A 552 32.43 -9.65 34.29
CA LEU A 552 31.11 -10.25 34.51
C LEU A 552 30.33 -10.35 33.20
N PHE A 553 30.37 -9.29 32.38
CA PHE A 553 29.66 -9.33 31.11
C PHE A 553 30.22 -10.41 30.21
N VAL A 554 31.54 -10.60 30.21
CA VAL A 554 32.13 -11.68 29.42
C VAL A 554 31.63 -13.03 29.92
N ARG A 555 31.63 -13.22 31.24
CA ARG A 555 31.23 -14.52 31.79
C ARG A 555 29.77 -14.83 31.50
N LEU A 556 28.89 -13.84 31.63
CA LEU A 556 27.46 -14.05 31.53
C LEU A 556 27.09 -14.59 30.15
N PRO A 557 26.41 -15.75 30.07
CA PRO A 557 26.05 -16.30 28.76
C PRO A 557 24.79 -15.65 28.19
N GLN A 558 24.80 -15.44 26.88
CA GLN A 558 23.67 -14.83 26.21
C GLN A 558 22.57 -15.85 25.95
N ALA A 559 21.34 -15.36 25.84
CA ALA A 559 20.18 -16.20 25.57
C ALA A 559 19.04 -15.33 25.07
N PHE A 560 17.99 -15.99 24.58
CA PHE A 560 16.77 -15.33 24.14
C PHE A 560 15.75 -15.37 25.28
N LEU A 561 14.50 -15.02 24.99
CA LEU A 561 13.48 -14.98 26.01
C LEU A 561 13.35 -16.33 26.72
N PRO A 562 13.20 -16.33 28.04
CA PRO A 562 13.18 -17.59 28.78
C PRO A 562 11.92 -18.39 28.53
N GLU A 563 12.00 -19.67 28.89
CA GLU A 563 10.86 -20.58 28.74
C GLU A 563 9.82 -20.32 29.83
N GLU A 564 8.60 -20.75 29.55
CA GLU A 564 7.50 -20.61 30.49
C GLU A 564 6.62 -21.84 30.44
N ASP A 565 5.82 -22.03 31.50
CA ASP A 565 4.88 -23.14 31.57
C ASP A 565 3.63 -22.77 30.78
N GLN A 566 3.72 -22.98 29.46
CA GLN A 566 2.64 -22.59 28.57
C GLN A 566 1.34 -23.33 28.84
N GLY A 567 1.41 -24.49 29.49
CA GLY A 567 0.23 -25.31 29.69
C GLY A 567 -0.08 -26.28 28.57
N ASP A 568 0.78 -26.37 27.55
CA ASP A 568 0.61 -27.32 26.47
C ASP A 568 1.96 -27.57 25.83
N PHE A 569 2.09 -28.75 25.22
CA PHE A 569 3.36 -29.17 24.64
C PHE A 569 3.08 -30.17 23.53
N MET A 570 4.13 -30.52 22.79
CA MET A 570 4.02 -31.44 21.68
C MET A 570 5.05 -32.55 21.82
N ILE A 571 4.62 -33.78 21.61
CA ILE A 571 5.50 -34.94 21.64
C ILE A 571 5.57 -35.47 20.22
N MET A 572 6.66 -35.16 19.52
CA MET A 572 6.85 -35.63 18.16
C MET A 572 7.30 -37.09 18.22
N VAL A 573 6.45 -38.00 17.76
CA VAL A 573 6.83 -39.40 17.73
C VAL A 573 7.49 -39.69 16.39
N MET A 574 8.79 -39.41 16.29
CA MET A 574 9.52 -39.70 15.07
C MET A 574 9.64 -41.21 14.89
N GLN A 575 9.33 -41.66 13.69
CA GLN A 575 9.36 -43.07 13.32
C GLN A 575 10.18 -43.23 12.05
N PRO A 576 10.72 -44.42 11.80
CA PRO A 576 11.39 -44.67 10.52
C PRO A 576 10.46 -44.37 9.36
N GLU A 577 10.98 -43.69 8.34
CA GLU A 577 10.19 -43.32 7.17
C GLU A 577 9.74 -44.57 6.44
N GLY A 578 8.43 -44.70 6.24
CA GLY A 578 7.87 -45.87 5.59
C GLY A 578 7.58 -47.04 6.51
N THR A 579 7.82 -46.90 7.81
CA THR A 579 7.47 -47.96 8.74
C THR A 579 5.95 -48.13 8.77
N PRO A 580 5.46 -49.32 9.09
CA PRO A 580 4.01 -49.52 9.18
C PRO A 580 3.36 -48.50 10.10
N MET A 581 2.27 -47.89 9.62
CA MET A 581 1.55 -46.91 10.43
C MET A 581 1.00 -47.54 11.70
N ALA A 582 0.77 -48.85 11.69
CA ALA A 582 0.32 -49.54 12.90
C ALA A 582 1.28 -49.31 14.06
N GLU A 583 2.59 -49.38 13.78
CA GLU A 583 3.58 -49.12 14.81
C GLU A 583 3.44 -47.71 15.36
N THR A 584 3.30 -46.73 14.49
CA THR A 584 3.14 -45.33 14.92
C THR A 584 1.89 -45.17 15.77
N MET A 585 0.78 -45.77 15.36
CA MET A 585 -0.47 -45.64 16.11
C MET A 585 -0.36 -46.32 17.47
N ALA A 586 0.28 -47.49 17.54
CA ALA A 586 0.49 -48.15 18.82
C ALA A 586 1.36 -47.29 19.73
N ASN A 587 2.41 -46.68 19.17
CA ASN A 587 3.26 -45.79 19.95
C ASN A 587 2.47 -44.59 20.46
N VAL A 588 1.60 -44.04 19.61
CA VAL A 588 0.76 -42.92 20.02
C VAL A 588 -0.17 -43.34 21.16
N GLY A 589 -0.75 -44.54 21.06
CA GLY A 589 -1.58 -45.03 22.14
C GLY A 589 -0.81 -45.16 23.44
N ASP A 590 0.42 -45.67 23.35
CA ASP A 590 1.27 -45.77 24.53
C ASP A 590 1.55 -44.40 25.13
N VAL A 591 1.86 -43.42 24.27
CA VAL A 591 2.11 -42.07 24.74
C VAL A 591 0.88 -41.52 25.44
N GLU A 592 -0.29 -41.71 24.83
CA GLU A 592 -1.53 -41.19 25.42
C GLU A 592 -1.81 -41.83 26.77
N ARG A 593 -1.62 -43.14 26.88
CA ARG A 593 -1.82 -43.81 28.15
C ARG A 593 -0.85 -43.30 29.20
N TYR A 594 0.42 -43.14 28.82
CA TYR A 594 1.41 -42.61 29.75
C TYR A 594 1.05 -41.21 30.23
N LEU A 595 0.60 -40.36 29.30
CA LEU A 595 0.14 -39.02 29.68
C LEU A 595 -1.09 -39.07 30.57
N ALA A 596 -1.90 -40.12 30.43
CA ALA A 596 -3.09 -40.29 31.24
C ALA A 596 -2.84 -41.12 32.49
N GLU A 597 -1.60 -41.56 32.72
CA GLU A 597 -1.25 -42.35 33.90
C GLU A 597 -0.28 -41.63 34.81
N HIS A 598 0.82 -41.12 34.28
CA HIS A 598 1.85 -40.48 35.09
C HIS A 598 1.93 -38.98 34.88
N GLU A 599 1.04 -38.39 34.09
CA GLU A 599 1.12 -36.97 33.79
C GLU A 599 -0.22 -36.30 33.97
N PRO A 600 -0.23 -35.03 34.35
CA PRO A 600 -1.48 -34.26 34.47
C PRO A 600 -1.87 -33.57 33.17
N VAL A 601 -2.33 -34.37 32.20
CA VAL A 601 -2.68 -33.88 30.87
C VAL A 601 -4.20 -33.87 30.74
N ALA A 602 -4.78 -32.71 30.45
CA ALA A 602 -6.23 -32.64 30.26
C ALA A 602 -6.63 -33.22 28.90
N TYR A 603 -5.89 -32.87 27.84
CA TYR A 603 -6.22 -33.29 26.49
C TYR A 603 -4.96 -33.80 25.81
N ALA A 604 -4.94 -35.11 25.52
CA ALA A 604 -3.81 -35.74 24.83
C ALA A 604 -4.16 -35.98 23.37
N TYR A 605 -4.22 -34.89 22.59
CA TYR A 605 -4.56 -34.99 21.18
C TYR A 605 -3.32 -35.28 20.33
N ALA A 606 -3.54 -36.02 19.25
CA ALA A 606 -2.50 -36.35 18.29
C ALA A 606 -3.13 -36.67 16.94
N VAL A 607 -2.31 -36.64 15.89
CA VAL A 607 -2.77 -36.90 14.53
C VAL A 607 -1.89 -38.00 13.94
N GLY A 608 -2.52 -39.10 13.52
CA GLY A 608 -1.78 -40.13 12.81
C GLY A 608 -1.63 -39.80 11.34
N GLY A 609 -0.40 -39.81 10.85
CA GLY A 609 -0.12 -39.39 9.50
C GLY A 609 0.31 -37.94 9.37
N PHE A 610 0.38 -37.20 10.48
CA PHE A 610 0.80 -35.81 10.48
C PHE A 610 1.82 -35.60 11.59
N SER A 611 2.98 -35.05 11.23
CA SER A 611 3.99 -34.74 12.23
C SER A 611 4.98 -33.73 11.65
N LEU A 612 5.69 -33.06 12.56
CA LEU A 612 6.78 -32.20 12.15
C LEU A 612 7.98 -33.01 11.67
N TYR A 613 7.94 -34.34 11.86
CA TYR A 613 8.98 -35.21 11.33
C TYR A 613 9.05 -35.15 9.82
N GLY A 614 8.00 -34.66 9.16
CA GLY A 614 7.91 -34.72 7.73
C GLY A 614 6.50 -34.98 7.25
N ASP A 615 5.56 -35.11 8.19
CA ASP A 615 4.15 -35.30 7.91
C ASP A 615 3.87 -36.65 7.25
N GLY A 616 4.75 -37.63 7.49
CA GLY A 616 4.59 -38.94 6.90
C GLY A 616 3.41 -39.68 7.47
N THR A 617 2.90 -40.64 6.68
CA THR A 617 1.76 -41.44 7.12
C THR A 617 2.03 -42.16 8.43
N SER A 618 3.27 -42.58 8.65
CA SER A 618 3.68 -43.21 9.89
C SER A 618 4.31 -42.22 10.86
N SER A 619 4.01 -40.93 10.71
CA SER A 619 4.57 -39.89 11.55
C SER A 619 3.46 -39.16 12.28
N ALA A 620 3.61 -38.99 13.59
CA ALA A 620 2.56 -38.42 14.42
C ALA A 620 3.15 -37.46 15.43
N MET A 621 2.32 -36.52 15.89
CA MET A 621 2.69 -35.60 16.95
C MET A 621 1.55 -35.52 17.96
N ILE A 622 1.88 -35.68 19.24
CA ILE A 622 0.90 -35.59 20.31
C ILE A 622 0.83 -34.12 20.72
N PHE A 623 -0.25 -33.45 20.34
CA PHE A 623 -0.48 -32.06 20.75
C PHE A 623 -1.18 -32.05 22.11
N ALA A 624 -0.39 -32.34 23.14
CA ALA A 624 -0.94 -32.49 24.48
C ALA A 624 -1.20 -31.13 25.10
N THR A 625 -2.31 -31.02 25.81
CA THR A 625 -2.65 -29.83 26.59
C THR A 625 -2.67 -30.20 28.06
N LEU A 626 -1.88 -29.48 28.86
CA LEU A 626 -1.83 -29.77 30.28
C LEU A 626 -3.10 -29.31 30.98
N LYS A 627 -3.21 -29.68 32.25
CA LYS A 627 -4.32 -29.25 33.08
C LYS A 627 -4.05 -27.83 33.59
N ASP A 628 -4.86 -27.39 34.55
CA ASP A 628 -4.70 -26.03 35.07
C ASP A 628 -3.35 -25.87 35.75
N TRP A 629 -2.77 -24.67 35.61
CA TRP A 629 -1.49 -24.39 36.23
C TRP A 629 -1.56 -24.47 37.75
N SER A 630 -2.70 -24.08 38.33
CA SER A 630 -2.87 -24.17 39.78
C SER A 630 -2.78 -25.62 40.25
N GLU A 631 -3.41 -26.53 39.52
CA GLU A 631 -3.26 -27.96 39.82
C GLU A 631 -1.80 -28.38 39.66
N ARG A 632 -1.14 -27.90 38.62
CA ARG A 632 0.25 -28.25 38.34
C ARG A 632 1.19 -27.28 39.06
N ARG A 633 1.24 -27.43 40.38
CA ARG A 633 2.02 -26.53 41.21
C ARG A 633 3.39 -27.08 41.58
N GLU A 634 3.53 -28.38 41.77
CA GLU A 634 4.82 -28.94 42.11
C GLU A 634 5.77 -28.89 40.91
N ALA A 635 7.07 -29.01 41.21
CA ALA A 635 8.07 -28.95 40.16
C ALA A 635 7.88 -30.08 39.14
N SER A 636 7.55 -31.28 39.63
CA SER A 636 7.30 -32.39 38.71
C SER A 636 6.14 -32.08 37.78
N GLN A 637 5.13 -31.35 38.28
CA GLN A 637 3.99 -30.98 37.47
C GLN A 637 4.29 -29.85 36.49
N HIS A 638 5.47 -29.24 36.56
CA HIS A 638 5.85 -28.24 35.59
C HIS A 638 6.12 -28.90 34.23
N VAL A 639 5.81 -28.16 33.16
CA VAL A 639 5.88 -28.72 31.81
C VAL A 639 7.28 -29.24 31.50
N GLY A 640 8.31 -28.53 31.95
CA GLY A 640 9.68 -28.98 31.70
C GLY A 640 9.96 -30.34 32.31
N ALA A 641 9.61 -30.51 33.59
CA ALA A 641 9.80 -31.80 34.24
C ALA A 641 8.94 -32.87 33.60
N ILE A 642 7.72 -32.52 33.20
CA ILE A 642 6.84 -33.46 32.52
C ILE A 642 7.48 -33.97 31.24
N VAL A 643 8.02 -33.06 30.44
CA VAL A 643 8.68 -33.42 29.19
C VAL A 643 9.90 -34.28 29.47
N GLU A 644 10.67 -33.94 30.50
CA GLU A 644 11.84 -34.75 30.85
C GLU A 644 11.42 -36.18 31.21
N ARG A 645 10.36 -36.31 32.01
CA ARG A 645 9.88 -37.64 32.37
C ARG A 645 9.35 -38.39 31.16
N ILE A 646 8.71 -37.68 30.22
CA ILE A 646 8.26 -38.31 28.99
C ILE A 646 9.43 -38.87 28.21
N ASN A 647 10.51 -38.07 28.09
CA ASN A 647 11.69 -38.53 27.39
C ASN A 647 12.31 -39.74 28.09
N GLN A 648 12.35 -39.71 29.43
CA GLN A 648 12.89 -40.84 30.17
C GLN A 648 12.05 -42.11 29.96
N ARG A 649 10.72 -41.97 30.00
CA ARG A 649 9.83 -43.11 29.81
C ARG A 649 10.02 -43.72 28.44
N PHE A 650 10.18 -42.88 27.42
CA PHE A 650 10.37 -43.35 26.05
C PHE A 650 11.83 -43.37 25.64
N ALA A 651 12.74 -43.34 26.61
CA ALA A 651 14.16 -43.54 26.32
C ALA A 651 14.44 -45.01 26.07
N GLY A 652 15.58 -45.28 25.43
CA GLY A 652 15.93 -46.63 25.06
C GLY A 652 14.93 -47.28 24.12
N LEU A 653 14.43 -46.52 23.15
CA LEU A 653 13.45 -47.01 22.18
C LEU A 653 13.93 -46.68 20.78
N PRO A 654 14.78 -47.53 20.19
CA PRO A 654 15.15 -47.34 18.78
C PRO A 654 13.95 -47.45 17.84
N ASN A 655 12.93 -48.23 18.20
CA ASN A 655 11.76 -48.37 17.35
C ASN A 655 11.01 -47.05 17.20
N ARG A 656 10.78 -46.34 18.30
CA ARG A 656 10.06 -45.07 18.28
C ARG A 656 10.89 -44.01 19.00
N THR A 657 11.23 -42.95 18.28
CA THR A 657 11.93 -41.81 18.88
C THR A 657 10.91 -40.76 19.28
N VAL A 658 10.39 -40.90 20.50
CA VAL A 658 9.34 -40.01 21.00
C VAL A 658 10.03 -38.86 21.71
N TYR A 659 10.18 -37.73 21.03
CA TYR A 659 10.82 -36.56 21.61
C TYR A 659 9.75 -35.55 22.03
N ALA A 660 9.70 -35.26 23.32
CA ALA A 660 8.75 -34.28 23.83
C ALA A 660 9.40 -32.90 23.90
N MET A 661 8.59 -31.87 23.68
CA MET A 661 9.08 -30.50 23.66
C MET A 661 7.97 -29.56 24.09
N ASN A 662 8.34 -28.60 24.94
CA ASN A 662 7.40 -27.55 25.32
C ASN A 662 7.12 -26.65 24.13
N SER A 663 5.94 -26.05 24.13
CA SER A 663 5.57 -25.13 23.07
C SER A 663 6.59 -23.98 23.02
N PRO A 664 7.06 -23.60 21.85
CA PRO A 664 8.07 -22.54 21.76
C PRO A 664 7.56 -21.25 22.37
N PRO A 665 8.39 -20.54 23.14
CA PRO A 665 7.93 -19.30 23.78
C PRO A 665 7.44 -18.27 22.80
N LEU A 666 8.06 -18.16 21.62
CA LEU A 666 7.58 -17.28 20.57
C LEU A 666 7.15 -18.12 19.38
N PRO A 667 5.86 -18.38 19.18
CA PRO A 667 5.44 -19.27 18.10
C PRO A 667 5.44 -18.64 16.72
N ASP A 668 5.84 -17.37 16.61
CA ASP A 668 5.78 -16.70 15.32
C ASP A 668 7.10 -16.76 14.56
N LEU A 669 8.17 -16.23 15.17
CA LEU A 669 9.47 -16.23 14.51
C LEU A 669 10.04 -17.64 14.39
N GLY A 670 9.73 -18.52 15.35
CA GLY A 670 10.20 -19.87 15.33
C GLY A 670 9.06 -20.85 15.55
N SER A 671 9.35 -22.12 15.30
CA SER A 671 8.39 -23.19 15.50
C SER A 671 8.90 -24.35 16.35
N THR A 672 10.22 -24.51 16.48
CA THR A 672 10.81 -25.56 17.30
C THR A 672 11.45 -24.94 18.54
N SER A 673 11.36 -25.68 19.66
CA SER A 673 11.94 -25.18 20.90
C SER A 673 13.45 -25.05 20.80
N GLY A 674 14.11 -25.98 20.12
CA GLY A 674 15.54 -25.93 19.97
C GLY A 674 16.00 -24.95 18.91
N PHE A 675 17.32 -24.78 18.83
CA PHE A 675 17.89 -23.88 17.85
C PHE A 675 17.76 -24.45 16.44
N ASP A 676 17.77 -23.56 15.45
CA ASP A 676 17.60 -23.92 14.05
C ASP A 676 18.94 -23.70 13.33
N PHE A 677 19.63 -24.80 13.06
CA PHE A 677 20.93 -24.80 12.42
C PHE A 677 20.79 -25.29 10.98
N ARG A 678 21.42 -24.58 10.06
CA ARG A 678 21.39 -24.89 8.63
C ARG A 678 22.81 -25.20 8.19
N LEU A 679 23.01 -26.42 7.71
CA LEU A 679 24.31 -26.91 7.25
C LEU A 679 24.45 -26.65 5.74
N GLN A 680 24.60 -25.37 5.40
CA GLN A 680 24.67 -24.99 4.00
C GLN A 680 25.91 -25.56 3.32
N ASP A 681 25.72 -26.09 2.11
CA ASP A 681 26.82 -26.54 1.28
C ASP A 681 27.23 -25.43 0.31
N ARG A 682 27.73 -24.33 0.87
CA ARG A 682 28.13 -23.20 0.04
C ARG A 682 29.25 -23.58 -0.92
N GLY A 683 30.18 -24.43 -0.48
CA GLY A 683 31.26 -24.88 -1.34
C GLY A 683 30.85 -25.91 -2.37
N GLY A 684 29.63 -26.43 -2.29
CA GLY A 684 29.18 -27.45 -3.21
C GLY A 684 29.98 -28.74 -3.16
N VAL A 685 30.23 -29.23 -1.93
CA VAL A 685 31.02 -30.43 -1.77
C VAL A 685 30.30 -31.67 -2.30
N GLY A 686 29.00 -31.58 -2.54
CA GLY A 686 28.25 -32.72 -3.01
C GLY A 686 27.37 -33.29 -1.92
N TYR A 687 26.28 -33.95 -2.34
CA TYR A 687 25.31 -34.46 -1.38
C TYR A 687 25.94 -35.46 -0.42
N GLU A 688 26.74 -36.39 -0.96
CA GLU A 688 27.37 -37.39 -0.11
C GLU A 688 28.37 -36.75 0.85
N ALA A 689 29.20 -35.83 0.35
CA ALA A 689 30.14 -35.14 1.22
C ALA A 689 29.41 -34.28 2.25
N LEU A 690 28.29 -33.67 1.84
CA LEU A 690 27.48 -32.91 2.77
C LEU A 690 26.92 -33.82 3.86
N VAL A 691 26.50 -35.03 3.50
CA VAL A 691 26.03 -36.01 4.47
C VAL A 691 27.14 -36.40 5.43
N LYS A 692 28.35 -36.58 4.90
CA LYS A 692 29.50 -36.87 5.75
C LYS A 692 29.71 -35.77 6.77
N ALA A 693 29.66 -34.52 6.31
CA ALA A 693 29.79 -33.38 7.22
C ALA A 693 28.67 -33.39 8.26
N ARG A 694 27.45 -33.68 7.83
CA ARG A 694 26.31 -33.72 8.76
C ARG A 694 26.52 -34.76 9.85
N ASP A 695 26.90 -35.98 9.45
CA ASP A 695 27.06 -37.06 10.41
C ASP A 695 28.21 -36.77 11.37
N GLN A 696 29.32 -36.25 10.84
CA GLN A 696 30.44 -35.88 11.69
C GLN A 696 30.03 -34.81 12.70
N LEU A 697 29.30 -33.80 12.24
CA LEU A 697 28.84 -32.74 13.13
C LEU A 697 27.90 -33.30 14.20
N LEU A 698 27.00 -34.20 13.80
CA LEU A 698 26.09 -34.80 14.77
C LEU A 698 26.84 -35.59 15.83
N ALA A 699 27.86 -36.36 15.41
CA ALA A 699 28.66 -37.10 16.38
C ALA A 699 29.38 -36.16 17.33
N ARG A 700 30.00 -35.12 16.80
CA ARG A 700 30.71 -34.17 17.65
C ARG A 700 29.76 -33.45 18.60
N ALA A 701 28.55 -33.13 18.13
CA ALA A 701 27.53 -32.54 19.01
C ALA A 701 27.15 -33.50 20.11
N ALA A 702 27.00 -34.78 19.79
CA ALA A 702 26.74 -35.79 20.82
C ALA A 702 27.87 -35.81 21.84
N GLU A 703 29.12 -35.71 21.37
CA GLU A 703 30.25 -35.62 22.28
C GLU A 703 30.20 -34.34 23.11
N ASP A 704 29.83 -33.22 22.49
CA ASP A 704 29.86 -31.92 23.14
C ASP A 704 28.93 -31.89 24.35
N PRO A 705 29.41 -31.53 25.53
CA PRO A 705 28.53 -31.48 26.70
C PRO A 705 27.51 -30.36 26.66
N ARG A 706 27.87 -29.22 26.05
CA ARG A 706 26.95 -28.09 26.02
C ARG A 706 25.70 -28.41 25.22
N LEU A 707 25.85 -29.13 24.11
CA LEU A 707 24.72 -29.47 23.27
C LEU A 707 23.96 -30.66 23.83
N ALA A 708 22.69 -30.76 23.43
CA ALA A 708 21.85 -31.89 23.82
C ALA A 708 20.74 -32.05 22.81
N ASN A 709 20.29 -33.30 22.65
CA ASN A 709 19.16 -33.63 21.79
C ASN A 709 19.32 -33.07 20.37
N VAL A 710 20.55 -33.10 19.87
CA VAL A 710 20.83 -32.59 18.53
C VAL A 710 20.47 -33.66 17.51
N MET A 711 19.47 -33.39 16.70
CA MET A 711 18.94 -34.37 15.75
C MET A 711 18.77 -33.72 14.38
N PHE A 712 18.74 -34.57 13.37
CA PHE A 712 18.54 -34.13 11.99
C PHE A 712 17.04 -34.14 11.71
N ALA A 713 16.47 -32.96 11.50
CA ALA A 713 15.03 -32.86 11.25
C ALA A 713 14.64 -33.56 9.95
N GLY A 714 15.52 -33.50 8.95
CA GLY A 714 15.22 -34.14 7.69
C GLY A 714 15.12 -35.65 7.84
N GLN A 715 14.21 -36.25 7.08
CA GLN A 715 14.03 -37.69 7.12
C GLN A 715 15.22 -38.40 6.50
N GLY A 716 15.47 -39.61 6.98
CA GLY A 716 16.58 -40.40 6.47
C GLY A 716 16.30 -40.96 5.09
N GLU A 717 17.37 -41.46 4.47
CA GLU A 717 17.27 -42.04 3.13
C GLU A 717 16.32 -43.22 3.13
N ALA A 718 15.47 -43.29 2.11
CA ALA A 718 14.50 -44.37 2.01
C ALA A 718 14.75 -45.18 0.76
N PRO A 719 14.47 -46.49 0.79
CA PRO A 719 14.57 -47.30 -0.43
C PRO A 719 13.59 -46.83 -1.49
N GLN A 720 14.13 -46.46 -2.65
CA GLN A 720 13.37 -46.01 -3.81
C GLN A 720 13.66 -46.98 -4.96
N ILE A 721 12.60 -47.62 -5.47
CA ILE A 721 12.76 -48.50 -6.61
C ILE A 721 12.94 -47.68 -7.89
N ARG A 722 13.82 -48.16 -8.76
CA ARG A 722 14.05 -47.52 -10.05
C ARG A 722 13.74 -48.54 -11.14
N LEU A 723 12.54 -48.45 -11.72
CA LEU A 723 12.11 -49.33 -12.80
C LEU A 723 12.62 -48.77 -14.13
N ASP A 724 13.78 -49.25 -14.56
CA ASP A 724 14.34 -48.86 -15.85
C ASP A 724 13.69 -49.68 -16.97
N ILE A 725 12.40 -49.39 -17.20
CA ILE A 725 11.64 -50.10 -18.21
C ILE A 725 12.24 -49.84 -19.59
N ASP A 726 12.52 -50.92 -20.31
CA ASP A 726 13.15 -50.82 -21.63
C ASP A 726 12.15 -50.25 -22.61
N ARG A 727 12.37 -49.00 -23.03
CA ARG A 727 11.45 -48.34 -23.95
C ARG A 727 11.42 -49.02 -25.30
N ARG A 728 12.57 -49.49 -25.77
CA ARG A 728 12.60 -50.27 -27.01
C ARG A 728 11.84 -51.58 -26.85
N LYS A 729 12.02 -52.25 -25.70
CA LYS A 729 11.21 -53.42 -25.39
C LYS A 729 9.73 -53.04 -25.30
N ALA A 730 9.44 -51.86 -24.76
CA ALA A 730 8.06 -51.37 -24.77
C ALA A 730 7.52 -51.28 -26.20
N GLU A 731 8.34 -50.76 -27.13
CA GLU A 731 7.94 -50.69 -28.53
C GLU A 731 7.68 -52.09 -29.08
N THR A 732 8.59 -53.03 -28.81
CA THR A 732 8.44 -54.38 -29.35
C THR A 732 7.21 -55.09 -28.81
N LEU A 733 6.95 -54.95 -27.50
CA LEU A 733 5.82 -55.66 -26.90
C LEU A 733 4.48 -55.17 -27.43
N GLY A 734 4.44 -53.93 -27.95
CA GLY A 734 3.19 -53.33 -28.37
C GLY A 734 2.48 -52.54 -27.29
N VAL A 735 3.07 -52.40 -26.11
CA VAL A 735 2.50 -51.61 -25.02
C VAL A 735 3.37 -50.38 -24.84
N SER A 736 2.75 -49.21 -24.90
CA SER A 736 3.49 -47.96 -24.74
C SER A 736 4.06 -47.86 -23.32
N MET A 737 5.16 -47.11 -23.21
CA MET A 737 5.71 -46.80 -21.90
C MET A 737 4.65 -46.18 -20.99
N ASP A 738 3.75 -45.38 -21.56
CA ASP A 738 2.59 -44.91 -20.80
C ASP A 738 1.59 -46.04 -20.56
N GLU A 739 1.41 -46.91 -21.55
CA GLU A 739 0.59 -48.10 -21.32
C GLU A 739 1.21 -48.98 -20.24
N ILE A 740 2.54 -49.13 -20.25
CA ILE A 740 3.21 -49.88 -19.19
C ILE A 740 3.05 -49.16 -17.86
N ASN A 741 3.03 -47.83 -17.89
CA ASN A 741 2.74 -47.07 -16.67
C ASN A 741 1.36 -47.41 -16.13
N THR A 742 0.38 -47.53 -17.02
CA THR A 742 -0.95 -47.96 -16.58
C THR A 742 -0.93 -49.39 -16.04
N THR A 743 -0.13 -50.27 -16.66
CA THR A 743 -0.04 -51.63 -16.14
C THR A 743 0.52 -51.66 -14.74
N LEU A 744 1.57 -50.87 -14.47
CA LEU A 744 2.09 -50.81 -13.12
C LEU A 744 1.22 -49.96 -12.20
N ALA A 745 0.30 -49.17 -12.76
CA ALA A 745 -0.70 -48.51 -11.94
C ALA A 745 -1.75 -49.50 -11.43
N VAL A 746 -2.16 -50.43 -12.29
CA VAL A 746 -2.96 -51.55 -11.79
C VAL A 746 -2.11 -52.40 -10.85
N MET A 747 -0.80 -52.44 -11.07
CA MET A 747 0.11 -53.02 -10.08
C MET A 747 0.24 -52.11 -8.87
N PHE A 748 0.45 -50.81 -9.09
CA PHE A 748 0.49 -49.83 -8.01
C PHE A 748 0.04 -48.48 -8.55
N GLY A 749 -1.16 -48.05 -8.17
CA GLY A 749 -1.71 -46.79 -8.63
C GLY A 749 -3.14 -46.56 -8.18
N SER A 750 -3.52 -45.31 -7.95
CA SER A 750 -4.85 -44.99 -7.45
C SER A 750 -5.89 -44.98 -8.57
N ASP A 751 -7.06 -45.52 -8.27
CA ASP A 751 -8.18 -45.46 -9.19
C ASP A 751 -9.51 -45.48 -8.45
N TYR A 752 -10.06 -44.32 -8.09
CA TYR A 752 -11.25 -44.29 -7.23
C TYR A 752 -12.51 -44.26 -8.09
N ILE A 753 -13.24 -45.38 -8.11
CA ILE A 753 -14.35 -45.49 -9.05
C ILE A 753 -15.72 -45.23 -8.43
N GLY A 754 -16.25 -46.18 -7.67
CA GLY A 754 -17.53 -46.03 -6.99
C GLY A 754 -17.60 -46.57 -5.58
N ASP A 755 -17.70 -45.72 -4.55
CA ASP A 755 -18.07 -46.24 -3.25
C ASP A 755 -19.52 -45.89 -2.95
N PHE A 756 -20.09 -46.50 -1.91
CA PHE A 756 -21.49 -46.24 -1.59
C PHE A 756 -21.76 -46.03 -0.10
N MET A 757 -20.75 -46.30 0.74
CA MET A 757 -20.95 -46.27 2.18
C MET A 757 -21.45 -44.92 2.67
N HIS A 758 -22.59 -44.95 3.37
CA HIS A 758 -23.24 -43.72 3.82
C HIS A 758 -22.42 -42.98 4.86
N GLY A 759 -21.55 -43.68 5.60
CA GLY A 759 -20.75 -43.09 6.66
C GLY A 759 -20.11 -41.76 6.32
N SER A 760 -19.27 -41.74 5.29
CA SER A 760 -18.72 -40.51 4.76
C SER A 760 -19.34 -40.12 3.42
N GLN A 761 -20.37 -40.86 2.99
CA GLN A 761 -20.96 -40.69 1.66
C GLN A 761 -19.88 -40.67 0.59
N VAL A 762 -18.91 -41.58 0.73
CA VAL A 762 -17.81 -41.68 -0.21
C VAL A 762 -18.30 -42.44 -1.43
N ARG A 763 -18.03 -41.89 -2.62
CA ARG A 763 -18.25 -42.58 -3.88
C ARG A 763 -16.93 -42.84 -4.61
N LYS A 764 -15.86 -42.99 -3.84
CA LYS A 764 -14.52 -43.21 -4.39
C LYS A 764 -13.90 -44.43 -3.72
N VAL A 765 -14.04 -45.59 -4.35
CA VAL A 765 -13.28 -46.78 -3.99
C VAL A 765 -11.95 -46.70 -4.74
N VAL A 766 -10.89 -46.39 -4.02
CA VAL A 766 -9.56 -46.35 -4.61
C VAL A 766 -9.09 -47.77 -4.89
N VAL A 767 -8.86 -48.09 -6.16
CA VAL A 767 -8.20 -49.33 -6.52
C VAL A 767 -6.71 -49.05 -6.49
N GLN A 768 -6.13 -49.07 -5.29
CA GLN A 768 -4.70 -48.84 -5.08
C GLN A 768 -4.07 -50.15 -4.64
N ALA A 769 -3.74 -50.99 -5.62
CA ALA A 769 -3.14 -52.29 -5.32
C ALA A 769 -1.88 -52.14 -4.47
N ASP A 770 -1.16 -51.04 -4.64
CA ASP A 770 0.04 -50.79 -3.84
C ASP A 770 -0.26 -50.91 -2.34
N GLY A 771 -1.11 -50.02 -1.83
CA GLY A 771 -1.40 -50.04 -0.40
C GLY A 771 -2.17 -51.26 0.03
N ALA A 772 -3.19 -51.64 -0.74
CA ALA A 772 -4.01 -52.79 -0.40
C ALA A 772 -3.18 -54.06 -0.33
N LYS A 773 -3.48 -54.89 0.68
CA LYS A 773 -2.67 -56.05 1.07
C LYS A 773 -1.26 -55.53 1.33
N ARG A 774 -0.23 -56.05 0.67
CA ARG A 774 1.09 -55.43 0.78
C ARG A 774 1.81 -55.58 -0.56
N LEU A 775 1.65 -54.58 -1.42
CA LEU A 775 2.39 -54.53 -2.69
C LEU A 775 3.75 -53.87 -2.55
N GLY A 776 4.02 -53.21 -1.42
CA GLY A 776 5.27 -52.50 -1.25
C GLY A 776 6.50 -53.36 -1.40
N ILE A 777 6.38 -54.65 -1.07
CA ILE A 777 7.52 -55.56 -1.18
C ILE A 777 8.03 -55.58 -2.61
N ASP A 778 9.36 -55.65 -2.76
CA ASP A 778 9.98 -55.51 -4.07
C ASP A 778 9.59 -56.67 -4.98
N ASP A 779 9.60 -56.38 -6.29
CA ASP A 779 9.30 -57.36 -7.32
C ASP A 779 10.49 -57.63 -8.22
N ILE A 780 11.70 -57.24 -7.79
CA ILE A 780 12.90 -57.43 -8.61
C ILE A 780 13.09 -58.89 -8.99
N GLY A 781 12.60 -59.81 -8.16
CA GLY A 781 12.60 -61.22 -8.56
C GLY A 781 11.88 -61.43 -9.88
N ARG A 782 10.60 -61.03 -9.94
CA ARG A 782 9.88 -60.99 -11.21
C ARG A 782 8.66 -60.08 -11.11
N LEU A 783 8.64 -59.01 -11.89
CA LEU A 783 7.45 -58.18 -12.00
C LEU A 783 6.41 -58.87 -12.89
N HIS A 784 5.18 -58.41 -12.79
CA HIS A 784 4.07 -58.91 -13.60
C HIS A 784 3.60 -57.82 -14.55
N VAL A 785 3.42 -58.17 -15.82
CA VAL A 785 3.08 -57.20 -16.86
C VAL A 785 1.96 -57.77 -17.72
N ARG A 786 1.10 -56.87 -18.22
CA ARG A 786 0.09 -57.21 -19.20
C ARG A 786 0.64 -56.92 -20.58
N ASN A 787 0.93 -57.97 -21.35
CA ASN A 787 1.48 -57.81 -22.68
C ASN A 787 0.37 -57.45 -23.67
N GLU A 788 0.75 -57.25 -24.93
CA GLU A 788 -0.22 -56.90 -25.96
C GLU A 788 -1.32 -57.96 -26.06
N GLN A 789 -0.94 -59.23 -25.98
CA GLN A 789 -1.92 -60.30 -26.03
C GLN A 789 -2.90 -60.21 -24.86
N GLY A 790 -2.40 -59.84 -23.68
CA GLY A 790 -3.21 -59.85 -22.48
C GLY A 790 -3.12 -61.12 -21.67
N GLU A 791 -2.13 -61.97 -21.94
CA GLU A 791 -1.98 -63.24 -21.26
C GLU A 791 -1.48 -63.09 -19.83
N MET A 792 -1.11 -61.87 -19.41
CA MET A 792 -0.71 -61.56 -18.05
C MET A 792 0.53 -62.35 -17.62
N VAL A 793 1.43 -62.62 -18.56
CA VAL A 793 2.70 -63.28 -18.22
C VAL A 793 3.55 -62.31 -17.41
N PRO A 794 4.13 -62.74 -16.30
CA PRO A 794 4.94 -61.83 -15.49
C PRO A 794 6.12 -61.26 -16.26
N LEU A 795 6.40 -59.98 -16.02
CA LEU A 795 7.49 -59.28 -16.68
C LEU A 795 8.83 -59.92 -16.33
N ALA A 796 9.55 -60.38 -17.36
CA ALA A 796 10.83 -61.03 -17.14
C ALA A 796 11.96 -60.02 -16.98
N THR A 797 12.21 -59.21 -18.03
CA THR A 797 13.22 -58.17 -17.98
C THR A 797 12.79 -56.90 -18.73
N PHE A 798 11.50 -56.75 -19.02
CA PHE A 798 11.05 -55.57 -19.76
C PHE A 798 11.28 -54.30 -18.93
N ALA A 799 11.25 -54.43 -17.61
CA ALA A 799 11.57 -53.34 -16.70
C ALA A 799 12.84 -53.72 -15.92
N LYS A 800 13.84 -52.85 -15.96
CA LYS A 800 15.08 -53.06 -15.23
C LYS A 800 14.94 -52.42 -13.85
N ALA A 801 14.26 -53.12 -12.95
CA ALA A 801 14.10 -52.65 -11.59
C ALA A 801 15.45 -52.60 -10.89
N ALA A 802 15.68 -51.51 -10.14
CA ALA A 802 16.93 -51.33 -9.41
C ALA A 802 16.78 -51.46 -7.90
N TRP A 803 15.68 -50.95 -7.34
CA TRP A 803 15.44 -51.00 -5.90
C TRP A 803 16.61 -50.39 -5.13
N THR A 804 16.98 -49.17 -5.51
CA THR A 804 18.09 -48.47 -4.87
C THR A 804 17.54 -47.70 -3.68
N LEU A 805 18.31 -46.77 -3.12
CA LEU A 805 17.80 -45.90 -2.06
C LEU A 805 18.21 -44.46 -2.35
N GLY A 806 17.44 -43.53 -1.79
CA GLY A 806 17.68 -42.12 -2.01
C GLY A 806 17.01 -41.23 -0.99
N PRO A 807 17.32 -39.93 -1.05
CA PRO A 807 16.73 -38.98 -0.09
C PRO A 807 15.27 -38.73 -0.39
N PRO A 808 14.42 -38.74 0.64
CA PRO A 808 13.00 -38.43 0.41
C PRO A 808 12.77 -36.99 -0.01
N GLN A 809 13.53 -36.05 0.52
CA GLN A 809 13.36 -34.63 0.20
C GLN A 809 14.73 -33.96 0.17
N LEU A 810 14.80 -32.84 -0.54
CA LEU A 810 16.04 -32.07 -0.66
C LEU A 810 15.78 -30.66 -0.16
N THR A 811 16.58 -30.20 0.79
CA THR A 811 16.40 -28.89 1.42
C THR A 811 17.55 -27.97 1.06
N ARG A 812 17.22 -26.72 0.74
CA ARG A 812 18.20 -25.68 0.48
C ARG A 812 17.84 -24.47 1.32
N TYR A 813 18.84 -23.82 1.91
CA TYR A 813 18.64 -22.61 2.67
C TYR A 813 19.39 -21.46 1.99
N ASN A 814 18.66 -20.38 1.70
CA ASN A 814 19.23 -19.19 1.07
C ASN A 814 19.94 -19.52 -0.24
N GLY A 815 19.42 -20.50 -0.96
CA GLY A 815 19.99 -20.90 -2.24
C GLY A 815 21.15 -21.85 -2.17
N TYR A 816 21.44 -22.42 -1.01
CA TYR A 816 22.49 -23.42 -0.87
C TYR A 816 21.89 -24.72 -0.33
N PRO A 817 22.20 -25.86 -0.92
CA PRO A 817 21.73 -27.14 -0.35
C PRO A 817 22.17 -27.27 1.09
N SER A 818 21.23 -27.64 1.95
CA SER A 818 21.45 -27.59 3.40
C SER A 818 20.74 -28.73 4.08
N PHE A 819 21.20 -29.03 5.29
CA PHE A 819 20.57 -30.00 6.18
C PHE A 819 20.14 -29.29 7.45
N ASN A 820 18.88 -29.45 7.82
CA ASN A 820 18.34 -28.78 9.00
C ASN A 820 18.65 -29.62 10.22
N LEU A 821 19.65 -29.19 10.99
CA LEU A 821 20.02 -29.83 12.25
C LEU A 821 19.42 -29.03 13.39
N GLU A 822 18.64 -29.68 14.24
CA GLU A 822 17.96 -29.01 15.35
C GLU A 822 18.36 -29.69 16.66
N GLY A 823 18.93 -28.90 17.56
CA GLY A 823 19.27 -29.38 18.89
C GLY A 823 18.87 -28.37 19.95
N GLN A 824 19.24 -28.68 21.19
CA GLN A 824 18.92 -27.81 22.31
C GLN A 824 20.11 -27.76 23.26
N ALA A 825 20.11 -26.76 24.14
CA ALA A 825 21.15 -26.61 25.14
C ALA A 825 20.94 -27.61 26.26
N ALA A 826 22.01 -28.30 26.65
CA ALA A 826 21.94 -29.22 27.78
C ALA A 826 21.69 -28.44 29.06
N PRO A 827 21.07 -29.06 30.06
CA PRO A 827 20.87 -28.37 31.35
C PRO A 827 22.18 -27.87 31.91
N GLY A 828 22.17 -26.60 32.32
CA GLY A 828 23.38 -25.93 32.77
C GLY A 828 24.05 -25.10 31.71
N TYR A 829 23.48 -24.97 30.52
CA TYR A 829 24.03 -24.16 29.45
C TYR A 829 22.92 -23.32 28.82
N SER A 830 23.25 -22.09 28.48
CA SER A 830 22.30 -21.20 27.84
C SER A 830 22.17 -21.53 26.35
N SER A 831 21.12 -20.99 25.74
CA SER A 831 20.91 -21.19 24.31
C SER A 831 22.07 -20.60 23.50
N GLY A 832 22.54 -19.42 23.88
CA GLY A 832 23.70 -18.84 23.21
C GLY A 832 24.93 -19.72 23.31
N GLU A 833 25.11 -20.36 24.48
CA GLU A 833 26.21 -21.31 24.62
C GLU A 833 26.05 -22.48 23.66
N ALA A 834 24.83 -22.98 23.50
CA ALA A 834 24.61 -24.07 22.56
C ALA A 834 24.92 -23.64 21.12
N MET A 835 24.48 -22.44 20.75
CA MET A 835 24.75 -21.95 19.41
C MET A 835 26.24 -21.79 19.16
N GLN A 836 26.95 -21.23 20.15
CA GLN A 836 28.40 -21.10 20.02
C GLN A 836 29.07 -22.47 19.95
N ALA A 837 28.56 -23.44 20.70
CA ALA A 837 29.08 -24.80 20.63
C ALA A 837 28.91 -25.38 19.23
N MET A 838 27.73 -25.19 18.63
CA MET A 838 27.52 -25.67 17.28
C MET A 838 28.46 -24.98 16.30
N GLU A 839 28.64 -23.67 16.46
CA GLU A 839 29.57 -22.95 15.58
C GLU A 839 30.99 -23.48 15.72
N GLN A 840 31.43 -23.72 16.95
CA GLN A 840 32.77 -24.26 17.17
C GLN A 840 32.91 -25.64 16.55
N LEU A 841 31.91 -26.49 16.72
CA LEU A 841 31.99 -27.84 16.15
C LEU A 841 31.96 -27.82 14.64
N MET A 842 31.33 -26.80 14.04
CA MET A 842 31.40 -26.65 12.60
C MET A 842 32.83 -26.45 12.14
N GLN A 843 33.62 -25.70 12.91
CA GLN A 843 35.05 -25.61 12.63
C GLN A 843 35.69 -26.99 12.68
N GLY A 844 36.36 -27.37 11.60
CA GLY A 844 36.88 -28.71 11.42
C GLY A 844 36.12 -29.53 10.40
N LEU A 845 34.91 -29.12 10.05
CA LEU A 845 34.19 -29.77 8.97
C LEU A 845 34.87 -29.46 7.63
N PRO A 846 34.68 -30.31 6.63
CA PRO A 846 35.32 -30.07 5.33
C PRO A 846 34.94 -28.71 4.77
N GLU A 847 35.93 -28.06 4.15
CA GLU A 847 35.71 -26.72 3.61
C GLU A 847 34.57 -26.72 2.61
N GLY A 848 33.68 -25.74 2.74
CA GLY A 848 32.47 -25.68 1.94
C GLY A 848 31.20 -25.87 2.74
N ILE A 849 31.29 -26.00 4.06
CA ILE A 849 30.14 -26.20 4.92
C ILE A 849 29.95 -24.94 5.77
N ALA A 850 28.73 -24.43 5.78
CA ALA A 850 28.40 -23.22 6.52
C ALA A 850 27.54 -23.56 7.73
N HIS A 851 27.50 -22.63 8.67
CA HIS A 851 26.77 -22.78 9.92
C HIS A 851 25.61 -21.80 10.01
N GLU A 852 24.84 -21.67 8.93
CA GLU A 852 23.79 -20.66 8.89
C GLU A 852 22.79 -20.90 10.03
N TRP A 853 22.29 -19.82 10.59
CA TRP A 853 21.25 -19.97 11.61
C TRP A 853 19.91 -19.51 11.05
N SER A 854 18.84 -19.98 11.66
CA SER A 854 17.51 -19.64 11.18
C SER A 854 16.54 -19.59 12.35
N GLY A 855 15.35 -19.07 12.06
CA GLY A 855 14.31 -19.00 13.07
C GLY A 855 14.73 -18.17 14.25
N GLN A 856 14.35 -18.63 15.45
CA GLN A 856 14.70 -17.92 16.67
C GLN A 856 16.20 -17.79 16.85
N SER A 857 16.97 -18.74 16.32
CA SER A 857 18.43 -18.63 16.39
C SER A 857 18.93 -17.40 15.65
N PHE A 858 18.36 -17.13 14.48
CA PHE A 858 18.72 -15.93 13.73
C PHE A 858 18.41 -14.67 14.53
N GLU A 859 17.24 -14.63 15.17
CA GLU A 859 16.88 -13.48 15.99
C GLU A 859 17.81 -13.35 17.18
N GLU A 860 18.23 -14.47 17.76
CA GLU A 860 19.19 -14.44 18.85
C GLU A 860 20.52 -13.84 18.41
N ARG A 861 20.99 -14.25 17.22
CA ARG A 861 22.19 -13.65 16.66
C ARG A 861 22.02 -12.14 16.47
N LEU A 862 20.85 -11.74 15.96
CA LEU A 862 20.57 -10.33 15.76
C LEU A 862 20.60 -9.57 17.09
N SER A 863 19.99 -10.13 18.12
CA SER A 863 19.97 -9.49 19.43
C SER A 863 21.38 -9.37 20.00
N GLY A 864 22.17 -10.42 19.87
CA GLY A 864 23.55 -10.35 20.34
C GLY A 864 24.35 -9.30 19.61
N ALA A 865 24.10 -9.13 18.32
CA ALA A 865 24.78 -8.08 17.57
C ALA A 865 24.28 -6.71 17.99
N GLN A 866 22.99 -6.59 18.31
CA GLN A 866 22.42 -5.28 18.62
C GLN A 866 22.80 -4.80 20.01
N ALA A 867 23.02 -5.72 20.95
CA ALA A 867 23.23 -5.36 22.36
C ALA A 867 24.32 -4.30 22.56
N PRO A 868 25.52 -4.45 21.98
CA PRO A 868 26.53 -3.39 22.16
C PRO A 868 26.06 -2.04 21.64
N ALA A 869 25.48 -2.02 20.44
CA ALA A 869 24.92 -0.78 19.91
C ALA A 869 23.85 -0.24 20.85
N LEU A 870 22.98 -1.13 21.34
CA LEU A 870 21.95 -0.71 22.29
C LEU A 870 22.54 0.08 23.45
N PHE A 871 23.45 -0.55 24.21
CA PHE A 871 23.98 0.10 25.40
C PHE A 871 24.75 1.36 25.05
N ALA A 872 25.58 1.29 24.01
CA ALA A 872 26.44 2.42 23.64
C ALA A 872 25.60 3.63 23.22
N LEU A 873 24.61 3.40 22.35
CA LEU A 873 23.72 4.48 21.94
C LEU A 873 22.94 5.05 23.12
N SER A 874 22.47 4.19 24.02
CA SER A 874 21.75 4.69 25.19
C SER A 874 22.63 5.63 26.01
N VAL A 875 23.87 5.21 26.29
CA VAL A 875 24.78 6.06 27.06
C VAL A 875 25.08 7.35 26.30
N LEU A 876 25.30 7.25 25.00
CA LEU A 876 25.60 8.44 24.20
C LEU A 876 24.47 9.44 24.24
N ILE A 877 23.24 8.97 24.05
CA ILE A 877 22.08 9.86 24.07
C ILE A 877 21.93 10.50 25.46
N VAL A 878 22.17 9.71 26.51
CA VAL A 878 22.16 10.28 27.86
C VAL A 878 23.16 11.43 27.97
N PHE A 879 24.39 11.19 27.52
CA PHE A 879 25.43 12.21 27.62
C PHE A 879 25.03 13.46 26.87
N LEU A 880 24.62 13.31 25.61
CA LEU A 880 24.27 14.48 24.80
C LEU A 880 23.11 15.25 25.39
N ALA A 881 22.07 14.52 25.83
CA ALA A 881 20.90 15.17 26.41
C ALA A 881 21.28 15.98 27.64
N LEU A 882 22.08 15.38 28.52
CA LEU A 882 22.52 16.11 29.71
C LEU A 882 23.38 17.31 29.33
N ALA A 883 24.29 17.14 28.36
CA ALA A 883 25.14 18.24 27.92
C ALA A 883 24.30 19.42 27.47
N ALA A 884 23.32 19.17 26.60
CA ALA A 884 22.45 20.26 26.15
C ALA A 884 21.62 20.82 27.30
N LEU A 885 21.13 19.94 28.17
CA LEU A 885 20.27 20.38 29.26
C LEU A 885 21.00 21.30 30.24
N TYR A 886 22.22 20.92 30.63
CA TYR A 886 22.97 21.67 31.64
C TYR A 886 24.06 22.54 31.04
N GLU A 887 24.11 22.66 29.71
CA GLU A 887 25.00 23.61 29.02
C GLU A 887 26.45 23.43 29.44
N SER A 888 26.92 22.19 29.42
CA SER A 888 28.30 21.87 29.76
C SER A 888 28.57 20.43 29.35
N TRP A 889 29.86 20.08 29.30
CA TRP A 889 30.28 18.71 29.05
C TRP A 889 30.75 17.99 30.31
N SER A 890 31.24 18.74 31.30
CA SER A 890 31.75 18.14 32.52
C SER A 890 30.64 17.42 33.30
N ILE A 891 29.48 18.06 33.44
CA ILE A 891 28.36 17.49 34.18
C ILE A 891 27.93 16.18 33.52
N PRO A 892 27.64 16.14 32.22
CA PRO A 892 27.34 14.84 31.60
C PRO A 892 28.48 13.86 31.70
N LEU A 893 29.74 14.32 31.69
CA LEU A 893 30.85 13.38 31.86
C LEU A 893 30.75 12.66 33.19
N ALA A 894 30.52 13.40 34.27
CA ALA A 894 30.37 12.76 35.58
C ALA A 894 29.17 11.82 35.61
N VAL A 895 28.03 12.29 35.09
CA VAL A 895 26.84 11.45 35.14
C VAL A 895 27.06 10.16 34.36
N ILE A 896 27.78 10.24 33.25
CA ILE A 896 28.17 9.04 32.51
C ILE A 896 29.09 8.17 33.34
N LEU A 897 30.03 8.78 34.07
CA LEU A 897 30.90 8.01 34.94
C LEU A 897 30.11 7.19 35.94
N VAL A 898 28.90 7.65 36.27
CA VAL A 898 28.11 6.94 37.28
C VAL A 898 27.57 5.59 36.77
N VAL A 899 27.29 5.46 35.47
CA VAL A 899 26.56 4.29 34.95
C VAL A 899 27.20 2.95 35.30
N PRO A 900 28.51 2.75 35.15
CA PRO A 900 29.07 1.40 35.34
C PRO A 900 28.73 0.75 36.66
N LEU A 901 28.55 1.51 37.73
CA LEU A 901 28.17 0.91 39.02
C LEU A 901 26.83 0.19 38.92
N GLY A 902 25.82 0.87 38.36
CA GLY A 902 24.54 0.22 38.17
C GLY A 902 24.63 -0.97 37.23
N VAL A 903 25.40 -0.84 36.16
CA VAL A 903 25.60 -1.98 35.27
C VAL A 903 26.21 -3.15 36.04
N LEU A 904 27.17 -2.85 36.90
CA LEU A 904 27.81 -3.86 37.75
C LEU A 904 26.78 -4.57 38.60
N GLY A 905 25.90 -3.80 39.25
CA GLY A 905 24.91 -4.41 40.11
C GLY A 905 23.95 -5.31 39.36
N ALA A 906 23.52 -4.87 38.18
CA ALA A 906 22.65 -5.72 37.36
C ALA A 906 23.35 -7.03 37.02
N LEU A 907 24.61 -6.93 36.58
CA LEU A 907 25.37 -8.14 36.25
C LEU A 907 25.52 -9.05 37.47
N LEU A 908 25.83 -8.45 38.63
CA LEU A 908 26.02 -9.22 39.85
C LEU A 908 24.75 -9.98 40.21
N GLY A 909 23.61 -9.30 40.22
CA GLY A 909 22.36 -9.96 40.54
C GLY A 909 22.04 -11.09 39.59
N VAL A 910 22.16 -10.83 38.28
CA VAL A 910 21.80 -11.86 37.30
C VAL A 910 22.72 -13.06 37.41
N SER A 911 24.02 -12.81 37.64
CA SER A 911 24.95 -13.93 37.81
C SER A 911 24.63 -14.73 39.08
N LEU A 912 24.37 -14.03 40.18
CA LEU A 912 24.11 -14.73 41.44
C LEU A 912 22.86 -15.61 41.34
N ARG A 913 21.80 -15.09 40.71
CA ARG A 913 20.62 -15.92 40.53
C ARG A 913 20.81 -16.99 39.47
N GLY A 914 21.89 -16.93 38.70
CA GLY A 914 22.13 -17.89 37.64
C GLY A 914 21.43 -17.60 36.35
N LEU A 915 20.76 -16.46 36.23
CA LEU A 915 20.07 -16.13 35.01
C LEU A 915 21.05 -15.85 33.87
N PRO A 916 20.66 -16.12 32.63
CA PRO A 916 21.51 -15.78 31.49
C PRO A 916 21.20 -14.40 30.95
N ASN A 917 22.18 -13.84 30.24
CA ASN A 917 21.97 -12.59 29.52
C ASN A 917 20.91 -12.78 28.45
N ASP A 918 19.87 -11.96 28.48
CA ASP A 918 18.79 -12.08 27.52
C ASP A 918 18.25 -10.70 27.20
N ILE A 919 17.25 -10.66 26.31
CA ILE A 919 16.63 -9.41 25.91
C ILE A 919 16.08 -8.68 27.13
N TYR A 920 15.46 -9.42 28.05
CA TYR A 920 15.01 -8.83 29.29
C TYR A 920 16.17 -8.24 30.07
N PHE A 921 17.31 -8.94 30.11
CA PHE A 921 18.46 -8.40 30.80
C PHE A 921 18.94 -7.10 30.15
N LYS A 922 18.92 -7.03 28.82
CA LYS A 922 19.37 -5.82 28.14
C LYS A 922 18.43 -4.65 28.43
N VAL A 923 17.12 -4.90 28.43
CA VAL A 923 16.16 -3.86 28.79
C VAL A 923 16.39 -3.43 30.24
N GLY A 924 16.65 -4.39 31.13
CA GLY A 924 17.00 -4.04 32.49
C GLY A 924 18.23 -3.18 32.58
N LEU A 925 19.24 -3.48 31.76
CA LEU A 925 20.44 -2.66 31.70
C LEU A 925 20.12 -1.23 31.29
N ILE A 926 19.27 -1.07 30.28
CA ILE A 926 18.86 0.27 29.87
C ILE A 926 18.20 0.99 31.03
N THR A 927 17.27 0.32 31.71
CA THR A 927 16.57 0.94 32.84
C THR A 927 17.54 1.32 33.94
N ILE A 928 18.52 0.46 34.21
CA ILE A 928 19.50 0.74 35.25
C ILE A 928 20.35 1.95 34.88
N ILE A 929 20.74 2.05 33.61
CA ILE A 929 21.44 3.24 33.14
C ILE A 929 20.61 4.48 33.46
N GLY A 930 19.32 4.42 33.12
CA GLY A 930 18.46 5.57 33.39
C GLY A 930 18.39 5.92 34.86
N LEU A 931 18.18 4.91 35.70
CA LEU A 931 18.04 5.15 37.15
C LEU A 931 19.34 5.68 37.74
N SER A 932 20.47 5.09 37.35
CA SER A 932 21.76 5.55 37.84
C SER A 932 22.02 7.00 37.43
N ALA A 933 21.67 7.33 36.19
CA ALA A 933 21.82 8.71 35.74
C ALA A 933 20.94 9.64 36.55
N LYS A 934 19.71 9.23 36.83
CA LYS A 934 18.83 10.05 37.67
C LYS A 934 19.45 10.30 39.05
N ASN A 935 19.93 9.23 39.70
CA ASN A 935 20.52 9.37 41.02
C ASN A 935 21.76 10.26 40.98
N ALA A 936 22.56 10.12 39.91
CA ALA A 936 23.71 11.00 39.73
C ALA A 936 23.28 12.46 39.65
N ILE A 937 22.28 12.74 38.79
CA ILE A 937 21.84 14.12 38.58
C ILE A 937 21.36 14.72 39.89
N LEU A 938 20.59 13.95 40.67
CA LEU A 938 20.04 14.45 41.92
C LEU A 938 21.10 15.14 42.78
N ILE A 939 22.29 14.55 42.86
CA ILE A 939 23.37 15.17 43.62
C ILE A 939 24.09 16.23 42.78
N ILE A 940 24.43 15.88 41.53
CA ILE A 940 25.35 16.69 40.75
C ILE A 940 24.77 18.06 40.45
N GLU A 941 23.47 18.12 40.12
CA GLU A 941 22.85 19.40 39.81
C GLU A 941 22.92 20.36 40.99
N VAL A 942 22.52 19.89 42.17
CA VAL A 942 22.54 20.73 43.36
C VAL A 942 23.97 21.13 43.70
N ALA A 943 24.91 20.20 43.56
CA ALA A 943 26.31 20.54 43.80
C ALA A 943 26.79 21.61 42.84
N LYS A 944 26.40 21.51 41.57
CA LYS A 944 26.74 22.52 40.58
C LYS A 944 26.16 23.88 40.95
N ASP A 945 24.91 23.90 41.40
CA ASP A 945 24.29 25.16 41.81
C ASP A 945 25.07 25.79 42.95
N HIS A 946 25.34 25.01 44.00
CA HIS A 946 26.07 25.54 45.15
C HIS A 946 27.48 25.99 44.77
N TYR A 947 28.14 25.23 43.90
CA TYR A 947 29.47 25.59 43.44
C TYR A 947 29.44 26.92 42.70
N GLN A 948 28.50 27.08 41.78
CA GLN A 948 28.38 28.34 41.05
C GLN A 948 28.04 29.49 41.98
N GLU A 949 27.34 29.22 43.08
CA GLU A 949 27.10 30.26 44.07
C GLU A 949 28.40 30.77 44.67
N GLY A 950 29.38 29.87 44.86
CA GLY A 950 30.66 30.27 45.41
C GLY A 950 31.25 29.24 46.35
N MET A 951 30.42 28.31 46.81
CA MET A 951 30.88 27.24 47.68
C MET A 951 32.01 26.45 47.02
N SER A 952 33.06 26.19 47.79
CA SER A 952 34.18 25.38 47.30
C SER A 952 33.68 24.02 46.83
N LEU A 953 34.21 23.57 45.69
CA LEU A 953 33.80 22.31 45.08
C LEU A 953 33.64 21.19 46.11
N LEU A 954 34.61 21.06 47.01
CA LEU A 954 34.53 20.06 48.07
C LEU A 954 33.33 20.33 48.97
N GLN A 955 33.21 21.57 49.47
CA GLN A 955 32.12 21.91 50.39
C GLN A 955 30.77 21.75 49.72
N ALA A 956 30.63 22.27 48.50
CA ALA A 956 29.37 22.15 47.78
C ALA A 956 29.02 20.69 47.53
N THR A 957 30.01 19.89 47.16
CA THR A 957 29.78 18.47 46.92
C THR A 957 29.26 17.77 48.18
N LEU A 958 29.93 17.99 49.31
CA LEU A 958 29.48 17.38 50.55
C LEU A 958 28.07 17.83 50.94
N GLU A 959 27.82 19.14 50.85
CA GLU A 959 26.52 19.67 51.21
C GLU A 959 25.43 19.09 50.33
N ALA A 960 25.66 19.07 49.02
CA ALA A 960 24.70 18.45 48.12
C ALA A 960 24.46 17.00 48.50
N ALA A 961 25.54 16.21 48.61
CA ALA A 961 25.42 14.81 49.00
C ALA A 961 24.49 14.62 50.18
N ARG A 962 24.68 15.40 51.24
CA ARG A 962 23.78 15.29 52.39
C ARG A 962 22.35 15.66 52.02
N LEU A 963 22.18 16.80 51.35
CA LEU A 963 20.83 17.29 51.06
C LEU A 963 20.04 16.29 50.23
N ARG A 964 20.68 15.68 49.24
CA ARG A 964 20.03 14.78 48.31
C ARG A 964 20.10 13.31 48.75
N LEU A 965 20.74 13.01 49.88
CA LEU A 965 20.75 11.62 50.34
C LEU A 965 19.34 11.07 50.51
N ARG A 966 18.49 11.77 51.25
CA ARG A 966 17.15 11.26 51.53
C ARG A 966 16.32 11.08 50.26
N PRO A 967 16.19 12.06 49.37
CA PRO A 967 15.43 11.81 48.13
C PRO A 967 15.97 10.64 47.32
N ILE A 968 17.30 10.53 47.21
CA ILE A 968 17.89 9.43 46.45
C ILE A 968 17.48 8.09 47.04
N VAL A 969 17.67 7.94 48.35
CA VAL A 969 17.37 6.67 49.01
C VAL A 969 15.88 6.36 48.86
N MET A 970 15.03 7.37 49.09
CA MET A 970 13.59 7.14 49.02
C MET A 970 13.16 6.69 47.64
N THR A 971 13.54 7.43 46.60
CA THR A 971 13.15 7.07 45.24
C THR A 971 13.72 5.71 44.84
N SER A 972 14.99 5.46 45.18
CA SER A 972 15.62 4.20 44.82
C SER A 972 14.91 3.03 45.49
N LEU A 973 14.60 3.14 46.78
CA LEU A 973 13.89 2.07 47.48
C LEU A 973 12.50 1.87 46.90
N ALA A 974 11.80 2.97 46.59
CA ALA A 974 10.48 2.85 45.99
C ALA A 974 10.55 2.07 44.69
N PHE A 975 11.48 2.43 43.81
CA PHE A 975 11.63 1.74 42.53
C PHE A 975 12.01 0.27 42.75
N GLY A 976 12.97 0.03 43.64
CA GLY A 976 13.42 -1.33 43.88
C GLY A 976 12.30 -2.22 44.38
N PHE A 977 11.53 -1.75 45.35
CA PHE A 977 10.42 -2.53 45.85
C PHE A 977 9.28 -2.63 44.85
N GLY A 978 9.15 -1.66 43.94
CA GLY A 978 8.22 -1.83 42.85
C GLY A 978 8.62 -2.95 41.90
N VAL A 979 9.92 -3.13 41.70
CA VAL A 979 10.39 -4.23 40.85
C VAL A 979 10.49 -5.54 41.62
N VAL A 980 10.45 -5.48 42.96
CA VAL A 980 10.58 -6.69 43.78
C VAL A 980 9.57 -7.77 43.39
N PRO A 981 8.27 -7.49 43.25
CA PRO A 981 7.33 -8.57 42.90
C PRO A 981 7.71 -9.34 41.64
N LEU A 982 8.21 -8.66 40.62
CA LEU A 982 8.71 -9.35 39.44
C LEU A 982 9.86 -10.28 39.80
N ALA A 983 10.80 -9.79 40.63
CA ALA A 983 11.96 -10.59 40.99
C ALA A 983 11.55 -11.80 41.82
N LEU A 984 10.52 -11.65 42.67
CA LEU A 984 10.08 -12.74 43.53
C LEU A 984 8.86 -13.47 42.98
N SER A 985 8.50 -13.21 41.73
CA SER A 985 7.34 -13.87 41.14
C SER A 985 7.58 -15.37 41.03
N SER A 986 6.51 -16.13 41.16
CA SER A 986 6.57 -17.59 41.08
C SER A 986 5.31 -18.10 40.42
N GLY A 987 5.45 -19.16 39.64
CA GLY A 987 4.33 -19.80 38.98
C GLY A 987 4.41 -19.65 37.47
N ALA A 988 3.27 -19.95 36.84
CA ALA A 988 3.18 -19.84 35.39
C ALA A 988 3.35 -18.40 34.94
N GLY A 989 4.14 -18.21 33.87
CA GLY A 989 4.41 -16.86 33.39
C GLY A 989 5.17 -16.00 34.37
N SER A 990 6.09 -16.61 35.13
CA SER A 990 6.93 -15.88 36.07
C SER A 990 8.39 -15.86 35.68
N GLY A 991 8.83 -16.74 34.78
CA GLY A 991 10.22 -16.75 34.38
C GLY A 991 10.65 -15.42 33.78
N ALA A 992 9.83 -14.86 32.90
CA ALA A 992 10.14 -13.55 32.32
C ALA A 992 10.18 -12.47 33.39
N GLN A 993 9.19 -12.48 34.29
CA GLN A 993 9.15 -11.49 35.37
C GLN A 993 10.39 -11.58 36.23
N VAL A 994 10.77 -12.80 36.62
CA VAL A 994 11.98 -12.99 37.41
C VAL A 994 13.20 -12.50 36.64
N ALA A 995 13.29 -12.86 35.36
CA ALA A 995 14.44 -12.51 34.55
C ALA A 995 14.67 -11.01 34.54
N ILE A 996 13.63 -10.24 34.25
CA ILE A 996 13.80 -8.79 34.20
C ILE A 996 13.98 -8.21 35.60
N GLY A 997 13.18 -8.68 36.56
CA GLY A 997 13.16 -8.06 37.87
C GLY A 997 14.46 -8.23 38.64
N THR A 998 15.05 -9.42 38.57
CA THR A 998 16.29 -9.65 39.31
C THR A 998 17.40 -8.70 38.86
N GLY A 999 17.56 -8.58 37.54
CA GLY A 999 18.57 -7.66 37.02
C GLY A 999 18.28 -6.22 37.42
N VAL A 1000 17.02 -5.81 37.29
CA VAL A 1000 16.69 -4.43 37.65
C VAL A 1000 16.95 -4.19 39.14
N LEU A 1001 16.61 -5.17 39.98
CA LEU A 1001 16.80 -5.03 41.42
C LEU A 1001 18.27 -4.90 41.78
N GLY A 1002 19.10 -5.79 41.25
CA GLY A 1002 20.53 -5.69 41.52
C GLY A 1002 21.11 -4.38 41.04
N GLY A 1003 20.74 -3.96 39.83
CA GLY A 1003 21.24 -2.69 39.32
C GLY A 1003 20.87 -1.53 40.21
N ILE A 1004 19.60 -1.44 40.61
CA ILE A 1004 19.19 -0.34 41.47
C ILE A 1004 19.83 -0.44 42.83
N VAL A 1005 20.17 -1.67 43.27
CA VAL A 1005 20.88 -1.83 44.53
C VAL A 1005 22.24 -1.16 44.45
N THR A 1006 23.01 -1.44 43.39
CA THR A 1006 24.30 -0.75 43.28
C THR A 1006 24.13 0.68 42.77
N ALA A 1007 23.13 0.94 41.93
CA ALA A 1007 22.91 2.29 41.42
C ALA A 1007 22.60 3.28 42.54
N THR A 1008 22.46 2.83 43.78
CA THR A 1008 22.27 3.70 44.92
C THR A 1008 23.43 3.63 45.90
N VAL A 1009 23.78 2.42 46.35
CA VAL A 1009 24.84 2.27 47.35
C VAL A 1009 26.16 2.83 46.82
N LEU A 1010 26.54 2.43 45.61
CA LEU A 1010 27.78 2.95 45.04
C LEU A 1010 27.63 4.40 44.62
N ALA A 1011 26.47 4.77 44.08
CA ALA A 1011 26.29 6.12 43.56
C ALA A 1011 26.44 7.17 44.65
N VAL A 1012 25.76 6.97 45.79
CA VAL A 1012 25.79 7.98 46.86
C VAL A 1012 27.20 8.23 47.35
N PHE A 1013 28.14 7.34 47.07
CA PHE A 1013 29.52 7.53 47.49
C PHE A 1013 30.45 7.98 46.37
N LEU A 1014 30.25 7.51 45.14
CA LEU A 1014 31.17 7.80 44.05
C LEU A 1014 30.74 8.97 43.18
N VAL A 1015 29.44 9.27 43.11
CA VAL A 1015 29.00 10.47 42.41
C VAL A 1015 29.66 11.72 42.98
N PRO A 1016 29.71 11.94 44.30
CA PRO A 1016 30.50 13.08 44.80
C PRO A 1016 31.95 13.05 44.34
N LEU A 1017 32.57 11.87 44.37
CA LEU A 1017 33.94 11.75 43.89
C LEU A 1017 34.04 12.09 42.43
N PHE A 1018 33.09 11.60 41.62
CA PHE A 1018 33.09 11.90 40.20
C PHE A 1018 33.00 13.40 39.96
N PHE A 1019 32.08 14.06 40.65
CA PHE A 1019 31.93 15.51 40.45
C PHE A 1019 33.19 16.26 40.89
N LEU A 1020 33.77 15.87 42.02
CA LEU A 1020 34.98 16.54 42.48
C LEU A 1020 36.11 16.40 41.46
N VAL A 1021 36.35 15.17 40.99
CA VAL A 1021 37.41 14.93 40.03
C VAL A 1021 37.15 15.72 38.75
N VAL A 1022 35.92 15.68 38.26
CA VAL A 1022 35.58 16.38 37.02
C VAL A 1022 35.77 17.88 37.17
N GLY A 1023 35.32 18.45 38.28
CA GLY A 1023 35.52 19.87 38.52
C GLY A 1023 37.00 20.23 38.59
N ARG A 1024 37.82 19.31 39.09
CA ARG A 1024 39.26 19.52 39.03
C ARG A 1024 39.77 19.48 37.59
N LEU A 1025 39.25 18.55 36.79
CA LEU A 1025 39.70 18.44 35.40
C LEU A 1025 39.26 19.62 34.57
N PHE A 1026 37.98 19.99 34.65
CA PHE A 1026 37.40 21.07 33.88
C PHE A 1026 36.97 22.17 34.81
N ARG A 1027 37.42 23.39 34.54
CA ARG A 1027 37.15 24.52 35.42
C ARG A 1027 35.73 24.99 35.20
N LEU A 1028 34.82 24.49 36.03
CA LEU A 1028 33.44 24.97 36.01
C LEU A 1028 33.38 26.41 36.49
N ARG A 1029 32.45 27.17 35.93
CA ARG A 1029 32.35 28.59 36.26
C ARG A 1029 31.82 28.76 37.68
N LYS A 1030 32.56 29.50 38.50
CA LYS A 1030 32.13 29.79 39.86
C LYS A 1030 32.00 31.29 40.07
N MET B 1 15.10 33.10 18.02
CA MET B 1 15.63 32.02 18.84
C MET B 1 17.14 32.17 19.02
N ALA B 2 17.70 33.19 18.37
CA ALA B 2 19.15 33.41 18.43
C ALA B 2 19.61 33.64 19.86
N ARG B 3 18.90 34.49 20.61
CA ARG B 3 19.28 34.80 21.98
C ARG B 3 19.47 33.54 22.81
N PHE B 4 18.54 32.58 22.69
CA PHE B 4 18.63 31.34 23.42
C PHE B 4 19.94 30.60 23.11
N PHE B 5 20.23 30.43 21.82
CA PHE B 5 21.41 29.66 21.45
C PHE B 5 22.70 30.43 21.73
N ILE B 6 22.67 31.75 21.56
CA ILE B 6 23.82 32.57 21.94
C ILE B 6 24.20 32.30 23.39
N ASP B 7 23.19 32.09 24.24
CA ASP B 7 23.44 31.82 25.64
C ASP B 7 23.80 30.36 25.89
N ARG B 8 23.40 29.45 25.00
CA ARG B 8 23.63 28.02 25.16
C ARG B 8 24.41 27.50 23.96
N PRO B 9 25.73 27.73 23.93
CA PRO B 9 26.53 27.19 22.81
C PRO B 9 26.53 25.67 22.73
N VAL B 10 26.61 24.97 23.87
CA VAL B 10 26.66 23.52 23.85
C VAL B 10 25.39 22.95 23.24
N PHE B 11 24.24 23.57 23.54
CA PHE B 11 22.98 23.14 22.94
C PHE B 11 23.05 23.16 21.41
N ALA B 12 23.48 24.28 20.85
CA ALA B 12 23.59 24.39 19.40
C ALA B 12 24.58 23.38 18.84
N TRP B 13 25.71 23.22 19.54
CA TRP B 13 26.69 22.22 19.13
C TRP B 13 26.07 20.83 19.07
N VAL B 14 25.26 20.48 20.08
CA VAL B 14 24.61 19.18 20.11
C VAL B 14 23.68 19.02 18.91
N ILE B 15 22.88 20.06 18.63
CA ILE B 15 21.98 19.99 17.47
C ILE B 15 22.77 19.75 16.20
N SER B 16 23.87 20.50 16.02
CA SER B 16 24.69 20.35 14.83
C SER B 16 25.27 18.94 14.73
N LEU B 17 25.76 18.41 15.85
CA LEU B 17 26.33 17.06 15.84
C LEU B 17 25.29 16.02 15.48
N LEU B 18 24.08 16.16 16.01
CA LEU B 18 22.99 15.26 15.62
C LEU B 18 22.76 15.32 14.12
N ILE B 19 22.73 16.54 13.56
CA ILE B 19 22.54 16.69 12.13
C ILE B 19 23.66 16.00 11.36
N VAL B 20 24.90 16.16 11.81
CA VAL B 20 26.04 15.57 11.12
C VAL B 20 25.95 14.05 11.12
N LEU B 21 25.65 13.46 12.28
CA LEU B 21 25.53 12.01 12.36
C LEU B 21 24.42 11.50 11.45
N ALA B 22 23.27 12.18 11.47
CA ALA B 22 22.17 11.80 10.60
C ALA B 22 22.58 11.87 9.14
N GLY B 23 23.31 12.92 8.77
CA GLY B 23 23.79 13.03 7.40
C GLY B 23 24.72 11.91 7.00
N VAL B 24 25.64 11.54 7.89
CA VAL B 24 26.55 10.44 7.61
C VAL B 24 25.77 9.16 7.36
N LEU B 25 24.82 8.84 8.25
CA LEU B 25 24.03 7.63 8.07
C LEU B 25 23.21 7.69 6.79
N ALA B 26 22.64 8.86 6.49
CA ALA B 26 21.84 9.00 5.27
C ALA B 26 22.68 8.74 4.03
N ILE B 27 23.88 9.32 3.98
CA ILE B 27 24.78 9.05 2.87
C ILE B 27 25.11 7.58 2.79
N ARG B 28 25.25 6.93 3.95
CA ARG B 28 25.47 5.48 3.96
C ARG B 28 24.32 4.74 3.31
N PHE B 29 23.09 5.19 3.53
CA PHE B 29 21.92 4.48 3.04
C PHE B 29 21.33 5.03 1.75
N LEU B 30 21.72 6.23 1.32
CA LEU B 30 21.06 6.87 0.19
C LEU B 30 21.32 6.12 -1.12
N PRO B 31 20.29 5.90 -1.93
CA PRO B 31 20.53 5.32 -3.27
C PRO B 31 21.26 6.30 -4.16
N VAL B 32 22.06 5.75 -5.09
CA VAL B 32 22.85 6.53 -6.02
C VAL B 32 22.51 6.11 -7.44
N ALA B 33 22.31 7.09 -8.31
CA ALA B 33 22.06 6.84 -9.72
C ALA B 33 22.49 8.07 -10.51
N GLN B 34 22.42 7.97 -11.83
CA GLN B 34 22.71 9.13 -12.66
C GLN B 34 21.51 10.08 -12.70
N TYR B 35 20.36 9.59 -13.13
CA TYR B 35 19.14 10.38 -13.16
C TYR B 35 18.04 9.63 -12.43
N PRO B 36 17.16 10.35 -11.73
CA PRO B 36 16.02 9.70 -11.09
C PRO B 36 15.00 9.23 -12.13
N ASP B 37 14.23 8.23 -11.73
CA ASP B 37 13.20 7.71 -12.61
C ASP B 37 12.09 8.73 -12.79
N ILE B 38 11.76 9.04 -14.05
CA ILE B 38 10.76 10.05 -14.38
C ILE B 38 9.69 9.43 -15.26
N ALA B 39 10.05 8.37 -15.96
CA ALA B 39 9.15 7.76 -16.93
C ALA B 39 7.91 7.23 -16.21
N PRO B 40 6.71 7.45 -16.77
CA PRO B 40 5.50 6.86 -16.19
C PRO B 40 5.59 5.35 -16.19
N PRO B 41 5.01 4.69 -15.19
CA PRO B 41 5.08 3.23 -15.12
C PRO B 41 4.51 2.58 -16.39
N VAL B 42 5.26 1.64 -16.94
CA VAL B 42 4.94 1.03 -18.23
C VAL B 42 5.05 -0.48 -18.09
N VAL B 43 4.05 -1.20 -18.62
CA VAL B 43 4.05 -2.66 -18.60
C VAL B 43 4.18 -3.17 -20.02
N ASN B 44 5.19 -4.01 -20.25
CA ASN B 44 5.43 -4.58 -21.57
C ASN B 44 4.87 -6.00 -21.59
N VAL B 45 4.01 -6.28 -22.55
CA VAL B 45 3.46 -7.61 -22.77
C VAL B 45 4.04 -8.13 -24.08
N SER B 46 4.71 -9.28 -24.03
CA SER B 46 5.31 -9.86 -25.22
C SER B 46 4.77 -11.26 -25.44
N ALA B 47 4.48 -11.57 -26.70
CA ALA B 47 4.02 -12.91 -27.06
C ALA B 47 4.69 -13.33 -28.36
N SER B 48 4.87 -14.63 -28.52
CA SER B 48 5.49 -15.20 -29.71
C SER B 48 4.55 -16.21 -30.34
N TYR B 49 4.20 -15.99 -31.61
CA TYR B 49 3.40 -16.92 -32.39
C TYR B 49 4.34 -17.51 -33.44
N PRO B 50 4.95 -18.66 -33.19
CA PRO B 50 5.95 -19.21 -34.12
C PRO B 50 5.39 -19.38 -35.52
N GLY B 51 6.12 -18.82 -36.49
CA GLY B 51 5.73 -18.89 -37.89
C GLY B 51 4.33 -18.41 -38.17
N ALA B 52 4.03 -17.17 -37.82
CA ALA B 52 2.71 -16.60 -38.05
C ALA B 52 2.84 -15.29 -38.81
N SER B 53 1.89 -15.06 -39.70
CA SER B 53 1.86 -13.81 -40.45
C SER B 53 1.60 -12.64 -39.51
N ALA B 54 2.17 -11.48 -39.85
CA ALA B 54 1.98 -10.29 -39.04
C ALA B 54 0.50 -9.94 -38.92
N LYS B 55 -0.23 -10.02 -40.03
CA LYS B 55 -1.66 -9.77 -39.99
C LYS B 55 -2.36 -10.80 -39.11
N VAL B 56 -1.97 -12.08 -39.24
CA VAL B 56 -2.51 -13.12 -38.38
C VAL B 56 -2.22 -12.81 -36.91
N VAL B 57 -0.98 -12.39 -36.63
CA VAL B 57 -0.60 -12.04 -35.26
C VAL B 57 -1.49 -10.92 -34.72
N GLU B 58 -1.69 -9.88 -35.54
CA GLU B 58 -2.55 -8.78 -35.12
C GLU B 58 -3.97 -9.26 -34.85
N GLU B 59 -4.50 -10.12 -35.71
CA GLU B 59 -5.88 -10.55 -35.57
C GLU B 59 -6.11 -11.32 -34.28
N ALA B 60 -5.20 -12.23 -33.91
CA ALA B 60 -5.45 -13.07 -32.76
C ALA B 60 -4.83 -12.54 -31.47
N VAL B 61 -3.50 -12.37 -31.46
CA VAL B 61 -2.80 -12.04 -30.22
C VAL B 61 -3.00 -10.57 -29.86
N THR B 62 -2.66 -9.67 -30.79
CA THR B 62 -2.64 -8.25 -30.48
C THR B 62 -4.03 -7.73 -30.12
N ALA B 63 -5.01 -7.99 -30.97
CA ALA B 63 -6.32 -7.39 -30.80
C ALA B 63 -6.98 -7.84 -29.50
N ILE B 64 -7.01 -9.15 -29.25
CA ILE B 64 -7.69 -9.68 -28.07
C ILE B 64 -7.05 -9.12 -26.80
N ILE B 65 -5.73 -9.24 -26.70
CA ILE B 65 -5.04 -8.77 -25.51
C ILE B 65 -5.26 -7.27 -25.31
N GLU B 66 -5.10 -6.49 -26.37
CA GLU B 66 -5.27 -5.04 -26.28
C GLU B 66 -6.67 -4.69 -25.81
N ARG B 67 -7.69 -5.29 -26.41
CA ARG B 67 -9.07 -5.03 -26.02
C ARG B 67 -9.30 -5.35 -24.56
N GLU B 68 -8.77 -6.49 -24.09
CA GLU B 68 -8.99 -6.88 -22.71
C GLU B 68 -8.26 -5.95 -21.74
N MET B 69 -7.07 -5.47 -22.12
CA MET B 69 -6.31 -4.62 -21.22
C MET B 69 -7.05 -3.34 -20.90
N ASN B 70 -7.85 -2.83 -21.84
CA ASN B 70 -8.67 -1.66 -21.60
C ASN B 70 -9.55 -1.85 -20.37
N GLY B 71 -9.31 -1.04 -19.34
CA GLY B 71 -10.04 -1.16 -18.10
C GLY B 71 -9.14 -1.32 -16.89
N ALA B 72 -7.86 -1.59 -17.13
CA ALA B 72 -6.92 -1.68 -16.04
C ALA B 72 -6.79 -0.32 -15.36
N PRO B 73 -6.63 -0.29 -14.04
CA PRO B 73 -6.59 1.01 -13.33
C PRO B 73 -5.45 1.90 -13.84
N GLY B 74 -5.80 3.14 -14.16
CA GLY B 74 -4.82 4.13 -14.57
C GLY B 74 -4.07 3.77 -15.85
N LEU B 75 -4.74 3.13 -16.79
CA LEU B 75 -4.12 2.79 -18.08
C LEU B 75 -4.17 4.03 -18.95
N LEU B 76 -3.08 4.79 -18.94
CA LEU B 76 -3.05 6.05 -19.67
C LEU B 76 -3.24 5.84 -21.17
N TYR B 77 -2.46 4.95 -21.76
CA TYR B 77 -2.74 4.56 -23.15
C TYR B 77 -2.11 3.22 -23.47
N THR B 78 -2.52 2.67 -24.61
CA THR B 78 -2.07 1.37 -25.07
C THR B 78 -1.48 1.49 -26.46
N LYS B 79 -0.26 0.98 -26.65
CA LYS B 79 0.39 0.93 -27.94
C LYS B 79 0.70 -0.53 -28.26
N ALA B 80 0.47 -0.94 -29.49
CA ALA B 80 0.68 -2.33 -29.86
C ALA B 80 1.39 -2.44 -31.21
N THR B 81 2.33 -3.38 -31.32
CA THR B 81 3.03 -3.66 -32.56
C THR B 81 2.94 -5.14 -32.85
N SER B 82 2.58 -5.47 -34.08
CA SER B 82 2.41 -6.86 -34.54
C SER B 82 3.43 -7.12 -35.64
N SER B 83 4.57 -7.68 -35.28
CA SER B 83 5.56 -8.11 -36.26
C SER B 83 5.25 -9.55 -36.66
N THR B 84 6.16 -10.20 -37.38
CA THR B 84 5.98 -11.59 -37.75
C THR B 84 6.59 -12.48 -36.69
N GLY B 85 5.80 -13.41 -36.17
CA GLY B 85 6.25 -14.34 -35.16
C GLY B 85 6.10 -13.86 -33.73
N GLN B 86 5.96 -12.55 -33.52
CA GLN B 86 5.88 -12.00 -32.18
C GLN B 86 5.08 -10.71 -32.21
N ALA B 87 4.52 -10.36 -31.05
CA ALA B 87 3.78 -9.13 -30.86
C ALA B 87 4.11 -8.53 -29.50
N SER B 88 4.11 -7.19 -29.45
CA SER B 88 4.42 -6.48 -28.21
C SER B 88 3.35 -5.42 -27.95
N LEU B 89 2.81 -5.43 -26.73
CA LEU B 89 1.80 -4.47 -26.29
C LEU B 89 2.39 -3.70 -25.12
N THR B 90 2.82 -2.47 -25.39
CA THR B 90 3.25 -1.56 -24.34
C THR B 90 2.04 -0.84 -23.76
N LEU B 91 1.79 -1.01 -22.48
CA LEU B 91 0.69 -0.36 -21.78
C LEU B 91 1.29 0.72 -20.90
N THR B 92 1.08 1.97 -21.27
CA THR B 92 1.58 3.09 -20.50
C THR B 92 0.55 3.49 -19.45
N PHE B 93 0.96 3.43 -18.19
CA PHE B 93 0.10 3.68 -17.05
C PHE B 93 0.35 5.09 -16.51
N ARG B 94 -0.71 5.74 -16.07
CA ARG B 94 -0.60 7.07 -15.51
C ARG B 94 0.27 7.08 -14.26
N GLN B 95 1.05 8.15 -14.10
CA GLN B 95 1.93 8.26 -12.95
C GLN B 95 1.13 8.30 -11.65
N GLY B 96 1.72 7.72 -10.60
CA GLY B 96 1.09 7.57 -9.30
C GLY B 96 0.73 6.15 -8.97
N VAL B 97 0.55 5.30 -9.98
CA VAL B 97 0.23 3.90 -9.74
C VAL B 97 1.52 3.13 -9.54
N ASN B 98 1.45 2.07 -8.73
CA ASN B 98 2.60 1.21 -8.47
C ASN B 98 2.76 0.23 -9.62
N ALA B 99 3.94 0.23 -10.25
CA ALA B 99 4.17 -0.63 -11.41
C ALA B 99 3.93 -2.10 -11.08
N ASP B 100 4.28 -2.52 -9.86
CA ASP B 100 4.15 -3.92 -9.49
C ASP B 100 2.68 -4.36 -9.47
N LEU B 101 1.84 -3.58 -8.80
CA LEU B 101 0.41 -3.90 -8.75
C LEU B 101 -0.19 -3.88 -10.16
N ALA B 102 0.21 -2.91 -10.96
CA ALA B 102 -0.26 -2.85 -12.34
C ALA B 102 0.15 -4.10 -13.11
N ALA B 103 1.39 -4.55 -12.92
CA ALA B 103 1.87 -5.76 -13.57
C ALA B 103 1.04 -6.98 -13.15
N VAL B 104 0.75 -7.08 -11.86
CA VAL B 104 -0.06 -8.20 -11.37
C VAL B 104 -1.44 -8.17 -12.01
N GLU B 105 -2.06 -7.00 -12.05
CA GLU B 105 -3.38 -6.87 -12.66
C GLU B 105 -3.34 -7.23 -14.13
N VAL B 106 -2.30 -6.77 -14.84
CA VAL B 106 -2.13 -7.10 -16.25
C VAL B 106 -2.02 -8.61 -16.43
N GLN B 107 -1.25 -9.26 -15.56
CA GLN B 107 -1.12 -10.72 -15.63
C GLN B 107 -2.46 -11.40 -15.46
N ASN B 108 -3.26 -10.93 -14.50
CA ASN B 108 -4.59 -11.51 -14.32
C ASN B 108 -5.47 -11.30 -15.55
N ARG B 109 -5.45 -10.09 -16.11
CA ARG B 109 -6.26 -9.82 -17.29
C ARG B 109 -5.82 -10.67 -18.47
N LEU B 110 -4.51 -10.91 -18.59
CA LEU B 110 -4.02 -11.87 -19.59
C LEU B 110 -4.56 -13.26 -19.32
N LYS B 111 -4.59 -13.66 -18.05
CA LYS B 111 -5.18 -14.95 -17.70
C LYS B 111 -6.62 -15.05 -18.17
N ILE B 112 -7.36 -13.93 -18.11
CA ILE B 112 -8.77 -13.95 -18.48
C ILE B 112 -8.97 -14.50 -19.89
N VAL B 113 -8.13 -14.06 -20.83
CA VAL B 113 -8.26 -14.47 -22.23
C VAL B 113 -7.10 -15.35 -22.67
N GLU B 114 -6.52 -16.12 -21.76
CA GLU B 114 -5.45 -17.04 -22.14
C GLU B 114 -5.98 -18.11 -23.10
N SER B 115 -7.16 -18.63 -22.82
CA SER B 115 -7.71 -19.72 -23.64
C SER B 115 -7.95 -19.27 -25.08
N ARG B 116 -8.49 -18.06 -25.27
CA ARG B 116 -8.82 -17.60 -26.61
C ARG B 116 -7.59 -17.55 -27.50
N LEU B 117 -6.42 -17.29 -26.92
CA LEU B 117 -5.20 -17.18 -27.69
C LEU B 117 -4.80 -18.54 -28.27
N PRO B 118 -4.11 -18.57 -29.41
CA PRO B 118 -3.72 -19.83 -30.04
C PRO B 118 -2.84 -20.66 -29.12
N GLU B 119 -2.94 -21.99 -29.29
CA GLU B 119 -2.30 -22.91 -28.36
C GLU B 119 -0.78 -22.74 -28.34
N SER B 120 -0.16 -22.45 -29.49
CA SER B 120 1.28 -22.31 -29.54
C SER B 120 1.75 -21.17 -28.63
N VAL B 121 1.08 -20.02 -28.72
CA VAL B 121 1.40 -18.91 -27.83
C VAL B 121 1.17 -19.31 -26.39
N ARG B 122 0.14 -20.12 -26.14
CA ARG B 122 -0.13 -20.61 -24.79
C ARG B 122 1.05 -21.43 -24.26
N ARG B 123 1.62 -22.29 -25.10
CA ARG B 123 2.81 -23.03 -24.68
C ARG B 123 3.96 -22.07 -24.42
N ASP B 124 4.16 -21.11 -25.31
CA ASP B 124 5.24 -20.14 -25.13
C ASP B 124 5.01 -19.29 -23.88
N GLY B 125 3.78 -18.85 -23.66
CA GLY B 125 3.45 -18.09 -22.48
C GLY B 125 3.66 -16.60 -22.63
N ILE B 126 2.60 -15.82 -22.41
CA ILE B 126 2.70 -14.37 -22.50
C ILE B 126 3.58 -13.85 -21.39
N TYR B 127 4.54 -12.98 -21.74
CA TYR B 127 5.53 -12.47 -20.80
C TYR B 127 5.21 -11.03 -20.45
N VAL B 128 5.00 -10.77 -19.17
CA VAL B 128 4.64 -9.45 -18.66
C VAL B 128 5.81 -8.92 -17.82
N GLU B 129 6.24 -7.69 -18.10
CA GLU B 129 7.41 -7.16 -17.44
C GLU B 129 7.27 -5.66 -17.22
N LYS B 130 7.64 -5.20 -16.04
CA LYS B 130 7.73 -3.77 -15.78
C LYS B 130 8.89 -3.19 -16.58
N ALA B 131 8.63 -2.13 -17.33
CA ALA B 131 9.62 -1.60 -18.26
C ALA B 131 10.87 -1.14 -17.52
N ALA B 132 11.93 -1.95 -17.61
CA ALA B 132 13.21 -1.61 -17.01
C ALA B 132 14.37 -1.92 -17.94
N ASP B 133 14.22 -1.59 -19.22
CA ASP B 133 15.20 -1.94 -20.24
C ASP B 133 16.48 -1.10 -20.08
N SER B 134 17.13 -1.31 -18.94
CA SER B 134 18.35 -0.58 -18.56
C SER B 134 19.44 -1.58 -18.23
N ILE B 135 20.21 -1.97 -19.26
CA ILE B 135 21.37 -2.84 -19.05
C ILE B 135 22.56 -1.97 -18.66
N GLN B 136 22.73 -1.74 -17.36
CA GLN B 136 23.76 -0.80 -16.90
C GLN B 136 25.16 -1.32 -17.16
N LEU B 137 25.43 -2.58 -16.79
CA LEU B 137 26.75 -3.16 -16.93
C LEU B 137 26.65 -4.47 -17.70
N ILE B 138 27.70 -4.80 -18.44
CA ILE B 138 27.74 -6.00 -19.27
C ILE B 138 29.04 -6.74 -18.99
N VAL B 139 28.93 -8.04 -18.73
CA VAL B 139 30.08 -8.91 -18.52
C VAL B 139 30.15 -9.90 -19.67
N THR B 140 31.33 -10.04 -20.26
CA THR B 140 31.55 -11.00 -21.33
C THR B 140 32.84 -11.77 -21.04
N LEU B 141 32.83 -13.05 -21.37
CA LEU B 141 33.97 -13.93 -21.17
C LEU B 141 34.47 -14.39 -22.55
N THR B 142 35.60 -13.83 -22.97
CA THR B 142 36.18 -14.21 -24.25
C THR B 142 37.00 -15.48 -24.11
N SER B 143 37.25 -16.12 -25.25
CA SER B 143 38.08 -17.33 -25.31
C SER B 143 39.53 -16.92 -25.15
N SER B 144 39.94 -16.74 -23.88
CA SER B 144 41.30 -16.27 -23.60
C SER B 144 42.35 -17.24 -24.13
N SER B 145 42.14 -18.54 -23.93
CA SER B 145 43.10 -19.54 -24.38
C SER B 145 42.94 -19.92 -25.84
N GLY B 146 41.92 -19.38 -26.52
CA GLY B 146 41.67 -19.74 -27.90
C GLY B 146 41.29 -21.19 -28.10
N ARG B 147 40.80 -21.86 -27.05
CA ARG B 147 40.44 -23.27 -27.11
C ARG B 147 39.07 -23.53 -26.50
N TYR B 148 38.22 -22.51 -26.39
CA TYR B 148 36.94 -22.62 -25.72
C TYR B 148 35.83 -22.21 -26.68
N ASP B 149 34.83 -23.08 -26.82
CA ASP B 149 33.70 -22.79 -27.68
C ASP B 149 32.83 -21.70 -27.09
N ALA B 150 32.13 -20.98 -27.97
CA ALA B 150 31.19 -19.96 -27.52
C ALA B 150 30.17 -20.55 -26.56
N MET B 151 29.57 -21.69 -26.94
CA MET B 151 28.65 -22.36 -26.03
C MET B 151 29.40 -22.91 -24.81
N GLU B 152 30.65 -23.32 -24.98
CA GLU B 152 31.45 -23.76 -23.84
C GLU B 152 31.71 -22.62 -22.87
N LEU B 153 32.10 -21.46 -23.39
CA LEU B 153 32.27 -20.27 -22.56
C LEU B 153 30.97 -19.92 -21.87
N GLY B 154 29.86 -19.99 -22.59
CA GLY B 154 28.56 -19.73 -21.99
C GLY B 154 28.22 -20.71 -20.88
N GLU B 155 28.60 -21.98 -21.06
CA GLU B 155 28.39 -22.97 -20.01
C GLU B 155 29.18 -22.61 -18.77
N ILE B 156 30.44 -22.22 -18.96
CA ILE B 156 31.26 -21.80 -17.82
C ILE B 156 30.62 -20.61 -17.12
N ALA B 157 30.13 -19.64 -17.91
CA ALA B 157 29.50 -18.46 -17.33
C ALA B 157 28.26 -18.81 -16.53
N SER B 158 27.35 -19.57 -17.14
CA SER B 158 26.10 -19.93 -16.49
C SER B 158 26.35 -20.76 -15.24
N SER B 159 27.32 -21.68 -15.29
CA SER B 159 27.61 -22.50 -14.13
C SER B 159 28.12 -21.66 -12.96
N ASN B 160 29.00 -20.71 -13.23
CA ASN B 160 29.67 -19.97 -12.17
C ASN B 160 29.26 -18.49 -12.17
N VAL B 161 29.41 -17.79 -13.30
CA VAL B 161 29.21 -16.33 -13.30
C VAL B 161 27.76 -15.98 -13.03
N LEU B 162 26.83 -16.68 -13.70
CA LEU B 162 25.40 -16.38 -13.60
C LEU B 162 24.94 -16.26 -12.15
N GLN B 163 25.08 -17.35 -11.39
CA GLN B 163 24.57 -17.39 -10.02
C GLN B 163 25.27 -16.37 -9.12
N ALA B 164 26.60 -16.27 -9.24
CA ALA B 164 27.34 -15.33 -8.41
C ALA B 164 26.90 -13.89 -8.66
N LEU B 165 26.76 -13.52 -9.94
CA LEU B 165 26.27 -12.20 -10.28
C LEU B 165 24.85 -11.99 -9.76
N ARG B 166 24.01 -13.02 -9.83
CA ARG B 166 22.67 -12.92 -9.26
C ARG B 166 22.74 -12.63 -7.77
N ARG B 167 23.68 -13.27 -7.07
CA ARG B 167 23.86 -13.03 -5.64
C ARG B 167 24.47 -11.67 -5.35
N VAL B 168 25.17 -11.06 -6.30
CA VAL B 168 25.82 -9.78 -6.06
C VAL B 168 24.81 -8.74 -5.62
N GLU B 169 25.23 -7.90 -4.67
CA GLU B 169 24.38 -6.84 -4.14
C GLU B 169 23.83 -5.96 -5.26
N GLY B 170 22.54 -5.66 -5.17
CA GLY B 170 21.90 -4.73 -6.11
C GLY B 170 21.94 -5.14 -7.57
N VAL B 171 21.65 -6.41 -7.87
CA VAL B 171 21.58 -6.90 -9.23
C VAL B 171 20.14 -7.29 -9.51
N GLY B 172 19.46 -6.54 -10.38
CA GLY B 172 18.10 -6.88 -10.73
C GLY B 172 18.00 -8.18 -11.51
N LYS B 173 18.75 -8.30 -12.59
CA LYS B 173 18.75 -9.53 -13.36
C LYS B 173 20.02 -9.61 -14.19
N VAL B 174 20.37 -10.84 -14.56
CA VAL B 174 21.63 -11.13 -15.23
C VAL B 174 21.40 -11.86 -16.55
N GLU B 175 20.30 -11.54 -17.24
CA GLU B 175 19.90 -12.26 -18.44
C GLU B 175 21.07 -12.39 -19.42
N THR B 176 21.12 -13.52 -20.11
CA THR B 176 22.27 -13.89 -20.92
C THR B 176 21.91 -13.90 -22.40
N TRP B 177 22.95 -13.82 -23.24
CA TRP B 177 22.81 -13.84 -24.68
C TRP B 177 23.57 -14.98 -25.34
N GLY B 178 24.52 -15.60 -24.65
CA GLY B 178 25.36 -16.63 -25.22
C GLY B 178 24.63 -17.77 -25.88
N ALA B 179 25.16 -18.26 -27.01
CA ALA B 179 24.57 -19.39 -27.70
C ALA B 179 24.66 -20.64 -26.85
N GLU B 180 23.71 -21.56 -27.08
CA GLU B 180 23.55 -22.75 -26.25
C GLU B 180 23.57 -24.00 -27.12
N TYR B 181 23.16 -25.14 -26.57
CA TYR B 181 23.24 -26.43 -27.25
C TYR B 181 21.81 -26.95 -27.44
N ALA B 182 21.18 -26.58 -28.56
CA ALA B 182 19.89 -27.11 -28.93
C ALA B 182 20.01 -27.88 -30.25
N MET B 183 19.23 -28.96 -30.35
CA MET B 183 19.21 -29.76 -31.57
C MET B 183 18.42 -29.05 -32.66
N ARG B 184 18.70 -29.44 -33.91
CA ARG B 184 18.05 -28.83 -35.08
C ARG B 184 17.83 -29.93 -36.11
N ILE B 185 16.61 -30.44 -36.19
CA ILE B 185 16.26 -31.45 -37.19
C ILE B 185 16.69 -30.97 -38.56
N TRP B 186 17.49 -31.76 -39.27
CA TRP B 186 18.10 -31.36 -40.53
C TRP B 186 17.79 -32.36 -41.64
N PRO B 187 16.54 -32.45 -42.09
CA PRO B 187 16.21 -33.37 -43.19
C PRO B 187 16.50 -32.72 -44.55
N ASP B 188 16.53 -33.58 -45.57
CA ASP B 188 16.71 -33.15 -46.95
C ASP B 188 15.41 -32.53 -47.48
N PRO B 189 15.49 -31.73 -48.54
CA PRO B 189 14.28 -31.08 -49.06
C PRO B 189 13.43 -31.99 -49.92
N ALA B 190 13.93 -33.17 -50.28
CA ALA B 190 13.19 -34.14 -51.06
C ALA B 190 12.49 -35.17 -50.19
N LYS B 191 12.54 -35.00 -48.86
CA LYS B 191 11.96 -35.96 -47.94
C LYS B 191 10.48 -36.18 -48.23
N LEU B 192 9.73 -35.09 -48.35
CA LEU B 192 8.33 -35.22 -48.77
C LEU B 192 8.24 -35.72 -50.21
N THR B 193 9.12 -35.26 -51.09
CA THR B 193 9.08 -35.70 -52.49
C THR B 193 9.43 -37.17 -52.60
N SER B 194 10.52 -37.60 -51.94
CA SER B 194 10.91 -39.00 -52.00
C SER B 194 9.90 -39.90 -51.30
N MET B 195 9.79 -39.78 -49.97
CA MET B 195 8.76 -40.55 -49.30
C MET B 195 7.71 -39.68 -48.61
N ASN B 196 8.14 -39.00 -47.53
CA ASN B 196 7.31 -38.07 -46.77
C ASN B 196 8.15 -37.54 -45.61
N LEU B 197 8.03 -36.25 -45.28
CA LEU B 197 8.61 -35.81 -44.01
C LEU B 197 7.66 -36.10 -42.85
N SER B 198 6.49 -35.45 -42.86
CA SER B 198 5.50 -35.59 -41.79
C SER B 198 6.14 -35.44 -40.42
N ALA B 199 7.03 -34.45 -40.28
CA ALA B 199 7.82 -34.30 -39.07
C ALA B 199 6.95 -34.08 -37.83
N SER B 200 5.76 -33.53 -38.02
CA SER B 200 4.81 -33.37 -36.92
C SER B 200 4.57 -34.68 -36.20
N ASP B 201 4.33 -35.74 -36.96
CA ASP B 201 4.04 -37.05 -36.37
C ASP B 201 5.20 -37.53 -35.51
N LEU B 202 6.42 -37.43 -36.04
CA LEU B 202 7.57 -37.97 -35.30
C LEU B 202 7.93 -37.10 -34.10
N VAL B 203 7.72 -35.78 -34.19
CA VAL B 203 7.94 -34.93 -33.03
C VAL B 203 6.91 -35.21 -31.94
N ASN B 204 5.66 -35.43 -32.33
CA ASN B 204 4.65 -35.87 -31.37
C ASN B 204 5.05 -37.20 -30.75
N ALA B 205 5.63 -38.09 -31.56
CA ALA B 205 6.16 -39.34 -31.02
C ALA B 205 7.28 -39.09 -30.02
N VAL B 206 8.12 -38.08 -30.29
CA VAL B 206 9.18 -37.70 -29.36
C VAL B 206 8.56 -37.32 -28.02
N ARG B 207 7.57 -36.43 -28.06
CA ARG B 207 6.93 -35.99 -26.82
C ARG B 207 6.25 -37.15 -26.09
N ARG B 208 5.54 -38.01 -26.83
CA ARG B 208 4.83 -39.13 -26.21
C ARG B 208 5.80 -40.13 -25.59
N HIS B 209 6.89 -40.43 -26.30
CA HIS B 209 7.87 -41.40 -25.81
C HIS B 209 8.46 -40.95 -24.49
N ASN B 210 8.91 -39.70 -24.41
CA ASN B 210 9.39 -39.15 -23.16
C ASN B 210 8.28 -39.21 -22.12
N ALA B 211 8.46 -40.03 -21.10
CA ALA B 211 7.42 -40.24 -20.11
C ALA B 211 8.05 -40.59 -18.77
N ARG B 212 7.29 -40.36 -17.71
CA ARG B 212 7.70 -40.66 -16.35
C ARG B 212 6.54 -41.31 -15.61
N LEU B 213 6.86 -42.10 -14.59
CA LEU B 213 5.83 -42.79 -13.84
C LEU B 213 4.92 -41.80 -13.13
N THR B 214 3.64 -42.17 -13.02
CA THR B 214 2.65 -41.36 -12.34
C THR B 214 2.39 -41.82 -10.91
N VAL B 215 2.88 -43.00 -10.54
CA VAL B 215 2.69 -43.50 -9.19
C VAL B 215 4.03 -43.96 -8.61
N ALA B 231 5.36 -45.24 -3.32
CA ALA B 231 5.41 -44.21 -4.36
C ALA B 231 6.85 -43.96 -4.78
N THR B 232 7.79 -44.62 -4.10
CA THR B 232 9.21 -44.44 -4.40
C THR B 232 9.58 -45.00 -5.76
N VAL B 233 8.76 -45.90 -6.32
CA VAL B 233 9.06 -46.48 -7.62
C VAL B 233 9.00 -45.41 -8.69
N LYS B 234 9.96 -45.45 -9.61
CA LYS B 234 10.02 -44.47 -10.70
C LYS B 234 10.78 -45.06 -11.87
N VAL B 235 10.60 -44.42 -13.03
CA VAL B 235 11.33 -44.77 -14.25
C VAL B 235 12.45 -43.74 -14.45
N ASP B 236 13.65 -44.23 -14.71
CA ASP B 236 14.79 -43.37 -15.00
C ASP B 236 15.29 -43.57 -16.43
N ASP B 237 14.36 -43.71 -17.38
CA ASP B 237 14.69 -43.94 -18.78
C ASP B 237 13.94 -42.93 -19.64
N THR B 238 14.68 -42.11 -20.38
CA THR B 238 14.09 -41.12 -21.27
C THR B 238 15.14 -40.70 -22.28
N LEU B 239 14.81 -40.80 -23.56
CA LEU B 239 15.76 -40.55 -24.65
C LEU B 239 15.31 -39.33 -25.45
N VAL B 240 15.91 -38.17 -25.16
CA VAL B 240 15.48 -36.93 -25.80
C VAL B 240 16.66 -36.15 -26.39
N THR B 241 17.73 -36.83 -26.75
CA THR B 241 18.97 -36.17 -27.13
C THR B 241 19.37 -36.58 -28.53
N PRO B 242 20.18 -35.75 -29.23
CA PRO B 242 20.68 -36.12 -30.56
C PRO B 242 21.22 -37.53 -30.64
N GLU B 243 22.04 -37.93 -29.66
CA GLU B 243 22.47 -39.32 -29.58
C GLU B 243 21.28 -40.23 -29.26
N GLN B 244 20.45 -39.81 -28.31
CA GLN B 244 19.25 -40.58 -27.97
C GLN B 244 18.17 -40.49 -29.03
N PHE B 245 18.30 -39.58 -30.01
CA PHE B 245 17.35 -39.54 -31.11
C PHE B 245 17.50 -40.76 -32.00
N GLY B 246 18.68 -41.37 -32.01
CA GLY B 246 18.83 -42.69 -32.60
C GLY B 246 18.24 -43.81 -31.79
N GLU B 247 17.89 -43.55 -30.54
CA GLU B 247 17.27 -44.54 -29.66
C GLU B 247 15.78 -44.28 -29.43
N ILE B 248 15.35 -43.02 -29.48
CA ILE B 248 13.93 -42.67 -29.41
C ILE B 248 13.29 -43.07 -30.74
N PRO B 249 12.04 -43.51 -30.75
CA PRO B 249 11.37 -43.74 -32.04
C PRO B 249 11.03 -42.41 -32.72
N LEU B 250 11.77 -42.09 -33.77
CA LEU B 250 11.54 -40.89 -34.56
C LEU B 250 10.69 -41.17 -35.80
N ARG B 251 9.82 -42.17 -35.74
CA ARG B 251 9.09 -42.68 -36.91
C ARG B 251 10.06 -43.21 -37.95
N GLY B 257 14.00 -43.91 -46.27
CA GLY B 257 13.23 -44.41 -45.16
C GLY B 257 12.61 -43.32 -44.32
N ALA B 258 12.27 -43.63 -43.07
CA ALA B 258 11.67 -42.68 -42.16
C ALA B 258 12.79 -41.94 -41.43
N ILE B 259 12.52 -41.16 -40.38
CA ILE B 259 13.54 -40.36 -39.72
C ILE B 259 13.95 -41.10 -38.45
N ARG B 260 15.25 -41.38 -38.33
CA ARG B 260 15.89 -41.93 -37.14
C ARG B 260 17.35 -42.16 -37.49
N LEU B 261 18.20 -42.43 -36.50
CA LEU B 261 19.49 -43.03 -36.84
C LEU B 261 19.29 -44.43 -37.41
N ARG B 262 18.37 -45.21 -36.83
CA ARG B 262 18.04 -46.52 -37.39
C ARG B 262 17.26 -46.38 -38.71
N ASP B 263 16.38 -45.39 -38.77
CA ASP B 263 15.73 -44.92 -39.98
C ASP B 263 16.67 -43.93 -40.62
N VAL B 264 16.15 -42.98 -41.40
CA VAL B 264 17.03 -42.10 -42.15
C VAL B 264 16.87 -40.67 -41.64
N ALA B 265 17.71 -40.30 -40.67
CA ALA B 265 17.83 -38.92 -40.21
C ALA B 265 19.08 -38.25 -40.76
N ARG B 266 20.15 -39.02 -40.99
CA ARG B 266 21.41 -38.56 -41.56
C ARG B 266 21.87 -37.24 -40.95
N VAL B 267 21.81 -36.16 -41.73
CA VAL B 267 22.26 -34.85 -41.27
C VAL B 267 21.53 -34.52 -39.96
N GLU B 268 22.28 -34.44 -38.87
CA GLU B 268 21.67 -34.33 -37.55
C GLU B 268 21.35 -32.89 -37.16
N PHE B 269 22.38 -32.06 -37.00
CA PHE B 269 22.25 -30.63 -36.71
C PHE B 269 23.65 -30.06 -36.60
N GLY B 270 23.73 -28.76 -36.36
CA GLY B 270 25.00 -28.08 -36.23
C GLY B 270 24.82 -26.74 -35.55
N GLN B 271 25.96 -26.15 -35.19
CA GLN B 271 26.01 -24.87 -34.48
C GLN B 271 25.27 -24.90 -33.15
N SER B 272 24.96 -26.10 -32.65
CA SER B 272 24.15 -26.28 -31.45
C SER B 272 22.93 -25.37 -31.52
N GLU B 273 22.68 -24.58 -30.48
CA GLU B 273 21.67 -23.53 -30.54
C GLU B 273 22.35 -22.27 -31.03
N TYR B 274 22.25 -22.02 -32.33
CA TYR B 274 22.72 -20.75 -32.89
C TYR B 274 22.01 -19.60 -32.20
N GLY B 275 22.80 -18.64 -31.72
CA GLY B 275 22.25 -17.56 -30.93
C GLY B 275 22.94 -16.23 -31.17
N PHE B 276 22.85 -15.35 -30.17
CA PHE B 276 23.47 -14.03 -30.25
C PHE B 276 24.97 -14.15 -30.51
N VAL B 277 25.40 -13.63 -31.65
CA VAL B 277 26.82 -13.67 -32.03
C VAL B 277 27.57 -12.66 -31.18
N SER B 278 28.36 -13.14 -30.23
CA SER B 278 29.06 -12.29 -29.27
C SER B 278 30.54 -12.20 -29.64
N ARG B 279 30.97 -10.99 -30.01
CA ARG B 279 32.36 -10.73 -30.39
C ARG B 279 32.85 -9.51 -29.64
N VAL B 280 33.73 -9.70 -28.66
CA VAL B 280 34.37 -8.59 -27.97
C VAL B 280 35.60 -8.18 -28.77
N ASN B 281 35.52 -7.04 -29.44
CA ASN B 281 36.58 -6.57 -30.33
C ASN B 281 37.00 -7.65 -31.32
N GLN B 282 36.00 -8.21 -32.01
CA GLN B 282 36.19 -9.29 -32.97
C GLN B 282 36.77 -10.55 -32.32
N MET B 283 36.38 -10.81 -31.07
CA MET B 283 36.78 -12.04 -30.37
C MET B 283 35.54 -12.65 -29.73
N THR B 284 35.30 -13.92 -30.04
CA THR B 284 34.11 -14.62 -29.56
C THR B 284 34.05 -14.63 -28.04
N ALA B 285 32.89 -14.26 -27.50
CA ALA B 285 32.66 -14.26 -26.07
C ALA B 285 31.26 -14.83 -25.81
N THR B 286 30.80 -14.72 -24.56
CA THR B 286 29.48 -15.16 -24.17
C THR B 286 28.66 -13.98 -23.67
N GLY B 287 27.44 -13.86 -24.17
CA GLY B 287 26.60 -12.73 -23.81
C GLY B 287 26.02 -12.90 -22.42
N LEU B 288 26.40 -12.01 -21.49
CA LEU B 288 25.87 -12.03 -20.12
C LEU B 288 25.56 -10.59 -19.73
N ALA B 289 24.32 -10.17 -20.00
CA ALA B 289 23.90 -8.82 -19.64
C ALA B 289 23.64 -8.74 -18.14
N VAL B 290 23.73 -7.52 -17.61
CA VAL B 290 23.47 -7.25 -16.20
C VAL B 290 22.65 -5.97 -16.11
N LYS B 291 21.67 -5.96 -15.20
CA LYS B 291 20.89 -4.78 -14.88
C LYS B 291 20.98 -4.52 -13.38
N MET B 292 21.10 -3.25 -13.00
CA MET B 292 21.12 -2.91 -11.58
C MET B 292 19.74 -3.04 -10.97
N ALA B 293 19.70 -3.49 -9.74
CA ALA B 293 18.44 -3.52 -8.99
C ALA B 293 18.00 -2.10 -8.68
N PRO B 294 16.78 -1.71 -9.03
CA PRO B 294 16.33 -0.34 -8.74
C PRO B 294 16.45 0.00 -7.26
N GLY B 295 17.08 1.13 -6.98
CA GLY B 295 17.30 1.57 -5.62
C GLY B 295 18.64 1.24 -5.03
N SER B 296 19.60 0.77 -5.83
CA SER B 296 20.91 0.37 -5.36
C SER B 296 21.96 1.28 -5.96
N ASN B 297 22.97 1.63 -5.17
CA ASN B 297 24.10 2.43 -5.64
C ASN B 297 24.79 1.72 -6.81
N ALA B 298 24.70 2.32 -7.99
CA ALA B 298 25.27 1.68 -9.19
C ALA B 298 26.77 1.53 -9.07
N VAL B 299 27.47 2.57 -8.60
CA VAL B 299 28.93 2.52 -8.51
C VAL B 299 29.38 1.43 -7.55
N ALA B 300 28.80 1.41 -6.34
CA ALA B 300 29.16 0.40 -5.35
C ALA B 300 28.84 -1.00 -5.86
N THR B 301 27.68 -1.15 -6.50
CA THR B 301 27.32 -2.44 -7.08
C THR B 301 28.33 -2.86 -8.14
N ALA B 302 28.80 -1.90 -8.94
CA ALA B 302 29.85 -2.20 -9.92
C ALA B 302 31.12 -2.69 -9.23
N LYS B 303 31.49 -2.05 -8.12
CA LYS B 303 32.65 -2.51 -7.36
C LYS B 303 32.47 -3.95 -6.90
N ARG B 304 31.29 -4.27 -6.37
CA ARG B 304 31.00 -5.63 -5.94
C ARG B 304 31.16 -6.61 -7.09
N ILE B 305 30.58 -6.26 -8.24
CA ILE B 305 30.68 -7.10 -9.44
C ILE B 305 32.13 -7.30 -9.82
N ARG B 306 32.93 -6.23 -9.75
CA ARG B 306 34.33 -6.32 -10.14
C ARG B 306 35.09 -7.30 -9.25
N ALA B 307 34.91 -7.19 -7.93
CA ALA B 307 35.59 -8.12 -7.02
C ALA B 307 35.15 -9.56 -7.27
N THR B 308 33.83 -9.76 -7.43
CA THR B 308 33.32 -11.10 -7.68
C THR B 308 33.90 -11.66 -8.97
N LEU B 309 33.99 -10.82 -10.01
CA LEU B 309 34.56 -11.25 -11.27
C LEU B 309 36.04 -11.57 -11.14
N ASP B 310 36.75 -10.85 -10.27
CA ASP B 310 38.14 -11.22 -9.99
C ASP B 310 38.24 -12.63 -9.45
N GLU B 311 37.43 -12.92 -8.43
CA GLU B 311 37.45 -14.26 -7.84
C GLU B 311 37.08 -15.33 -8.87
N LEU B 312 36.01 -15.08 -9.62
CA LEU B 312 35.58 -16.05 -10.63
C LEU B 312 36.61 -16.20 -11.74
N SER B 313 37.31 -15.11 -12.09
CA SER B 313 38.38 -15.18 -13.06
C SER B 313 39.49 -16.09 -12.57
N ARG B 314 39.85 -15.96 -11.29
CA ARG B 314 40.80 -16.92 -10.73
C ARG B 314 40.26 -18.34 -10.84
N TYR B 315 38.94 -18.50 -10.69
CA TYR B 315 38.35 -19.82 -10.88
C TYR B 315 38.53 -20.33 -12.32
N PHE B 316 38.42 -19.44 -13.30
CA PHE B 316 38.29 -19.82 -14.70
C PHE B 316 39.46 -20.69 -15.16
N PRO B 317 39.21 -21.71 -15.99
CA PRO B 317 40.31 -22.55 -16.49
C PRO B 317 41.18 -21.86 -17.53
N GLU B 318 41.63 -20.65 -17.21
CA GLU B 318 42.62 -19.91 -18.00
C GLU B 318 42.25 -19.79 -19.47
N GLY B 319 40.95 -19.70 -19.74
CA GLY B 319 40.51 -19.43 -21.10
C GLY B 319 39.26 -18.59 -21.16
N VAL B 320 38.81 -18.09 -20.01
CA VAL B 320 37.48 -17.51 -19.87
C VAL B 320 37.58 -16.07 -19.40
N SER B 321 38.65 -15.38 -19.81
CA SER B 321 38.96 -14.02 -19.38
C SER B 321 37.72 -13.13 -19.35
N TYR B 322 37.45 -12.54 -18.20
CA TYR B 322 36.27 -11.70 -18.04
C TYR B 322 36.58 -10.28 -18.52
N ASN B 323 35.67 -9.72 -19.29
CA ASN B 323 35.82 -8.39 -19.85
C ASN B 323 34.57 -7.57 -19.55
N ILE B 324 34.77 -6.28 -19.29
CA ILE B 324 33.66 -5.36 -19.10
C ILE B 324 33.63 -4.40 -20.28
N PRO B 325 32.95 -4.75 -21.38
CA PRO B 325 32.86 -3.84 -22.52
C PRO B 325 31.80 -2.77 -22.38
N TYR B 326 31.13 -2.68 -21.24
CA TYR B 326 30.05 -1.72 -21.07
C TYR B 326 29.72 -1.61 -19.58
N ASP B 327 29.81 -0.39 -19.04
CA ASP B 327 29.44 -0.15 -17.65
C ASP B 327 29.05 1.33 -17.52
N THR B 328 27.74 1.59 -17.42
CA THR B 328 27.27 2.97 -17.29
C THR B 328 27.74 3.59 -15.97
N SER B 329 28.06 2.75 -14.99
CA SER B 329 28.40 3.26 -13.66
C SER B 329 29.58 4.23 -13.70
N ALA B 330 30.49 4.05 -14.66
CA ALA B 330 31.70 4.87 -14.71
C ALA B 330 31.35 6.35 -14.88
N PHE B 331 30.46 6.67 -15.82
CA PHE B 331 30.09 8.06 -16.05
C PHE B 331 29.36 8.64 -14.84
N VAL B 332 28.49 7.84 -14.20
CA VAL B 332 27.82 8.30 -13.00
C VAL B 332 28.85 8.65 -11.93
N GLU B 333 29.82 7.76 -11.71
CA GLU B 333 30.84 7.98 -10.69
C GLU B 333 31.64 9.24 -11.00
N ILE B 334 32.08 9.39 -12.24
CA ILE B 334 32.92 10.54 -12.58
C ILE B 334 32.14 11.85 -12.43
N SER B 335 30.86 11.85 -12.80
CA SER B 335 30.05 13.06 -12.61
C SER B 335 29.89 13.39 -11.14
N ILE B 336 29.62 12.38 -10.30
CA ILE B 336 29.50 12.60 -8.87
C ILE B 336 30.81 13.11 -8.30
N ARG B 337 31.93 12.55 -8.79
CA ARG B 337 33.25 13.04 -8.39
C ARG B 337 33.42 14.51 -8.74
N LYS B 338 33.05 14.88 -9.97
CA LYS B 338 33.14 16.28 -10.39
C LYS B 338 32.38 17.18 -9.43
N VAL B 339 31.14 16.80 -9.11
CA VAL B 339 30.33 17.63 -8.23
C VAL B 339 30.95 17.72 -6.84
N VAL B 340 31.33 16.58 -6.26
CA VAL B 340 31.89 16.57 -4.91
C VAL B 340 33.15 17.42 -4.84
N SER B 341 34.03 17.25 -5.84
CA SER B 341 35.21 18.09 -5.95
C SER B 341 34.83 19.57 -6.03
N THR B 342 33.79 19.88 -6.79
CA THR B 342 33.34 21.27 -6.88
C THR B 342 32.93 21.79 -5.51
N LEU B 343 32.22 20.96 -4.74
CA LEU B 343 31.83 21.35 -3.39
C LEU B 343 33.05 21.63 -2.52
N LEU B 344 34.01 20.72 -2.54
CA LEU B 344 35.19 20.87 -1.70
C LEU B 344 36.00 22.11 -2.09
N GLU B 345 36.21 22.30 -3.40
CA GLU B 345 36.92 23.47 -3.88
C GLU B 345 36.17 24.75 -3.55
N ALA B 346 34.84 24.72 -3.61
CA ALA B 346 34.05 25.89 -3.24
C ALA B 346 34.24 26.23 -1.77
N MET B 347 34.25 25.23 -0.90
CA MET B 347 34.54 25.47 0.51
C MET B 347 35.92 26.07 0.69
N LEU B 348 36.90 25.54 -0.04
CA LEU B 348 38.26 26.09 0.03
C LEU B 348 38.30 27.55 -0.41
N LEU B 349 37.60 27.86 -1.51
CA LEU B 349 37.58 29.23 -2.01
C LEU B 349 36.88 30.17 -1.04
N VAL B 350 35.83 29.68 -0.38
CA VAL B 350 35.16 30.48 0.65
C VAL B 350 36.13 30.78 1.78
N PHE B 351 36.89 29.77 2.21
CA PHE B 351 37.94 30.00 3.19
C PHE B 351 38.90 31.08 2.71
N ALA B 352 39.32 30.99 1.45
CA ALA B 352 40.28 31.95 0.90
C ALA B 352 39.72 33.37 0.96
N VAL B 353 38.49 33.56 0.49
CA VAL B 353 37.90 34.90 0.44
C VAL B 353 37.69 35.45 1.85
N MET B 354 37.18 34.61 2.74
CA MET B 354 36.93 35.08 4.10
C MET B 354 38.24 35.43 4.80
N TYR B 355 39.32 34.70 4.51
CA TYR B 355 40.60 35.11 5.03
C TYR B 355 41.07 36.41 4.39
N LEU B 356 40.79 36.58 3.09
CA LEU B 356 41.18 37.81 2.40
C LEU B 356 40.54 39.02 3.04
N PHE B 357 39.28 38.91 3.45
CA PHE B 357 38.56 40.06 3.99
C PHE B 357 38.68 40.16 5.52
N MET B 358 38.18 39.14 6.23
CA MET B 358 38.19 39.19 7.69
C MET B 358 39.61 39.18 8.24
N GLN B 359 40.48 38.35 7.66
CA GLN B 359 41.86 38.17 8.11
C GLN B 359 41.95 37.57 9.51
N ASN B 360 40.93 36.83 9.92
CA ASN B 360 40.89 36.16 11.23
C ASN B 360 40.61 34.68 10.99
N PHE B 361 41.59 33.83 11.33
CA PHE B 361 41.48 32.40 11.06
C PHE B 361 40.22 31.79 11.67
N ARG B 362 39.89 32.16 12.90
CA ARG B 362 38.69 31.62 13.55
C ARG B 362 37.42 32.03 12.80
N ALA B 363 37.34 33.32 12.45
CA ALA B 363 36.21 33.80 11.66
C ALA B 363 36.14 33.08 10.33
N THR B 364 37.30 32.78 9.74
CA THR B 364 37.34 31.97 8.52
C THR B 364 36.81 30.57 8.79
N LEU B 365 37.12 30.01 9.94
CA LEU B 365 36.71 28.63 10.25
C LEU B 365 35.21 28.53 10.40
N ILE B 366 34.58 29.54 10.98
CA ILE B 366 33.16 29.46 11.37
C ILE B 366 32.27 28.98 10.22
N PRO B 367 32.13 29.71 9.10
CA PRO B 367 31.23 29.21 8.04
C PRO B 367 31.71 27.91 7.42
N THR B 368 33.03 27.71 7.36
CA THR B 368 33.58 26.47 6.84
C THR B 368 33.13 25.28 7.67
N LEU B 369 32.70 25.51 8.90
CA LEU B 369 32.08 24.51 9.76
C LEU B 369 30.57 24.48 9.60
N VAL B 370 29.95 25.65 9.48
CA VAL B 370 28.48 25.71 9.47
C VAL B 370 27.91 25.06 8.22
N VAL B 371 28.45 25.39 7.05
CA VAL B 371 27.87 24.99 5.77
C VAL B 371 27.70 23.48 5.62
N PRO B 372 28.74 22.66 5.84
CA PRO B 372 28.57 21.21 5.62
C PRO B 372 27.48 20.59 6.46
N VAL B 373 27.25 21.09 7.68
CA VAL B 373 26.20 20.55 8.53
C VAL B 373 24.84 20.73 7.86
N ALA B 374 24.60 21.91 7.31
CA ALA B 374 23.35 22.15 6.59
C ALA B 374 23.26 21.22 5.37
N LEU B 375 24.37 21.02 4.68
CA LEU B 375 24.37 20.06 3.58
C LEU B 375 23.95 18.67 4.06
N LEU B 376 24.51 18.24 5.18
CA LEU B 376 24.19 16.91 5.71
C LEU B 376 22.73 16.81 6.11
N GLY B 377 22.17 17.88 6.68
CA GLY B 377 20.74 17.90 6.97
C GLY B 377 19.91 17.78 5.71
N THR B 378 20.33 18.44 4.64
CA THR B 378 19.68 18.26 3.35
C THR B 378 19.72 16.80 2.91
N PHE B 379 20.88 16.16 3.09
CA PHE B 379 21.00 14.75 2.78
C PHE B 379 20.03 13.90 3.60
N THR B 380 19.90 14.21 4.88
CA THR B 380 18.99 13.47 5.75
C THR B 380 17.56 13.59 5.26
N VAL B 381 17.14 14.81 4.95
CA VAL B 381 15.77 15.02 4.47
C VAL B 381 15.56 14.30 3.15
N MET B 382 16.57 14.35 2.27
CA MET B 382 16.48 13.67 0.98
C MET B 382 16.27 12.17 1.16
N LEU B 383 17.03 11.56 2.07
CA LEU B 383 16.82 10.14 2.34
C LEU B 383 15.45 9.89 2.93
N GLY B 384 15.00 10.76 3.84
CA GLY B 384 13.70 10.58 4.45
C GLY B 384 12.56 10.58 3.45
N LEU B 385 12.58 11.55 2.52
CA LEU B 385 11.52 11.61 1.52
C LEU B 385 11.62 10.49 0.49
N GLY B 386 12.81 9.92 0.32
CA GLY B 386 13.01 8.86 -0.65
C GLY B 386 13.76 9.26 -1.89
N PHE B 387 13.99 10.56 -2.10
CA PHE B 387 14.76 11.00 -3.25
C PHE B 387 16.15 10.38 -3.25
N SER B 388 16.59 9.94 -4.42
CA SER B 388 17.85 9.25 -4.58
C SER B 388 18.93 10.20 -5.08
N ILE B 389 20.15 10.03 -4.56
CA ILE B 389 21.29 10.82 -5.00
C ILE B 389 21.49 10.62 -6.49
N ASN B 390 21.38 11.70 -7.26
CA ASN B 390 21.57 11.67 -8.70
C ASN B 390 22.31 12.92 -9.12
N VAL B 391 22.75 12.94 -10.38
CA VAL B 391 23.54 14.08 -10.87
C VAL B 391 22.75 15.38 -10.71
N LEU B 392 21.43 15.30 -10.84
CA LEU B 392 20.60 16.48 -10.60
C LEU B 392 20.71 16.92 -9.15
N THR B 393 20.60 15.97 -8.21
CA THR B 393 20.68 16.29 -6.79
C THR B 393 22.00 17.00 -6.49
N MET B 394 23.11 16.38 -6.88
CA MET B 394 24.42 16.92 -6.56
C MET B 394 24.67 18.25 -7.28
N PHE B 395 24.24 18.33 -8.54
CA PHE B 395 24.43 19.56 -9.29
C PHE B 395 23.72 20.73 -8.63
N GLY B 396 22.49 20.52 -8.17
CA GLY B 396 21.81 21.57 -7.44
C GLY B 396 22.37 21.80 -6.05
N MET B 397 22.98 20.77 -5.46
CA MET B 397 23.73 20.97 -4.23
C MET B 397 24.79 22.05 -4.44
N VAL B 398 25.52 21.96 -5.55
CA VAL B 398 26.53 22.98 -5.83
C VAL B 398 25.89 24.34 -6.05
N LEU B 399 24.61 24.39 -6.40
CA LEU B 399 23.94 25.68 -6.57
C LEU B 399 23.71 26.36 -5.24
N ALA B 400 23.25 25.62 -4.25
CA ALA B 400 22.84 26.23 -2.99
C ALA B 400 23.95 26.32 -1.95
N ILE B 401 25.13 25.75 -2.21
CA ILE B 401 26.23 25.95 -1.28
C ILE B 401 26.64 27.42 -1.26
N GLY B 402 26.57 28.08 -2.42
CA GLY B 402 26.82 29.51 -2.44
C GLY B 402 25.80 30.27 -1.61
N ILE B 403 24.52 29.91 -1.75
CA ILE B 403 23.50 30.48 -0.88
C ILE B 403 23.75 30.08 0.56
N LEU B 404 24.19 28.84 0.77
CA LEU B 404 24.55 28.42 2.12
C LEU B 404 25.68 29.26 2.66
N VAL B 405 26.73 29.44 1.86
CA VAL B 405 27.85 30.30 2.27
C VAL B 405 27.38 31.73 2.47
N ASP B 406 26.46 32.19 1.63
CA ASP B 406 26.03 33.59 1.68
C ASP B 406 25.46 33.94 3.05
N ASP B 407 24.58 33.10 3.58
CA ASP B 407 23.93 33.46 4.84
C ASP B 407 24.91 33.43 6.01
N ALA B 408 25.75 32.39 6.06
CA ALA B 408 26.75 32.34 7.11
C ALA B 408 27.69 33.53 7.04
N ILE B 409 28.11 33.90 5.83
CA ILE B 409 29.07 34.99 5.69
C ILE B 409 28.43 36.33 6.05
N ILE B 410 27.16 36.54 5.68
CA ILE B 410 26.53 37.79 6.07
C ILE B 410 26.40 37.86 7.59
N VAL B 411 26.03 36.74 8.23
CA VAL B 411 25.90 36.76 9.69
C VAL B 411 27.24 37.08 10.35
N VAL B 412 28.28 36.34 9.98
CA VAL B 412 29.58 36.52 10.62
C VAL B 412 30.16 37.88 10.28
N GLU B 413 29.90 38.38 9.07
CA GLU B 413 30.37 39.70 8.68
C GLU B 413 29.71 40.78 9.51
N ASN B 414 28.40 40.68 9.71
CA ASN B 414 27.71 41.65 10.55
C ASN B 414 28.24 41.59 11.98
N VAL B 415 28.56 40.38 12.45
CA VAL B 415 29.14 40.27 13.79
C VAL B 415 30.49 40.96 13.85
N GLU B 416 31.37 40.68 12.89
CA GLU B 416 32.73 41.20 12.95
C GLU B 416 32.78 42.71 12.73
N ARG B 417 31.93 43.25 11.86
CA ARG B 417 31.95 44.68 11.63
C ARG B 417 31.60 45.43 12.91
N LEU B 418 30.66 44.90 13.69
CA LEU B 418 30.37 45.50 14.98
C LEU B 418 31.56 45.38 15.91
N MET B 419 32.29 44.26 15.85
CA MET B 419 33.50 44.13 16.65
C MET B 419 34.56 45.13 16.22
N ALA B 420 34.55 45.52 14.95
CA ALA B 420 35.56 46.45 14.42
C ALA B 420 35.10 47.90 14.56
N GLU B 421 33.95 48.23 13.98
CA GLU B 421 33.44 49.59 14.04
C GLU B 421 33.19 50.01 15.49
N GLU B 422 32.51 49.16 16.25
CA GLU B 422 32.27 49.40 17.66
C GLU B 422 33.26 48.56 18.48
N GLY B 423 33.14 48.64 19.80
CA GLY B 423 33.99 47.87 20.71
C GLY B 423 33.22 46.74 21.38
N LEU B 424 32.08 46.35 20.81
CA LEU B 424 31.27 45.28 21.39
C LEU B 424 32.08 43.99 21.49
N SER B 425 31.98 43.35 22.65
CA SER B 425 32.62 42.06 22.84
C SER B 425 31.94 41.01 21.95
N PRO B 426 32.65 39.92 21.61
CA PRO B 426 32.06 38.89 20.74
C PRO B 426 30.63 38.51 21.09
N HIS B 427 30.37 38.29 22.38
CA HIS B 427 29.00 38.00 22.81
C HIS B 427 28.06 39.15 22.50
N ASP B 428 28.44 40.36 22.93
CA ASP B 428 27.58 41.52 22.69
C ASP B 428 27.42 41.82 21.21
N ALA B 429 28.52 41.72 20.45
CA ALA B 429 28.45 41.95 19.02
C ALA B 429 27.53 40.93 18.35
N THR B 430 27.63 39.67 18.77
CA THR B 430 26.74 38.65 18.24
C THR B 430 25.29 38.98 18.54
N VAL B 431 25.02 39.38 19.78
CA VAL B 431 23.64 39.72 20.17
C VAL B 431 23.10 40.85 19.31
N LYS B 432 23.88 41.92 19.17
CA LYS B 432 23.41 43.06 18.38
C LYS B 432 23.25 42.69 16.92
N ALA B 433 24.21 41.97 16.35
CA ALA B 433 24.12 41.58 14.95
C ALA B 433 22.88 40.73 14.71
N MET B 434 22.64 39.75 15.57
CA MET B 434 21.45 38.92 15.42
C MET B 434 20.18 39.78 15.57
N ARG B 435 20.17 40.68 16.55
CA ARG B 435 19.05 41.61 16.68
C ARG B 435 18.82 42.38 15.39
N GLN B 436 19.89 42.70 14.67
CA GLN B 436 19.77 43.44 13.42
C GLN B 436 19.23 42.57 12.29
N ILE B 437 19.73 41.34 12.18
CA ILE B 437 19.52 40.59 10.94
C ILE B 437 18.48 39.48 11.04
N SER B 438 18.21 38.97 12.24
CA SER B 438 17.34 37.82 12.47
C SER B 438 16.01 37.86 11.71
N GLY B 439 15.24 38.93 11.88
CA GLY B 439 13.97 39.03 11.19
C GLY B 439 14.13 38.94 9.68
N ALA B 440 15.14 39.64 9.16
CA ALA B 440 15.46 39.52 7.74
C ALA B 440 15.79 38.08 7.37
N ILE B 441 16.51 37.39 8.24
CA ILE B 441 16.87 35.99 7.99
C ILE B 441 15.60 35.15 7.85
N VAL B 442 14.67 35.34 8.77
CA VAL B 442 13.41 34.59 8.71
C VAL B 442 12.67 34.90 7.42
N GLY B 443 12.55 36.20 7.11
CA GLY B 443 11.87 36.60 5.89
C GLY B 443 12.51 36.01 4.65
N ILE B 444 13.84 36.07 4.58
CA ILE B 444 14.58 35.52 3.45
C ILE B 444 14.36 34.03 3.32
N THR B 445 14.42 33.31 4.45
CA THR B 445 14.15 31.88 4.43
C THR B 445 12.78 31.61 3.80
N VAL B 446 11.77 32.35 4.26
CA VAL B 446 10.42 32.16 3.73
C VAL B 446 10.38 32.48 2.23
N VAL B 447 11.03 33.57 1.83
CA VAL B 447 11.03 33.99 0.43
C VAL B 447 11.67 32.93 -0.45
N LEU B 448 12.83 32.43 -0.04
CA LEU B 448 13.51 31.39 -0.81
C LEU B 448 12.67 30.13 -0.89
N VAL B 449 12.00 29.77 0.21
CA VAL B 449 11.10 28.63 0.17
C VAL B 449 10.00 28.86 -0.85
N SER B 450 9.42 30.05 -0.85
CA SER B 450 8.31 30.36 -1.75
C SER B 450 8.77 30.55 -3.20
N VAL B 451 10.08 30.69 -3.43
CA VAL B 451 10.59 30.78 -4.79
C VAL B 451 11.10 29.44 -5.30
N PHE B 452 11.40 28.49 -4.42
CA PHE B 452 11.87 27.18 -4.86
C PHE B 452 10.77 26.12 -4.84
N VAL B 453 9.91 26.12 -3.82
CA VAL B 453 8.84 25.12 -3.73
C VAL B 453 7.98 25.05 -4.99
N PRO B 454 7.51 26.18 -5.58
CA PRO B 454 6.64 26.08 -6.76
C PRO B 454 7.15 25.16 -7.87
N MET B 455 8.48 24.97 -7.92
CA MET B 455 9.04 24.07 -8.92
C MET B 455 8.54 22.64 -8.76
N ALA B 456 8.15 22.25 -7.54
CA ALA B 456 7.64 20.90 -7.34
C ALA B 456 6.33 20.66 -8.07
N PHE B 457 5.48 21.70 -8.19
CA PHE B 457 4.15 21.52 -8.75
C PHE B 457 4.21 21.09 -10.21
N PHE B 458 5.34 21.29 -10.88
CA PHE B 458 5.51 20.83 -12.25
C PHE B 458 5.29 19.32 -12.34
N SER B 459 4.71 18.89 -13.46
CA SER B 459 4.55 17.46 -13.75
C SER B 459 5.85 16.82 -14.22
N GLY B 460 6.96 17.55 -14.17
CA GLY B 460 8.26 16.99 -14.49
C GLY B 460 9.08 16.69 -13.25
N ALA B 461 9.37 15.42 -13.02
CA ALA B 461 10.10 15.03 -11.82
C ALA B 461 11.51 15.64 -11.79
N VAL B 462 12.04 16.02 -12.95
CA VAL B 462 13.30 16.76 -12.98
C VAL B 462 13.19 18.01 -12.12
N GLY B 463 12.19 18.83 -12.42
CA GLY B 463 11.93 19.99 -11.60
C GLY B 463 11.61 19.64 -10.18
N ASN B 464 11.00 18.47 -9.96
CA ASN B 464 10.65 18.07 -8.60
C ASN B 464 11.90 17.81 -7.76
N ILE B 465 12.89 17.12 -8.32
CA ILE B 465 14.14 16.90 -7.59
C ILE B 465 14.88 18.22 -7.42
N TYR B 466 15.01 18.98 -8.51
CA TYR B 466 15.65 20.29 -8.45
C TYR B 466 14.97 21.21 -7.47
N ARG B 467 13.69 20.98 -7.20
CA ARG B 467 13.02 21.64 -6.09
C ARG B 467 13.49 21.02 -4.79
N GLN B 468 13.14 19.75 -4.56
CA GLN B 468 13.24 19.17 -3.23
C GLN B 468 14.60 19.46 -2.59
N PHE B 469 15.69 19.22 -3.32
CA PHE B 469 16.99 19.47 -2.68
C PHE B 469 17.24 20.97 -2.49
N ALA B 470 16.86 21.80 -3.46
CA ALA B 470 17.11 23.23 -3.33
C ALA B 470 16.21 23.84 -2.26
N VAL B 471 14.99 23.34 -2.15
CA VAL B 471 14.06 23.75 -1.11
C VAL B 471 14.61 23.39 0.26
N THR B 472 15.06 22.15 0.42
CA THR B 472 15.67 21.80 1.69
C THR B 472 17.08 22.34 1.84
N LEU B 473 17.63 23.00 0.82
CA LEU B 473 18.88 23.72 1.02
C LEU B 473 18.63 25.18 1.43
N ALA B 474 17.57 25.79 0.91
CA ALA B 474 17.08 27.03 1.52
C ALA B 474 16.55 26.75 2.91
N VAL B 475 16.04 25.54 3.15
CA VAL B 475 15.77 25.10 4.52
C VAL B 475 16.97 24.39 5.12
N SER B 476 18.10 24.36 4.44
CA SER B 476 19.38 24.19 5.12
C SER B 476 19.86 25.52 5.65
N ILE B 477 19.48 26.59 4.97
CA ILE B 477 19.46 27.93 5.57
C ILE B 477 18.36 28.01 6.62
N GLY B 478 17.37 27.13 6.55
CA GLY B 478 16.44 26.99 7.66
C GLY B 478 16.96 26.13 8.79
N PHE B 479 17.71 25.09 8.47
CA PHE B 479 18.53 24.41 9.46
C PHE B 479 19.54 25.39 10.03
N SER B 480 19.86 26.41 9.23
CA SER B 480 20.61 27.56 9.70
C SER B 480 19.73 28.50 10.52
N ALA B 481 18.45 28.55 10.22
CA ALA B 481 17.55 29.12 11.21
C ALA B 481 17.61 28.31 12.50
N PHE B 482 18.14 27.09 12.42
CA PHE B 482 18.64 26.36 13.59
C PHE B 482 20.16 26.30 13.65
N LEU B 483 20.87 26.84 12.65
CA LEU B 483 22.33 27.03 12.72
C LEU B 483 22.76 28.49 12.59
N ALA B 484 22.46 29.14 11.46
CA ALA B 484 22.78 30.56 11.30
C ALA B 484 21.93 31.45 12.18
N LEU B 485 20.82 30.93 12.71
CA LEU B 485 20.13 31.58 13.81
C LEU B 485 20.43 30.90 15.14
N SER B 486 21.04 29.71 15.11
CA SER B 486 21.44 29.09 16.36
C SER B 486 22.93 28.78 16.46
N LEU B 487 23.44 27.98 15.52
CA LEU B 487 24.83 27.53 15.60
C LEU B 487 25.80 28.63 15.22
N THR B 488 25.55 29.31 14.11
CA THR B 488 26.44 30.41 13.71
C THR B 488 26.50 31.53 14.74
N PRO B 489 25.37 32.01 15.29
CA PRO B 489 25.49 32.99 16.38
C PRO B 489 26.29 32.46 17.56
N ALA B 490 26.08 31.19 17.93
CA ALA B 490 26.83 30.61 19.04
C ALA B 490 28.33 30.59 18.74
N LEU B 491 28.69 30.11 17.55
CA LEU B 491 30.08 30.03 17.13
C LEU B 491 30.73 31.41 17.13
N CYS B 492 30.06 32.38 16.53
CA CYS B 492 30.55 33.75 16.55
C CYS B 492 30.70 34.26 17.98
N ALA B 493 29.78 33.86 18.87
CA ALA B 493 29.85 34.30 20.26
C ALA B 493 31.02 33.67 21.00
N THR B 494 31.54 32.54 20.52
CA THR B 494 32.63 31.84 21.20
C THR B 494 33.92 31.84 20.38
N LEU B 495 33.88 31.38 19.13
CA LEU B 495 35.09 31.28 18.35
C LEU B 495 35.71 32.65 18.09
N LEU B 496 34.88 33.64 17.78
CA LEU B 496 35.41 34.98 17.52
C LEU B 496 36.03 35.56 18.77
N ARG B 497 37.20 36.17 18.59
CA ARG B 497 37.93 36.85 19.65
C ARG B 497 38.10 38.32 19.28
N PRO B 498 38.14 39.21 20.27
CA PRO B 498 38.17 40.65 19.97
C PRO B 498 39.37 41.00 19.10
N ILE B 499 39.15 41.97 18.19
CA ILE B 499 40.18 42.33 17.22
C ILE B 499 41.44 42.77 17.95
N ASP B 500 42.57 42.21 17.54
CA ASP B 500 43.86 42.50 18.15
C ASP B 500 44.32 43.87 17.68
N ALA B 501 43.79 44.91 18.33
CA ALA B 501 43.97 46.28 17.88
C ALA B 501 43.77 46.38 16.38
N ASP B 502 44.82 46.74 15.65
CA ASP B 502 44.82 46.69 14.20
C ASP B 502 45.90 45.75 13.67
N HIS B 503 46.35 44.80 14.49
CA HIS B 503 47.35 43.84 14.05
C HIS B 503 46.85 43.01 12.88
N HIS B 504 45.53 42.81 12.79
CA HIS B 504 44.96 42.12 11.63
C HIS B 504 45.20 42.88 10.34
N GLU B 505 45.54 44.16 10.41
CA GLU B 505 45.80 44.99 9.23
C GLU B 505 47.23 45.50 9.30
N LYS B 506 48.16 44.70 8.78
CA LYS B 506 49.57 45.05 8.72
C LYS B 506 49.90 45.71 7.39
N ARG B 507 51.18 45.87 7.10
CA ARG B 507 51.63 46.47 5.85
C ARG B 507 51.67 45.46 4.71
N GLY B 508 51.37 44.20 5.00
CA GLY B 508 51.36 43.17 3.98
C GLY B 508 50.17 43.31 3.05
N PHE B 509 50.08 42.35 2.11
CA PHE B 509 49.00 42.34 1.15
C PHE B 509 47.63 42.45 1.82
N PHE B 510 47.45 41.76 2.94
CA PHE B 510 46.18 41.80 3.66
C PHE B 510 45.80 43.23 4.05
N GLY B 511 46.72 43.94 4.71
CA GLY B 511 46.43 45.30 5.13
C GLY B 511 46.21 46.25 3.98
N TRP B 512 47.06 46.15 2.95
CA TRP B 512 46.88 46.99 1.77
C TRP B 512 45.54 46.72 1.11
N PHE B 513 45.15 45.45 1.03
CA PHE B 513 43.86 45.09 0.47
C PHE B 513 42.72 45.69 1.29
N ASN B 514 42.83 45.64 2.62
CA ASN B 514 41.79 46.21 3.46
C ASN B 514 41.66 47.72 3.22
N ARG B 515 42.80 48.42 3.21
CA ARG B 515 42.78 49.86 2.95
C ARG B 515 42.21 50.17 1.58
N ALA B 516 42.63 49.40 0.56
CA ALA B 516 42.13 49.60 -0.79
C ALA B 516 40.63 49.37 -0.85
N PHE B 517 40.13 48.35 -0.17
CA PHE B 517 38.69 48.10 -0.13
C PHE B 517 37.96 49.23 0.56
N LEU B 518 38.57 49.81 1.61
CA LEU B 518 37.96 50.98 2.23
C LEU B 518 37.85 52.13 1.24
N ARG B 519 38.91 52.37 0.48
CA ARG B 519 38.86 53.41 -0.55
C ARG B 519 37.79 53.10 -1.60
N LEU B 520 37.70 51.83 -2.01
CA LEU B 520 36.70 51.40 -2.97
C LEU B 520 35.30 51.64 -2.42
N THR B 521 35.08 51.34 -1.14
CA THR B 521 33.79 51.57 -0.52
C THR B 521 33.44 53.05 -0.51
N GLY B 522 34.42 53.91 -0.24
CA GLY B 522 34.16 55.34 -0.34
C GLY B 522 33.74 55.76 -1.74
N ARG B 523 34.47 55.27 -2.75
CA ARG B 523 34.13 55.57 -4.13
C ARG B 523 32.73 55.06 -4.47
N TYR B 524 32.41 53.85 -4.01
CA TYR B 524 31.11 53.25 -4.26
C TYR B 524 30.00 54.08 -3.64
N ARG B 525 30.20 54.53 -2.41
CA ARG B 525 29.19 55.37 -1.76
C ARG B 525 28.98 56.65 -2.54
N ASN B 526 30.07 57.26 -3.01
CA ASN B 526 29.93 58.48 -3.81
C ASN B 526 29.17 58.21 -5.11
N ALA B 527 29.46 57.09 -5.77
CA ALA B 527 28.77 56.75 -7.01
C ALA B 527 27.28 56.51 -6.75
N VAL B 528 26.96 55.81 -5.66
CA VAL B 528 25.56 55.55 -5.32
C VAL B 528 24.85 56.86 -5.03
N ALA B 529 25.51 57.77 -4.32
CA ALA B 529 24.93 59.09 -4.11
C ALA B 529 24.65 59.78 -5.45
N GLY B 530 25.59 59.68 -6.38
CA GLY B 530 25.37 60.25 -7.70
C GLY B 530 24.15 59.65 -8.40
N ILE B 531 24.04 58.33 -8.34
CA ILE B 531 22.90 57.64 -8.97
C ILE B 531 21.59 58.10 -8.34
N LEU B 532 21.55 58.16 -7.01
CA LEU B 532 20.35 58.61 -6.32
C LEU B 532 20.00 60.06 -6.69
N ALA B 533 21.02 60.88 -6.94
CA ALA B 533 20.79 62.29 -7.24
C ALA B 533 19.92 62.47 -8.47
N ARG B 534 20.09 61.61 -9.48
CA ARG B 534 19.31 61.67 -10.72
C ARG B 534 18.59 60.33 -10.86
N PRO B 535 17.46 60.16 -10.16
CA PRO B 535 16.79 58.85 -10.18
C PRO B 535 16.11 58.54 -11.50
N ILE B 536 15.55 59.55 -12.17
CA ILE B 536 14.77 59.32 -13.39
C ILE B 536 15.62 58.62 -14.45
N ARG B 537 16.83 59.15 -14.68
CA ARG B 537 17.69 58.59 -15.73
C ARG B 537 18.00 57.12 -15.45
N TRP B 538 18.38 56.79 -14.22
CA TRP B 538 18.75 55.42 -13.93
C TRP B 538 17.54 54.49 -13.91
N MET B 539 16.35 55.01 -13.56
CA MET B 539 15.15 54.19 -13.71
C MET B 539 14.85 53.92 -15.17
N LEU B 540 15.10 54.90 -16.04
CA LEU B 540 15.01 54.64 -17.47
C LEU B 540 16.01 53.57 -17.89
N VAL B 541 17.22 53.63 -17.33
CA VAL B 541 18.22 52.59 -17.58
C VAL B 541 17.68 51.22 -17.15
N TYR B 542 17.00 51.18 -16.00
CA TYR B 542 16.43 49.93 -15.53
C TYR B 542 15.36 49.42 -16.49
N ALA B 543 14.53 50.32 -17.01
CA ALA B 543 13.55 49.90 -18.00
C ALA B 543 14.22 49.35 -19.25
N LEU B 544 15.32 49.98 -19.67
CA LEU B 544 16.10 49.45 -20.77
C LEU B 544 16.63 48.06 -20.45
N VAL B 545 17.04 47.85 -19.19
CA VAL B 545 17.46 46.52 -18.74
C VAL B 545 16.33 45.52 -18.92
N ILE B 546 15.11 45.93 -18.55
CA ILE B 546 13.94 45.07 -18.74
C ILE B 546 13.80 44.70 -20.20
N GLY B 547 13.89 45.70 -21.08
CA GLY B 547 13.76 45.43 -22.50
C GLY B 547 14.82 44.48 -23.02
N VAL B 548 16.06 44.69 -22.60
CA VAL B 548 17.16 43.83 -23.03
C VAL B 548 16.95 42.40 -22.55
N VAL B 549 16.53 42.25 -21.29
CA VAL B 549 16.24 40.92 -20.76
C VAL B 549 15.16 40.25 -21.59
N ALA B 550 14.09 40.98 -21.90
CA ALA B 550 13.03 40.40 -22.72
C ALA B 550 13.55 39.94 -24.07
N LEU B 551 14.28 40.82 -24.77
CA LEU B 551 14.75 40.47 -26.11
C LEU B 551 15.72 39.30 -26.08
N LEU B 552 16.61 39.26 -25.09
CA LEU B 552 17.51 38.13 -24.95
C LEU B 552 16.74 36.85 -24.66
N PHE B 553 15.71 36.94 -23.83
CA PHE B 553 14.90 35.77 -23.52
C PHE B 553 14.20 35.24 -24.77
N VAL B 554 13.73 36.14 -25.63
CA VAL B 554 13.07 35.71 -26.87
C VAL B 554 14.04 34.94 -27.76
N ARG B 555 15.24 35.49 -27.97
CA ARG B 555 16.21 34.91 -28.89
C ARG B 555 17.04 33.85 -28.17
N LEU B 556 16.37 32.76 -27.79
CA LEU B 556 17.06 31.70 -27.08
C LEU B 556 16.34 30.37 -27.29
N PRO B 557 17.03 29.35 -27.81
CA PRO B 557 16.39 28.04 -28.00
C PRO B 557 16.07 27.36 -26.69
N GLN B 558 15.05 26.51 -26.73
CA GLN B 558 14.59 25.77 -25.56
C GLN B 558 15.01 24.31 -25.65
N ALA B 559 15.52 23.79 -24.53
CA ALA B 559 15.93 22.39 -24.45
C ALA B 559 15.64 21.87 -23.05
N PHE B 560 15.75 20.56 -22.88
CA PHE B 560 15.43 19.91 -21.62
C PHE B 560 16.65 19.38 -20.89
N LEU B 561 17.54 18.66 -21.57
CA LEU B 561 18.73 18.14 -20.93
C LEU B 561 19.90 18.20 -21.92
N PRO B 562 21.05 18.76 -21.52
CA PRO B 562 22.22 18.77 -22.39
C PRO B 562 22.90 17.40 -22.39
N GLU B 563 23.02 16.80 -23.56
CA GLU B 563 23.67 15.51 -23.67
C GLU B 563 25.17 15.64 -23.40
N GLU B 564 25.78 14.53 -22.97
CA GLU B 564 27.18 14.52 -22.64
C GLU B 564 27.80 13.21 -23.10
N ASP B 565 29.13 13.20 -23.18
CA ASP B 565 29.89 12.03 -23.62
C ASP B 565 29.90 11.02 -22.49
N GLN B 566 28.98 10.05 -22.56
CA GLN B 566 28.93 9.00 -21.55
C GLN B 566 30.19 8.14 -21.55
N GLY B 567 30.93 8.12 -22.66
CA GLY B 567 32.04 7.21 -22.83
C GLY B 567 31.72 5.97 -23.63
N ASP B 568 30.52 5.89 -24.21
CA ASP B 568 30.10 4.71 -24.95
C ASP B 568 29.05 5.14 -25.98
N PHE B 569 28.98 4.39 -27.07
CA PHE B 569 27.94 4.56 -28.06
C PHE B 569 27.37 3.21 -28.49
N MET B 570 26.08 3.23 -28.80
CA MET B 570 25.35 2.04 -29.25
C MET B 570 25.07 2.16 -30.73
N ILE B 571 25.33 1.09 -31.47
CA ILE B 571 25.01 1.01 -32.88
C ILE B 571 23.99 -0.10 -33.07
N MET B 572 23.02 0.12 -33.95
CA MET B 572 22.12 -0.95 -34.37
C MET B 572 22.18 -1.06 -35.88
N VAL B 573 22.47 -2.27 -36.35
CA VAL B 573 22.37 -2.61 -37.76
C VAL B 573 20.97 -3.18 -37.95
N MET B 574 20.06 -2.33 -38.43
CA MET B 574 18.80 -2.79 -38.98
C MET B 574 19.03 -3.24 -40.42
N GLN B 575 18.52 -4.40 -40.74
CA GLN B 575 18.62 -5.00 -42.06
C GLN B 575 17.22 -5.40 -42.51
N PRO B 576 17.03 -5.65 -43.81
CA PRO B 576 15.73 -6.17 -44.28
C PRO B 576 15.18 -7.27 -43.39
N GLU B 577 13.85 -7.40 -43.40
CA GLU B 577 13.06 -8.14 -42.42
C GLU B 577 13.76 -9.37 -41.90
N GLY B 578 14.19 -10.26 -42.79
CA GLY B 578 15.12 -11.31 -42.42
C GLY B 578 16.31 -11.37 -43.35
N THR B 579 17.51 -11.25 -42.80
CA THR B 579 18.71 -11.51 -43.59
C THR B 579 19.41 -12.74 -43.04
N PRO B 580 20.05 -13.53 -43.90
CA PRO B 580 20.81 -14.69 -43.41
C PRO B 580 21.75 -14.30 -42.29
N MET B 581 21.75 -15.08 -41.21
CA MET B 581 22.58 -14.78 -40.06
C MET B 581 24.04 -14.61 -40.46
N ALA B 582 24.48 -15.36 -41.48
CA ALA B 582 25.81 -15.15 -42.03
C ALA B 582 25.95 -13.74 -42.60
N GLU B 583 24.95 -13.29 -43.36
CA GLU B 583 25.00 -11.94 -43.94
C GLU B 583 24.98 -10.87 -42.85
N THR B 584 24.12 -11.06 -41.85
CA THR B 584 24.09 -10.14 -40.72
C THR B 584 25.45 -10.07 -40.02
N MET B 585 26.07 -11.23 -39.82
CA MET B 585 27.40 -11.26 -39.22
C MET B 585 28.42 -10.56 -40.11
N ALA B 586 28.30 -10.71 -41.42
CA ALA B 586 29.20 -10.00 -42.34
C ALA B 586 29.08 -8.49 -42.17
N ASN B 587 27.84 -7.99 -42.14
CA ASN B 587 27.64 -6.55 -41.95
C ASN B 587 28.15 -6.09 -40.59
N VAL B 588 27.91 -6.90 -39.55
CA VAL B 588 28.41 -6.59 -38.22
C VAL B 588 29.93 -6.50 -38.23
N GLY B 589 30.59 -7.45 -38.88
CA GLY B 589 32.03 -7.41 -38.98
C GLY B 589 32.52 -6.18 -39.72
N ASP B 590 31.82 -5.79 -40.77
CA ASP B 590 32.17 -4.55 -41.48
C ASP B 590 32.11 -3.35 -40.55
N VAL B 591 31.00 -3.22 -39.81
CA VAL B 591 30.84 -2.10 -38.89
C VAL B 591 31.94 -2.14 -37.83
N GLU B 592 32.20 -3.33 -37.29
CA GLU B 592 33.20 -3.48 -36.24
C GLU B 592 34.58 -3.10 -36.74
N ARG B 593 34.94 -3.51 -37.95
CA ARG B 593 36.22 -3.12 -38.53
C ARG B 593 36.29 -1.60 -38.70
N TYR B 594 35.22 -1.00 -39.23
CA TYR B 594 35.22 0.45 -39.39
C TYR B 594 35.44 1.15 -38.06
N LEU B 595 34.78 0.66 -37.01
CA LEU B 595 34.98 1.25 -35.68
C LEU B 595 36.40 1.05 -35.19
N ALA B 596 36.97 -0.12 -35.46
CA ALA B 596 38.32 -0.43 -34.99
C ALA B 596 39.39 0.31 -35.78
N GLU B 597 39.04 0.89 -36.92
CA GLU B 597 40.01 1.59 -37.76
C GLU B 597 39.98 3.10 -37.58
N HIS B 598 38.81 3.72 -37.65
CA HIS B 598 38.70 5.16 -37.68
C HIS B 598 38.06 5.74 -36.42
N GLU B 599 37.80 4.93 -35.42
CA GLU B 599 37.13 5.41 -34.22
C GLU B 599 37.90 5.00 -32.98
N PRO B 600 37.90 5.85 -31.95
CA PRO B 600 38.60 5.53 -30.67
C PRO B 600 37.75 4.71 -29.73
N VAL B 601 37.61 3.42 -30.03
CA VAL B 601 36.75 2.52 -29.27
C VAL B 601 37.63 1.63 -28.40
N ALA B 602 37.44 1.71 -27.08
CA ALA B 602 38.20 0.86 -26.17
C ALA B 602 37.74 -0.59 -26.27
N TYR B 603 36.43 -0.82 -26.21
CA TYR B 603 35.85 -2.14 -26.35
C TYR B 603 34.66 -2.08 -27.30
N ALA B 604 34.60 -3.02 -28.23
CA ALA B 604 33.59 -3.02 -29.29
C ALA B 604 32.87 -4.35 -29.33
N TYR B 605 32.37 -4.79 -28.17
CA TYR B 605 31.57 -6.01 -28.12
C TYR B 605 30.35 -5.89 -29.01
N ALA B 606 30.12 -6.92 -29.82
CA ALA B 606 28.98 -6.98 -30.73
C ALA B 606 28.12 -8.18 -30.38
N VAL B 607 26.81 -7.97 -30.33
CA VAL B 607 25.84 -9.03 -30.05
C VAL B 607 24.79 -9.04 -31.15
N GLY B 608 24.54 -10.20 -31.71
CA GLY B 608 23.52 -10.32 -32.73
C GLY B 608 22.14 -10.05 -32.15
N GLY B 609 21.14 -10.15 -33.02
CA GLY B 609 19.77 -9.90 -32.60
C GLY B 609 19.61 -8.55 -31.93
N PHE B 610 19.05 -8.57 -30.72
CA PHE B 610 18.85 -7.39 -29.89
C PHE B 610 18.21 -6.25 -30.65
N SER B 611 18.72 -5.04 -30.46
CA SER B 611 18.25 -3.82 -31.15
C SER B 611 16.75 -3.66 -30.88
N LEU B 612 15.97 -3.19 -31.86
CA LEU B 612 14.55 -2.99 -31.66
C LEU B 612 13.81 -4.32 -31.53
N TYR B 613 14.16 -5.29 -32.39
CA TYR B 613 13.49 -6.59 -32.36
C TYR B 613 13.70 -7.29 -31.02
N GLY B 614 14.94 -7.31 -30.54
CA GLY B 614 15.32 -8.03 -29.34
C GLY B 614 15.98 -9.36 -29.61
N ASP B 615 15.56 -10.09 -30.65
CA ASP B 615 16.24 -11.30 -31.07
C ASP B 615 16.25 -11.40 -32.59
N GLY B 616 15.79 -10.36 -33.27
CA GLY B 616 15.69 -10.35 -34.72
C GLY B 616 16.98 -10.65 -35.45
N THR B 617 16.91 -11.55 -36.43
CA THR B 617 18.11 -11.96 -37.15
C THR B 617 18.75 -10.78 -37.88
N SER B 618 17.93 -9.96 -38.54
CA SER B 618 18.45 -8.77 -39.21
C SER B 618 19.06 -7.79 -38.22
N SER B 619 18.41 -7.59 -37.08
CA SER B 619 18.87 -6.63 -36.09
C SER B 619 20.22 -7.05 -35.51
N ALA B 620 21.06 -6.07 -35.21
CA ALA B 620 22.35 -6.34 -34.58
C ALA B 620 22.72 -5.17 -33.68
N MET B 621 23.20 -5.46 -32.48
CA MET B 621 23.59 -4.43 -31.53
C MET B 621 25.09 -4.41 -31.38
N ILE B 622 25.67 -3.21 -31.39
CA ILE B 622 27.09 -2.99 -31.15
C ILE B 622 27.20 -2.08 -29.94
N PHE B 623 27.60 -2.64 -28.81
CA PHE B 623 27.94 -1.85 -27.63
C PHE B 623 29.42 -1.51 -27.74
N ALA B 624 29.75 -0.23 -28.00
CA ALA B 624 31.14 0.16 -28.20
C ALA B 624 31.51 1.21 -27.17
N THR B 625 32.42 0.85 -26.27
CA THR B 625 32.87 1.76 -25.23
C THR B 625 34.05 2.58 -25.74
N LEU B 626 33.92 3.91 -25.64
CA LEU B 626 34.97 4.80 -26.09
C LEU B 626 36.14 4.77 -25.11
N LYS B 627 37.24 5.39 -25.52
CA LYS B 627 38.40 5.52 -24.65
C LYS B 627 38.13 6.58 -23.60
N ASP B 628 39.15 6.87 -22.79
CA ASP B 628 39.03 7.94 -21.81
C ASP B 628 38.88 9.28 -22.51
N TRP B 629 38.11 10.18 -21.89
CA TRP B 629 37.85 11.48 -22.50
C TRP B 629 39.13 12.28 -22.70
N SER B 630 40.17 12.02 -21.90
CA SER B 630 41.42 12.77 -22.02
C SER B 630 42.02 12.63 -23.41
N GLU B 631 42.13 11.40 -23.91
CA GLU B 631 42.66 11.19 -25.25
C GLU B 631 41.67 11.62 -26.32
N ARG B 632 40.37 11.63 -26.01
CA ARG B 632 39.33 12.08 -26.92
C ARG B 632 38.97 13.55 -26.70
N ARG B 633 39.93 14.36 -26.24
CA ARG B 633 39.66 15.75 -25.93
C ARG B 633 39.26 16.54 -27.17
N GLU B 634 39.86 16.22 -28.32
CA GLU B 634 39.53 16.91 -29.56
C GLU B 634 38.05 16.79 -29.86
N ALA B 635 37.47 17.89 -30.38
CA ALA B 635 36.04 17.93 -30.64
C ALA B 635 35.62 16.83 -31.62
N SER B 636 36.46 16.54 -32.60
CA SER B 636 36.17 15.44 -33.52
C SER B 636 36.17 14.10 -32.83
N GLN B 637 36.79 13.99 -31.65
CA GLN B 637 36.80 12.77 -30.87
C GLN B 637 35.71 12.75 -29.80
N HIS B 638 34.78 13.69 -29.85
CA HIS B 638 33.63 13.68 -28.95
C HIS B 638 32.59 12.71 -29.47
N VAL B 639 31.79 12.17 -28.53
CA VAL B 639 30.80 11.15 -28.88
C VAL B 639 29.86 11.64 -29.98
N GLY B 640 29.51 12.93 -29.94
CA GLY B 640 28.67 13.48 -31.00
C GLY B 640 29.32 13.37 -32.36
N ALA B 641 30.58 13.80 -32.47
CA ALA B 641 31.29 13.70 -33.74
C ALA B 641 31.53 12.25 -34.13
N ILE B 642 31.82 11.39 -33.15
CA ILE B 642 32.06 9.99 -33.44
C ILE B 642 30.82 9.35 -34.04
N VAL B 643 29.65 9.59 -33.43
CA VAL B 643 28.40 9.10 -33.99
C VAL B 643 28.14 9.74 -35.34
N GLU B 644 28.53 11.01 -35.52
CA GLU B 644 28.38 11.68 -36.79
C GLU B 644 29.13 10.95 -37.90
N ARG B 645 30.35 10.48 -37.59
CA ARG B 645 31.09 9.71 -38.58
C ARG B 645 30.37 8.42 -38.94
N ILE B 646 29.69 7.81 -37.97
CA ILE B 646 28.81 6.67 -38.17
C ILE B 646 27.48 7.18 -38.69
N ASN B 647 26.60 6.27 -39.11
CA ASN B 647 25.31 6.58 -39.72
C ASN B 647 25.45 7.24 -41.09
N GLN B 648 26.69 7.39 -41.56
CA GLN B 648 27.02 7.94 -42.85
C GLN B 648 28.48 7.59 -43.10
N ARG B 649 29.11 8.18 -44.12
CA ARG B 649 30.48 7.82 -44.47
C ARG B 649 30.56 6.32 -44.71
N PHE B 650 31.02 5.55 -43.71
CA PHE B 650 30.99 4.10 -43.84
C PHE B 650 29.55 3.59 -43.86
N ALA B 651 28.71 4.08 -42.95
CA ALA B 651 27.33 3.64 -42.89
C ALA B 651 26.50 4.40 -43.92
N GLY B 652 25.20 4.14 -43.91
CA GLY B 652 24.30 4.73 -44.88
C GLY B 652 23.95 3.86 -46.06
N LEU B 653 24.33 2.58 -46.03
CA LEU B 653 24.04 1.69 -47.15
C LEU B 653 22.53 1.52 -47.30
N PRO B 654 22.02 1.39 -48.53
CA PRO B 654 20.57 1.32 -48.74
C PRO B 654 19.88 0.23 -47.94
N ASN B 655 20.30 -1.03 -48.12
CA ASN B 655 19.70 -2.11 -47.35
C ASN B 655 20.23 -2.13 -45.92
N ARG B 656 21.52 -1.86 -45.74
CA ARG B 656 22.14 -1.89 -44.42
C ARG B 656 21.86 -0.57 -43.72
N THR B 657 20.74 -0.51 -43.01
CA THR B 657 20.38 0.67 -42.23
C THR B 657 21.11 0.60 -40.89
N VAL B 658 22.35 1.06 -40.90
CA VAL B 658 23.19 1.06 -39.70
C VAL B 658 23.07 2.44 -39.06
N TYR B 659 22.41 2.52 -37.91
CA TYR B 659 22.21 3.78 -37.20
C TYR B 659 22.78 3.69 -35.80
N ALA B 660 23.50 4.73 -35.38
CA ALA B 660 24.12 4.77 -34.07
C ALA B 660 23.31 5.72 -33.18
N MET B 661 22.71 5.16 -32.13
CA MET B 661 22.07 6.00 -31.13
C MET B 661 23.10 6.88 -30.46
N ASN B 662 23.00 8.19 -30.69
CA ASN B 662 24.02 9.13 -30.23
C ASN B 662 23.84 9.35 -28.74
N SER B 663 24.48 8.50 -27.93
CA SER B 663 24.43 8.58 -26.47
C SER B 663 22.99 8.77 -26.00
N PRO B 664 22.14 7.74 -26.09
CA PRO B 664 20.74 7.89 -25.69
C PRO B 664 20.63 8.44 -24.29
N PRO B 665 20.06 9.63 -24.12
CA PRO B 665 19.98 10.25 -22.79
C PRO B 665 19.24 9.37 -21.81
N LEU B 666 19.83 9.20 -20.62
CA LEU B 666 19.29 8.34 -19.58
C LEU B 666 17.82 8.64 -19.34
N PRO B 667 17.40 9.91 -19.21
CA PRO B 667 15.97 10.21 -19.31
C PRO B 667 15.52 10.33 -20.76
N ASP B 668 15.25 9.20 -21.41
CA ASP B 668 14.83 9.19 -22.81
C ASP B 668 13.37 9.64 -22.93
N LEU B 669 13.11 10.83 -22.40
CA LEU B 669 11.78 11.44 -22.48
C LEU B 669 11.79 12.91 -22.87
N GLY B 670 12.93 13.60 -22.74
CA GLY B 670 13.02 14.99 -23.14
C GLY B 670 12.76 15.20 -24.61
N SER B 671 11.83 16.10 -24.93
CA SER B 671 11.48 16.40 -26.31
C SER B 671 11.03 17.85 -26.39
N THR B 672 11.77 18.66 -27.15
CA THR B 672 11.47 20.09 -27.20
C THR B 672 10.11 20.35 -27.83
N SER B 673 9.91 19.87 -29.06
CA SER B 673 8.62 20.06 -29.74
C SER B 673 8.18 18.80 -30.48
N GLY B 674 8.58 17.62 -30.01
CA GLY B 674 8.20 16.40 -30.70
C GLY B 674 6.71 16.15 -30.60
N PHE B 675 6.09 15.82 -31.74
CA PHE B 675 4.67 15.57 -31.82
C PHE B 675 4.43 14.07 -32.00
N ASP B 676 3.79 13.46 -31.01
CA ASP B 676 3.44 12.04 -31.09
C ASP B 676 2.10 11.83 -31.77
N PHE B 677 1.97 12.38 -32.99
CA PHE B 677 0.74 12.24 -33.73
C PHE B 677 0.50 10.77 -34.08
N ARG B 678 -0.72 10.30 -33.81
CA ARG B 678 -1.12 8.93 -34.11
C ARG B 678 -2.44 8.98 -34.86
N LEU B 679 -2.41 8.56 -36.12
CA LEU B 679 -3.65 8.40 -36.89
C LEU B 679 -4.28 7.07 -36.52
N GLN B 680 -4.79 7.01 -35.28
CA GLN B 680 -5.19 5.73 -34.72
C GLN B 680 -6.47 5.21 -35.34
N ASP B 681 -7.57 5.95 -35.16
CA ASP B 681 -8.90 5.48 -35.53
C ASP B 681 -8.94 4.94 -36.95
N ARG B 682 -9.34 3.68 -37.08
CA ARG B 682 -9.48 3.05 -38.38
C ARG B 682 -10.89 3.22 -38.95
N GLY B 683 -11.90 3.13 -38.10
CA GLY B 683 -13.28 3.30 -38.54
C GLY B 683 -13.67 2.43 -39.71
N GLY B 684 -12.94 1.34 -39.91
CA GLY B 684 -13.17 0.44 -41.02
C GLY B 684 -12.35 0.73 -42.27
N VAL B 685 -11.69 1.89 -42.35
CA VAL B 685 -10.92 2.21 -43.55
C VAL B 685 -9.81 1.19 -43.72
N GLY B 686 -9.61 0.75 -44.97
CA GLY B 686 -8.58 -0.23 -45.24
C GLY B 686 -7.19 0.33 -44.95
N TYR B 687 -6.26 -0.59 -44.69
CA TYR B 687 -4.87 -0.20 -44.50
C TYR B 687 -4.38 0.68 -45.65
N GLU B 688 -4.75 0.32 -46.87
CA GLU B 688 -4.42 1.14 -48.04
C GLU B 688 -4.99 2.54 -47.92
N ALA B 689 -6.26 2.65 -47.52
CA ALA B 689 -6.88 3.95 -47.35
C ALA B 689 -6.17 4.77 -46.29
N LEU B 690 -5.79 4.13 -45.18
CA LEU B 690 -5.06 4.84 -44.14
C LEU B 690 -3.71 5.32 -44.65
N VAL B 691 -3.06 4.51 -45.50
CA VAL B 691 -1.80 4.93 -46.12
C VAL B 691 -2.02 6.18 -46.97
N LYS B 692 -3.07 6.17 -47.79
CA LYS B 692 -3.39 7.34 -48.61
C LYS B 692 -3.59 8.57 -47.74
N ALA B 693 -4.40 8.43 -46.69
CA ALA B 693 -4.67 9.55 -45.80
C ALA B 693 -3.40 10.05 -45.14
N ARG B 694 -2.54 9.12 -44.72
CA ARG B 694 -1.26 9.50 -44.12
C ARG B 694 -0.43 10.33 -45.08
N ASP B 695 -0.35 9.89 -46.35
CA ASP B 695 0.43 10.63 -47.34
C ASP B 695 -0.13 12.02 -47.52
N GLN B 696 -1.45 12.13 -47.69
CA GLN B 696 -2.07 13.44 -47.85
C GLN B 696 -1.77 14.35 -46.66
N LEU B 697 -1.94 13.81 -45.44
CA LEU B 697 -1.77 14.60 -44.24
C LEU B 697 -0.33 15.08 -44.10
N LEU B 698 0.64 14.19 -44.31
CA LEU B 698 2.03 14.62 -44.17
C LEU B 698 2.40 15.65 -45.22
N ALA B 699 1.91 15.49 -46.45
CA ALA B 699 2.16 16.51 -47.47
C ALA B 699 1.59 17.86 -47.05
N ARG B 700 0.33 17.89 -46.61
CA ARG B 700 -0.28 19.15 -46.21
C ARG B 700 0.45 19.75 -45.01
N ALA B 701 0.87 18.91 -44.06
CA ALA B 701 1.62 19.40 -42.92
C ALA B 701 2.92 20.05 -43.36
N ALA B 702 3.62 19.42 -44.32
CA ALA B 702 4.80 20.05 -44.88
C ALA B 702 4.47 21.40 -45.50
N GLU B 703 3.31 21.50 -46.17
CA GLU B 703 2.93 22.76 -46.81
C GLU B 703 2.67 23.85 -45.78
N ASP B 704 1.97 23.52 -44.71
CA ASP B 704 1.57 24.54 -43.73
C ASP B 704 2.81 25.09 -43.00
N PRO B 705 2.95 26.42 -42.91
CA PRO B 705 4.14 26.98 -42.25
C PRO B 705 4.21 26.69 -40.76
N ARG B 706 3.07 26.57 -40.08
CA ARG B 706 3.10 26.31 -38.64
C ARG B 706 3.79 24.99 -38.32
N LEU B 707 3.72 24.02 -39.23
CA LEU B 707 4.33 22.72 -39.03
C LEU B 707 5.74 22.68 -39.60
N ALA B 708 6.52 21.72 -39.10
CA ALA B 708 7.89 21.49 -39.50
C ALA B 708 8.06 20.04 -39.90
N ASN B 709 9.30 19.57 -40.01
CA ASN B 709 9.61 18.22 -40.47
C ASN B 709 8.63 17.20 -39.91
N VAL B 710 7.99 16.45 -40.81
CA VAL B 710 6.99 15.45 -40.45
C VAL B 710 7.33 14.16 -41.17
N MET B 711 7.45 13.08 -40.41
CA MET B 711 7.86 11.80 -40.96
C MET B 711 6.91 10.71 -40.47
N PHE B 712 6.81 9.63 -41.23
CA PHE B 712 6.11 8.43 -40.82
C PHE B 712 7.15 7.46 -40.28
N ALA B 713 7.30 7.43 -38.95
CA ALA B 713 8.33 6.61 -38.31
C ALA B 713 8.23 5.14 -38.69
N GLY B 714 7.03 4.66 -38.99
CA GLY B 714 6.88 3.27 -39.38
C GLY B 714 7.68 2.94 -40.62
N GLN B 715 8.31 1.77 -40.61
CA GLN B 715 9.13 1.35 -41.74
C GLN B 715 8.27 1.21 -42.99
N GLY B 716 8.80 1.66 -44.12
CA GLY B 716 8.07 1.57 -45.37
C GLY B 716 7.81 0.14 -45.79
N GLU B 717 6.74 -0.05 -46.56
CA GLU B 717 6.37 -1.37 -47.05
C GLU B 717 7.51 -1.99 -47.83
N ALA B 718 7.85 -3.22 -47.48
CA ALA B 718 8.91 -3.97 -48.14
C ALA B 718 8.34 -5.00 -49.10
N PRO B 719 9.11 -5.43 -50.08
CA PRO B 719 8.66 -6.53 -50.95
C PRO B 719 8.39 -7.77 -50.11
N GLN B 720 7.45 -8.59 -50.60
CA GLN B 720 6.97 -9.75 -49.86
C GLN B 720 6.32 -10.70 -50.85
N ILE B 721 5.87 -11.84 -50.33
CA ILE B 721 5.09 -12.79 -51.12
C ILE B 721 4.04 -13.39 -50.21
N ARG B 722 2.82 -13.51 -50.71
CA ARG B 722 1.73 -14.16 -50.02
C ARG B 722 1.41 -15.48 -50.70
N LEU B 723 0.66 -16.33 -49.99
CA LEU B 723 0.25 -17.63 -50.48
C LEU B 723 -1.22 -17.83 -50.15
N ASP B 724 -2.11 -17.60 -51.11
CA ASP B 724 -3.50 -17.99 -50.92
C ASP B 724 -3.59 -19.50 -50.81
N ILE B 725 -4.00 -19.97 -49.63
CA ILE B 725 -4.03 -21.40 -49.37
C ILE B 725 -5.16 -22.04 -50.16
N ASP B 726 -4.94 -23.26 -50.63
CA ASP B 726 -6.01 -24.04 -51.24
C ASP B 726 -6.89 -24.69 -50.19
N ARG B 727 -7.41 -23.89 -49.26
CA ARG B 727 -8.18 -24.45 -48.16
C ARG B 727 -9.44 -25.15 -48.66
N ARG B 728 -10.10 -24.59 -49.68
CA ARG B 728 -11.27 -25.26 -50.27
C ARG B 728 -10.88 -26.60 -50.88
N LYS B 729 -9.79 -26.61 -51.65
CA LYS B 729 -9.32 -27.87 -52.22
C LYS B 729 -8.89 -28.83 -51.12
N ALA B 730 -8.24 -28.31 -50.08
CA ALA B 730 -7.91 -29.12 -48.92
C ALA B 730 -9.15 -29.68 -48.25
N GLU B 731 -10.29 -28.98 -48.36
CA GLU B 731 -11.56 -29.55 -47.91
C GLU B 731 -11.97 -30.70 -48.82
N THR B 732 -11.87 -30.49 -50.13
CA THR B 732 -12.14 -31.57 -51.08
C THR B 732 -11.14 -32.70 -50.92
N LEU B 733 -9.86 -32.38 -50.79
CA LEU B 733 -8.81 -33.37 -50.65
C LEU B 733 -8.71 -33.85 -49.20
N GLY B 734 -7.86 -34.85 -48.99
CA GLY B 734 -7.53 -35.29 -47.65
C GLY B 734 -6.49 -34.43 -46.96
N VAL B 735 -5.85 -33.52 -47.72
CA VAL B 735 -4.87 -32.62 -47.13
C VAL B 735 -5.55 -31.75 -46.09
N SER B 736 -5.07 -31.81 -44.85
CA SER B 736 -5.54 -30.92 -43.82
C SER B 736 -4.82 -29.58 -43.91
N MET B 737 -5.45 -28.54 -43.38
CA MET B 737 -4.78 -27.25 -43.27
C MET B 737 -3.54 -27.37 -42.40
N ASP B 738 -3.61 -28.17 -41.35
CA ASP B 738 -2.43 -28.48 -40.56
C ASP B 738 -1.43 -29.30 -41.37
N GLU B 739 -1.93 -30.14 -42.28
CA GLU B 739 -1.03 -30.82 -43.22
C GLU B 739 -0.34 -29.82 -44.13
N ILE B 740 -1.05 -28.77 -44.56
CA ILE B 740 -0.42 -27.71 -45.35
C ILE B 740 0.66 -27.01 -44.53
N ASN B 741 0.35 -26.73 -43.27
CA ASN B 741 1.36 -26.16 -42.38
C ASN B 741 2.56 -27.07 -42.24
N THR B 742 2.32 -28.39 -42.20
CA THR B 742 3.41 -29.34 -42.11
C THR B 742 4.26 -29.33 -43.38
N THR B 743 3.63 -29.20 -44.54
CA THR B 743 4.38 -29.12 -45.79
C THR B 743 5.25 -27.87 -45.81
N LEU B 744 4.69 -26.74 -45.39
CA LEU B 744 5.51 -25.55 -45.20
C LEU B 744 6.68 -25.86 -44.27
N ALA B 745 6.37 -26.49 -43.12
CA ALA B 745 7.41 -26.88 -42.17
C ALA B 745 8.51 -27.70 -42.84
N VAL B 746 8.13 -28.62 -43.73
CA VAL B 746 9.08 -29.37 -44.54
C VAL B 746 9.98 -28.39 -45.28
N MET B 747 9.38 -27.47 -46.04
CA MET B 747 10.24 -26.59 -46.83
C MET B 747 10.56 -25.27 -46.12
N PHE B 748 9.56 -24.46 -45.81
CA PHE B 748 9.78 -23.20 -45.11
C PHE B 748 9.16 -23.33 -43.72
N GLY B 749 9.91 -23.89 -42.79
CA GLY B 749 9.34 -24.22 -41.50
C GLY B 749 10.30 -24.46 -40.36
N SER B 750 10.05 -23.81 -39.23
CA SER B 750 10.94 -23.86 -38.08
C SER B 750 10.23 -23.40 -36.82
N ASP B 751 11.01 -23.17 -35.76
CA ASP B 751 10.63 -22.53 -34.49
C ASP B 751 9.92 -23.48 -33.51
N TYR B 752 9.70 -24.75 -33.86
CA TYR B 752 9.28 -25.68 -32.83
C TYR B 752 10.49 -26.08 -31.99
N ILE B 753 10.23 -26.72 -30.86
CA ILE B 753 11.27 -27.00 -29.87
C ILE B 753 11.20 -28.48 -29.47
N GLY B 754 12.19 -28.88 -28.68
CA GLY B 754 12.20 -30.18 -28.04
C GLY B 754 12.34 -30.04 -26.54
N ASP B 755 13.02 -30.98 -25.90
CA ASP B 755 13.22 -30.92 -24.46
C ASP B 755 14.29 -31.92 -24.07
N PHE B 756 14.91 -31.67 -22.92
CA PHE B 756 15.84 -32.61 -22.28
C PHE B 756 16.94 -33.07 -23.24
N MET B 757 17.52 -32.12 -23.97
CA MET B 757 18.64 -32.46 -24.84
C MET B 757 19.90 -32.82 -24.04
N HIS B 758 20.13 -32.17 -22.89
CA HIS B 758 21.22 -32.52 -21.99
C HIS B 758 20.67 -32.61 -20.57
N GLY B 759 20.17 -33.79 -20.21
CA GLY B 759 19.67 -33.98 -18.86
C GLY B 759 18.42 -33.15 -18.61
N SER B 760 18.34 -32.58 -17.40
CA SER B 760 17.21 -31.72 -17.05
C SER B 760 17.17 -30.46 -17.91
N GLN B 761 18.31 -30.01 -18.41
CA GLN B 761 18.37 -28.84 -19.28
C GLN B 761 17.45 -29.01 -20.48
N VAL B 762 16.58 -28.03 -20.70
CA VAL B 762 15.58 -28.07 -21.74
C VAL B 762 16.08 -27.29 -22.95
N ARG B 763 16.26 -27.97 -24.08
CA ARG B 763 16.69 -27.38 -25.33
C ARG B 763 15.62 -27.60 -26.39
N LYS B 764 15.93 -27.28 -27.65
CA LYS B 764 14.92 -27.24 -28.70
C LYS B 764 15.35 -28.12 -29.86
N VAL B 765 14.37 -28.49 -30.69
CA VAL B 765 14.63 -29.24 -31.92
C VAL B 765 13.88 -28.54 -33.05
N VAL B 766 14.60 -28.22 -34.13
CA VAL B 766 14.08 -27.37 -35.20
C VAL B 766 14.28 -28.07 -36.54
N VAL B 767 13.19 -28.23 -37.29
CA VAL B 767 13.27 -28.85 -38.62
C VAL B 767 13.83 -27.84 -39.61
N GLN B 768 14.82 -28.26 -40.39
CA GLN B 768 15.46 -27.40 -41.38
C GLN B 768 15.71 -28.20 -42.65
N ALA B 769 15.08 -27.79 -43.75
CA ALA B 769 15.20 -28.52 -45.01
C ALA B 769 16.63 -28.49 -45.54
N ASP B 770 17.01 -29.60 -46.16
CA ASP B 770 18.35 -29.79 -46.75
C ASP B 770 19.43 -29.47 -45.71
N GLY B 771 19.30 -30.08 -44.54
CA GLY B 771 20.21 -29.78 -43.46
C GLY B 771 20.19 -28.30 -43.12
N ALA B 772 21.37 -27.70 -43.02
CA ALA B 772 21.45 -26.27 -42.77
C ALA B 772 21.11 -25.46 -44.01
N LYS B 773 21.64 -25.86 -45.17
CA LYS B 773 21.56 -25.08 -46.40
C LYS B 773 20.47 -25.67 -47.30
N ARG B 774 19.27 -25.09 -47.22
CA ARG B 774 18.23 -25.46 -48.18
C ARG B 774 18.55 -24.93 -49.57
N LEU B 775 19.02 -23.68 -49.64
CA LEU B 775 19.36 -23.02 -50.90
C LEU B 775 18.22 -23.09 -51.91
N GLY B 776 17.02 -22.77 -51.45
CA GLY B 776 15.86 -22.84 -52.31
C GLY B 776 14.96 -21.61 -52.25
N ILE B 777 14.61 -21.08 -53.42
CA ILE B 777 13.67 -19.99 -53.54
C ILE B 777 12.41 -20.41 -54.29
N ASP B 778 12.56 -21.19 -55.36
CA ASP B 778 11.42 -21.67 -56.14
C ASP B 778 10.53 -22.61 -55.36
N ASP B 779 10.88 -22.94 -54.11
CA ASP B 779 9.98 -23.73 -53.27
C ASP B 779 8.63 -23.07 -53.09
N ILE B 780 8.53 -21.77 -53.35
CA ILE B 780 7.25 -21.07 -53.25
C ILE B 780 6.26 -21.69 -54.23
N GLY B 781 5.12 -22.13 -53.69
CA GLY B 781 4.08 -22.79 -54.45
C GLY B 781 4.58 -23.82 -55.44
N ARG B 782 5.48 -24.69 -55.01
CA ARG B 782 6.00 -25.73 -55.90
C ARG B 782 5.90 -27.11 -55.28
N LEU B 783 6.10 -27.20 -53.97
CA LEU B 783 6.17 -28.50 -53.30
C LEU B 783 4.86 -29.26 -53.41
N HIS B 784 4.95 -30.56 -53.66
CA HIS B 784 3.77 -31.40 -53.64
C HIS B 784 3.32 -31.63 -52.21
N VAL B 785 2.08 -32.10 -52.06
CA VAL B 785 1.51 -32.42 -50.76
C VAL B 785 0.74 -33.73 -50.87
N ARG B 786 1.22 -34.78 -50.18
CA ARG B 786 0.47 -36.02 -50.11
C ARG B 786 -0.75 -35.86 -49.23
N ASN B 787 -1.89 -36.35 -49.71
CA ASN B 787 -3.14 -36.16 -48.99
C ASN B 787 -3.19 -37.07 -47.77
N GLU B 788 -4.35 -37.07 -47.08
CA GLU B 788 -4.54 -37.94 -45.93
C GLU B 788 -4.36 -39.40 -46.32
N GLN B 789 -4.83 -39.79 -47.51
CA GLN B 789 -4.56 -41.13 -48.01
C GLN B 789 -3.08 -41.33 -48.29
N GLY B 790 -2.37 -40.27 -48.68
CA GLY B 790 -0.96 -40.33 -48.98
C GLY B 790 -0.61 -40.07 -50.44
N GLU B 791 -1.58 -39.80 -51.31
CA GLU B 791 -1.29 -39.59 -52.72
C GLU B 791 -0.63 -38.24 -52.94
N MET B 792 0.55 -38.26 -53.56
CA MET B 792 1.29 -37.03 -53.84
C MET B 792 0.49 -36.12 -54.77
N VAL B 793 0.11 -34.95 -54.26
CA VAL B 793 -0.66 -33.97 -55.03
C VAL B 793 -0.15 -32.56 -54.72
N PRO B 794 0.46 -31.88 -55.68
CA PRO B 794 0.91 -30.50 -55.43
C PRO B 794 -0.24 -29.60 -54.97
N LEU B 795 -0.06 -28.99 -53.80
CA LEU B 795 -1.01 -27.97 -53.36
C LEU B 795 -0.99 -26.76 -54.29
N ALA B 796 0.11 -26.58 -55.05
CA ALA B 796 0.18 -25.53 -56.05
C ALA B 796 -0.90 -25.66 -57.11
N THR B 797 -1.48 -26.86 -57.26
CA THR B 797 -2.59 -27.04 -58.19
C THR B 797 -3.70 -26.04 -57.92
N PHE B 798 -4.01 -25.81 -56.64
CA PHE B 798 -5.04 -24.86 -56.26
C PHE B 798 -4.53 -23.71 -55.40
N ALA B 799 -3.53 -23.93 -54.55
CA ALA B 799 -2.93 -22.82 -53.79
C ALA B 799 -1.97 -22.05 -54.68
N LYS B 800 -2.01 -20.72 -54.59
CA LYS B 800 -1.21 -19.86 -55.45
C LYS B 800 -0.37 -18.91 -54.61
N ALA B 801 0.89 -18.75 -55.01
CA ALA B 801 1.77 -17.75 -54.39
C ALA B 801 1.85 -16.52 -55.28
N ALA B 802 1.67 -15.34 -54.68
CA ALA B 802 1.63 -14.09 -55.42
C ALA B 802 2.52 -13.05 -54.74
N TRP B 803 3.29 -12.33 -55.55
CA TRP B 803 4.14 -11.24 -55.05
C TRP B 803 3.29 -10.13 -54.44
N THR B 804 3.82 -9.51 -53.38
CA THR B 804 3.08 -8.53 -52.59
C THR B 804 4.04 -7.46 -52.06
N LEU B 805 3.48 -6.40 -51.47
CA LEU B 805 4.27 -5.31 -50.90
C LEU B 805 3.71 -4.94 -49.52
N GLY B 806 3.48 -5.95 -48.67
CA GLY B 806 2.85 -5.72 -47.39
C GLY B 806 3.75 -5.00 -46.41
N PRO B 807 3.13 -4.43 -45.37
CA PRO B 807 3.92 -3.69 -44.38
C PRO B 807 4.73 -4.62 -43.50
N PRO B 808 5.85 -4.15 -42.98
CA PRO B 808 6.64 -5.00 -42.06
C PRO B 808 5.94 -5.27 -40.74
N GLN B 809 5.51 -4.23 -40.05
CA GLN B 809 4.90 -4.36 -38.73
C GLN B 809 3.60 -3.58 -38.69
N LEU B 810 2.59 -4.17 -38.05
CA LEU B 810 1.29 -3.53 -37.89
C LEU B 810 1.22 -2.90 -36.49
N THR B 811 1.01 -1.59 -36.45
CA THR B 811 0.94 -0.85 -35.20
C THR B 811 -0.50 -0.45 -34.92
N ARG B 812 -0.99 -0.77 -33.73
CA ARG B 812 -2.32 -0.40 -33.28
C ARG B 812 -2.21 0.44 -32.02
N TYR B 813 -2.85 1.61 -32.04
CA TYR B 813 -2.86 2.51 -30.90
C TYR B 813 -4.26 2.54 -30.30
N ASN B 814 -4.35 2.23 -29.01
CA ASN B 814 -5.62 2.24 -28.27
C ASN B 814 -6.69 1.42 -29.00
N GLY B 815 -6.29 0.27 -29.51
CA GLY B 815 -7.23 -0.61 -30.20
C GLY B 815 -7.59 -0.19 -31.60
N TYR B 816 -6.77 0.64 -32.24
CA TYR B 816 -7.03 1.10 -33.59
C TYR B 816 -5.72 1.04 -34.37
N PRO B 817 -5.68 0.35 -35.53
CA PRO B 817 -4.47 0.36 -36.35
C PRO B 817 -4.03 1.77 -36.72
N SER B 818 -2.82 2.13 -36.35
CA SER B 818 -2.37 3.51 -36.40
C SER B 818 -1.10 3.65 -37.23
N PHE B 819 -0.85 4.88 -37.66
CA PHE B 819 0.39 5.25 -38.34
C PHE B 819 1.07 6.33 -37.50
N ASN B 820 2.02 5.90 -36.68
CA ASN B 820 2.75 6.84 -35.82
C ASN B 820 3.49 7.87 -36.67
N LEU B 821 3.21 9.14 -36.43
CA LEU B 821 3.84 10.24 -37.14
C LEU B 821 4.60 11.11 -36.15
N GLU B 822 5.86 11.39 -36.44
CA GLU B 822 6.70 12.21 -35.57
C GLU B 822 6.98 13.55 -36.26
N GLY B 823 6.71 14.63 -35.55
CA GLY B 823 6.96 15.95 -36.09
C GLY B 823 7.44 16.90 -35.02
N GLN B 824 8.04 18.00 -35.46
CA GLN B 824 8.51 19.08 -34.59
C GLN B 824 7.81 20.37 -34.97
N ALA B 825 7.82 21.32 -34.04
CA ALA B 825 7.26 22.64 -34.30
C ALA B 825 8.21 23.48 -35.14
N ALA B 826 7.66 24.25 -36.06
CA ALA B 826 8.48 25.13 -36.88
C ALA B 826 9.12 26.21 -36.02
N PRO B 827 10.34 26.68 -36.36
CA PRO B 827 11.02 27.68 -35.53
C PRO B 827 10.18 28.90 -35.20
N GLY B 828 10.00 29.15 -33.91
CA GLY B 828 9.21 30.27 -33.43
C GLY B 828 7.75 29.98 -33.24
N TYR B 829 7.24 28.91 -33.84
CA TYR B 829 5.83 28.55 -33.69
C TYR B 829 5.64 27.72 -32.44
N SER B 830 4.60 28.06 -31.67
CA SER B 830 4.34 27.36 -30.41
C SER B 830 4.04 25.89 -30.68
N SER B 831 4.54 25.03 -29.79
CA SER B 831 4.30 23.59 -29.91
C SER B 831 2.81 23.29 -29.88
N GLY B 832 2.10 23.83 -28.88
CA GLY B 832 0.67 23.64 -28.83
C GLY B 832 -0.05 24.21 -30.04
N GLU B 833 0.41 25.38 -30.51
CA GLU B 833 -0.12 25.96 -31.74
C GLU B 833 0.05 25.00 -32.90
N ALA B 834 1.24 24.41 -33.02
CA ALA B 834 1.48 23.46 -34.11
C ALA B 834 0.63 22.22 -33.98
N MET B 835 0.34 21.80 -32.74
CA MET B 835 -0.54 20.66 -32.53
C MET B 835 -1.97 20.97 -32.97
N GLN B 836 -2.47 22.14 -32.61
CA GLN B 836 -3.76 22.59 -33.12
C GLN B 836 -3.75 22.62 -34.64
N ALA B 837 -2.65 23.10 -35.22
CA ALA B 837 -2.52 23.14 -36.67
C ALA B 837 -2.55 21.73 -37.27
N MET B 838 -1.88 20.78 -36.62
CA MET B 838 -1.95 19.39 -37.07
C MET B 838 -3.38 18.89 -37.08
N GLU B 839 -4.12 19.15 -36.00
CA GLU B 839 -5.51 18.73 -35.95
C GLU B 839 -6.33 19.36 -37.07
N GLN B 840 -6.11 20.66 -37.32
CA GLN B 840 -6.84 21.35 -38.37
C GLN B 840 -6.49 20.79 -39.75
N LEU B 841 -5.21 20.52 -40.00
CA LEU B 841 -4.80 19.91 -41.25
C LEU B 841 -5.47 18.55 -41.43
N MET B 842 -5.59 17.78 -40.35
CA MET B 842 -6.32 16.52 -40.43
C MET B 842 -7.79 16.76 -40.77
N GLN B 843 -8.40 17.77 -40.16
CA GLN B 843 -9.80 18.11 -40.40
C GLN B 843 -10.12 18.12 -41.89
N GLY B 844 -11.12 17.33 -42.28
CA GLY B 844 -11.44 17.11 -43.67
C GLY B 844 -10.95 15.79 -44.23
N LEU B 845 -10.15 15.04 -43.48
CA LEU B 845 -9.68 13.75 -43.94
C LEU B 845 -10.83 12.76 -44.01
N PRO B 846 -10.68 11.68 -44.78
CA PRO B 846 -11.77 10.72 -44.96
C PRO B 846 -12.31 10.19 -43.63
N GLU B 847 -13.62 9.97 -43.60
CA GLU B 847 -14.30 9.56 -42.39
C GLU B 847 -13.77 8.21 -41.89
N GLY B 848 -13.72 8.07 -40.57
CA GLY B 848 -13.18 6.90 -39.92
C GLY B 848 -11.78 7.08 -39.36
N ILE B 849 -11.10 8.16 -39.73
CA ILE B 849 -9.73 8.41 -39.31
C ILE B 849 -9.73 9.54 -38.30
N ALA B 850 -8.98 9.35 -37.21
CA ALA B 850 -8.88 10.35 -36.16
C ALA B 850 -7.45 10.42 -35.65
N HIS B 851 -7.19 11.40 -34.81
CA HIS B 851 -5.88 11.63 -34.23
C HIS B 851 -5.91 11.40 -32.72
N GLU B 852 -4.78 10.98 -32.18
CA GLU B 852 -4.62 10.82 -30.73
C GLU B 852 -3.19 11.18 -30.37
N TRP B 853 -3.01 12.27 -29.63
CA TRP B 853 -1.68 12.65 -29.19
C TRP B 853 -1.19 11.71 -28.09
N SER B 854 0.11 11.49 -28.07
CA SER B 854 0.72 10.58 -27.10
C SER B 854 1.93 11.25 -26.48
N GLY B 855 2.55 10.58 -25.52
CA GLY B 855 3.76 11.03 -24.86
C GLY B 855 3.77 12.50 -24.47
N GLN B 856 4.79 13.22 -24.94
CA GLN B 856 4.93 14.63 -24.62
C GLN B 856 3.71 15.42 -25.10
N SER B 857 3.21 15.10 -26.30
CA SER B 857 2.01 15.76 -26.81
C SER B 857 0.83 15.52 -25.88
N PHE B 858 0.63 14.28 -25.44
CA PHE B 858 -0.48 13.97 -24.56
C PHE B 858 -0.38 14.73 -23.24
N GLU B 859 0.81 14.70 -22.63
CA GLU B 859 1.00 15.38 -21.35
C GLU B 859 0.77 16.88 -21.50
N GLU B 860 1.30 17.47 -22.56
CA GLU B 860 1.08 18.89 -22.83
C GLU B 860 -0.39 19.20 -23.00
N ARG B 861 -1.11 18.35 -23.76
CA ARG B 861 -2.54 18.54 -23.92
C ARG B 861 -3.26 18.50 -22.57
N LEU B 862 -2.81 17.64 -21.67
CA LEU B 862 -3.43 17.59 -20.34
C LEU B 862 -3.32 18.92 -19.63
N SER B 863 -2.11 19.49 -19.56
CA SER B 863 -1.91 20.77 -18.90
C SER B 863 -0.56 21.33 -19.34
N GLY B 864 -0.55 22.61 -19.72
CA GLY B 864 0.67 23.26 -20.13
C GLY B 864 0.84 24.63 -19.52
N ALA B 865 -0.17 25.09 -18.78
CA ALA B 865 -0.18 26.41 -18.17
C ALA B 865 0.20 26.38 -16.71
N GLN B 866 0.76 25.27 -16.21
CA GLN B 866 1.15 25.20 -14.82
C GLN B 866 2.22 26.24 -14.48
N ALA B 867 3.20 26.40 -15.38
CA ALA B 867 4.33 27.28 -15.10
C ALA B 867 3.93 28.72 -14.83
N PRO B 868 3.19 29.40 -15.71
CA PRO B 868 2.80 30.78 -15.40
C PRO B 868 1.97 30.90 -14.13
N ALA B 869 1.08 29.94 -13.89
CA ALA B 869 0.23 30.01 -12.71
C ALA B 869 1.05 29.94 -11.44
N LEU B 870 1.92 28.94 -11.34
CA LEU B 870 2.73 28.81 -10.12
C LEU B 870 3.75 29.95 -10.02
N PHE B 871 4.24 30.48 -11.14
CA PHE B 871 5.11 31.65 -11.06
C PHE B 871 4.39 32.84 -10.47
N ALA B 872 3.16 33.09 -10.92
CA ALA B 872 2.37 34.19 -10.37
C ALA B 872 2.09 33.96 -8.89
N LEU B 873 1.76 32.72 -8.52
CA LEU B 873 1.51 32.42 -7.12
C LEU B 873 2.76 32.67 -6.28
N SER B 874 3.93 32.27 -6.77
CA SER B 874 5.17 32.52 -6.05
C SER B 874 5.41 34.02 -5.90
N VAL B 875 5.17 34.78 -6.95
CA VAL B 875 5.35 36.23 -6.86
C VAL B 875 4.44 36.82 -5.79
N LEU B 876 3.18 36.39 -5.78
CA LEU B 876 2.22 36.88 -4.80
C LEU B 876 2.68 36.56 -3.37
N ILE B 877 3.09 35.32 -3.15
CA ILE B 877 3.52 34.89 -1.83
C ILE B 877 4.73 35.67 -1.38
N VAL B 878 5.69 35.87 -2.28
CA VAL B 878 6.89 36.64 -1.95
C VAL B 878 6.51 38.06 -1.57
N PHE B 879 5.62 38.68 -2.35
CA PHE B 879 5.18 40.04 -2.04
C PHE B 879 4.56 40.10 -0.66
N LEU B 880 3.67 39.16 -0.34
CA LEU B 880 3.03 39.17 0.97
C LEU B 880 4.04 38.97 2.09
N ALA B 881 4.97 38.03 1.92
CA ALA B 881 5.98 37.78 2.95
C ALA B 881 6.85 39.01 3.18
N LEU B 882 7.26 39.67 2.08
CA LEU B 882 8.05 40.88 2.22
C LEU B 882 7.26 42.00 2.88
N ALA B 883 5.97 42.10 2.57
CA ALA B 883 5.11 43.07 3.24
C ALA B 883 5.07 42.82 4.74
N ALA B 884 5.03 41.54 5.13
CA ALA B 884 5.12 41.21 6.54
C ALA B 884 6.48 41.60 7.12
N LEU B 885 7.56 41.31 6.40
CA LEU B 885 8.89 41.58 6.91
C LEU B 885 9.15 43.07 7.08
N TYR B 886 8.79 43.87 6.08
CA TYR B 886 9.03 45.31 6.12
C TYR B 886 7.94 46.08 6.85
N GLU B 887 6.84 45.42 7.21
CA GLU B 887 5.70 46.07 7.87
C GLU B 887 5.19 47.23 7.02
N SER B 888 5.13 47.02 5.71
CA SER B 888 4.62 48.03 4.79
C SER B 888 4.22 47.36 3.50
N TRP B 889 3.29 48.00 2.80
CA TRP B 889 2.75 47.48 1.55
C TRP B 889 3.50 47.99 0.32
N SER B 890 4.45 48.89 0.50
CA SER B 890 5.13 49.54 -0.62
C SER B 890 6.58 49.09 -0.79
N ILE B 891 7.31 48.99 0.31
CA ILE B 891 8.72 48.61 0.33
C ILE B 891 9.01 47.32 -0.44
N PRO B 892 8.21 46.26 -0.30
CA PRO B 892 8.50 45.02 -1.06
C PRO B 892 8.61 45.21 -2.56
N LEU B 893 7.91 46.22 -3.10
CA LEU B 893 7.93 46.43 -4.55
C LEU B 893 9.35 46.58 -5.07
N ALA B 894 10.23 47.22 -4.30
CA ALA B 894 11.62 47.33 -4.70
C ALA B 894 12.28 45.95 -4.84
N VAL B 895 12.08 45.10 -3.82
CA VAL B 895 12.65 43.76 -3.86
C VAL B 895 12.11 43.00 -5.07
N ILE B 896 10.83 43.22 -5.39
CA ILE B 896 10.25 42.61 -6.58
C ILE B 896 10.92 43.14 -7.84
N LEU B 897 11.20 44.44 -7.87
CA LEU B 897 11.84 45.06 -9.03
C LEU B 897 13.27 44.58 -9.21
N VAL B 898 13.89 44.09 -8.14
CA VAL B 898 15.30 43.69 -8.21
C VAL B 898 15.47 42.52 -9.19
N VAL B 899 14.50 41.62 -9.25
CA VAL B 899 14.60 40.31 -9.92
C VAL B 899 15.25 40.35 -11.30
N PRO B 900 14.77 41.15 -12.27
CA PRO B 900 15.33 41.05 -13.64
C PRO B 900 16.82 41.29 -13.75
N LEU B 901 17.41 42.04 -12.81
CA LEU B 901 18.83 42.33 -12.85
C LEU B 901 19.66 41.05 -12.93
N GLY B 902 19.37 40.09 -12.05
CA GLY B 902 20.07 38.82 -12.11
C GLY B 902 19.84 38.06 -13.40
N VAL B 903 18.60 38.09 -13.90
CA VAL B 903 18.26 37.38 -15.14
C VAL B 903 19.09 37.91 -16.30
N LEU B 904 19.36 39.22 -16.30
CA LEU B 904 20.12 39.82 -17.39
C LEU B 904 21.44 39.11 -17.62
N GLY B 905 22.22 38.89 -16.55
CA GLY B 905 23.53 38.30 -16.70
C GLY B 905 23.49 36.86 -17.19
N ALA B 906 22.56 36.07 -16.64
CA ALA B 906 22.42 34.70 -17.11
C ALA B 906 22.09 34.68 -18.59
N LEU B 907 21.18 35.54 -19.02
CA LEU B 907 20.83 35.60 -20.44
C LEU B 907 22.04 35.99 -21.29
N LEU B 908 22.77 37.01 -20.86
CA LEU B 908 23.94 37.46 -21.60
C LEU B 908 24.97 36.34 -21.73
N GLY B 909 25.28 35.67 -20.61
CA GLY B 909 26.28 34.63 -20.64
C GLY B 909 25.87 33.46 -21.51
N VAL B 910 24.62 33.02 -21.38
CA VAL B 910 24.15 31.89 -22.17
C VAL B 910 24.09 32.26 -23.65
N SER B 911 23.81 33.52 -23.96
CA SER B 911 23.80 33.96 -25.35
C SER B 911 25.20 33.95 -25.93
N LEU B 912 26.17 34.52 -25.21
CA LEU B 912 27.55 34.54 -25.69
C LEU B 912 28.10 33.13 -25.83
N ARG B 913 27.83 32.27 -24.85
CA ARG B 913 28.23 30.87 -24.96
C ARG B 913 27.49 30.16 -26.07
N GLY B 914 26.26 30.57 -26.36
CA GLY B 914 25.43 29.89 -27.33
C GLY B 914 24.62 28.75 -26.77
N LEU B 915 24.72 28.48 -25.47
CA LEU B 915 23.97 27.40 -24.86
C LEU B 915 22.48 27.71 -24.87
N PRO B 916 21.64 26.68 -24.86
CA PRO B 916 20.20 26.90 -24.94
C PRO B 916 19.58 27.13 -23.56
N ASN B 917 18.31 27.51 -23.57
CA ASN B 917 17.54 27.70 -22.34
C ASN B 917 17.12 26.33 -21.80
N ASP B 918 18.12 25.60 -21.32
CA ASP B 918 17.91 24.26 -20.83
C ASP B 918 17.41 24.29 -19.39
N ILE B 919 16.98 23.12 -18.91
CA ILE B 919 16.48 23.01 -17.53
C ILE B 919 17.54 23.49 -16.55
N TYR B 920 18.79 23.08 -16.77
CA TYR B 920 19.90 23.56 -15.94
C TYR B 920 19.93 25.09 -15.90
N PHE B 921 19.83 25.72 -17.07
CA PHE B 921 19.88 27.18 -17.13
C PHE B 921 18.73 27.78 -16.33
N LYS B 922 17.52 27.24 -16.49
CA LYS B 922 16.37 27.78 -15.80
C LYS B 922 16.54 27.68 -14.28
N VAL B 923 16.98 26.52 -13.80
CA VAL B 923 17.16 26.33 -12.37
C VAL B 923 18.25 27.25 -11.84
N GLY B 924 19.35 27.36 -12.57
CA GLY B 924 20.40 28.30 -12.19
C GLY B 924 19.88 29.73 -12.14
N LEU B 925 19.00 30.07 -13.08
CA LEU B 925 18.39 31.40 -13.07
C LEU B 925 17.56 31.61 -11.82
N ILE B 926 16.78 30.60 -11.43
CA ILE B 926 16.00 30.69 -10.20
C ILE B 926 16.92 30.88 -9.00
N THR B 927 18.03 30.13 -8.97
CA THR B 927 18.99 30.26 -7.87
C THR B 927 19.58 31.66 -7.81
N ILE B 928 19.93 32.21 -8.97
CA ILE B 928 20.47 33.57 -9.02
C ILE B 928 19.44 34.57 -8.52
N ILE B 929 18.18 34.37 -8.93
CA ILE B 929 17.09 35.20 -8.42
C ILE B 929 17.06 35.15 -6.90
N GLY B 930 17.18 33.94 -6.35
CA GLY B 930 17.16 33.81 -4.90
C GLY B 930 18.31 34.56 -4.22
N LEU B 931 19.51 34.40 -4.75
CA LEU B 931 20.67 35.07 -4.18
C LEU B 931 20.52 36.58 -4.22
N SER B 932 20.16 37.11 -5.40
CA SER B 932 20.00 38.56 -5.54
C SER B 932 18.87 39.08 -4.66
N ALA B 933 17.78 38.30 -4.55
CA ALA B 933 16.68 38.68 -3.67
C ALA B 933 17.15 38.75 -2.22
N LYS B 934 17.94 37.77 -1.79
CA LYS B 934 18.48 37.81 -0.43
C LYS B 934 19.29 39.08 -0.21
N ASN B 935 20.19 39.39 -1.14
CA ASN B 935 21.00 40.60 -1.01
C ASN B 935 20.14 41.85 -0.94
N ALA B 936 19.14 41.93 -1.83
CA ALA B 936 18.27 43.10 -1.87
C ALA B 936 17.48 43.24 -0.58
N ILE B 937 16.96 42.13 -0.06
CA ILE B 937 16.20 42.18 1.19
C ILE B 937 17.09 42.70 2.32
N LEU B 938 18.32 42.21 2.39
CA LEU B 938 19.24 42.71 3.42
C LEU B 938 19.46 44.21 3.28
N ILE B 939 19.75 44.66 2.05
CA ILE B 939 20.00 46.09 1.82
C ILE B 939 18.82 46.93 2.27
N ILE B 940 17.64 46.57 1.78
CA ILE B 940 16.46 47.39 2.02
C ILE B 940 16.04 47.34 3.49
N GLU B 941 16.20 46.19 4.13
CA GLU B 941 15.90 46.11 5.56
C GLU B 941 16.81 47.03 6.36
N VAL B 942 18.11 47.01 6.06
CA VAL B 942 19.03 47.89 6.79
C VAL B 942 18.68 49.35 6.54
N ALA B 943 18.39 49.69 5.27
CA ALA B 943 18.04 51.06 4.95
C ALA B 943 16.77 51.49 5.68
N LYS B 944 15.78 50.60 5.73
CA LYS B 944 14.54 50.90 6.45
C LYS B 944 14.80 51.12 7.94
N ASP B 945 15.64 50.27 8.54
CA ASP B 945 15.98 50.45 9.94
C ASP B 945 16.60 51.81 10.18
N HIS B 946 17.57 52.18 9.34
CA HIS B 946 18.22 53.48 9.47
C HIS B 946 17.21 54.62 9.30
N TYR B 947 16.28 54.48 8.36
CA TYR B 947 15.26 55.49 8.17
C TYR B 947 14.38 55.62 9.41
N GLN B 948 13.97 54.48 9.97
CA GLN B 948 13.15 54.50 11.18
C GLN B 948 13.89 55.12 12.35
N GLU B 949 15.22 55.03 12.35
CA GLU B 949 16.00 55.76 13.36
C GLU B 949 15.72 57.25 13.30
N GLY B 950 15.58 57.80 12.10
CA GLY B 950 15.35 59.23 11.93
C GLY B 950 16.12 59.80 10.76
N MET B 951 17.13 59.08 10.32
CA MET B 951 17.93 59.51 9.19
C MET B 951 17.07 59.69 7.95
N SER B 952 17.41 60.70 7.15
CA SER B 952 16.67 60.94 5.92
C SER B 952 16.82 59.77 4.97
N LEU B 953 15.80 59.56 4.13
CA LEU B 953 15.78 58.43 3.22
C LEU B 953 17.07 58.33 2.42
N LEU B 954 17.52 59.45 1.86
CA LEU B 954 18.76 59.47 1.09
C LEU B 954 19.95 59.01 1.92
N GLN B 955 20.15 59.64 3.08
CA GLN B 955 21.32 59.33 3.90
C GLN B 955 21.24 57.92 4.47
N ALA B 956 20.06 57.50 4.93
CA ALA B 956 19.90 56.14 5.43
C ALA B 956 20.22 55.13 4.33
N THR B 957 19.73 55.38 3.12
CA THR B 957 20.01 54.52 1.99
C THR B 957 21.50 54.45 1.70
N LEU B 958 22.17 55.61 1.72
CA LEU B 958 23.60 55.63 1.49
C LEU B 958 24.35 54.83 2.55
N GLU B 959 23.97 54.99 3.82
CA GLU B 959 24.62 54.24 4.90
C GLU B 959 24.41 52.74 4.72
N ALA B 960 23.18 52.34 4.39
CA ALA B 960 22.91 50.92 4.17
C ALA B 960 23.73 50.38 3.01
N ALA B 961 23.81 51.15 1.93
CA ALA B 961 24.62 50.75 0.78
C ALA B 961 26.08 50.56 1.18
N ARG B 962 26.60 51.49 1.99
CA ARG B 962 27.98 51.36 2.47
C ARG B 962 28.15 50.09 3.30
N LEU B 963 27.25 49.87 4.25
CA LEU B 963 27.37 48.72 5.15
C LEU B 963 27.21 47.41 4.39
N ARG B 964 26.08 47.25 3.70
CA ARG B 964 25.80 46.03 2.95
C ARG B 964 26.49 46.07 1.58
N LEU B 965 27.80 46.28 1.63
CA LEU B 965 28.60 46.21 0.41
C LEU B 965 29.60 45.07 0.54
N ARG B 966 30.37 45.08 1.62
CA ARG B 966 31.37 44.04 1.84
C ARG B 966 30.80 42.63 1.90
N PRO B 967 29.76 42.34 2.69
CA PRO B 967 29.20 40.97 2.66
C PRO B 967 28.72 40.55 1.28
N ILE B 968 28.10 41.46 0.53
CA ILE B 968 27.63 41.11 -0.81
C ILE B 968 28.80 40.80 -1.72
N VAL B 969 29.84 41.65 -1.68
CA VAL B 969 31.03 41.42 -2.49
C VAL B 969 31.66 40.08 -2.15
N MET B 970 31.82 39.80 -0.86
CA MET B 970 32.43 38.53 -0.45
C MET B 970 31.61 37.35 -0.93
N THR B 971 30.29 37.40 -0.71
CA THR B 971 29.39 36.34 -1.17
C THR B 971 29.54 36.12 -2.67
N SER B 972 29.43 37.20 -3.44
CA SER B 972 29.47 37.09 -4.89
C SER B 972 30.80 36.55 -5.36
N LEU B 973 31.91 37.06 -4.81
CA LEU B 973 33.22 36.60 -5.21
C LEU B 973 33.39 35.12 -4.93
N ALA B 974 33.04 34.69 -3.71
CA ALA B 974 33.20 33.29 -3.35
C ALA B 974 32.37 32.40 -4.25
N PHE B 975 31.09 32.72 -4.40
CA PHE B 975 30.21 31.87 -5.22
C PHE B 975 30.65 31.85 -6.67
N GLY B 976 30.98 33.01 -7.23
CA GLY B 976 31.40 33.06 -8.62
C GLY B 976 32.65 32.26 -8.87
N PHE B 977 33.64 32.39 -7.98
CA PHE B 977 34.88 31.63 -8.15
C PHE B 977 34.64 30.15 -7.96
N GLY B 978 33.72 29.77 -7.07
CA GLY B 978 33.35 28.37 -6.96
C GLY B 978 32.71 27.84 -8.22
N VAL B 979 31.91 28.68 -8.89
CA VAL B 979 31.22 28.27 -10.10
C VAL B 979 32.14 28.27 -11.32
N VAL B 980 33.22 29.06 -11.29
CA VAL B 980 34.10 29.19 -12.45
C VAL B 980 34.58 27.83 -12.98
N PRO B 981 35.06 26.89 -12.14
CA PRO B 981 35.46 25.57 -12.67
C PRO B 981 34.40 24.93 -13.55
N LEU B 982 33.16 24.90 -13.07
CA LEU B 982 32.07 24.34 -13.87
C LEU B 982 31.88 25.11 -15.16
N ALA B 983 31.99 26.43 -15.11
CA ALA B 983 31.88 27.24 -16.33
C ALA B 983 33.04 27.01 -17.28
N LEU B 984 34.12 26.38 -16.81
CA LEU B 984 35.27 26.05 -17.65
C LEU B 984 35.48 24.55 -17.73
N SER B 985 34.40 23.77 -17.57
CA SER B 985 34.50 22.32 -17.56
C SER B 985 35.05 21.80 -18.88
N SER B 986 35.85 20.74 -18.79
CA SER B 986 36.53 20.15 -19.94
C SER B 986 36.17 18.66 -20.00
N GLY B 987 35.14 18.34 -20.78
CA GLY B 987 34.70 16.97 -20.97
C GLY B 987 34.17 16.35 -19.68
N ALA B 988 34.01 15.03 -19.73
CA ALA B 988 33.64 14.21 -18.59
C ALA B 988 32.48 14.83 -17.79
N GLY B 989 31.35 14.97 -18.47
CA GLY B 989 30.22 15.66 -17.89
C GLY B 989 30.19 17.15 -18.17
N SER B 990 30.91 17.61 -19.19
CA SER B 990 31.11 19.04 -19.40
C SER B 990 29.80 19.77 -19.66
N GLY B 991 28.91 19.18 -20.46
CA GLY B 991 27.66 19.84 -20.82
C GLY B 991 26.87 20.48 -19.70
N ALA B 992 26.42 19.65 -18.75
CA ALA B 992 25.62 20.15 -17.64
C ALA B 992 26.42 21.12 -16.78
N GLN B 993 27.69 20.80 -16.53
CA GLN B 993 28.54 21.67 -15.73
C GLN B 993 28.63 23.06 -16.34
N VAL B 994 28.89 23.14 -17.65
CA VAL B 994 29.07 24.43 -18.30
C VAL B 994 27.76 25.19 -18.37
N ALA B 995 26.64 24.48 -18.55
CA ALA B 995 25.35 25.17 -18.52
C ALA B 995 25.13 25.82 -17.16
N ILE B 996 25.28 25.04 -16.08
CA ILE B 996 25.11 25.57 -14.74
C ILE B 996 26.09 26.72 -14.50
N GLY B 997 27.34 26.53 -14.87
CA GLY B 997 28.37 27.52 -14.68
C GLY B 997 27.97 28.81 -15.37
N THR B 998 27.96 28.80 -16.71
CA THR B 998 27.54 29.95 -17.50
C THR B 998 26.38 30.70 -16.87
N GLY B 999 25.27 29.99 -16.61
CA GLY B 999 24.11 30.67 -16.07
C GLY B 999 24.40 31.35 -14.74
N VAL B 1000 24.92 30.59 -13.77
CA VAL B 1000 25.12 31.12 -12.43
C VAL B 1000 26.14 32.24 -12.43
N LEU B 1001 27.23 32.06 -13.19
CA LEU B 1001 28.30 33.05 -13.23
C LEU B 1001 27.80 34.38 -13.78
N GLY B 1002 27.15 34.36 -14.94
CA GLY B 1002 26.62 35.60 -15.49
C GLY B 1002 25.64 36.26 -14.56
N GLY B 1003 24.72 35.46 -14.01
CA GLY B 1003 23.77 36.00 -13.05
C GLY B 1003 24.46 36.65 -11.88
N ILE B 1004 25.46 35.97 -11.31
CA ILE B 1004 26.18 36.52 -10.16
C ILE B 1004 26.79 37.87 -10.50
N VAL B 1005 27.51 37.94 -11.60
CA VAL B 1005 28.26 39.16 -11.92
C VAL B 1005 27.28 40.32 -12.05
N THR B 1006 26.36 40.20 -13.00
CA THR B 1006 25.46 41.31 -13.27
C THR B 1006 24.57 41.61 -12.08
N ALA B 1007 24.02 40.56 -11.46
CA ALA B 1007 23.17 40.72 -10.29
C ALA B 1007 23.87 41.54 -9.22
N THR B 1008 25.11 41.16 -8.88
CA THR B 1008 25.82 41.85 -7.82
C THR B 1008 26.03 43.32 -8.17
N VAL B 1009 26.60 43.58 -9.35
CA VAL B 1009 26.92 44.98 -9.69
C VAL B 1009 25.65 45.82 -9.78
N LEU B 1010 24.68 45.36 -10.58
CA LEU B 1010 23.45 46.12 -10.77
C LEU B 1010 22.70 46.25 -9.46
N ALA B 1011 22.74 45.23 -8.61
CA ALA B 1011 22.07 45.33 -7.31
C ALA B 1011 22.70 46.41 -6.46
N VAL B 1012 24.02 46.36 -6.27
CA VAL B 1012 24.67 47.33 -5.39
C VAL B 1012 24.56 48.74 -5.94
N PHE B 1013 24.30 48.90 -7.23
CA PHE B 1013 24.08 50.24 -7.77
C PHE B 1013 22.62 50.58 -8.05
N LEU B 1014 21.68 49.68 -7.80
CA LEU B 1014 20.29 49.99 -8.12
C LEU B 1014 19.32 49.79 -6.98
N VAL B 1015 19.52 48.78 -6.14
CA VAL B 1015 18.58 48.54 -5.04
C VAL B 1015 18.44 49.77 -4.14
N PRO B 1016 19.50 50.49 -3.79
CA PRO B 1016 19.30 51.78 -3.13
C PRO B 1016 18.40 52.71 -3.90
N LEU B 1017 18.56 52.74 -5.23
CA LEU B 1017 17.69 53.56 -6.06
C LEU B 1017 16.25 53.10 -5.94
N PHE B 1018 16.02 51.78 -5.94
CA PHE B 1018 14.67 51.25 -5.80
C PHE B 1018 14.04 51.69 -4.48
N PHE B 1019 14.79 51.55 -3.38
CA PHE B 1019 14.26 51.95 -2.09
C PHE B 1019 13.96 53.44 -2.06
N LEU B 1020 14.87 54.24 -2.61
CA LEU B 1020 14.66 55.69 -2.64
C LEU B 1020 13.39 56.03 -3.42
N VAL B 1021 13.23 55.41 -4.59
CA VAL B 1021 12.07 55.70 -5.44
C VAL B 1021 10.78 55.32 -4.72
N VAL B 1022 10.75 54.13 -4.11
CA VAL B 1022 9.56 53.71 -3.39
C VAL B 1022 9.27 54.65 -2.22
N GLY B 1023 10.32 55.02 -1.49
CA GLY B 1023 10.13 55.90 -0.34
C GLY B 1023 9.56 57.25 -0.73
N ARG B 1024 10.10 57.85 -1.79
CA ARG B 1024 9.54 59.11 -2.26
C ARG B 1024 8.11 58.92 -2.78
N LEU B 1025 7.87 57.84 -3.50
CA LEU B 1025 6.57 57.64 -4.14
C LEU B 1025 5.48 57.41 -3.12
N PHE B 1026 5.73 56.54 -2.14
CA PHE B 1026 4.68 56.10 -1.21
C PHE B 1026 4.79 56.74 0.16
N ARG B 1027 5.63 57.76 0.30
CA ARG B 1027 5.73 58.57 1.51
C ARG B 1027 5.94 57.69 2.76
N LEU B 1028 7.00 56.88 2.71
CA LEU B 1028 7.37 56.09 3.88
C LEU B 1028 7.69 56.99 5.06
N ARG B 1029 7.22 56.61 6.24
CA ARG B 1029 7.32 57.45 7.41
C ARG B 1029 7.76 56.63 8.61
N LYS B 1030 8.25 57.33 9.64
CA LYS B 1030 8.73 56.70 10.84
C LYS B 1030 7.57 56.10 11.64
N ALA B 1031 7.90 55.18 12.52
CA ALA B 1031 6.90 54.53 13.38
C ALA B 1031 6.53 55.45 14.53
N MET C 1 0.06 37.47 21.12
CA MET C 1 -0.50 37.70 19.79
C MET C 1 -1.23 39.02 19.70
N ALA C 2 -2.17 39.24 20.63
CA ALA C 2 -3.04 40.41 20.60
C ALA C 2 -2.27 41.70 20.38
N ARG C 3 -1.36 42.02 21.30
CA ARG C 3 -0.56 43.24 21.15
C ARG C 3 0.31 43.16 19.89
N PHE C 4 0.90 41.98 19.64
CA PHE C 4 1.75 41.81 18.47
C PHE C 4 1.02 42.17 17.17
N PHE C 5 -0.17 41.60 16.98
CA PHE C 5 -0.91 41.89 15.75
C PHE C 5 -1.48 43.30 15.74
N ILE C 6 -1.82 43.82 16.92
CA ILE C 6 -2.32 45.20 17.00
C ILE C 6 -1.25 46.17 16.51
N ASP C 7 -0.01 45.97 16.94
CA ASP C 7 1.06 46.89 16.55
C ASP C 7 1.44 46.73 15.08
N ARG C 8 1.13 45.60 14.47
CA ARG C 8 1.53 45.30 13.09
C ARG C 8 0.29 44.92 12.29
N PRO C 9 -0.54 45.89 11.92
CA PRO C 9 -1.74 45.56 11.12
C PRO C 9 -1.40 44.93 9.79
N VAL C 10 -0.32 45.37 9.16
CA VAL C 10 0.08 44.80 7.88
C VAL C 10 0.35 43.32 8.01
N PHE C 11 1.02 42.91 9.09
CA PHE C 11 1.31 41.50 9.31
C PHE C 11 0.03 40.69 9.44
N ALA C 12 -0.94 41.19 10.22
CA ALA C 12 -2.20 40.48 10.38
C ALA C 12 -2.92 40.35 9.04
N TRP C 13 -2.96 41.43 8.27
CA TRP C 13 -3.57 41.39 6.95
C TRP C 13 -2.89 40.35 6.07
N VAL C 14 -1.56 40.30 6.14
CA VAL C 14 -0.80 39.33 5.33
C VAL C 14 -1.19 37.91 5.71
N ILE C 15 -1.27 37.64 7.01
CA ILE C 15 -1.62 36.29 7.46
C ILE C 15 -3.02 35.92 6.96
N SER C 16 -3.97 36.85 7.11
CA SER C 16 -5.33 36.58 6.65
C SER C 16 -5.37 36.34 5.15
N LEU C 17 -4.65 37.15 4.37
CA LEU C 17 -4.63 36.97 2.93
C LEU C 17 -4.01 35.64 2.54
N LEU C 18 -2.96 35.22 3.24
CA LEU C 18 -2.38 33.91 2.98
C LEU C 18 -3.39 32.82 3.23
N ILE C 19 -4.16 32.93 4.32
CA ILE C 19 -5.19 31.95 4.61
C ILE C 19 -6.23 31.93 3.50
N VAL C 20 -6.63 33.11 3.02
CA VAL C 20 -7.64 33.19 1.96
C VAL C 20 -7.13 32.53 0.69
N LEU C 21 -5.88 32.81 0.31
CA LEU C 21 -5.30 32.21 -0.89
C LEU C 21 -5.24 30.69 -0.76
N ALA C 22 -4.81 30.21 0.42
CA ALA C 22 -4.77 28.77 0.64
C ALA C 22 -6.16 28.16 0.50
N GLY C 23 -7.18 28.83 1.05
CA GLY C 23 -8.54 28.34 0.90
C GLY C 23 -8.99 28.28 -0.54
N VAL C 24 -8.66 29.30 -1.32
CA VAL C 24 -9.02 29.32 -2.74
C VAL C 24 -8.39 28.13 -3.45
N LEU C 25 -7.08 27.92 -3.24
CA LEU C 25 -6.41 26.81 -3.89
C LEU C 25 -6.98 25.47 -3.44
N ALA C 26 -7.27 25.32 -2.16
CA ALA C 26 -7.84 24.08 -1.65
C ALA C 26 -9.18 23.79 -2.30
N ILE C 27 -10.05 24.81 -2.37
CA ILE C 27 -11.32 24.66 -3.06
C ILE C 27 -11.10 24.23 -4.51
N ARG C 28 -10.10 24.82 -5.16
CA ARG C 28 -9.77 24.40 -6.52
C ARG C 28 -9.37 22.93 -6.58
N PHE C 29 -8.76 22.42 -5.53
CA PHE C 29 -8.30 21.03 -5.52
C PHE C 29 -9.19 20.09 -4.71
N LEU C 30 -10.21 20.60 -4.05
CA LEU C 30 -11.05 19.74 -3.19
C LEU C 30 -12.01 18.91 -4.02
N PRO C 31 -12.14 17.61 -3.73
CA PRO C 31 -13.18 16.82 -4.39
C PRO C 31 -14.56 17.16 -3.86
N VAL C 32 -15.57 16.88 -4.69
CA VAL C 32 -16.96 17.16 -4.35
C VAL C 32 -17.77 15.87 -4.43
N ALA C 33 -18.50 15.57 -3.36
CA ALA C 33 -19.41 14.44 -3.32
C ALA C 33 -20.58 14.79 -2.41
N GLN C 34 -21.74 14.22 -2.71
CA GLN C 34 -22.94 14.52 -1.93
C GLN C 34 -22.75 14.15 -0.46
N TYR C 35 -22.25 12.95 -0.22
CA TYR C 35 -22.00 12.47 1.13
C TYR C 35 -20.55 12.03 1.24
N PRO C 36 -19.97 12.12 2.44
CA PRO C 36 -18.58 11.68 2.61
C PRO C 36 -18.42 10.22 2.23
N ASP C 37 -17.29 9.90 1.61
CA ASP C 37 -17.05 8.57 1.07
C ASP C 37 -17.21 7.51 2.13
N ILE C 38 -18.22 6.65 1.94
CA ILE C 38 -18.49 5.55 2.85
C ILE C 38 -18.61 4.22 2.13
N ALA C 39 -18.30 4.17 0.84
CA ALA C 39 -18.38 2.93 0.07
C ALA C 39 -17.33 1.94 0.56
N PRO C 40 -17.70 0.73 0.93
CA PRO C 40 -16.70 -0.30 1.22
C PRO C 40 -16.13 -0.85 -0.07
N PRO C 41 -14.90 -1.37 -0.04
CA PRO C 41 -14.34 -2.00 -1.24
C PRO C 41 -15.14 -3.23 -1.63
N VAL C 42 -15.53 -3.29 -2.91
CA VAL C 42 -16.38 -4.34 -3.42
C VAL C 42 -15.76 -4.89 -4.69
N VAL C 43 -15.75 -6.22 -4.83
CA VAL C 43 -15.24 -6.88 -6.04
C VAL C 43 -16.29 -7.86 -6.55
N ASN C 44 -16.69 -7.70 -7.81
CA ASN C 44 -17.66 -8.58 -8.45
C ASN C 44 -16.92 -9.58 -9.32
N VAL C 45 -17.03 -10.86 -8.97
CA VAL C 45 -16.50 -11.95 -9.76
C VAL C 45 -17.65 -12.52 -10.58
N SER C 46 -17.59 -12.36 -11.89
CA SER C 46 -18.64 -12.81 -12.79
C SER C 46 -18.11 -13.94 -13.68
N ALA C 47 -18.93 -14.96 -13.86
CA ALA C 47 -18.59 -16.08 -14.73
C ALA C 47 -19.83 -16.50 -15.50
N SER C 48 -19.63 -17.22 -16.59
CA SER C 48 -20.75 -17.72 -17.38
C SER C 48 -20.56 -19.19 -17.67
N TYR C 49 -21.62 -19.97 -17.43
CA TYR C 49 -21.66 -21.40 -17.74
C TYR C 49 -22.88 -21.61 -18.63
N PRO C 50 -22.75 -21.39 -19.95
CA PRO C 50 -23.91 -21.50 -20.83
C PRO C 50 -24.48 -22.92 -20.83
N GLY C 51 -25.79 -23.01 -21.04
CA GLY C 51 -26.45 -24.30 -21.08
C GLY C 51 -26.58 -24.98 -19.74
N ALA C 52 -26.43 -24.24 -18.65
CA ALA C 52 -26.55 -24.77 -17.30
C ALA C 52 -27.63 -24.01 -16.55
N SER C 53 -28.50 -24.74 -15.86
CA SER C 53 -29.56 -24.12 -15.08
C SER C 53 -28.98 -23.48 -13.82
N ALA C 54 -29.86 -22.76 -13.11
CA ALA C 54 -29.46 -22.14 -11.86
C ALA C 54 -28.85 -23.15 -10.89
N LYS C 55 -29.47 -24.33 -10.79
CA LYS C 55 -28.94 -25.37 -9.92
C LYS C 55 -27.57 -25.83 -10.40
N VAL C 56 -27.43 -26.08 -11.70
CA VAL C 56 -26.16 -26.56 -12.24
C VAL C 56 -25.07 -25.52 -12.05
N VAL C 57 -25.37 -24.27 -12.37
CA VAL C 57 -24.40 -23.19 -12.16
C VAL C 57 -24.03 -23.09 -10.68
N GLU C 58 -25.03 -23.19 -9.80
CA GLU C 58 -24.77 -23.10 -8.36
C GLU C 58 -23.82 -24.20 -7.90
N GLU C 59 -24.08 -25.44 -8.32
CA GLU C 59 -23.33 -26.58 -7.83
C GLU C 59 -22.02 -26.82 -8.58
N ALA C 60 -21.80 -26.15 -9.71
CA ALA C 60 -20.59 -26.35 -10.49
C ALA C 60 -19.65 -25.15 -10.51
N VAL C 61 -20.16 -23.94 -10.33
CA VAL C 61 -19.32 -22.76 -10.40
C VAL C 61 -19.38 -21.95 -9.11
N THR C 62 -20.58 -21.48 -8.77
CA THR C 62 -20.74 -20.55 -7.66
C THR C 62 -20.28 -21.16 -6.34
N ALA C 63 -20.68 -22.40 -6.07
CA ALA C 63 -20.34 -23.02 -4.80
C ALA C 63 -18.83 -23.11 -4.61
N ILE C 64 -18.12 -23.60 -5.62
CA ILE C 64 -16.68 -23.81 -5.50
C ILE C 64 -15.97 -22.48 -5.31
N ILE C 65 -16.29 -21.50 -6.16
CA ILE C 65 -15.63 -20.20 -6.09
C ILE C 65 -15.93 -19.53 -4.74
N GLU C 66 -17.18 -19.61 -4.29
CA GLU C 66 -17.54 -19.04 -3.01
C GLU C 66 -16.78 -19.68 -1.87
N ARG C 67 -16.68 -21.01 -1.88
CA ARG C 67 -15.92 -21.71 -0.84
C ARG C 67 -14.47 -21.26 -0.84
N GLU C 68 -13.88 -21.14 -2.03
CA GLU C 68 -12.49 -20.71 -2.10
C GLU C 68 -12.30 -19.29 -1.58
N MET C 69 -13.15 -18.36 -2.03
CA MET C 69 -13.04 -16.98 -1.59
C MET C 69 -13.32 -16.87 -0.09
N ASN C 70 -14.24 -17.66 0.42
CA ASN C 70 -14.52 -17.71 1.85
C ASN C 70 -13.23 -17.93 2.62
N GLY C 71 -12.93 -16.99 3.52
CA GLY C 71 -11.66 -16.95 4.22
C GLY C 71 -10.71 -15.89 3.75
N ALA C 72 -11.12 -15.05 2.80
CA ALA C 72 -10.26 -13.99 2.32
C ALA C 72 -10.10 -12.90 3.38
N PRO C 73 -8.99 -12.16 3.36
CA PRO C 73 -8.84 -11.03 4.28
C PRO C 73 -9.93 -9.99 4.06
N GLY C 74 -10.31 -9.33 5.16
CA GLY C 74 -11.42 -8.39 5.10
C GLY C 74 -12.71 -9.13 4.84
N LEU C 75 -13.25 -8.96 3.63
CA LEU C 75 -14.44 -9.69 3.18
C LEU C 75 -15.58 -9.55 4.19
N LEU C 76 -16.08 -8.31 4.29
CA LEU C 76 -17.17 -8.01 5.21
C LEU C 76 -18.36 -8.96 5.01
N TYR C 77 -18.76 -9.16 3.75
CA TYR C 77 -19.79 -10.14 3.45
C TYR C 77 -19.68 -10.63 2.02
N THR C 78 -20.38 -11.71 1.72
CA THR C 78 -20.36 -12.36 0.42
C THR C 78 -21.79 -12.56 -0.06
N LYS C 79 -22.07 -12.12 -1.28
CA LYS C 79 -23.38 -12.25 -1.91
C LYS C 79 -23.21 -13.10 -3.16
N ALA C 80 -24.01 -14.17 -3.28
CA ALA C 80 -23.91 -15.08 -4.41
C ALA C 80 -25.22 -15.11 -5.18
N THR C 81 -25.13 -14.98 -6.50
CA THR C 81 -26.28 -15.05 -7.40
C THR C 81 -25.97 -16.09 -8.47
N SER C 82 -26.46 -17.31 -8.24
CA SER C 82 -26.36 -18.39 -9.22
C SER C 82 -27.58 -18.30 -10.14
N SER C 83 -27.43 -17.50 -11.20
CA SER C 83 -28.50 -17.41 -12.18
C SER C 83 -28.40 -18.58 -13.16
N THR C 84 -29.33 -18.65 -14.10
CA THR C 84 -29.32 -19.70 -15.10
C THR C 84 -28.37 -19.29 -16.22
N GLY C 85 -27.28 -20.03 -16.37
CA GLY C 85 -26.27 -19.70 -17.35
C GLY C 85 -25.22 -18.73 -16.89
N GLN C 86 -25.36 -18.15 -15.70
CA GLN C 86 -24.43 -17.13 -15.24
C GLN C 86 -24.22 -17.27 -13.74
N ALA C 87 -23.01 -16.96 -13.29
CA ALA C 87 -22.64 -16.95 -11.89
C ALA C 87 -22.14 -15.56 -11.50
N SER C 88 -22.66 -15.03 -10.40
CA SER C 88 -22.24 -13.74 -9.88
C SER C 88 -21.82 -13.92 -8.42
N LEU C 89 -20.69 -13.31 -8.06
CA LEU C 89 -20.20 -13.37 -6.68
C LEU C 89 -19.71 -11.97 -6.30
N THR C 90 -20.53 -11.24 -5.55
CA THR C 90 -20.14 -9.91 -5.07
C THR C 90 -19.51 -10.07 -3.69
N LEU C 91 -18.22 -9.83 -3.59
CA LEU C 91 -17.49 -9.92 -2.33
C LEU C 91 -17.26 -8.51 -1.83
N THR C 92 -17.92 -8.15 -0.73
CA THR C 92 -17.74 -6.84 -0.11
C THR C 92 -16.73 -6.97 1.02
N PHE C 93 -15.61 -6.26 0.88
CA PHE C 93 -14.55 -6.27 1.88
C PHE C 93 -14.77 -5.14 2.88
N ARG C 94 -14.14 -5.28 4.04
CA ARG C 94 -14.28 -4.30 5.09
C ARG C 94 -13.67 -2.97 4.68
N GLN C 95 -14.22 -1.88 5.24
CA GLN C 95 -13.75 -0.54 4.91
C GLN C 95 -12.29 -0.36 5.28
N GLY C 96 -11.54 0.26 4.37
CA GLY C 96 -10.13 0.51 4.57
C GLY C 96 -9.21 -0.46 3.86
N VAL C 97 -9.70 -1.64 3.50
CA VAL C 97 -8.88 -2.61 2.80
C VAL C 97 -8.56 -2.09 1.41
N ASN C 98 -7.29 -2.16 1.04
CA ASN C 98 -6.87 -1.79 -0.31
C ASN C 98 -7.63 -2.60 -1.35
N ALA C 99 -8.39 -1.91 -2.20
CA ALA C 99 -9.23 -2.60 -3.17
C ALA C 99 -8.39 -3.44 -4.13
N ASP C 100 -7.28 -2.87 -4.62
CA ASP C 100 -6.44 -3.58 -5.57
C ASP C 100 -5.85 -4.84 -4.95
N LEU C 101 -5.38 -4.74 -3.70
CA LEU C 101 -4.81 -5.90 -3.03
C LEU C 101 -5.86 -6.98 -2.80
N ALA C 102 -7.07 -6.57 -2.41
CA ALA C 102 -8.16 -7.54 -2.26
C ALA C 102 -8.47 -8.23 -3.59
N ALA C 103 -8.48 -7.45 -4.67
CA ALA C 103 -8.69 -8.04 -5.99
C ALA C 103 -7.60 -9.04 -6.33
N VAL C 104 -6.35 -8.72 -5.99
CA VAL C 104 -5.24 -9.64 -6.23
C VAL C 104 -5.44 -10.94 -5.45
N GLU C 105 -5.85 -10.84 -4.19
CA GLU C 105 -6.13 -12.03 -3.40
C GLU C 105 -7.24 -12.86 -4.04
N VAL C 106 -8.29 -12.18 -4.50
CA VAL C 106 -9.39 -12.87 -5.16
C VAL C 106 -8.88 -13.59 -6.41
N GLN C 107 -8.02 -12.92 -7.18
CA GLN C 107 -7.44 -13.55 -8.36
C GLN C 107 -6.64 -14.79 -7.99
N ASN C 108 -5.86 -14.72 -6.91
CA ASN C 108 -5.08 -15.87 -6.48
C ASN C 108 -6.00 -17.04 -6.13
N ARG C 109 -7.04 -16.78 -5.36
CA ARG C 109 -7.96 -17.85 -4.99
C ARG C 109 -8.69 -18.40 -6.21
N LEU C 110 -9.05 -17.53 -7.15
CA LEU C 110 -9.63 -18.00 -8.41
C LEU C 110 -8.67 -18.90 -9.15
N LYS C 111 -7.37 -18.55 -9.13
CA LYS C 111 -6.36 -19.45 -9.69
C LYS C 111 -6.37 -20.79 -8.97
N ILE C 112 -6.54 -20.77 -7.64
CA ILE C 112 -6.53 -22.00 -6.87
C ILE C 112 -7.66 -22.92 -7.32
N VAL C 113 -8.87 -22.38 -7.49
CA VAL C 113 -10.02 -23.22 -7.84
C VAL C 113 -10.31 -23.25 -9.33
N GLU C 114 -9.44 -22.68 -10.16
CA GLU C 114 -9.71 -22.65 -11.60
C GLU C 114 -9.72 -24.05 -12.19
N SER C 115 -8.84 -24.93 -11.70
CA SER C 115 -8.73 -26.27 -12.25
C SER C 115 -9.99 -27.09 -12.03
N ARG C 116 -10.82 -26.74 -11.05
CA ARG C 116 -12.04 -27.47 -10.76
C ARG C 116 -13.26 -26.90 -11.45
N LEU C 117 -13.11 -25.83 -12.21
CA LEU C 117 -14.22 -25.22 -12.90
C LEU C 117 -14.43 -25.85 -14.28
N PRO C 118 -15.65 -25.80 -14.80
CA PRO C 118 -15.90 -26.33 -16.15
C PRO C 118 -15.02 -25.63 -17.19
N GLU C 119 -14.58 -26.41 -18.17
CA GLU C 119 -13.68 -25.87 -19.20
C GLU C 119 -14.35 -24.77 -19.99
N SER C 120 -15.67 -24.88 -20.23
CA SER C 120 -16.38 -23.81 -20.92
C SER C 120 -16.33 -22.52 -20.12
N VAL C 121 -16.45 -22.62 -18.79
CA VAL C 121 -16.32 -21.43 -17.95
C VAL C 121 -14.94 -20.80 -18.14
N ARG C 122 -13.89 -21.62 -18.22
CA ARG C 122 -12.56 -21.10 -18.48
C ARG C 122 -12.51 -20.40 -19.83
N ARG C 123 -13.10 -21.01 -20.85
CA ARG C 123 -13.10 -20.39 -22.18
C ARG C 123 -13.80 -19.04 -22.16
N ASP C 124 -14.96 -18.97 -21.50
CA ASP C 124 -15.64 -17.69 -21.36
C ASP C 124 -14.83 -16.72 -20.51
N GLY C 125 -14.19 -17.23 -19.47
CA GLY C 125 -13.33 -16.39 -18.63
C GLY C 125 -14.04 -15.84 -17.42
N ILE C 126 -13.37 -15.88 -16.28
CA ILE C 126 -13.92 -15.35 -15.03
C ILE C 126 -13.45 -13.91 -14.87
N TYR C 127 -14.36 -12.96 -15.05
CA TYR C 127 -14.02 -11.54 -14.97
C TYR C 127 -14.14 -11.10 -13.53
N VAL C 128 -13.00 -10.79 -12.91
CA VAL C 128 -12.96 -10.26 -11.55
C VAL C 128 -12.79 -8.75 -11.67
N GLU C 129 -13.89 -8.01 -11.56
CA GLU C 129 -13.87 -6.56 -11.72
C GLU C 129 -14.19 -5.89 -10.40
N LYS C 130 -13.34 -4.96 -9.99
CA LYS C 130 -13.55 -4.21 -8.74
C LYS C 130 -14.55 -3.08 -9.02
N ALA C 131 -15.81 -3.46 -9.09
CA ALA C 131 -16.89 -2.53 -9.43
C ALA C 131 -18.04 -2.67 -8.44
N ALA C 132 -18.95 -1.70 -8.47
CA ALA C 132 -20.12 -1.69 -7.61
C ALA C 132 -21.27 -2.43 -8.31
N ASP C 133 -22.48 -2.32 -7.77
CA ASP C 133 -23.65 -2.99 -8.34
C ASP C 133 -24.78 -2.00 -8.62
N SER C 134 -24.44 -0.74 -8.86
CA SER C 134 -25.42 0.29 -9.15
C SER C 134 -25.05 0.99 -10.44
N ILE C 135 -26.04 1.16 -11.33
CA ILE C 135 -25.82 1.80 -12.61
C ILE C 135 -25.83 3.31 -12.43
N GLN C 136 -24.65 3.89 -12.18
CA GLN C 136 -24.58 5.33 -11.98
C GLN C 136 -24.87 6.09 -13.27
N LEU C 137 -24.26 5.68 -14.38
CA LEU C 137 -24.39 6.41 -15.63
C LEU C 137 -24.89 5.50 -16.73
N ILE C 138 -25.56 6.08 -17.72
CA ILE C 138 -26.00 5.36 -18.91
C ILE C 138 -25.62 6.18 -20.14
N VAL C 139 -24.97 5.54 -21.12
CA VAL C 139 -24.65 6.18 -22.39
C VAL C 139 -25.47 5.52 -23.47
N THR C 140 -26.23 6.31 -24.22
CA THR C 140 -27.10 5.78 -25.27
C THR C 140 -26.73 6.45 -26.58
N LEU C 141 -26.45 5.63 -27.59
CA LEU C 141 -26.16 6.14 -28.93
C LEU C 141 -27.47 6.19 -29.71
N THR C 142 -28.05 7.38 -29.82
CA THR C 142 -29.29 7.58 -30.55
C THR C 142 -28.96 7.87 -32.01
N SER C 143 -29.60 7.13 -32.90
CA SER C 143 -29.54 7.46 -34.33
C SER C 143 -30.41 8.67 -34.61
N SER C 144 -29.94 9.54 -35.50
CA SER C 144 -30.76 10.66 -35.95
C SER C 144 -32.03 10.16 -36.62
N SER C 145 -31.89 9.15 -37.49
CA SER C 145 -33.02 8.56 -38.18
C SER C 145 -32.73 7.09 -38.43
N GLY C 146 -33.47 6.47 -39.34
CA GLY C 146 -33.24 5.08 -39.67
C GLY C 146 -31.95 4.83 -40.42
N ARG C 147 -31.01 5.77 -40.38
CA ARG C 147 -29.69 5.55 -40.97
C ARG C 147 -29.01 4.34 -40.35
N TYR C 148 -29.12 4.18 -39.03
CA TYR C 148 -28.54 3.06 -38.33
C TYR C 148 -29.62 2.34 -37.53
N ASP C 149 -29.68 1.02 -37.67
CA ASP C 149 -30.62 0.23 -36.90
C ASP C 149 -30.01 -0.13 -35.54
N ALA C 150 -30.71 -0.96 -34.78
CA ALA C 150 -30.23 -1.34 -33.46
C ALA C 150 -28.87 -2.01 -33.53
N MET C 151 -28.72 -2.96 -34.47
CA MET C 151 -27.45 -3.66 -34.62
C MET C 151 -26.33 -2.68 -34.99
N GLU C 152 -26.61 -1.76 -35.91
CA GLU C 152 -25.60 -0.78 -36.31
C GLU C 152 -25.17 0.08 -35.14
N LEU C 153 -26.13 0.60 -34.38
CA LEU C 153 -25.79 1.43 -33.22
C LEU C 153 -24.99 0.66 -32.20
N GLY C 154 -25.39 -0.59 -31.94
CA GLY C 154 -24.65 -1.41 -31.00
C GLY C 154 -23.22 -1.67 -31.45
N GLU C 155 -23.05 -1.97 -32.74
CA GLU C 155 -21.70 -2.19 -33.27
C GLU C 155 -20.86 -0.92 -33.17
N ILE C 156 -21.45 0.23 -33.49
CA ILE C 156 -20.71 1.49 -33.40
C ILE C 156 -20.30 1.74 -31.95
N ALA C 157 -21.21 1.51 -31.01
CA ALA C 157 -20.88 1.69 -29.60
C ALA C 157 -19.75 0.77 -29.17
N SER C 158 -19.82 -0.50 -29.56
CA SER C 158 -18.80 -1.46 -29.18
C SER C 158 -17.45 -1.11 -29.80
N SER C 159 -17.46 -0.62 -31.04
CA SER C 159 -16.21 -0.31 -31.72
C SER C 159 -15.50 0.89 -31.09
N ASN C 160 -16.26 1.93 -30.76
CA ASN C 160 -15.67 3.18 -30.28
C ASN C 160 -16.03 3.47 -28.83
N VAL C 161 -17.31 3.47 -28.48
CA VAL C 161 -17.73 3.98 -27.18
C VAL C 161 -17.28 3.05 -26.06
N LEU C 162 -17.43 1.75 -26.24
CA LEU C 162 -17.17 0.80 -25.17
C LEU C 162 -15.76 0.91 -24.63
N GLN C 163 -14.77 0.84 -25.52
CA GLN C 163 -13.37 0.84 -25.08
C GLN C 163 -13.02 2.16 -24.41
N ALA C 164 -13.47 3.28 -24.98
CA ALA C 164 -13.19 4.58 -24.38
C ALA C 164 -13.84 4.70 -23.01
N LEU C 165 -15.08 4.23 -22.87
CA LEU C 165 -15.75 4.27 -21.58
C LEU C 165 -14.98 3.47 -20.55
N ARG C 166 -14.51 2.28 -20.93
CA ARG C 166 -13.67 1.51 -20.02
C ARG C 166 -12.36 2.23 -19.73
N ARG C 167 -11.87 3.04 -20.67
CA ARG C 167 -10.57 3.67 -20.50
C ARG C 167 -10.59 4.76 -19.44
N VAL C 168 -11.71 5.49 -19.33
CA VAL C 168 -11.76 6.60 -18.39
C VAL C 168 -11.53 6.09 -16.97
N GLU C 169 -10.99 6.97 -16.12
CA GLU C 169 -10.69 6.59 -14.75
C GLU C 169 -11.92 6.74 -13.89
N GLY C 170 -12.10 5.81 -12.96
CA GLY C 170 -13.21 5.82 -12.03
C GLY C 170 -14.35 4.89 -12.40
N VAL C 171 -14.43 4.45 -13.65
CA VAL C 171 -15.47 3.52 -14.06
C VAL C 171 -15.09 2.12 -13.62
N GLY C 172 -16.05 1.40 -13.06
CA GLY C 172 -15.78 0.04 -12.61
C GLY C 172 -16.18 -0.99 -13.63
N LYS C 173 -17.37 -0.85 -14.20
CA LYS C 173 -17.88 -1.84 -15.14
C LYS C 173 -18.79 -1.19 -16.17
N VAL C 174 -18.54 -1.47 -17.45
CA VAL C 174 -19.36 -0.97 -18.54
C VAL C 174 -20.17 -2.15 -19.05
N GLU C 175 -21.43 -2.23 -18.63
CA GLU C 175 -22.33 -3.25 -19.17
C GLU C 175 -22.81 -2.85 -20.56
N THR C 176 -22.98 -3.84 -21.43
CA THR C 176 -23.46 -3.62 -22.78
C THR C 176 -24.92 -4.03 -22.88
N TRP C 177 -25.78 -3.09 -23.25
CA TRP C 177 -27.21 -3.35 -23.42
C TRP C 177 -27.65 -3.19 -24.87
N GLY C 178 -26.72 -3.39 -25.81
CA GLY C 178 -27.04 -3.23 -27.22
C GLY C 178 -26.83 -4.49 -28.02
N ALA C 179 -26.00 -4.40 -29.06
CA ALA C 179 -25.73 -5.52 -29.94
C ALA C 179 -24.22 -5.58 -30.20
N GLU C 180 -23.76 -6.75 -30.66
CA GLU C 180 -22.34 -6.96 -30.88
C GLU C 180 -21.98 -7.28 -32.33
N TYR C 181 -22.96 -7.47 -33.22
CA TYR C 181 -22.70 -7.63 -34.66
C TYR C 181 -21.70 -8.75 -34.92
N ALA C 182 -21.91 -9.88 -34.25
CA ALA C 182 -21.01 -11.01 -34.31
C ALA C 182 -21.66 -12.18 -35.06
N MET C 183 -20.84 -12.92 -35.80
CA MET C 183 -21.29 -14.01 -36.65
C MET C 183 -22.24 -14.95 -35.91
N ARG C 184 -23.45 -15.08 -36.44
CA ARG C 184 -24.50 -15.90 -35.84
C ARG C 184 -24.80 -17.08 -36.75
N ILE C 185 -24.57 -18.29 -36.24
CA ILE C 185 -24.85 -19.53 -36.95
C ILE C 185 -25.94 -20.27 -36.20
N TRP C 186 -26.87 -20.86 -36.95
CA TRP C 186 -28.06 -21.50 -36.38
C TRP C 186 -28.15 -22.94 -36.85
N PRO C 187 -27.44 -23.86 -36.21
CA PRO C 187 -27.55 -25.27 -36.58
C PRO C 187 -28.93 -25.83 -36.25
N ASP C 188 -29.45 -26.63 -37.16
CA ASP C 188 -30.74 -27.27 -36.95
C ASP C 188 -30.54 -28.63 -36.31
N PRO C 189 -30.94 -28.84 -35.06
CA PRO C 189 -30.86 -30.19 -34.48
C PRO C 189 -31.60 -31.24 -35.29
N ALA C 190 -32.74 -30.90 -35.89
CA ALA C 190 -33.45 -31.84 -36.75
C ALA C 190 -32.55 -32.29 -37.90
N LYS C 191 -31.95 -31.34 -38.61
CA LYS C 191 -31.06 -31.68 -39.72
C LYS C 191 -29.88 -32.51 -39.24
N LEU C 192 -29.28 -32.11 -38.11
CA LEU C 192 -28.13 -32.83 -37.58
C LEU C 192 -28.48 -34.28 -37.27
N THR C 193 -29.63 -34.50 -36.63
CA THR C 193 -30.07 -35.86 -36.35
C THR C 193 -30.35 -36.64 -37.63
N SER C 194 -30.99 -35.99 -38.61
CA SER C 194 -31.25 -36.66 -39.87
C SER C 194 -29.96 -37.07 -40.57
N MET C 195 -28.96 -36.21 -40.55
CA MET C 195 -27.65 -36.55 -41.10
C MET C 195 -26.80 -37.36 -40.14
N ASN C 196 -27.34 -37.69 -38.96
CA ASN C 196 -26.61 -38.45 -37.94
C ASN C 196 -25.30 -37.75 -37.58
N LEU C 197 -25.35 -36.43 -37.48
CA LEU C 197 -24.19 -35.61 -37.17
C LEU C 197 -24.38 -34.96 -35.81
N SER C 198 -23.43 -35.19 -34.91
CA SER C 198 -23.46 -34.53 -33.61
C SER C 198 -23.15 -33.05 -33.76
N ALA C 199 -23.86 -32.23 -33.01
CA ALA C 199 -23.61 -30.79 -33.02
C ALA C 199 -22.19 -30.48 -32.56
N SER C 200 -21.67 -31.26 -31.62
CA SER C 200 -20.31 -31.04 -31.13
C SER C 200 -19.29 -31.21 -32.24
N ASP C 201 -19.47 -32.22 -33.09
CA ASP C 201 -18.57 -32.42 -34.22
C ASP C 201 -18.60 -31.21 -35.17
N LEU C 202 -19.80 -30.71 -35.44
CA LEU C 202 -19.94 -29.50 -36.26
C LEU C 202 -19.19 -28.33 -35.62
N VAL C 203 -19.36 -28.16 -34.31
CA VAL C 203 -18.65 -27.10 -33.59
C VAL C 203 -17.15 -27.26 -33.75
N ASN C 204 -16.66 -28.49 -33.60
CA ASN C 204 -15.24 -28.75 -33.74
C ASN C 204 -14.73 -28.38 -35.12
N ALA C 205 -15.49 -28.74 -36.17
CA ALA C 205 -15.06 -28.42 -37.52
C ALA C 205 -15.06 -26.92 -37.77
N VAL C 206 -16.10 -26.22 -37.27
CA VAL C 206 -16.15 -24.77 -37.41
C VAL C 206 -14.95 -24.13 -36.73
N ARG C 207 -14.62 -24.58 -35.52
CA ARG C 207 -13.46 -24.05 -34.83
C ARG C 207 -12.18 -24.37 -35.59
N ARG C 208 -12.10 -25.56 -36.18
CA ARG C 208 -10.94 -25.92 -36.99
C ARG C 208 -10.72 -24.93 -38.12
N HIS C 209 -11.76 -24.68 -38.92
CA HIS C 209 -11.57 -23.76 -40.04
C HIS C 209 -11.34 -22.34 -39.55
N ASN C 210 -12.01 -21.95 -38.46
CA ASN C 210 -11.88 -20.59 -37.95
C ASN C 210 -10.45 -20.29 -37.52
N ALA C 211 -9.76 -21.29 -36.96
CA ALA C 211 -8.40 -21.11 -36.49
C ALA C 211 -7.50 -20.60 -37.61
N ARG C 212 -6.73 -19.56 -37.31
CA ARG C 212 -5.82 -18.99 -38.30
C ARG C 212 -4.73 -19.98 -38.67
N LEU C 213 -4.42 -20.05 -39.96
CA LEU C 213 -3.37 -20.94 -40.44
C LEU C 213 -2.01 -20.30 -40.26
N THR C 214 -0.98 -21.13 -40.09
CA THR C 214 0.35 -20.66 -39.75
C THR C 214 1.34 -21.06 -40.85
N VAL C 215 2.60 -20.66 -40.65
CA VAL C 215 3.70 -20.97 -41.55
C VAL C 215 4.91 -21.28 -40.70
N GLY C 216 6.06 -21.51 -41.34
CA GLY C 216 7.31 -21.74 -40.64
C GLY C 216 8.23 -20.54 -40.70
N ASP C 217 9.48 -20.79 -40.31
CA ASP C 217 10.49 -19.75 -40.17
C ASP C 217 11.70 -20.00 -41.07
N ILE C 218 11.46 -20.40 -42.32
CA ILE C 218 12.51 -20.51 -43.31
C ILE C 218 12.14 -19.65 -44.50
N GLY C 219 13.13 -18.93 -45.03
CA GLY C 219 12.95 -18.08 -46.19
C GLY C 219 12.88 -16.61 -45.90
N ASN C 220 12.67 -16.21 -44.65
CA ASN C 220 12.84 -14.80 -44.32
C ASN C 220 13.99 -14.62 -43.35
N LEU C 221 13.90 -15.20 -42.17
CA LEU C 221 14.86 -14.93 -41.10
C LEU C 221 15.81 -16.12 -40.91
N GLY C 222 16.68 -16.00 -39.90
CA GLY C 222 17.61 -17.06 -39.57
C GLY C 222 18.53 -17.36 -40.74
N VAL C 223 18.31 -18.52 -41.34
CA VAL C 223 19.03 -18.91 -42.56
C VAL C 223 17.99 -19.09 -43.66
N PRO C 224 17.62 -18.04 -44.38
CA PRO C 224 16.72 -18.21 -45.53
C PRO C 224 17.41 -18.79 -46.75
N ASP C 225 18.73 -18.94 -46.72
CA ASP C 225 19.53 -19.45 -47.84
C ASP C 225 19.22 -18.59 -49.06
N SER C 226 18.99 -19.18 -50.23
CA SER C 226 18.71 -18.42 -51.44
C SER C 226 17.27 -17.92 -51.38
N ALA C 227 17.07 -16.82 -50.65
CA ALA C 227 15.78 -16.15 -50.59
C ALA C 227 15.98 -14.63 -50.73
N PRO C 228 16.41 -14.17 -51.91
CA PRO C 228 16.48 -12.72 -52.12
C PRO C 228 15.13 -12.05 -52.06
N ILE C 229 14.10 -12.72 -52.59
CA ILE C 229 12.73 -12.30 -52.35
C ILE C 229 12.38 -12.59 -50.89
N SER C 230 11.60 -11.70 -50.28
CA SER C 230 11.14 -11.93 -48.92
C SER C 230 10.51 -13.31 -48.78
N ALA C 231 9.64 -13.67 -49.73
CA ALA C 231 9.02 -14.98 -49.83
C ALA C 231 8.46 -15.48 -48.50
N THR C 232 8.07 -14.56 -47.64
CA THR C 232 7.42 -14.93 -46.38
C THR C 232 5.93 -15.12 -46.65
N VAL C 233 5.63 -16.31 -47.19
CA VAL C 233 4.30 -16.59 -47.72
C VAL C 233 3.24 -16.24 -46.69
N LYS C 234 2.36 -15.32 -47.07
CA LYS C 234 1.32 -14.81 -46.18
C LYS C 234 0.07 -15.66 -46.38
N VAL C 235 -0.30 -16.41 -45.34
CA VAL C 235 -1.48 -17.25 -45.42
C VAL C 235 -2.69 -16.41 -45.80
N ASP C 236 -3.35 -16.79 -46.90
CA ASP C 236 -4.56 -16.14 -47.34
C ASP C 236 -5.62 -17.24 -47.52
N ASP C 237 -6.25 -17.58 -46.41
CA ASP C 237 -7.40 -18.48 -46.43
C ASP C 237 -8.37 -18.20 -45.28
N THR C 238 -8.12 -17.17 -44.47
CA THR C 238 -9.00 -16.87 -43.35
C THR C 238 -10.40 -16.57 -43.84
N LEU C 239 -11.40 -17.02 -43.09
CA LEU C 239 -12.79 -16.85 -43.46
C LEU C 239 -13.42 -15.74 -42.65
N VAL C 240 -14.12 -14.84 -43.33
CA VAL C 240 -14.82 -13.74 -42.68
C VAL C 240 -16.29 -13.80 -43.02
N THR C 241 -16.61 -13.96 -44.30
CA THR C 241 -17.97 -13.90 -44.76
C THR C 241 -18.79 -15.07 -44.21
N PRO C 242 -20.08 -14.86 -43.94
CA PRO C 242 -20.94 -15.98 -43.53
C PRO C 242 -20.99 -17.09 -44.56
N GLU C 243 -20.86 -16.76 -45.84
CA GLU C 243 -20.77 -17.79 -46.86
C GLU C 243 -19.58 -18.71 -46.59
N GLN C 244 -18.43 -18.13 -46.24
CA GLN C 244 -17.25 -18.93 -45.96
C GLN C 244 -17.46 -19.81 -44.74
N PHE C 245 -18.12 -19.29 -43.70
CA PHE C 245 -18.45 -20.13 -42.55
C PHE C 245 -19.37 -21.27 -42.96
N GLY C 246 -20.30 -21.00 -43.87
CA GLY C 246 -21.11 -22.07 -44.41
C GLY C 246 -20.29 -23.09 -45.16
N GLU C 247 -19.24 -22.63 -45.84
CA GLU C 247 -18.42 -23.52 -46.67
C GLU C 247 -17.65 -24.55 -45.84
N ILE C 248 -17.46 -24.29 -44.54
CA ILE C 248 -16.65 -25.14 -43.67
C ILE C 248 -17.05 -26.60 -43.84
N PRO C 249 -16.09 -27.48 -44.13
CA PRO C 249 -16.43 -28.88 -44.40
C PRO C 249 -16.84 -29.63 -43.15
N LEU C 250 -17.71 -30.62 -43.34
CA LEU C 250 -18.12 -31.52 -42.27
C LEU C 250 -17.88 -32.95 -42.75
N ARG C 251 -18.38 -33.94 -42.01
CA ARG C 251 -18.11 -35.36 -42.29
C ARG C 251 -18.16 -35.66 -43.77
N ILE C 252 -17.05 -36.18 -44.30
CA ILE C 252 -16.87 -36.36 -45.73
C ILE C 252 -17.28 -37.78 -46.09
N ARG C 253 -18.35 -37.90 -46.87
CA ARG C 253 -18.85 -39.20 -47.28
C ARG C 253 -18.05 -39.72 -48.47
N ALA C 254 -18.47 -40.87 -49.00
CA ALA C 254 -17.81 -41.44 -50.17
C ALA C 254 -17.90 -40.48 -51.36
N ASP C 255 -19.08 -39.92 -51.60
CA ASP C 255 -19.23 -38.93 -52.67
C ASP C 255 -18.44 -37.67 -52.35
N GLY C 256 -18.41 -37.28 -51.09
CA GLY C 256 -17.66 -36.10 -50.68
C GLY C 256 -18.29 -35.47 -49.44
N GLY C 257 -17.63 -34.42 -48.97
CA GLY C 257 -18.10 -33.69 -47.82
C GLY C 257 -19.06 -32.58 -48.19
N ALA C 258 -20.10 -32.92 -48.97
CA ALA C 258 -21.07 -31.92 -49.38
C ALA C 258 -21.82 -31.34 -48.19
N ILE C 259 -21.91 -32.09 -47.09
CA ILE C 259 -22.55 -31.59 -45.88
C ILE C 259 -21.65 -30.51 -45.28
N ARG C 260 -22.09 -29.27 -45.38
CA ARG C 260 -21.40 -28.12 -44.83
C ARG C 260 -22.29 -27.48 -43.75
N LEU C 261 -21.83 -26.35 -43.23
CA LEU C 261 -22.67 -25.58 -42.32
C LEU C 261 -23.95 -25.13 -43.00
N ARG C 262 -23.83 -24.59 -44.22
CA ARG C 262 -24.99 -24.14 -44.96
C ARG C 262 -26.04 -25.23 -45.10
N ASP C 263 -25.59 -26.48 -45.19
CA ASP C 263 -26.54 -27.59 -45.33
C ASP C 263 -27.35 -27.79 -44.06
N VAL C 264 -26.72 -27.64 -42.89
CA VAL C 264 -27.37 -27.96 -41.63
C VAL C 264 -27.44 -26.76 -40.68
N ALA C 265 -27.13 -25.56 -41.16
CA ALA C 265 -27.14 -24.41 -40.28
C ALA C 265 -27.44 -23.16 -41.09
N ARG C 266 -27.83 -22.10 -40.37
CA ARG C 266 -28.10 -20.79 -40.96
C ARG C 266 -27.01 -19.83 -40.48
N VAL C 267 -26.15 -19.40 -41.40
CA VAL C 267 -25.02 -18.54 -41.07
C VAL C 267 -25.34 -17.12 -41.53
N GLU C 268 -25.20 -16.15 -40.62
CA GLU C 268 -25.47 -14.76 -40.93
C GLU C 268 -24.64 -13.87 -40.01
N PHE C 269 -24.20 -12.74 -40.54
CA PHE C 269 -23.47 -11.76 -39.73
C PHE C 269 -24.41 -10.88 -38.94
N GLY C 270 -25.33 -11.50 -38.20
CA GLY C 270 -26.27 -10.75 -37.38
C GLY C 270 -25.64 -10.27 -36.10
N GLN C 271 -26.48 -9.67 -35.26
CA GLN C 271 -26.05 -9.31 -33.91
C GLN C 271 -25.95 -10.57 -33.05
N SER C 272 -25.09 -10.50 -32.04
CA SER C 272 -24.98 -11.60 -31.09
C SER C 272 -25.90 -11.45 -29.89
N GLU C 273 -26.17 -10.21 -29.47
CA GLU C 273 -27.04 -9.94 -28.34
C GLU C 273 -28.47 -9.81 -28.84
N TYR C 274 -29.30 -10.81 -28.53
CA TYR C 274 -30.72 -10.76 -28.84
C TYR C 274 -31.58 -10.52 -27.61
N GLY C 275 -30.98 -10.43 -26.43
CA GLY C 275 -31.71 -10.31 -25.18
C GLY C 275 -31.78 -8.92 -24.58
N PHE C 276 -31.38 -7.89 -25.32
CA PHE C 276 -31.42 -6.51 -24.83
C PHE C 276 -32.06 -5.63 -25.88
N VAL C 277 -33.19 -5.02 -25.56
CA VAL C 277 -33.86 -4.06 -26.44
C VAL C 277 -33.94 -2.73 -25.72
N SER C 278 -33.32 -1.70 -26.29
CA SER C 278 -33.16 -0.42 -25.62
C SER C 278 -33.79 0.69 -26.46
N ARG C 279 -34.63 1.50 -25.83
CA ARG C 279 -35.26 2.64 -26.46
C ARG C 279 -35.19 3.83 -25.52
N VAL C 280 -34.71 4.97 -26.02
CA VAL C 280 -34.63 6.20 -25.25
C VAL C 280 -35.72 7.13 -25.73
N ASN C 281 -36.63 7.51 -24.83
CA ASN C 281 -37.76 8.37 -25.16
C ASN C 281 -38.53 7.80 -26.35
N GLN C 282 -38.74 6.49 -26.32
CA GLN C 282 -39.38 5.75 -27.40
C GLN C 282 -38.63 5.90 -28.72
N MET C 283 -37.29 5.98 -28.66
CA MET C 283 -36.45 6.00 -29.84
C MET C 283 -35.41 4.90 -29.70
N THR C 284 -35.38 3.98 -30.66
CA THR C 284 -34.45 2.87 -30.60
C THR C 284 -33.01 3.36 -30.60
N ALA C 285 -32.25 2.93 -29.60
CA ALA C 285 -30.86 3.33 -29.45
C ALA C 285 -30.14 2.30 -28.59
N THR C 286 -28.86 2.09 -28.89
CA THR C 286 -28.06 1.16 -28.10
C THR C 286 -27.63 1.81 -26.78
N GLY C 287 -27.45 0.96 -25.76
CA GLY C 287 -27.14 1.44 -24.43
C GLY C 287 -25.96 0.74 -23.77
N LEU C 288 -25.12 1.52 -23.10
CA LEU C 288 -23.98 1.02 -22.33
C LEU C 288 -24.11 1.54 -20.91
N ALA C 289 -24.27 0.64 -19.96
CA ALA C 289 -24.29 1.03 -18.55
C ALA C 289 -22.87 1.37 -18.09
N VAL C 290 -22.80 2.20 -17.05
CA VAL C 290 -21.54 2.59 -16.43
C VAL C 290 -21.71 2.53 -14.92
N LYS C 291 -20.98 1.62 -14.28
CA LYS C 291 -20.91 1.48 -12.83
C LYS C 291 -19.55 2.01 -12.39
N MET C 292 -19.57 3.04 -11.55
CA MET C 292 -18.32 3.63 -11.06
C MET C 292 -17.59 2.67 -10.14
N ALA C 293 -16.27 2.60 -10.28
CA ALA C 293 -15.47 1.80 -9.37
C ALA C 293 -15.53 2.40 -7.97
N PRO C 294 -15.61 1.56 -6.93
CA PRO C 294 -15.60 2.07 -5.56
C PRO C 294 -14.34 2.89 -5.30
N GLY C 295 -14.52 4.01 -4.62
CA GLY C 295 -13.44 4.94 -4.35
C GLY C 295 -13.40 6.13 -5.29
N SER C 296 -14.07 6.06 -6.43
CA SER C 296 -14.09 7.17 -7.37
C SER C 296 -14.99 8.28 -6.86
N ASN C 297 -14.67 9.50 -7.29
CA ASN C 297 -15.47 10.64 -6.89
C ASN C 297 -16.87 10.62 -7.50
N ALA C 298 -17.02 10.02 -8.68
CA ALA C 298 -18.32 9.77 -9.30
C ALA C 298 -18.96 11.06 -9.79
N VAL C 299 -18.33 12.21 -9.53
CA VAL C 299 -18.69 13.43 -10.23
C VAL C 299 -17.67 13.75 -11.32
N ALA C 300 -16.39 13.80 -10.94
CA ALA C 300 -15.34 14.03 -11.92
C ALA C 300 -15.27 12.89 -12.93
N THR C 301 -15.56 11.66 -12.49
CA THR C 301 -15.63 10.54 -13.42
C THR C 301 -16.74 10.78 -14.44
N ALA C 302 -17.90 11.25 -13.99
CA ALA C 302 -18.97 11.58 -14.93
C ALA C 302 -18.54 12.67 -15.89
N LYS C 303 -17.86 13.69 -15.39
CA LYS C 303 -17.40 14.79 -16.25
C LYS C 303 -16.44 14.28 -17.32
N ARG C 304 -15.47 13.47 -16.93
CA ARG C 304 -14.52 12.95 -17.91
C ARG C 304 -15.19 11.99 -18.89
N ILE C 305 -16.20 11.24 -18.43
CA ILE C 305 -16.99 10.42 -19.34
C ILE C 305 -17.66 11.29 -20.38
N ARG C 306 -18.24 12.41 -19.95
CA ARG C 306 -18.87 13.32 -20.89
C ARG C 306 -17.87 13.89 -21.89
N ALA C 307 -16.67 14.25 -21.42
CA ALA C 307 -15.65 14.76 -22.34
C ALA C 307 -15.25 13.70 -23.37
N THR C 308 -15.03 12.46 -22.92
CA THR C 308 -14.67 11.39 -23.83
C THR C 308 -15.77 11.13 -24.85
N LEU C 309 -17.02 11.15 -24.38
CA LEU C 309 -18.14 11.01 -25.31
C LEU C 309 -18.20 12.15 -26.30
N ASP C 310 -17.85 13.36 -25.85
CA ASP C 310 -17.79 14.50 -26.76
C ASP C 310 -16.79 14.24 -27.89
N GLU C 311 -15.58 13.78 -27.53
CA GLU C 311 -14.59 13.52 -28.57
C GLU C 311 -15.04 12.41 -29.50
N LEU C 312 -15.60 11.34 -28.95
CA LEU C 312 -16.11 10.27 -29.80
C LEU C 312 -17.18 10.79 -30.74
N SER C 313 -18.06 11.65 -30.24
CA SER C 313 -19.06 12.29 -31.10
C SER C 313 -18.41 13.11 -32.19
N ARG C 314 -17.31 13.81 -31.86
CA ARG C 314 -16.52 14.47 -32.89
C ARG C 314 -16.12 13.48 -33.97
N TYR C 315 -15.86 12.24 -33.60
CA TYR C 315 -15.55 11.21 -34.59
C TYR C 315 -16.66 10.19 -34.78
N PHE C 316 -17.88 10.46 -34.31
CA PHE C 316 -19.00 9.57 -34.58
C PHE C 316 -19.32 9.59 -36.07
N PRO C 317 -19.76 8.45 -36.64
CA PRO C 317 -20.31 8.49 -37.99
C PRO C 317 -21.55 9.37 -38.04
N GLU C 318 -21.72 10.06 -39.17
CA GLU C 318 -22.83 10.99 -39.32
C GLU C 318 -24.17 10.31 -39.04
N GLY C 319 -24.93 10.89 -38.12
CA GLY C 319 -26.20 10.35 -37.72
C GLY C 319 -26.23 9.65 -36.37
N VAL C 320 -25.14 9.71 -35.61
CA VAL C 320 -25.05 9.08 -34.29
C VAL C 320 -24.77 10.16 -33.27
N SER C 321 -25.57 10.22 -32.21
CA SER C 321 -25.37 11.19 -31.15
C SER C 321 -25.46 10.48 -29.80
N TYR C 322 -24.47 10.72 -28.95
CA TYR C 322 -24.50 10.18 -27.61
C TYR C 322 -25.44 11.00 -26.73
N ASN C 323 -26.06 10.34 -25.76
CA ASN C 323 -26.96 11.00 -24.83
C ASN C 323 -26.92 10.27 -23.50
N ILE C 324 -27.05 11.01 -22.41
CA ILE C 324 -27.05 10.40 -21.08
C ILE C 324 -28.43 10.56 -20.46
N PRO C 325 -29.26 9.52 -20.47
CA PRO C 325 -30.60 9.62 -19.89
C PRO C 325 -30.70 9.33 -18.40
N TYR C 326 -29.60 8.98 -17.73
CA TYR C 326 -29.67 8.63 -16.32
C TYR C 326 -28.32 8.90 -15.69
N ASP C 327 -28.20 10.01 -14.97
CA ASP C 327 -26.97 10.39 -14.29
C ASP C 327 -27.30 10.70 -12.85
N THR C 328 -26.60 10.03 -11.93
CA THR C 328 -26.86 10.22 -10.51
C THR C 328 -26.15 11.45 -9.95
N SER C 329 -24.98 11.79 -10.50
CA SER C 329 -24.15 12.84 -9.92
C SER C 329 -24.71 14.23 -10.12
N ALA C 330 -25.62 14.43 -11.07
CA ALA C 330 -26.17 15.76 -11.31
C ALA C 330 -26.84 16.30 -10.07
N PHE C 331 -27.58 15.45 -9.36
CA PHE C 331 -28.16 15.86 -8.08
C PHE C 331 -27.09 16.28 -7.09
N VAL C 332 -25.98 15.54 -7.05
CA VAL C 332 -24.86 15.91 -6.18
C VAL C 332 -24.41 17.32 -6.48
N GLU C 333 -24.17 17.60 -7.76
CA GLU C 333 -23.66 18.90 -8.16
C GLU C 333 -24.65 20.01 -7.79
N ILE C 334 -25.92 19.84 -8.17
CA ILE C 334 -26.90 20.91 -7.95
C ILE C 334 -27.13 21.13 -6.46
N SER C 335 -27.15 20.06 -5.67
CA SER C 335 -27.33 20.20 -4.23
C SER C 335 -26.19 20.96 -3.60
N ILE C 336 -24.95 20.63 -3.99
CA ILE C 336 -23.80 21.37 -3.46
C ILE C 336 -23.90 22.85 -3.83
N ARG C 337 -24.28 23.13 -5.08
CA ARG C 337 -24.48 24.51 -5.50
C ARG C 337 -25.50 25.22 -4.61
N LYS C 338 -26.63 24.55 -4.36
CA LYS C 338 -27.67 25.18 -3.55
C LYS C 338 -27.19 25.44 -2.13
N VAL C 339 -26.43 24.50 -1.56
CA VAL C 339 -25.93 24.72 -0.21
C VAL C 339 -24.97 25.91 -0.17
N VAL C 340 -24.15 26.07 -1.21
CA VAL C 340 -23.25 27.22 -1.26
C VAL C 340 -24.05 28.51 -1.30
N SER C 341 -25.10 28.55 -2.14
CA SER C 341 -25.94 29.73 -2.20
C SER C 341 -26.59 30.03 -0.85
N THR C 342 -27.04 28.98 -0.16
CA THR C 342 -27.59 29.15 1.17
C THR C 342 -26.57 29.73 2.13
N LEU C 343 -25.31 29.30 2.03
CA LEU C 343 -24.25 29.87 2.85
C LEU C 343 -24.12 31.36 2.60
N LEU C 344 -24.15 31.76 1.33
CA LEU C 344 -24.07 33.18 1.02
C LEU C 344 -25.22 33.96 1.62
N GLU C 345 -26.43 33.42 1.51
CA GLU C 345 -27.60 34.08 2.10
C GLU C 345 -27.45 34.20 3.61
N ALA C 346 -26.94 33.15 4.26
CA ALA C 346 -26.73 33.20 5.70
C ALA C 346 -25.73 34.29 6.08
N MET C 347 -24.66 34.42 5.29
CA MET C 347 -23.72 35.50 5.54
C MET C 347 -24.40 36.85 5.44
N LEU C 348 -25.25 37.04 4.42
CA LEU C 348 -25.97 38.29 4.28
C LEU C 348 -26.85 38.58 5.49
N LEU C 349 -27.57 37.56 5.96
CA LEU C 349 -28.47 37.76 7.10
C LEU C 349 -27.70 38.09 8.37
N VAL C 350 -26.57 37.42 8.59
CA VAL C 350 -25.76 37.70 9.76
C VAL C 350 -25.24 39.14 9.70
N PHE C 351 -24.80 39.56 8.52
CA PHE C 351 -24.40 40.95 8.33
C PHE C 351 -25.55 41.89 8.70
N ALA C 352 -26.76 41.55 8.25
CA ALA C 352 -27.91 42.40 8.53
C ALA C 352 -28.14 42.55 10.02
N VAL C 353 -28.13 41.43 10.75
CA VAL C 353 -28.38 41.48 12.20
C VAL C 353 -27.27 42.26 12.90
N MET C 354 -26.02 41.99 12.56
CA MET C 354 -24.92 42.67 13.21
C MET C 354 -24.98 44.18 12.94
N TYR C 355 -25.42 44.58 11.75
CA TYR C 355 -25.59 46.01 11.50
C TYR C 355 -26.76 46.56 12.29
N LEU C 356 -27.85 45.80 12.40
CA LEU C 356 -28.98 46.25 13.20
C LEU C 356 -28.56 46.53 14.63
N PHE C 357 -27.60 45.76 15.14
CA PHE C 357 -27.20 45.92 16.54
C PHE C 357 -26.08 46.94 16.72
N MET C 358 -24.95 46.76 16.04
CA MET C 358 -23.84 47.70 16.18
C MET C 358 -24.15 49.07 15.57
N GLN C 359 -24.87 49.09 14.45
CA GLN C 359 -25.31 50.32 13.78
C GLN C 359 -24.14 51.12 13.19
N ASN C 360 -22.94 50.56 13.23
CA ASN C 360 -21.76 51.18 12.61
C ASN C 360 -21.21 50.23 11.56
N PHE C 361 -21.00 50.74 10.35
CA PHE C 361 -20.64 49.87 9.24
C PHE C 361 -19.29 49.19 9.47
N ARG C 362 -18.30 49.92 9.98
CA ARG C 362 -16.97 49.35 10.14
C ARG C 362 -16.95 48.26 11.22
N ALA C 363 -17.54 48.56 12.38
CA ALA C 363 -17.59 47.59 13.46
C ALA C 363 -18.34 46.34 13.03
N THR C 364 -19.42 46.52 12.28
CA THR C 364 -20.11 45.37 11.69
C THR C 364 -19.23 44.68 10.65
N LEU C 365 -18.41 45.45 9.95
CA LEU C 365 -17.61 44.90 8.86
C LEU C 365 -16.57 43.92 9.38
N ILE C 366 -15.97 44.22 10.52
CA ILE C 366 -14.86 43.40 11.03
C ILE C 366 -15.24 41.92 11.11
N PRO C 367 -16.31 41.52 11.82
CA PRO C 367 -16.68 40.09 11.82
C PRO C 367 -17.00 39.55 10.44
N THR C 368 -17.62 40.37 9.60
CA THR C 368 -17.91 39.94 8.23
C THR C 368 -16.62 39.62 7.49
N LEU C 369 -15.56 40.37 7.76
CA LEU C 369 -14.25 40.02 7.21
C LEU C 369 -13.71 38.76 7.85
N VAL C 370 -14.02 38.55 9.14
CA VAL C 370 -13.50 37.38 9.84
C VAL C 370 -14.05 36.08 9.23
N VAL C 371 -15.34 36.06 8.92
CA VAL C 371 -16.03 34.83 8.52
C VAL C 371 -15.35 34.09 7.37
N PRO C 372 -15.24 34.69 6.17
CA PRO C 372 -14.74 33.91 5.02
C PRO C 372 -13.34 33.40 5.21
N VAL C 373 -12.50 34.16 5.92
CA VAL C 373 -11.13 33.70 6.19
C VAL C 373 -11.15 32.39 6.95
N ALA C 374 -11.97 32.31 8.00
CA ALA C 374 -12.10 31.07 8.76
C ALA C 374 -12.65 29.96 7.89
N LEU C 375 -13.65 30.26 7.06
CA LEU C 375 -14.21 29.23 6.20
C LEU C 375 -13.17 28.68 5.23
N LEU C 376 -12.37 29.55 4.63
CA LEU C 376 -11.36 29.11 3.67
C LEU C 376 -10.26 28.33 4.36
N GLY C 377 -9.85 28.75 5.56
CA GLY C 377 -8.90 27.95 6.32
C GLY C 377 -9.43 26.58 6.64
N THR C 378 -10.72 26.49 6.98
CA THR C 378 -11.33 25.19 7.21
C THR C 378 -11.33 24.35 5.95
N PHE C 379 -11.55 24.98 4.80
CA PHE C 379 -11.46 24.26 3.52
C PHE C 379 -10.07 23.69 3.32
N THR C 380 -9.03 24.48 3.60
CA THR C 380 -7.67 24.00 3.46
C THR C 380 -7.40 22.83 4.41
N VAL C 381 -7.88 22.94 5.65
CA VAL C 381 -7.70 21.84 6.60
C VAL C 381 -8.43 20.60 6.13
N MET C 382 -9.63 20.77 5.56
CA MET C 382 -10.35 19.64 5.01
C MET C 382 -9.56 18.96 3.91
N LEU C 383 -8.96 19.77 3.02
CA LEU C 383 -8.12 19.19 1.97
C LEU C 383 -6.96 18.42 2.57
N GLY C 384 -6.36 18.97 3.62
CA GLY C 384 -5.27 18.26 4.29
C GLY C 384 -5.71 16.93 4.88
N LEU C 385 -6.90 16.90 5.48
CA LEU C 385 -7.43 15.70 6.11
C LEU C 385 -8.13 14.77 5.13
N GLY C 386 -8.34 15.20 3.89
CA GLY C 386 -9.03 14.38 2.91
C GLY C 386 -10.53 14.51 2.91
N PHE C 387 -11.10 15.36 3.75
CA PHE C 387 -12.55 15.56 3.75
C PHE C 387 -12.98 16.22 2.45
N SER C 388 -13.86 15.55 1.72
CA SER C 388 -14.38 16.09 0.48
C SER C 388 -15.46 17.14 0.78
N ILE C 389 -15.78 17.92 -0.25
CA ILE C 389 -16.85 18.91 -0.11
C ILE C 389 -18.17 18.17 -0.13
N ASN C 390 -18.74 17.95 1.06
CA ASN C 390 -19.94 17.16 1.23
C ASN C 390 -21.06 18.03 1.76
N VAL C 391 -22.29 17.53 1.62
CA VAL C 391 -23.45 18.27 2.13
C VAL C 391 -23.30 18.51 3.63
N LEU C 392 -22.70 17.57 4.35
CA LEU C 392 -22.54 17.74 5.79
C LEU C 392 -21.46 18.76 6.11
N THR C 393 -20.35 18.74 5.38
CA THR C 393 -19.31 19.75 5.60
C THR C 393 -19.82 21.15 5.28
N MET C 394 -20.55 21.28 4.18
CA MET C 394 -21.13 22.58 3.84
C MET C 394 -22.15 23.02 4.89
N PHE C 395 -22.95 22.08 5.38
CA PHE C 395 -23.79 22.36 6.53
C PHE C 395 -22.97 22.85 7.71
N GLY C 396 -21.81 22.24 7.92
CA GLY C 396 -20.94 22.68 9.00
C GLY C 396 -20.52 24.12 8.83
N MET C 397 -20.14 24.50 7.61
CA MET C 397 -19.78 25.88 7.33
C MET C 397 -20.96 26.83 7.57
N VAL C 398 -22.14 26.44 7.08
CA VAL C 398 -23.33 27.30 7.20
C VAL C 398 -23.66 27.53 8.65
N LEU C 399 -23.65 26.47 9.45
CA LEU C 399 -23.83 26.63 10.89
C LEU C 399 -22.68 27.40 11.50
N ALA C 400 -21.48 27.25 10.96
CA ALA C 400 -20.30 27.89 11.53
C ALA C 400 -20.44 29.40 11.53
N ILE C 401 -20.91 29.97 10.41
CA ILE C 401 -20.94 31.42 10.22
C ILE C 401 -21.39 32.16 11.48
N GLY C 402 -22.53 31.76 12.02
CA GLY C 402 -23.06 32.40 13.22
C GLY C 402 -22.25 32.12 14.48
N ILE C 403 -21.56 30.97 14.52
CA ILE C 403 -20.71 30.66 15.66
C ILE C 403 -19.34 31.32 15.54
N LEU C 404 -19.01 31.82 14.36
CA LEU C 404 -17.74 32.49 14.09
C LEU C 404 -17.86 33.99 14.32
N VAL C 405 -19.01 34.58 13.99
CA VAL C 405 -19.14 36.03 14.13
C VAL C 405 -19.02 36.47 15.59
N ASP C 406 -19.54 35.66 16.51
CA ASP C 406 -19.73 36.08 17.90
C ASP C 406 -18.43 36.54 18.57
N ASP C 407 -17.35 35.77 18.40
CA ASP C 407 -16.06 36.14 18.98
C ASP C 407 -15.67 37.57 18.60
N ALA C 408 -15.70 37.83 17.30
CA ALA C 408 -15.38 39.17 16.79
C ALA C 408 -16.36 40.20 17.32
N ILE C 409 -17.63 39.83 17.46
CA ILE C 409 -18.62 40.74 18.04
C ILE C 409 -18.23 41.14 19.46
N ILE C 410 -17.84 40.16 20.27
CA ILE C 410 -17.43 40.41 21.66
C ILE C 410 -16.23 41.35 21.69
N VAL C 411 -15.23 41.05 20.86
CA VAL C 411 -14.04 41.88 20.82
C VAL C 411 -14.41 43.32 20.47
N VAL C 412 -15.19 43.49 19.40
CA VAL C 412 -15.57 44.82 18.95
C VAL C 412 -16.35 45.55 20.03
N GLU C 413 -17.28 44.84 20.70
CA GLU C 413 -18.08 45.50 21.73
C GLU C 413 -17.20 45.99 22.88
N ASN C 414 -16.23 45.16 23.30
CA ASN C 414 -15.32 45.60 24.36
C ASN C 414 -14.51 46.80 23.92
N VAL C 415 -14.02 46.78 22.67
CA VAL C 415 -13.24 47.91 22.17
C VAL C 415 -14.08 49.17 22.18
N GLU C 416 -15.34 49.07 21.75
CA GLU C 416 -16.25 50.21 21.79
C GLU C 416 -16.44 50.71 23.22
N ARG C 417 -16.64 49.79 24.16
CA ARG C 417 -16.81 50.17 25.56
C ARG C 417 -15.63 50.99 26.04
N LEU C 418 -14.42 50.47 25.84
CA LEU C 418 -13.25 51.17 26.33
C LEU C 418 -13.01 52.47 25.58
N MET C 419 -13.28 52.48 24.27
CA MET C 419 -13.06 53.68 23.46
C MET C 419 -14.02 54.79 23.84
N ALA C 420 -15.22 54.45 24.31
CA ALA C 420 -16.23 55.45 24.64
C ALA C 420 -16.25 55.78 26.12
N GLU C 421 -16.41 54.77 26.97
CA GLU C 421 -16.51 55.02 28.41
C GLU C 421 -15.22 55.62 28.97
N GLU C 422 -14.09 54.97 28.70
CA GLU C 422 -12.81 55.43 29.21
C GLU C 422 -12.10 56.40 28.28
N GLY C 423 -12.70 56.72 27.14
CA GLY C 423 -12.11 57.66 26.19
C GLY C 423 -10.76 57.22 25.67
N LEU C 424 -10.53 55.92 25.59
CA LEU C 424 -9.25 55.42 25.09
C LEU C 424 -9.20 55.53 23.57
N SER C 425 -7.98 55.68 23.06
CA SER C 425 -7.79 55.64 21.62
C SER C 425 -8.13 54.24 21.11
N PRO C 426 -8.54 54.13 19.84
CA PRO C 426 -8.85 52.78 19.30
C PRO C 426 -7.73 51.80 19.52
N HIS C 427 -6.48 52.23 19.35
CA HIS C 427 -5.35 51.37 19.64
C HIS C 427 -5.32 50.97 21.11
N ASP C 428 -5.39 51.95 22.00
CA ASP C 428 -5.33 51.67 23.44
C ASP C 428 -6.53 50.86 23.89
N ALA C 429 -7.72 51.24 23.43
CA ALA C 429 -8.93 50.51 23.80
C ALA C 429 -8.83 49.06 23.35
N THR C 430 -8.39 48.84 22.11
CA THR C 430 -8.23 47.48 21.60
C THR C 430 -7.22 46.71 22.44
N VAL C 431 -6.11 47.34 22.79
CA VAL C 431 -5.07 46.66 23.57
C VAL C 431 -5.63 46.20 24.90
N LYS C 432 -6.28 47.12 25.63
CA LYS C 432 -6.80 46.78 26.95
C LYS C 432 -7.90 45.74 26.85
N ALA C 433 -8.82 45.90 25.90
CA ALA C 433 -9.90 44.95 25.75
C ALA C 433 -9.37 43.56 25.42
N MET C 434 -8.41 43.47 24.50
CA MET C 434 -7.83 42.17 24.16
C MET C 434 -7.13 41.55 25.36
N ARG C 435 -6.36 42.35 26.10
CA ARG C 435 -5.76 41.86 27.34
C ARG C 435 -6.82 41.25 28.25
N GLN C 436 -7.99 41.87 28.31
CA GLN C 436 -9.02 41.40 29.24
C GLN C 436 -9.83 40.22 28.71
N ILE C 437 -9.93 40.05 27.39
CA ILE C 437 -10.87 39.09 26.82
C ILE C 437 -10.22 37.92 26.12
N SER C 438 -8.89 37.92 25.94
CA SER C 438 -8.24 36.81 25.22
C SER C 438 -8.51 35.48 25.89
N GLY C 439 -8.34 35.42 27.22
CA GLY C 439 -8.58 34.18 27.93
C GLY C 439 -10.01 33.70 27.80
N ALA C 440 -10.97 34.63 27.91
CA ALA C 440 -12.37 34.26 27.75
C ALA C 440 -12.62 33.69 26.36
N ILE C 441 -12.07 34.33 25.33
CA ILE C 441 -12.24 33.83 23.97
C ILE C 441 -11.70 32.41 23.84
N VAL C 442 -10.47 32.20 24.32
CA VAL C 442 -9.85 30.89 24.21
C VAL C 442 -10.68 29.84 24.94
N GLY C 443 -11.11 30.14 26.15
CA GLY C 443 -11.93 29.21 26.92
C GLY C 443 -13.23 28.84 26.23
N ILE C 444 -13.96 29.86 25.76
CA ILE C 444 -15.23 29.62 25.09
C ILE C 444 -15.03 28.75 23.85
N THR C 445 -13.99 29.07 23.07
CA THR C 445 -13.66 28.25 21.91
C THR C 445 -13.37 26.81 22.32
N VAL C 446 -12.60 26.63 23.40
CA VAL C 446 -12.24 25.29 23.85
C VAL C 446 -13.50 24.50 24.21
N VAL C 447 -14.42 25.13 24.94
CA VAL C 447 -15.66 24.45 25.33
C VAL C 447 -16.46 24.07 24.09
N LEU C 448 -16.60 25.02 23.15
CA LEU C 448 -17.30 24.74 21.91
C LEU C 448 -16.71 23.53 21.20
N VAL C 449 -15.39 23.49 21.05
CA VAL C 449 -14.73 22.35 20.40
C VAL C 449 -14.98 21.08 21.19
N SER C 450 -14.89 21.17 22.52
CA SER C 450 -15.10 20.00 23.37
C SER C 450 -16.47 19.38 23.12
N VAL C 451 -17.49 20.21 22.92
CA VAL C 451 -18.83 19.64 22.71
C VAL C 451 -18.87 18.78 21.45
N PHE C 452 -18.06 19.12 20.45
CA PHE C 452 -18.03 18.34 19.22
C PHE C 452 -17.01 17.22 19.23
N VAL C 453 -16.11 17.20 20.22
CA VAL C 453 -15.05 16.18 20.24
C VAL C 453 -15.61 14.76 20.19
N PRO C 454 -16.54 14.35 21.06
CA PRO C 454 -16.99 12.95 21.02
C PRO C 454 -17.69 12.57 19.75
N MET C 455 -18.42 13.50 19.13
CA MET C 455 -19.16 13.18 17.91
C MET C 455 -18.22 12.71 16.79
N ALA C 456 -16.96 13.14 16.84
CA ALA C 456 -15.97 12.64 15.88
C ALA C 456 -15.58 11.20 16.16
N PHE C 457 -15.93 10.64 17.31
CA PHE C 457 -15.54 9.29 17.69
C PHE C 457 -16.58 8.24 17.35
N PHE C 458 -17.59 8.59 16.55
CA PHE C 458 -18.52 7.59 16.05
C PHE C 458 -17.78 6.58 15.18
N SER C 459 -18.31 5.37 15.10
CA SER C 459 -17.69 4.31 14.32
C SER C 459 -18.56 3.96 13.12
N GLY C 460 -17.91 3.38 12.11
CA GLY C 460 -18.61 3.00 10.90
C GLY C 460 -18.72 4.13 9.88
N ALA C 461 -19.58 3.89 8.89
CA ALA C 461 -19.86 4.90 7.89
C ALA C 461 -20.49 6.14 8.51
N VAL C 462 -21.45 5.94 9.41
CA VAL C 462 -21.96 7.06 10.19
C VAL C 462 -20.83 7.69 10.99
N GLY C 463 -19.87 6.88 11.42
CA GLY C 463 -18.70 7.44 12.07
C GLY C 463 -17.97 8.43 11.19
N ASN C 464 -17.74 8.05 9.93
CA ASN C 464 -17.09 8.94 8.99
C ASN C 464 -17.91 10.20 8.76
N ILE C 465 -19.24 10.05 8.63
CA ILE C 465 -20.10 11.19 8.39
C ILE C 465 -20.04 12.19 9.54
N TYR C 466 -20.30 11.70 10.75
CA TYR C 466 -20.26 12.56 11.92
C TYR C 466 -18.88 13.17 12.12
N ARG C 467 -17.83 12.39 11.86
CA ARG C 467 -16.47 12.89 11.98
C ARG C 467 -16.23 14.05 11.02
N GLN C 468 -16.64 13.89 9.77
CA GLN C 468 -16.46 14.97 8.80
C GLN C 468 -17.16 16.24 9.28
N PHE C 469 -18.43 16.13 9.67
CA PHE C 469 -19.14 17.33 10.10
C PHE C 469 -18.46 17.97 11.30
N ALA C 470 -18.21 17.17 12.34
CA ALA C 470 -17.70 17.71 13.60
C ALA C 470 -16.35 18.35 13.41
N VAL C 471 -15.45 17.68 12.70
CA VAL C 471 -14.11 18.22 12.49
C VAL C 471 -14.18 19.51 11.68
N THR C 472 -15.02 19.55 10.65
CA THR C 472 -15.20 20.80 9.90
C THR C 472 -15.61 21.93 10.82
N LEU C 473 -16.63 21.70 11.64
CA LEU C 473 -17.15 22.76 12.49
C LEU C 473 -16.10 23.21 13.51
N ALA C 474 -15.41 22.24 14.12
CA ALA C 474 -14.41 22.55 15.13
C ALA C 474 -13.26 23.35 14.53
N VAL C 475 -12.80 22.97 13.34
CA VAL C 475 -11.72 23.71 12.69
C VAL C 475 -12.17 25.13 12.36
N SER C 476 -13.41 25.28 11.89
CA SER C 476 -13.93 26.61 11.62
C SER C 476 -13.91 27.47 12.89
N ILE C 477 -14.35 26.89 14.01
CA ILE C 477 -14.36 27.63 15.27
C ILE C 477 -12.95 28.00 15.70
N GLY C 478 -12.00 27.07 15.54
CA GLY C 478 -10.63 27.38 15.91
C GLY C 478 -10.04 28.51 15.07
N PHE C 479 -10.31 28.48 13.76
CA PHE C 479 -9.87 29.58 12.91
C PHE C 479 -10.51 30.89 13.33
N SER C 480 -11.80 30.85 13.70
CA SER C 480 -12.45 32.06 14.18
C SER C 480 -11.77 32.60 15.42
N ALA C 481 -11.40 31.69 16.34
CA ALA C 481 -10.69 32.12 17.54
C ALA C 481 -9.36 32.78 17.20
N PHE C 482 -8.60 32.15 16.30
CA PHE C 482 -7.30 32.72 15.91
C PHE C 482 -7.48 34.11 15.30
N LEU C 483 -8.47 34.25 14.42
CA LEU C 483 -8.72 35.56 13.80
C LEU C 483 -9.15 36.59 14.83
N ALA C 484 -10.01 36.19 15.77
CA ALA C 484 -10.41 37.09 16.84
C ALA C 484 -9.25 37.46 17.74
N LEU C 485 -8.16 36.70 17.69
CA LEU C 485 -6.96 37.08 18.43
C LEU C 485 -5.89 37.72 17.55
N SER C 486 -5.98 37.60 16.24
CA SER C 486 -4.97 38.20 15.38
C SER C 486 -5.51 39.29 14.46
N LEU C 487 -6.49 38.95 13.63
CA LEU C 487 -6.99 39.91 12.65
C LEU C 487 -7.91 40.93 13.30
N THR C 488 -8.90 40.46 14.05
CA THR C 488 -9.87 41.36 14.68
C THR C 488 -9.20 42.40 15.57
N PRO C 489 -8.22 42.08 16.42
CA PRO C 489 -7.53 43.15 17.16
C PRO C 489 -6.96 44.24 16.27
N ALA C 490 -6.27 43.86 15.19
CA ALA C 490 -5.69 44.85 14.29
C ALA C 490 -6.77 45.72 13.68
N LEU C 491 -7.85 45.09 13.20
CA LEU C 491 -8.92 45.85 12.57
C LEU C 491 -9.57 46.81 13.57
N CYS C 492 -9.82 46.33 14.79
CA CYS C 492 -10.37 47.23 15.81
C CYS C 492 -9.42 48.36 16.13
N ALA C 493 -8.10 48.10 16.05
CA ALA C 493 -7.14 49.14 16.35
C ALA C 493 -7.06 50.18 15.24
N THR C 494 -7.33 49.79 14.00
CA THR C 494 -7.20 50.69 12.86
C THR C 494 -8.54 51.02 12.22
N LEU C 495 -9.32 50.01 11.83
CA LEU C 495 -10.59 50.28 11.16
C LEU C 495 -11.55 51.06 12.06
N LEU C 496 -11.67 50.65 13.32
CA LEU C 496 -12.59 51.32 14.24
C LEU C 496 -12.14 52.75 14.48
N ARG C 497 -12.95 53.69 14.02
CA ARG C 497 -12.71 55.10 14.29
C ARG C 497 -13.27 55.47 15.65
N PRO C 498 -12.74 56.52 16.28
CA PRO C 498 -13.29 56.96 17.56
C PRO C 498 -14.77 57.26 17.43
N ILE C 499 -15.52 56.95 18.49
CA ILE C 499 -16.97 57.09 18.52
C ILE C 499 -17.37 58.45 17.98
N ASP C 500 -18.34 58.47 17.06
CA ASP C 500 -18.79 59.71 16.47
C ASP C 500 -19.22 60.70 17.55
N ALA C 501 -18.74 61.94 17.44
CA ALA C 501 -18.99 62.95 18.47
C ALA C 501 -20.48 63.14 18.68
N ASP C 502 -20.92 62.99 19.93
CA ASP C 502 -22.32 63.08 20.31
C ASP C 502 -23.17 62.11 19.49
N HIS C 503 -22.91 60.82 19.68
CA HIS C 503 -23.68 59.78 19.01
C HIS C 503 -25.05 59.70 19.66
N HIS C 504 -26.02 60.37 19.05
CA HIS C 504 -27.36 60.45 19.63
C HIS C 504 -28.14 59.18 19.38
N GLU C 505 -27.57 58.04 19.79
CA GLU C 505 -28.17 56.73 19.60
C GLU C 505 -28.55 56.47 18.14
N LYS C 506 -27.87 57.17 17.23
CA LYS C 506 -28.16 57.07 15.80
C LYS C 506 -29.64 57.33 15.52
N ARG C 507 -30.05 58.58 15.79
CA ARG C 507 -31.43 59.03 15.63
C ARG C 507 -32.06 58.50 14.35
N GLY C 508 -33.24 57.90 14.47
CA GLY C 508 -33.90 57.23 13.38
C GLY C 508 -34.38 55.87 13.84
N PHE C 509 -34.56 54.97 12.87
CA PHE C 509 -34.98 53.61 13.19
C PHE C 509 -34.00 52.94 14.14
N PHE C 510 -32.71 53.19 13.97
CA PHE C 510 -31.72 52.65 14.90
C PHE C 510 -31.93 53.20 16.30
N GLY C 511 -32.20 54.50 16.42
CA GLY C 511 -32.48 55.07 17.73
C GLY C 511 -33.73 54.48 18.36
N TRP C 512 -34.78 54.31 17.55
CA TRP C 512 -35.99 53.67 18.06
C TRP C 512 -35.72 52.26 18.52
N PHE C 513 -34.92 51.52 17.75
CA PHE C 513 -34.55 50.16 18.14
C PHE C 513 -33.82 50.15 19.46
N ASN C 514 -32.88 51.08 19.63
CA ASN C 514 -32.12 51.16 20.88
C ASN C 514 -33.05 51.45 22.06
N ARG C 515 -33.94 52.43 21.90
CA ARG C 515 -34.85 52.78 23.01
C ARG C 515 -35.81 51.65 23.32
N ALA C 516 -36.34 50.99 22.28
CA ALA C 516 -37.21 49.85 22.50
C ALA C 516 -36.48 48.73 23.21
N PHE C 517 -35.23 48.48 22.83
CA PHE C 517 -34.45 47.47 23.53
C PHE C 517 -34.21 47.86 24.99
N LEU C 518 -34.02 49.15 25.25
CA LEU C 518 -33.86 49.60 26.64
C LEU C 518 -35.12 49.32 27.44
N ARG C 519 -36.29 49.62 26.87
CA ARG C 519 -37.54 49.30 27.55
C ARG C 519 -37.69 47.80 27.75
N LEU C 520 -37.36 47.02 26.72
CA LEU C 520 -37.38 45.58 26.83
C LEU C 520 -36.42 45.09 27.90
N THR C 521 -35.26 45.73 28.02
CA THR C 521 -34.29 45.39 29.05
C THR C 521 -34.85 45.64 30.43
N GLY C 522 -35.56 46.76 30.61
CA GLY C 522 -36.23 47.00 31.87
C GLY C 522 -37.24 45.92 32.19
N ARG C 523 -38.08 45.58 31.21
CA ARG C 523 -39.07 44.52 31.42
C ARG C 523 -38.40 43.18 31.71
N TYR C 524 -37.31 42.90 31.01
CA TYR C 524 -36.54 41.67 31.20
C TYR C 524 -35.91 41.62 32.58
N ARG C 525 -35.39 42.75 33.06
CA ARG C 525 -34.87 42.82 34.42
C ARG C 525 -35.95 42.50 35.42
N ASN C 526 -37.14 43.07 35.22
CA ASN C 526 -38.26 42.79 36.13
C ASN C 526 -38.64 41.32 36.07
N ALA C 527 -38.65 40.73 34.87
CA ALA C 527 -39.00 39.31 34.74
C ALA C 527 -37.97 38.43 35.45
N VAL C 528 -36.69 38.73 35.27
CA VAL C 528 -35.64 37.95 35.93
C VAL C 528 -35.75 38.08 37.43
N ALA C 529 -36.02 39.29 37.92
CA ALA C 529 -36.24 39.48 39.35
C ALA C 529 -37.42 38.66 39.83
N GLY C 530 -38.50 38.61 39.05
CA GLY C 530 -39.64 37.79 39.41
C GLY C 530 -39.29 36.32 39.48
N ILE C 531 -38.50 35.84 38.53
CA ILE C 531 -38.06 34.44 38.54
C ILE C 531 -37.24 34.17 39.80
N LEU C 532 -36.32 35.08 40.13
CA LEU C 532 -35.46 34.87 41.29
C LEU C 532 -36.23 35.00 42.59
N ALA C 533 -37.38 35.69 42.57
CA ALA C 533 -38.16 35.91 43.78
C ALA C 533 -38.65 34.58 44.36
N ARG C 534 -39.12 33.68 43.50
CA ARG C 534 -39.65 32.38 43.90
C ARG C 534 -38.87 31.32 43.13
N PRO C 535 -37.60 31.08 43.50
CA PRO C 535 -36.78 30.14 42.73
C PRO C 535 -37.35 28.73 42.66
N ILE C 536 -38.01 28.30 43.73
CA ILE C 536 -38.51 26.93 43.81
C ILE C 536 -39.49 26.65 42.68
N ARG C 537 -40.43 27.57 42.46
CA ARG C 537 -41.44 27.37 41.43
C ARG C 537 -40.82 27.21 40.05
N TRP C 538 -39.93 28.13 39.68
CA TRP C 538 -39.35 28.09 38.34
C TRP C 538 -38.40 26.90 38.18
N MET C 539 -37.73 26.49 39.25
CA MET C 539 -36.93 25.28 39.18
C MET C 539 -37.82 24.05 38.95
N LEU C 540 -38.99 24.02 39.59
CA LEU C 540 -39.93 22.95 39.32
C LEU C 540 -40.40 22.98 37.87
N VAL C 541 -40.61 24.18 37.34
CA VAL C 541 -40.96 24.33 35.92
C VAL C 541 -39.85 23.75 35.04
N TYR C 542 -38.60 24.01 35.41
CA TYR C 542 -37.46 23.48 34.66
C TYR C 542 -37.43 21.95 34.73
N ALA C 543 -37.72 21.38 35.89
CA ALA C 543 -37.80 19.93 36.00
C ALA C 543 -38.89 19.37 35.10
N LEU C 544 -40.03 20.06 35.06
CA LEU C 544 -41.09 19.67 34.14
C LEU C 544 -40.62 19.74 32.70
N VAL C 545 -39.82 20.76 32.36
CA VAL C 545 -39.24 20.87 31.04
C VAL C 545 -38.38 19.66 30.73
N ILE C 546 -37.58 19.23 31.72
CA ILE C 546 -36.74 18.04 31.53
C ILE C 546 -37.61 16.82 31.24
N GLY C 547 -38.69 16.67 32.01
CA GLY C 547 -39.61 15.57 31.75
C GLY C 547 -40.20 15.61 30.36
N VAL C 548 -40.57 16.81 29.90
CA VAL C 548 -41.11 16.98 28.55
C VAL C 548 -40.06 16.58 27.52
N VAL C 549 -38.81 16.99 27.75
CA VAL C 549 -37.73 16.61 26.84
C VAL C 549 -37.62 15.10 26.76
N ALA C 550 -37.66 14.43 27.91
CA ALA C 550 -37.58 12.97 27.92
C ALA C 550 -38.72 12.35 27.12
N LEU C 551 -39.94 12.83 27.35
CA LEU C 551 -41.10 12.29 26.64
C LEU C 551 -40.96 12.48 25.14
N LEU C 552 -40.59 13.69 24.71
CA LEU C 552 -40.47 13.98 23.30
C LEU C 552 -39.38 13.12 22.66
N PHE C 553 -38.22 13.00 23.31
CA PHE C 553 -37.15 12.20 22.75
C PHE C 553 -37.55 10.73 22.65
N VAL C 554 -38.32 10.24 23.61
CA VAL C 554 -38.82 8.86 23.52
C VAL C 554 -39.75 8.72 22.32
N ARG C 555 -40.68 9.68 22.16
CA ARG C 555 -41.67 9.55 21.10
C ARG C 555 -41.04 9.67 19.71
N LEU C 556 -39.99 10.46 19.56
CA LEU C 556 -39.39 10.75 18.27
C LEU C 556 -38.90 9.48 17.59
N PRO C 557 -39.37 9.18 16.38
CA PRO C 557 -38.85 8.00 15.66
C PRO C 557 -37.44 8.22 15.14
N GLN C 558 -36.71 7.13 14.98
CA GLN C 558 -35.32 7.16 14.58
C GLN C 558 -35.17 6.73 13.12
N ALA C 559 -34.43 7.51 12.35
CA ALA C 559 -34.19 7.22 10.94
C ALA C 559 -32.72 7.47 10.62
N PHE C 560 -32.31 7.13 9.41
CA PHE C 560 -30.91 7.23 9.02
C PHE C 560 -30.59 8.55 8.31
N LEU C 561 -31.21 8.76 7.15
CA LEU C 561 -31.01 9.95 6.34
C LEU C 561 -32.26 10.27 5.55
N PRO C 562 -32.69 11.52 5.51
CA PRO C 562 -33.89 11.87 4.75
C PRO C 562 -33.72 11.61 3.26
N GLU C 563 -34.78 11.09 2.64
CA GLU C 563 -34.79 10.90 1.21
C GLU C 563 -34.91 12.23 0.49
N GLU C 564 -34.25 12.33 -0.66
CA GLU C 564 -34.22 13.56 -1.46
C GLU C 564 -34.80 13.31 -2.85
N ASP C 565 -35.24 14.40 -3.47
CA ASP C 565 -35.73 14.36 -4.84
C ASP C 565 -34.52 14.30 -5.76
N GLN C 566 -34.06 13.07 -6.02
CA GLN C 566 -32.88 12.90 -6.86
C GLN C 566 -33.09 13.40 -8.28
N GLY C 567 -34.33 13.46 -8.74
CA GLY C 567 -34.62 13.82 -10.11
C GLY C 567 -34.60 12.67 -11.09
N ASP C 568 -34.38 11.45 -10.62
CA ASP C 568 -34.37 10.27 -11.48
C ASP C 568 -34.86 9.07 -10.69
N PHE C 569 -35.66 8.24 -11.34
CA PHE C 569 -36.21 7.05 -10.73
C PHE C 569 -36.14 5.89 -11.71
N MET C 570 -36.48 4.70 -11.22
CA MET C 570 -36.40 3.49 -12.04
C MET C 570 -37.68 2.70 -11.91
N ILE C 571 -38.22 2.28 -13.04
CA ILE C 571 -39.46 1.50 -13.11
C ILE C 571 -39.10 0.08 -13.49
N MET C 572 -39.16 -0.83 -12.51
CA MET C 572 -38.92 -2.25 -12.75
C MET C 572 -40.21 -2.85 -13.27
N VAL C 573 -40.25 -3.13 -14.56
CA VAL C 573 -41.37 -3.79 -15.19
C VAL C 573 -41.09 -5.30 -15.18
N MET C 574 -41.85 -6.04 -14.37
CA MET C 574 -41.68 -7.48 -14.23
C MET C 574 -42.79 -8.19 -14.98
N GLN C 575 -42.41 -9.22 -15.74
CA GLN C 575 -43.31 -10.10 -16.46
C GLN C 575 -43.09 -11.52 -15.97
N PRO C 576 -44.08 -12.40 -16.14
CA PRO C 576 -43.86 -13.82 -15.80
C PRO C 576 -42.69 -14.38 -16.58
N GLU C 577 -41.84 -15.14 -15.89
CA GLU C 577 -40.64 -15.69 -16.51
C GLU C 577 -40.99 -16.52 -17.73
N GLY C 578 -40.32 -16.22 -18.84
CA GLY C 578 -40.64 -16.81 -20.13
C GLY C 578 -41.47 -15.92 -21.02
N THR C 579 -42.00 -14.82 -20.51
CA THR C 579 -42.77 -13.89 -21.31
C THR C 579 -41.94 -13.38 -22.48
N PRO C 580 -42.46 -13.39 -23.70
CA PRO C 580 -41.66 -12.98 -24.86
C PRO C 580 -41.16 -11.54 -24.73
N MET C 581 -39.95 -11.32 -25.24
CA MET C 581 -39.34 -9.98 -25.17
C MET C 581 -40.21 -8.94 -25.88
N ALA C 582 -40.87 -9.34 -26.96
CA ALA C 582 -41.67 -8.39 -27.73
C ALA C 582 -42.79 -7.78 -26.89
N GLU C 583 -43.61 -8.63 -26.27
CA GLU C 583 -44.72 -8.09 -25.48
C GLU C 583 -44.23 -7.44 -24.19
N THR C 584 -43.09 -7.90 -23.66
CA THR C 584 -42.47 -7.20 -22.53
C THR C 584 -42.14 -5.77 -22.90
N MET C 585 -41.52 -5.58 -24.07
CA MET C 585 -41.25 -4.24 -24.56
C MET C 585 -42.54 -3.49 -24.87
N ALA C 586 -43.58 -4.20 -25.27
CA ALA C 586 -44.88 -3.55 -25.49
C ALA C 586 -45.42 -2.96 -24.19
N ASN C 587 -45.40 -3.73 -23.11
CA ASN C 587 -45.85 -3.23 -21.82
C ASN C 587 -44.96 -2.09 -21.34
N VAL C 588 -43.65 -2.23 -21.55
CA VAL C 588 -42.72 -1.16 -21.21
C VAL C 588 -43.03 0.10 -22.00
N GLY C 589 -43.40 -0.05 -23.27
CA GLY C 589 -43.81 1.09 -24.06
C GLY C 589 -45.09 1.71 -23.55
N ASP C 590 -46.02 0.89 -23.08
CA ASP C 590 -47.23 1.42 -22.43
C ASP C 590 -46.85 2.31 -21.25
N VAL C 591 -45.96 1.80 -20.40
CA VAL C 591 -45.51 2.58 -19.25
C VAL C 591 -44.83 3.87 -19.71
N GLU C 592 -44.01 3.77 -20.74
CA GLU C 592 -43.28 4.93 -21.24
C GLU C 592 -44.23 5.98 -21.79
N ARG C 593 -45.25 5.56 -22.54
CA ARG C 593 -46.24 6.48 -23.04
C ARG C 593 -47.02 7.13 -21.90
N TYR C 594 -47.33 6.36 -20.86
CA TYR C 594 -47.93 6.96 -19.68
C TYR C 594 -47.03 8.02 -19.07
N LEU C 595 -45.73 7.72 -18.98
CA LEU C 595 -44.77 8.70 -18.45
C LEU C 595 -44.79 9.97 -19.27
N ALA C 596 -44.68 9.84 -20.60
CA ALA C 596 -44.66 11.01 -21.46
C ALA C 596 -45.96 11.79 -21.38
N GLU C 597 -47.09 11.09 -21.20
CA GLU C 597 -48.38 11.72 -21.26
C GLU C 597 -48.67 12.56 -20.02
N HIS C 598 -48.41 12.01 -18.83
CA HIS C 598 -48.79 12.68 -17.58
C HIS C 598 -47.58 13.10 -16.77
N GLU C 599 -46.68 12.18 -16.45
CA GLU C 599 -45.61 12.48 -15.53
C GLU C 599 -44.60 13.44 -16.16
N PRO C 600 -44.02 14.36 -15.39
CA PRO C 600 -42.98 15.27 -15.92
C PRO C 600 -41.61 14.59 -16.00
N VAL C 601 -41.44 13.74 -17.00
CA VAL C 601 -40.23 12.96 -17.18
C VAL C 601 -39.46 13.49 -18.38
N ALA C 602 -38.23 13.93 -18.15
CA ALA C 602 -37.42 14.47 -19.24
C ALA C 602 -36.89 13.36 -20.14
N TYR C 603 -36.25 12.35 -19.55
CA TYR C 603 -35.73 11.21 -20.29
C TYR C 603 -36.27 9.93 -19.69
N ALA C 604 -36.66 8.99 -20.54
CA ALA C 604 -37.13 7.68 -20.12
C ALA C 604 -36.39 6.61 -20.92
N TYR C 605 -35.22 6.19 -20.41
CA TYR C 605 -34.52 5.07 -21.00
C TYR C 605 -35.20 3.77 -20.59
N ALA C 606 -35.51 2.93 -21.57
CA ALA C 606 -36.20 1.66 -21.34
C ALA C 606 -35.36 0.54 -21.92
N VAL C 607 -34.93 -0.39 -21.08
CA VAL C 607 -34.15 -1.54 -21.51
C VAL C 607 -34.90 -2.81 -21.13
N GLY C 608 -35.03 -3.73 -22.08
CA GLY C 608 -35.64 -5.03 -21.86
C GLY C 608 -34.57 -6.10 -21.92
N GLY C 609 -34.59 -6.99 -20.92
CA GLY C 609 -33.55 -7.98 -20.73
C GLY C 609 -32.62 -7.71 -19.58
N PHE C 610 -32.85 -6.64 -18.82
CA PHE C 610 -32.03 -6.30 -17.67
C PHE C 610 -32.91 -5.84 -16.53
N SER C 611 -32.60 -6.30 -15.31
CA SER C 611 -33.27 -5.82 -14.11
C SER C 611 -32.41 -6.17 -12.92
N LEU C 612 -32.53 -5.35 -11.86
CA LEU C 612 -31.80 -5.63 -10.62
C LEU C 612 -32.20 -6.99 -10.05
N TYR C 613 -33.49 -7.33 -10.15
CA TYR C 613 -33.94 -8.65 -9.69
C TYR C 613 -33.28 -9.77 -10.49
N GLY C 614 -33.16 -9.59 -11.79
CA GLY C 614 -32.53 -10.58 -12.63
C GLY C 614 -32.59 -10.15 -14.08
N ASP C 615 -31.86 -10.89 -14.90
CA ASP C 615 -31.81 -10.64 -16.34
C ASP C 615 -32.51 -11.77 -17.07
N GLY C 616 -33.57 -11.42 -17.80
CA GLY C 616 -34.33 -12.40 -18.55
C GLY C 616 -35.21 -11.68 -19.55
N THR C 617 -35.85 -12.48 -20.41
CA THR C 617 -36.75 -11.91 -21.42
C THR C 617 -37.89 -11.15 -20.76
N SER C 618 -38.44 -11.70 -19.67
CA SER C 618 -39.50 -11.02 -18.95
C SER C 618 -38.98 -9.78 -18.23
N SER C 619 -37.74 -9.84 -17.74
CA SER C 619 -37.18 -8.75 -16.96
C SER C 619 -37.03 -7.50 -17.82
N ALA C 620 -37.40 -6.35 -17.25
CA ALA C 620 -37.26 -5.08 -17.93
C ALA C 620 -37.15 -3.98 -16.89
N MET C 621 -36.51 -2.88 -17.28
CA MET C 621 -36.32 -1.75 -16.39
C MET C 621 -36.31 -0.48 -17.20
N ILE C 622 -36.89 0.58 -16.63
CA ILE C 622 -36.99 1.88 -17.28
C ILE C 622 -36.29 2.90 -16.39
N PHE C 623 -35.09 3.32 -16.79
CA PHE C 623 -34.39 4.39 -16.08
C PHE C 623 -34.91 5.72 -16.60
N ALA C 624 -35.64 6.45 -15.76
CA ALA C 624 -36.28 7.69 -16.16
C ALA C 624 -35.64 8.85 -15.40
N THR C 625 -35.25 9.90 -16.13
CA THR C 625 -34.76 11.13 -15.54
C THR C 625 -35.85 12.18 -15.61
N LEU C 626 -36.18 12.75 -14.45
CA LEU C 626 -37.24 13.75 -14.39
C LEU C 626 -36.74 15.09 -14.94
N LYS C 627 -37.68 16.03 -15.08
CA LYS C 627 -37.32 17.38 -15.48
C LYS C 627 -36.71 18.13 -14.29
N ASP C 628 -36.30 19.36 -14.54
CA ASP C 628 -35.65 20.15 -13.50
C ASP C 628 -36.60 20.37 -12.32
N TRP C 629 -36.01 20.47 -11.13
CA TRP C 629 -36.80 20.66 -9.92
C TRP C 629 -37.63 21.94 -9.98
N SER C 630 -37.14 22.96 -10.69
CA SER C 630 -37.91 24.18 -10.86
C SER C 630 -39.24 23.91 -11.56
N GLU C 631 -39.21 23.12 -12.64
CA GLU C 631 -40.45 22.77 -13.32
C GLU C 631 -41.31 21.84 -12.47
N ARG C 632 -40.68 21.02 -11.64
CA ARG C 632 -41.39 20.10 -10.74
C ARG C 632 -41.51 20.67 -9.34
N ARG C 633 -41.57 22.00 -9.21
CA ARG C 633 -41.65 22.63 -7.90
C ARG C 633 -42.94 22.24 -7.17
N GLU C 634 -44.02 22.01 -7.91
CA GLU C 634 -45.27 21.60 -7.30
C GLU C 634 -45.09 20.29 -6.54
N ALA C 635 -45.76 20.19 -5.39
CA ALA C 635 -45.66 18.98 -4.58
C ALA C 635 -46.17 17.77 -5.33
N SER C 636 -47.25 17.94 -6.10
CA SER C 636 -47.77 16.83 -6.91
C SER C 636 -46.77 16.39 -7.97
N GLN C 637 -45.83 17.24 -8.35
CA GLN C 637 -44.84 16.91 -9.36
C GLN C 637 -43.51 16.48 -8.77
N HIS C 638 -43.44 16.26 -7.46
CA HIS C 638 -42.24 15.73 -6.85
C HIS C 638 -42.11 14.24 -7.13
N VAL C 639 -40.89 13.72 -7.00
CA VAL C 639 -40.60 12.35 -7.42
C VAL C 639 -41.48 11.35 -6.69
N GLY C 640 -41.73 11.56 -5.39
CA GLY C 640 -42.54 10.62 -4.64
C GLY C 640 -43.95 10.50 -5.20
N ALA C 641 -44.60 11.64 -5.45
CA ALA C 641 -45.94 11.61 -6.01
C ALA C 641 -45.96 10.96 -7.39
N ILE C 642 -44.94 11.24 -8.20
CA ILE C 642 -44.83 10.63 -9.53
C ILE C 642 -44.75 9.11 -9.41
N VAL C 643 -43.88 8.63 -8.51
CA VAL C 643 -43.73 7.19 -8.33
C VAL C 643 -45.04 6.56 -7.85
N GLU C 644 -45.71 7.21 -6.91
CA GLU C 644 -46.99 6.70 -6.43
C GLU C 644 -48.01 6.62 -7.57
N ARG C 645 -48.09 7.68 -8.37
CA ARG C 645 -49.04 7.69 -9.48
C ARG C 645 -48.72 6.60 -10.49
N ILE C 646 -47.43 6.40 -10.80
CA ILE C 646 -47.04 5.35 -11.73
C ILE C 646 -47.43 3.98 -11.18
N ASN C 647 -47.16 3.75 -9.89
CA ASN C 647 -47.49 2.47 -9.27
C ASN C 647 -48.99 2.22 -9.31
N GLN C 648 -49.79 3.23 -8.97
CA GLN C 648 -51.24 3.07 -8.98
C GLN C 648 -51.76 2.85 -10.39
N ARG C 649 -51.19 3.57 -11.37
CA ARG C 649 -51.68 3.48 -12.75
C ARG C 649 -51.57 2.07 -13.30
N PHE C 650 -50.49 1.38 -12.99
CA PHE C 650 -50.28 0.01 -13.45
C PHE C 650 -50.44 -1.02 -12.34
N ALA C 651 -51.16 -0.67 -11.28
CA ALA C 651 -51.48 -1.63 -10.24
C ALA C 651 -52.61 -2.55 -10.71
N GLY C 652 -52.81 -3.63 -9.97
CA GLY C 652 -53.79 -4.63 -10.36
C GLY C 652 -53.49 -5.29 -11.68
N LEU C 653 -52.21 -5.49 -12.00
CA LEU C 653 -51.78 -6.10 -13.25
C LEU C 653 -50.83 -7.24 -12.94
N PRO C 654 -51.34 -8.40 -12.53
CA PRO C 654 -50.46 -9.57 -12.35
C PRO C 654 -49.78 -9.99 -13.63
N ASN C 655 -50.43 -9.80 -14.78
CA ASN C 655 -49.80 -10.15 -16.05
C ASN C 655 -48.54 -9.33 -16.29
N ARG C 656 -48.58 -8.03 -16.00
CA ARG C 656 -47.40 -7.17 -16.09
C ARG C 656 -47.28 -6.36 -14.80
N THR C 657 -46.55 -6.89 -13.83
CA THR C 657 -46.41 -6.22 -12.55
C THR C 657 -45.38 -5.10 -12.66
N VAL C 658 -45.80 -3.86 -12.42
CA VAL C 658 -44.95 -2.69 -12.60
C VAL C 658 -44.70 -2.08 -11.23
N TYR C 659 -43.43 -1.96 -10.85
CA TYR C 659 -43.08 -1.35 -9.58
C TYR C 659 -42.07 -0.23 -9.82
N ALA C 660 -42.39 0.97 -9.31
CA ALA C 660 -41.51 2.11 -9.47
C ALA C 660 -40.79 2.40 -8.15
N MET C 661 -39.51 2.74 -8.26
CA MET C 661 -38.69 3.06 -7.10
C MET C 661 -37.91 4.33 -7.37
N ASN C 662 -37.64 5.09 -6.31
CA ASN C 662 -36.77 6.23 -6.41
C ASN C 662 -35.31 5.77 -6.45
N SER C 663 -34.45 6.64 -6.94
CA SER C 663 -33.02 6.34 -6.95
C SER C 663 -32.55 6.07 -5.53
N PRO C 664 -31.84 4.97 -5.30
CA PRO C 664 -31.53 4.56 -3.93
C PRO C 664 -30.63 5.59 -3.24
N PRO C 665 -31.04 6.09 -2.08
CA PRO C 665 -30.16 6.99 -1.33
C PRO C 665 -28.91 6.26 -0.87
N LEU C 666 -27.81 7.01 -0.84
CA LEU C 666 -26.48 6.45 -0.61
C LEU C 666 -26.24 5.25 -1.52
N PRO C 667 -26.18 5.47 -2.84
CA PRO C 667 -26.05 4.33 -3.77
C PRO C 667 -24.82 3.48 -3.53
N ASP C 668 -23.75 4.09 -3.00
CA ASP C 668 -22.55 3.31 -2.69
C ASP C 668 -22.83 2.24 -1.65
N LEU C 669 -23.58 2.59 -0.60
CA LEU C 669 -23.87 1.63 0.46
C LEU C 669 -24.79 0.53 -0.03
N GLY C 670 -25.85 0.88 -0.73
CA GLY C 670 -26.80 -0.10 -1.21
C GLY C 670 -27.46 0.38 -2.48
N SER C 671 -27.91 -0.58 -3.29
CA SER C 671 -28.57 -0.28 -4.56
C SER C 671 -30.09 -0.32 -4.45
N THR C 672 -30.64 -0.47 -3.25
CA THR C 672 -32.07 -0.53 -3.04
C THR C 672 -32.53 0.72 -2.30
N SER C 673 -33.56 1.39 -2.84
CA SER C 673 -34.09 2.59 -2.20
C SER C 673 -34.69 2.25 -0.84
N GLY C 674 -35.51 1.22 -0.78
CA GLY C 674 -36.06 0.78 0.49
C GLY C 674 -35.07 -0.09 1.24
N PHE C 675 -35.37 -0.31 2.51
CA PHE C 675 -34.50 -1.15 3.34
C PHE C 675 -34.38 -2.54 2.74
N ASP C 676 -33.16 -3.07 2.74
CA ASP C 676 -32.87 -4.36 2.14
C ASP C 676 -32.76 -5.42 3.24
N PHE C 677 -33.50 -6.51 3.08
CA PHE C 677 -33.55 -7.58 4.07
C PHE C 677 -33.17 -8.90 3.42
N ARG C 678 -32.36 -9.69 4.12
CA ARG C 678 -31.92 -11.00 3.64
C ARG C 678 -32.48 -12.06 4.57
N LEU C 679 -33.30 -12.96 4.03
CA LEU C 679 -33.84 -14.08 4.81
C LEU C 679 -33.03 -15.32 4.51
N GLN C 680 -31.87 -15.41 5.15
CA GLN C 680 -30.98 -16.53 4.87
C GLN C 680 -31.46 -17.79 5.57
N ASP C 681 -30.92 -18.93 5.15
CA ASP C 681 -31.28 -20.23 5.68
C ASP C 681 -30.03 -20.88 6.25
N ARG C 682 -29.74 -20.59 7.52
CA ARG C 682 -28.56 -21.15 8.16
C ARG C 682 -28.69 -22.66 8.32
N GLY C 683 -29.79 -23.12 8.89
CA GLY C 683 -30.01 -24.54 9.02
C GLY C 683 -30.43 -25.19 7.71
N GLY C 684 -30.24 -26.49 7.64
CA GLY C 684 -30.64 -27.23 6.45
C GLY C 684 -32.13 -27.46 6.38
N VAL C 685 -32.92 -26.39 6.55
CA VAL C 685 -34.36 -26.53 6.55
C VAL C 685 -34.87 -26.89 5.16
N GLY C 686 -34.25 -26.34 4.12
CA GLY C 686 -34.63 -26.68 2.76
C GLY C 686 -35.11 -25.51 1.94
N TYR C 687 -34.93 -25.58 0.63
CA TYR C 687 -35.37 -24.49 -0.25
C TYR C 687 -36.87 -24.28 -0.16
N GLU C 688 -37.64 -25.37 -0.20
CA GLU C 688 -39.09 -25.24 -0.12
C GLU C 688 -39.52 -24.70 1.23
N ALA C 689 -38.89 -25.17 2.31
CA ALA C 689 -39.21 -24.64 3.63
C ALA C 689 -38.85 -23.17 3.74
N LEU C 690 -37.71 -22.79 3.15
CA LEU C 690 -37.36 -21.37 3.12
C LEU C 690 -38.38 -20.57 2.33
N VAL C 691 -38.91 -21.14 1.24
CA VAL C 691 -39.96 -20.47 0.48
C VAL C 691 -41.20 -20.26 1.35
N LYS C 692 -41.60 -21.30 2.08
CA LYS C 692 -42.76 -21.19 2.96
C LYS C 692 -42.55 -20.11 4.02
N ALA C 693 -41.37 -20.11 4.64
CA ALA C 693 -41.05 -19.09 5.63
C ALA C 693 -41.09 -17.70 5.02
N ARG C 694 -40.53 -17.55 3.81
CA ARG C 694 -40.54 -16.26 3.13
C ARG C 694 -41.96 -15.78 2.88
N ASP C 695 -42.82 -16.66 2.38
CA ASP C 695 -44.19 -16.27 2.10
C ASP C 695 -44.93 -15.89 3.37
N GLN C 696 -44.71 -16.65 4.45
CA GLN C 696 -45.33 -16.32 5.73
C GLN C 696 -44.88 -14.94 6.22
N LEU C 697 -43.57 -14.68 6.15
CA LEU C 697 -43.04 -13.38 6.57
C LEU C 697 -43.59 -12.25 5.71
N LEU C 698 -43.69 -12.48 4.40
CA LEU C 698 -44.23 -11.46 3.51
C LEU C 698 -45.70 -11.17 3.82
N ALA C 699 -46.48 -12.21 4.13
CA ALA C 699 -47.85 -11.98 4.55
C ALA C 699 -47.91 -11.17 5.84
N ARG C 700 -47.06 -11.52 6.81
CA ARG C 700 -46.98 -10.75 8.04
C ARG C 700 -46.64 -9.28 7.76
N ALA C 701 -45.70 -9.05 6.85
CA ALA C 701 -45.34 -7.68 6.47
C ALA C 701 -46.53 -6.96 5.83
N ALA C 702 -47.27 -7.67 4.98
CA ALA C 702 -48.42 -7.07 4.32
C ALA C 702 -49.48 -6.65 5.34
N GLU C 703 -49.78 -7.52 6.31
CA GLU C 703 -50.77 -7.15 7.31
C GLU C 703 -50.25 -6.11 8.28
N ASP C 704 -48.94 -6.09 8.53
CA ASP C 704 -48.38 -5.12 9.46
C ASP C 704 -48.53 -3.71 8.91
N PRO C 705 -49.08 -2.77 9.68
CA PRO C 705 -49.23 -1.40 9.17
C PRO C 705 -47.92 -0.66 9.00
N ARG C 706 -46.89 -0.99 9.80
CA ARG C 706 -45.63 -0.28 9.74
C ARG C 706 -44.81 -0.62 8.50
N LEU C 707 -45.20 -1.64 7.74
CA LEU C 707 -44.47 -2.08 6.57
C LEU C 707 -45.29 -1.84 5.32
N ALA C 708 -44.60 -1.48 4.23
CA ALA C 708 -45.25 -1.27 2.95
C ALA C 708 -44.32 -1.75 1.83
N ASN C 709 -44.93 -2.27 0.77
CA ASN C 709 -44.22 -2.69 -0.43
C ASN C 709 -43.09 -3.66 -0.12
N VAL C 710 -43.37 -4.62 0.75
CA VAL C 710 -42.41 -5.64 1.15
C VAL C 710 -42.66 -6.87 0.28
N MET C 711 -41.65 -7.27 -0.49
CA MET C 711 -41.82 -8.37 -1.44
C MET C 711 -40.49 -9.08 -1.64
N PHE C 712 -40.56 -10.23 -2.29
CA PHE C 712 -39.37 -10.98 -2.69
C PHE C 712 -38.83 -10.41 -3.99
N ALA C 713 -37.57 -9.96 -3.96
CA ALA C 713 -36.97 -9.37 -5.16
C ALA C 713 -36.88 -10.38 -6.29
N GLY C 714 -36.44 -11.60 -5.97
CA GLY C 714 -36.34 -12.62 -7.01
C GLY C 714 -37.69 -12.96 -7.60
N GLN C 715 -37.67 -13.30 -8.88
CA GLN C 715 -38.90 -13.66 -9.58
C GLN C 715 -39.38 -15.03 -9.13
N GLY C 716 -40.68 -15.25 -9.30
CA GLY C 716 -41.27 -16.52 -8.91
C GLY C 716 -40.84 -17.64 -9.83
N GLU C 717 -41.06 -18.86 -9.34
CA GLU C 717 -40.66 -20.04 -10.11
C GLU C 717 -41.44 -20.12 -11.41
N ALA C 718 -40.77 -20.65 -12.44
CA ALA C 718 -41.39 -20.85 -13.75
C ALA C 718 -41.27 -22.30 -14.15
N PRO C 719 -42.25 -22.84 -14.88
CA PRO C 719 -42.12 -24.21 -15.39
C PRO C 719 -41.01 -24.29 -16.43
N GLN C 720 -40.05 -25.18 -16.18
CA GLN C 720 -38.88 -25.29 -17.02
C GLN C 720 -38.47 -26.74 -17.12
N ILE C 721 -37.75 -27.06 -18.20
CA ILE C 721 -37.25 -28.42 -18.40
C ILE C 721 -36.04 -28.60 -17.49
N ARG C 722 -36.20 -29.45 -16.47
CA ARG C 722 -35.13 -29.70 -15.50
C ARG C 722 -34.21 -30.80 -16.01
N LEU C 723 -33.55 -30.51 -17.12
CA LEU C 723 -32.65 -31.47 -17.75
C LEU C 723 -31.50 -31.79 -16.80
N ASP C 724 -31.41 -33.06 -16.39
CA ASP C 724 -30.37 -33.53 -15.49
C ASP C 724 -29.48 -34.52 -16.22
N ILE C 725 -28.17 -34.37 -16.00
CA ILE C 725 -27.16 -35.26 -16.60
C ILE C 725 -26.34 -35.84 -15.46
N ASP C 726 -26.53 -37.14 -15.20
CA ASP C 726 -25.80 -37.79 -14.12
C ASP C 726 -24.31 -37.86 -14.40
N ARG C 727 -23.94 -38.10 -15.66
CA ARG C 727 -22.55 -38.10 -16.13
C ARG C 727 -21.78 -39.34 -15.67
N ARG C 728 -22.40 -40.18 -14.84
CA ARG C 728 -21.91 -41.55 -14.66
C ARG C 728 -22.16 -42.38 -15.92
N LYS C 729 -23.32 -42.19 -16.52
CA LYS C 729 -23.58 -42.80 -17.82
C LYS C 729 -22.48 -42.43 -18.81
N ALA C 730 -22.12 -41.15 -18.87
CA ALA C 730 -21.02 -40.68 -19.71
C ALA C 730 -19.75 -41.48 -19.46
N GLU C 731 -19.50 -41.84 -18.20
CA GLU C 731 -18.38 -42.73 -17.90
C GLU C 731 -18.56 -44.09 -18.55
N THR C 732 -19.74 -44.70 -18.37
CA THR C 732 -19.95 -46.05 -18.87
C THR C 732 -19.93 -46.11 -20.39
N LEU C 733 -20.53 -45.13 -21.06
CA LEU C 733 -20.61 -45.13 -22.52
C LEU C 733 -19.24 -44.95 -23.15
N GLY C 734 -18.30 -44.35 -22.42
CA GLY C 734 -16.97 -44.07 -22.94
C GLY C 734 -16.68 -42.60 -23.12
N VAL C 735 -17.71 -41.74 -23.10
CA VAL C 735 -17.48 -40.30 -23.21
C VAL C 735 -16.58 -39.84 -22.08
N SER C 736 -16.94 -40.18 -20.84
CA SER C 736 -16.20 -39.84 -19.64
C SER C 736 -15.73 -38.40 -19.62
N MET C 737 -16.53 -37.49 -20.19
CA MET C 737 -16.13 -36.10 -20.30
C MET C 737 -17.37 -35.25 -20.50
N ASP C 738 -17.57 -34.28 -19.62
CA ASP C 738 -18.69 -33.37 -19.74
C ASP C 738 -18.50 -32.35 -20.86
N GLU C 739 -17.31 -32.32 -21.48
CA GLU C 739 -17.05 -31.34 -22.53
C GLU C 739 -18.04 -31.51 -23.68
N ILE C 740 -18.30 -32.76 -24.08
CA ILE C 740 -19.30 -32.98 -25.13
C ILE C 740 -20.68 -32.63 -24.61
N ASN C 741 -21.00 -33.02 -23.38
CA ASN C 741 -22.25 -32.61 -22.76
C ASN C 741 -22.34 -31.09 -22.69
N THR C 742 -21.23 -30.44 -22.34
CA THR C 742 -21.19 -28.98 -22.29
C THR C 742 -21.46 -28.38 -23.66
N THR C 743 -20.85 -28.95 -24.69
CA THR C 743 -21.07 -28.46 -26.06
C THR C 743 -22.55 -28.56 -26.44
N LEU C 744 -23.17 -29.69 -26.11
CA LEU C 744 -24.59 -29.83 -26.43
C LEU C 744 -25.43 -28.83 -25.65
N ALA C 745 -25.13 -28.67 -24.36
CA ALA C 745 -25.90 -27.73 -23.54
C ALA C 745 -25.79 -26.31 -24.06
N VAL C 746 -24.57 -25.89 -24.43
CA VAL C 746 -24.40 -24.54 -24.97
C VAL C 746 -24.92 -24.43 -26.39
N MET C 747 -25.07 -25.56 -27.10
CA MET C 747 -25.85 -25.53 -28.33
C MET C 747 -27.31 -25.22 -28.03
N PHE C 748 -27.82 -25.73 -26.90
CA PHE C 748 -29.13 -25.28 -26.43
C PHE C 748 -29.06 -23.83 -25.97
N GLY C 749 -27.90 -23.41 -25.46
CA GLY C 749 -27.70 -22.04 -25.02
C GLY C 749 -27.01 -21.17 -26.03
N SER C 750 -25.73 -20.86 -25.81
CA SER C 750 -24.95 -20.06 -26.73
C SER C 750 -23.53 -20.63 -26.79
N ASP C 751 -23.23 -21.38 -27.84
CA ASP C 751 -21.89 -21.90 -28.06
C ASP C 751 -21.06 -20.89 -28.85
N TYR C 752 -19.80 -20.74 -28.48
CA TYR C 752 -18.87 -19.85 -29.15
C TYR C 752 -17.71 -20.66 -29.72
N ILE C 753 -17.68 -20.82 -31.03
CA ILE C 753 -16.54 -21.47 -31.68
C ILE C 753 -15.28 -20.65 -31.47
N GLY C 754 -15.39 -19.33 -31.61
CA GLY C 754 -14.20 -18.50 -31.52
C GLY C 754 -14.49 -17.09 -32.00
N ASP C 755 -13.49 -16.50 -32.64
CA ASP C 755 -13.57 -15.11 -33.07
C ASP C 755 -13.05 -14.97 -34.49
N PHE C 756 -13.70 -14.10 -35.27
CA PHE C 756 -13.29 -13.80 -36.62
C PHE C 756 -13.09 -12.29 -36.77
N MET C 757 -12.06 -11.92 -37.52
CA MET C 757 -11.79 -10.51 -37.77
C MET C 757 -12.91 -9.89 -38.59
N HIS C 758 -13.46 -8.78 -38.09
CA HIS C 758 -14.57 -8.09 -38.72
C HIS C 758 -14.27 -6.60 -38.75
N GLY C 759 -14.19 -6.04 -39.95
CA GLY C 759 -13.95 -4.61 -40.08
C GLY C 759 -12.60 -4.24 -39.49
N SER C 760 -12.62 -3.37 -38.48
CA SER C 760 -11.41 -2.98 -37.77
C SER C 760 -11.16 -3.82 -36.53
N GLN C 761 -12.16 -4.53 -36.02
CA GLN C 761 -12.03 -5.23 -34.75
C GLN C 761 -12.19 -6.73 -34.96
N VAL C 762 -12.29 -7.48 -33.88
CA VAL C 762 -12.55 -8.92 -33.94
C VAL C 762 -13.90 -9.19 -33.28
N ARG C 763 -14.82 -9.77 -34.04
CA ARG C 763 -16.14 -10.12 -33.52
C ARG C 763 -16.21 -11.61 -33.21
N LYS C 764 -17.26 -11.98 -32.47
CA LYS C 764 -17.40 -13.36 -32.01
C LYS C 764 -18.11 -14.21 -33.06
N VAL C 765 -18.07 -15.52 -32.84
CA VAL C 765 -18.76 -16.50 -33.66
C VAL C 765 -19.63 -17.34 -32.74
N VAL C 766 -20.94 -17.31 -32.97
CA VAL C 766 -21.89 -18.03 -32.12
C VAL C 766 -22.56 -19.11 -32.96
N VAL C 767 -22.81 -20.27 -32.33
CA VAL C 767 -23.66 -21.29 -32.93
C VAL C 767 -24.77 -21.64 -31.95
N GLN C 768 -25.90 -20.95 -32.07
CA GLN C 768 -27.09 -21.32 -31.31
C GLN C 768 -28.05 -22.08 -32.22
N ALA C 769 -28.61 -23.17 -31.71
CA ALA C 769 -29.63 -23.89 -32.46
C ALA C 769 -30.81 -22.98 -32.76
N ASP C 770 -31.45 -23.23 -33.90
CA ASP C 770 -32.54 -22.38 -34.35
C ASP C 770 -33.62 -22.27 -33.28
N GLY C 771 -34.13 -21.05 -33.11
CA GLY C 771 -35.10 -20.73 -32.07
C GLY C 771 -36.21 -21.74 -31.91
N ALA C 772 -36.93 -22.04 -32.99
CA ALA C 772 -37.97 -23.06 -32.93
C ALA C 772 -37.39 -24.41 -32.52
N LYS C 773 -36.31 -24.82 -33.18
CA LYS C 773 -35.67 -26.09 -32.84
C LYS C 773 -35.09 -26.06 -31.43
N ARG C 774 -34.49 -24.94 -31.04
CA ARG C 774 -33.92 -24.84 -29.70
C ARG C 774 -34.99 -25.00 -28.63
N LEU C 775 -36.17 -24.42 -28.83
CA LEU C 775 -37.27 -24.57 -27.89
C LEU C 775 -37.98 -25.90 -28.02
N GLY C 776 -37.57 -26.74 -28.97
CA GLY C 776 -38.13 -28.07 -29.11
C GLY C 776 -38.09 -28.86 -27.81
N ILE C 777 -39.22 -29.45 -27.43
CA ILE C 777 -39.33 -30.07 -26.12
C ILE C 777 -38.37 -31.25 -26.00
N ASP C 778 -38.32 -32.10 -27.03
CA ASP C 778 -37.48 -33.29 -27.03
C ASP C 778 -36.29 -33.15 -27.97
N ASP C 779 -35.88 -31.91 -28.26
CA ASP C 779 -34.67 -31.72 -29.04
C ASP C 779 -33.47 -32.30 -28.32
N ILE C 780 -33.42 -32.15 -26.99
CA ILE C 780 -32.36 -32.79 -26.20
C ILE C 780 -32.45 -34.29 -26.32
N GLY C 781 -33.66 -34.84 -26.26
CA GLY C 781 -33.82 -36.28 -26.37
C GLY C 781 -33.41 -36.81 -27.74
N ARG C 782 -33.84 -36.12 -28.80
CA ARG C 782 -33.53 -36.58 -30.15
C ARG C 782 -32.03 -36.45 -30.47
N LEU C 783 -31.38 -35.43 -29.90
CA LEU C 783 -29.95 -35.26 -30.14
C LEU C 783 -29.16 -36.36 -29.44
N HIS C 784 -27.96 -36.62 -29.97
CA HIS C 784 -27.07 -37.64 -29.45
C HIS C 784 -25.75 -37.00 -29.03
N VAL C 785 -25.24 -37.42 -27.87
CA VAL C 785 -23.92 -37.02 -27.43
C VAL C 785 -22.88 -37.78 -28.23
N ARG C 786 -21.91 -37.04 -28.76
CA ARG C 786 -20.77 -37.63 -29.45
C ARG C 786 -19.91 -38.40 -28.47
N ASN C 787 -19.84 -39.71 -28.62
CA ASN C 787 -18.99 -40.51 -27.76
C ASN C 787 -17.52 -40.24 -28.06
N GLU C 788 -16.67 -40.60 -27.09
CA GLU C 788 -15.24 -40.44 -27.28
C GLU C 788 -14.75 -41.22 -28.49
N GLN C 789 -15.40 -42.33 -28.82
CA GLN C 789 -15.10 -43.09 -30.01
C GLN C 789 -15.80 -42.54 -31.25
N GLY C 790 -16.49 -41.41 -31.13
CA GLY C 790 -17.24 -40.85 -32.22
C GLY C 790 -18.65 -41.39 -32.36
N GLU C 791 -19.06 -42.31 -31.49
CA GLU C 791 -20.39 -42.90 -31.59
C GLU C 791 -21.47 -41.88 -31.25
N MET C 792 -22.56 -41.93 -32.00
CA MET C 792 -23.70 -41.04 -31.78
C MET C 792 -24.56 -41.56 -30.63
N VAL C 793 -23.96 -41.66 -29.45
CA VAL C 793 -24.68 -42.30 -28.35
C VAL C 793 -25.83 -41.41 -27.93
N PRO C 794 -27.06 -41.92 -27.82
CA PRO C 794 -28.20 -41.05 -27.51
C PRO C 794 -27.96 -40.23 -26.25
N LEU C 795 -28.15 -38.91 -26.37
CA LEU C 795 -28.00 -38.04 -25.22
C LEU C 795 -29.03 -38.36 -24.15
N ALA C 796 -30.18 -38.92 -24.56
CA ALA C 796 -31.24 -39.29 -23.61
C ALA C 796 -30.79 -40.38 -22.65
N THR C 797 -29.67 -41.06 -22.93
CA THR C 797 -29.18 -42.11 -22.05
C THR C 797 -29.01 -41.59 -20.62
N PHE C 798 -28.56 -40.36 -20.45
CA PHE C 798 -28.48 -39.74 -19.14
C PHE C 798 -29.09 -38.35 -19.15
N ALA C 799 -30.14 -38.16 -19.95
CA ALA C 799 -30.89 -36.92 -20.00
C ALA C 799 -32.30 -37.18 -19.51
N LYS C 800 -32.75 -36.35 -18.57
CA LYS C 800 -34.09 -36.46 -17.98
C LYS C 800 -34.73 -35.08 -18.04
N ALA C 801 -35.70 -34.92 -18.94
CA ALA C 801 -36.39 -33.64 -19.08
C ALA C 801 -37.01 -33.20 -17.75
N ALA C 802 -38.00 -33.95 -17.28
CA ALA C 802 -38.61 -33.75 -15.97
C ALA C 802 -39.02 -32.29 -15.76
N TRP C 803 -39.98 -31.83 -16.58
CA TRP C 803 -40.48 -30.47 -16.47
C TRP C 803 -41.01 -30.19 -15.07
N THR C 804 -40.54 -29.10 -14.47
CA THR C 804 -40.88 -28.77 -13.11
C THR C 804 -40.79 -27.26 -12.92
N LEU C 805 -41.60 -26.74 -12.00
CA LEU C 805 -41.41 -25.36 -11.55
C LEU C 805 -40.05 -25.18 -10.90
N GLY C 806 -39.23 -24.33 -11.49
CA GLY C 806 -37.91 -24.06 -10.98
C GLY C 806 -37.71 -22.57 -10.78
N PRO C 807 -36.98 -22.21 -9.73
CA PRO C 807 -36.62 -20.81 -9.52
C PRO C 807 -35.76 -20.31 -10.67
N PRO C 808 -36.04 -19.11 -11.18
CA PRO C 808 -35.21 -18.56 -12.27
C PRO C 808 -33.76 -18.37 -11.85
N GLN C 809 -33.51 -18.04 -10.59
CA GLN C 809 -32.16 -17.86 -10.09
C GLN C 809 -32.13 -18.28 -8.62
N LEU C 810 -30.91 -18.46 -8.10
CA LEU C 810 -30.71 -18.80 -6.70
C LEU C 810 -29.77 -17.79 -6.07
N THR C 811 -30.00 -17.50 -4.79
CA THR C 811 -29.18 -16.52 -4.07
C THR C 811 -28.60 -17.18 -2.82
N ARG C 812 -27.30 -16.98 -2.62
CA ARG C 812 -26.58 -17.51 -1.47
C ARG C 812 -25.88 -16.34 -0.77
N TYR C 813 -26.59 -15.71 0.16
CA TYR C 813 -25.99 -14.62 0.91
C TYR C 813 -25.18 -15.16 2.08
N ASN C 814 -23.91 -14.76 2.15
CA ASN C 814 -22.99 -15.18 3.21
C ASN C 814 -22.92 -16.71 3.32
N GLY C 815 -22.81 -17.36 2.16
CA GLY C 815 -22.74 -18.81 2.12
C GLY C 815 -23.97 -19.51 2.64
N TYR C 816 -25.12 -18.82 2.63
CA TYR C 816 -26.38 -19.38 3.08
C TYR C 816 -27.45 -19.06 2.04
N PRO C 817 -28.25 -20.05 1.63
CA PRO C 817 -29.36 -19.76 0.72
C PRO C 817 -30.31 -18.74 1.31
N SER C 818 -30.57 -17.68 0.57
CA SER C 818 -31.32 -16.54 1.08
C SER C 818 -32.29 -16.03 0.03
N PHE C 819 -33.32 -15.33 0.50
CA PHE C 819 -34.31 -14.68 -0.35
C PHE C 819 -34.29 -13.19 -0.06
N ASN C 820 -34.02 -12.39 -1.09
CA ASN C 820 -33.91 -10.95 -0.94
C ASN C 820 -35.30 -10.35 -0.75
N LEU C 821 -35.60 -9.89 0.45
CA LEU C 821 -36.91 -9.30 0.76
C LEU C 821 -36.74 -7.80 0.91
N GLU C 822 -36.87 -7.07 -0.20
CA GLU C 822 -36.85 -5.61 -0.13
C GLU C 822 -38.16 -5.09 0.43
N GLY C 823 -38.08 -4.03 1.22
CA GLY C 823 -39.26 -3.44 1.81
C GLY C 823 -39.14 -1.93 1.88
N GLN C 824 -40.28 -1.27 2.05
CA GLN C 824 -40.37 0.17 2.15
C GLN C 824 -41.01 0.57 3.47
N ALA C 825 -40.56 1.69 4.03
CA ALA C 825 -41.15 2.21 5.24
C ALA C 825 -42.54 2.79 4.95
N ALA C 826 -43.54 2.29 5.67
CA ALA C 826 -44.90 2.77 5.48
C ALA C 826 -45.04 4.21 5.98
N PRO C 827 -45.96 4.97 5.41
CA PRO C 827 -46.12 6.38 5.82
C PRO C 827 -46.41 6.50 7.30
N GLY C 828 -45.78 7.49 7.92
CA GLY C 828 -45.91 7.71 9.35
C GLY C 828 -45.01 6.85 10.21
N TYR C 829 -44.20 5.99 9.61
CA TYR C 829 -43.28 5.12 10.34
C TYR C 829 -41.88 5.30 9.78
N SER C 830 -40.92 5.49 10.69
CA SER C 830 -39.55 5.74 10.28
C SER C 830 -38.90 4.46 9.74
N SER C 831 -37.75 4.65 9.08
CA SER C 831 -37.02 3.50 8.56
C SER C 831 -36.62 2.55 9.68
N GLY C 832 -36.14 3.09 10.80
CA GLY C 832 -35.83 2.25 11.95
C GLY C 832 -37.05 1.50 12.45
N GLU C 833 -38.20 2.18 12.51
CA GLU C 833 -39.43 1.52 12.91
C GLU C 833 -39.80 0.40 11.94
N ALA C 834 -39.66 0.66 10.64
CA ALA C 834 -39.98 -0.37 9.65
C ALA C 834 -39.07 -1.59 9.80
N MET C 835 -37.77 -1.35 9.99
CA MET C 835 -36.84 -2.46 10.16
C MET C 835 -37.14 -3.24 11.44
N GLN C 836 -37.45 -2.54 12.53
CA GLN C 836 -37.80 -3.23 13.77
C GLN C 836 -39.09 -4.02 13.61
N ALA C 837 -40.04 -3.50 12.83
CA ALA C 837 -41.27 -4.24 12.55
C ALA C 837 -40.97 -5.52 11.76
N MET C 838 -40.08 -5.41 10.77
CA MET C 838 -39.65 -6.59 10.03
C MET C 838 -39.03 -7.62 10.96
N GLU C 839 -38.18 -7.16 11.88
CA GLU C 839 -37.56 -8.06 12.84
C GLU C 839 -38.60 -8.71 13.75
N GLN C 840 -39.57 -7.92 14.23
CA GLN C 840 -40.60 -8.46 15.10
C GLN C 840 -41.41 -9.53 14.39
N LEU C 841 -41.80 -9.27 13.15
CA LEU C 841 -42.56 -10.25 12.39
C LEU C 841 -41.72 -11.50 12.11
N MET C 842 -40.42 -11.31 11.90
CA MET C 842 -39.54 -12.45 11.66
C MET C 842 -39.60 -13.45 12.81
N GLN C 843 -39.72 -12.96 14.04
CA GLN C 843 -39.97 -13.83 15.18
C GLN C 843 -41.24 -14.64 14.96
N GLY C 844 -41.13 -15.95 15.12
CA GLY C 844 -42.20 -16.87 14.81
C GLY C 844 -41.95 -17.73 13.59
N LEU C 845 -40.96 -17.36 12.77
CA LEU C 845 -40.58 -18.21 11.65
C LEU C 845 -39.89 -19.47 12.16
N PRO C 846 -39.94 -20.56 11.39
CA PRO C 846 -39.32 -21.80 11.85
C PRO C 846 -37.82 -21.66 12.05
N GLU C 847 -37.29 -22.52 12.91
CA GLU C 847 -35.86 -22.50 13.21
C GLU C 847 -35.04 -22.82 11.96
N GLY C 848 -33.81 -22.32 11.95
CA GLY C 848 -32.94 -22.43 10.80
C GLY C 848 -33.07 -21.31 9.80
N ILE C 849 -34.10 -20.48 9.93
CA ILE C 849 -34.30 -19.32 9.07
C ILE C 849 -33.79 -18.11 9.84
N ALA C 850 -32.76 -17.46 9.31
CA ALA C 850 -32.10 -16.35 9.98
C ALA C 850 -32.35 -15.05 9.25
N HIS C 851 -32.69 -14.01 10.00
CA HIS C 851 -32.86 -12.68 9.43
C HIS C 851 -31.53 -11.96 9.36
N GLU C 852 -31.41 -11.06 8.39
CA GLU C 852 -30.17 -10.32 8.23
C GLU C 852 -30.46 -9.01 7.51
N TRP C 853 -29.66 -8.00 7.81
CA TRP C 853 -29.76 -6.71 7.15
C TRP C 853 -28.45 -6.40 6.43
N SER C 854 -28.56 -5.82 5.25
CA SER C 854 -27.40 -5.48 4.44
C SER C 854 -27.55 -4.05 3.94
N GLY C 855 -26.46 -3.49 3.43
CA GLY C 855 -26.48 -2.15 2.89
C GLY C 855 -26.76 -1.11 3.95
N GLN C 856 -27.68 -0.20 3.63
CA GLN C 856 -27.94 0.94 4.51
C GLN C 856 -28.56 0.49 5.83
N SER C 857 -29.36 -0.56 5.80
CA SER C 857 -30.02 -1.05 7.02
C SER C 857 -28.99 -1.46 8.06
N PHE C 858 -27.95 -2.17 7.64
CA PHE C 858 -26.88 -2.59 8.53
C PHE C 858 -26.22 -1.37 9.18
N GLU C 859 -25.89 -0.36 8.38
CA GLU C 859 -25.28 0.85 8.92
C GLU C 859 -26.24 1.58 9.84
N GLU C 860 -27.54 1.53 9.56
CA GLU C 860 -28.53 2.16 10.43
C GLU C 860 -28.56 1.49 11.80
N ARG C 861 -28.57 0.15 11.81
CA ARG C 861 -28.53 -0.57 13.08
C ARG C 861 -27.23 -0.27 13.83
N LEU C 862 -26.11 -0.20 13.11
CA LEU C 862 -24.85 0.15 13.75
C LEU C 862 -24.89 1.55 14.33
N SER C 863 -25.46 2.50 13.59
CA SER C 863 -25.52 3.89 14.03
C SER C 863 -26.38 4.02 15.29
N GLY C 864 -27.48 3.27 15.34
CA GLY C 864 -28.39 3.41 16.47
C GLY C 864 -27.74 3.11 17.81
N ALA C 865 -26.83 2.13 17.84
CA ALA C 865 -26.27 1.68 19.10
C ALA C 865 -25.44 2.76 19.78
N GLN C 866 -24.58 3.45 19.02
CA GLN C 866 -23.56 4.32 19.60
C GLN C 866 -24.02 5.77 19.77
N ALA C 867 -25.27 6.08 19.42
CA ALA C 867 -25.73 7.47 19.49
C ALA C 867 -25.74 8.04 20.90
N PRO C 868 -26.35 7.40 21.90
CA PRO C 868 -26.50 8.09 23.19
C PRO C 868 -25.19 8.25 23.95
N ALA C 869 -24.34 7.23 23.95
CA ALA C 869 -23.13 7.25 24.77
C ALA C 869 -22.24 8.43 24.42
N LEU C 870 -22.05 8.68 23.13
CA LEU C 870 -21.18 9.78 22.73
C LEU C 870 -21.77 11.12 23.13
N PHE C 871 -23.10 11.26 23.11
CA PHE C 871 -23.71 12.51 23.57
C PHE C 871 -23.49 12.69 25.07
N ALA C 872 -23.64 11.62 25.85
CA ALA C 872 -23.37 11.71 27.28
C ALA C 872 -21.91 12.07 27.54
N LEU C 873 -21.00 11.49 26.76
CA LEU C 873 -19.59 11.85 26.87
C LEU C 873 -19.36 13.31 26.50
N SER C 874 -20.07 13.81 25.50
CA SER C 874 -20.01 15.23 25.17
C SER C 874 -20.41 16.07 26.36
N VAL C 875 -21.52 15.71 27.01
CA VAL C 875 -21.97 16.45 28.19
C VAL C 875 -20.90 16.43 29.27
N LEU C 876 -20.32 15.25 29.51
CA LEU C 876 -19.29 15.13 30.53
C LEU C 876 -18.08 16.01 30.22
N ILE C 877 -17.58 15.94 28.99
CA ILE C 877 -16.42 16.72 28.60
C ILE C 877 -16.71 18.21 28.73
N VAL C 878 -17.89 18.63 28.32
CA VAL C 878 -18.26 20.03 28.44
C VAL C 878 -18.27 20.45 29.90
N PHE C 879 -18.83 19.60 30.77
CA PHE C 879 -18.84 19.92 32.19
C PHE C 879 -17.44 20.10 32.73
N LEU C 880 -16.54 19.18 32.39
CA LEU C 880 -15.16 19.29 32.89
C LEU C 880 -14.48 20.54 32.34
N ALA C 881 -14.68 20.84 31.06
CA ALA C 881 -14.09 22.03 30.46
C ALA C 881 -14.59 23.29 31.15
N LEU C 882 -15.90 23.34 31.42
CA LEU C 882 -16.46 24.49 32.13
C LEU C 882 -15.88 24.60 33.53
N ALA C 883 -15.74 23.47 34.22
CA ALA C 883 -15.16 23.49 35.56
C ALA C 883 -13.75 24.07 35.54
N ALA C 884 -12.97 23.70 34.53
CA ALA C 884 -11.67 24.34 34.34
C ALA C 884 -11.83 25.83 34.05
N LEU C 885 -12.81 26.18 33.21
CA LEU C 885 -13.00 27.57 32.80
C LEU C 885 -13.36 28.46 33.98
N TYR C 886 -14.26 28.00 34.84
CA TYR C 886 -14.69 28.77 36.01
C TYR C 886 -13.80 28.54 37.23
N GLU C 887 -12.84 27.62 37.12
CA GLU C 887 -11.95 27.27 38.24
C GLU C 887 -12.77 26.85 39.47
N SER C 888 -13.87 26.14 39.23
CA SER C 888 -14.72 25.66 40.31
C SER C 888 -15.47 24.43 39.84
N TRP C 889 -15.93 23.63 40.80
CA TRP C 889 -16.69 22.42 40.51
C TRP C 889 -18.18 22.59 40.77
N SER C 890 -18.63 23.84 40.90
CA SER C 890 -20.05 24.09 41.15
C SER C 890 -20.64 24.93 40.02
N ILE C 891 -19.93 25.99 39.63
CA ILE C 891 -20.43 26.90 38.60
C ILE C 891 -20.75 26.20 37.29
N PRO C 892 -19.93 25.27 36.78
CA PRO C 892 -20.28 24.59 35.53
C PRO C 892 -21.63 23.89 35.55
N LEU C 893 -22.11 23.53 36.73
CA LEU C 893 -23.38 22.81 36.84
C LEU C 893 -24.51 23.60 36.20
N ALA C 894 -24.54 24.92 36.40
CA ALA C 894 -25.60 25.73 35.81
C ALA C 894 -25.55 25.69 34.28
N VAL C 895 -24.35 25.86 33.71
CA VAL C 895 -24.21 25.80 32.26
C VAL C 895 -24.66 24.45 31.74
N ILE C 896 -24.38 23.38 32.50
CA ILE C 896 -24.89 22.07 32.13
C ILE C 896 -26.42 22.05 32.19
N LEU C 897 -26.99 22.68 33.22
CA LEU C 897 -28.45 22.74 33.36
C LEU C 897 -29.09 23.47 32.19
N VAL C 898 -28.33 24.32 31.51
CA VAL C 898 -28.90 25.09 30.41
C VAL C 898 -29.26 24.20 29.23
N VAL C 899 -28.49 23.14 28.98
CA VAL C 899 -28.58 22.28 27.79
C VAL C 899 -29.99 21.75 27.51
N PRO C 900 -30.72 21.23 28.51
CA PRO C 900 -32.04 20.67 28.21
C PRO C 900 -32.97 21.62 27.48
N LEU C 901 -32.82 22.94 27.69
CA LEU C 901 -33.67 23.88 26.98
C LEU C 901 -33.45 23.82 25.47
N GLY C 902 -32.19 23.85 25.05
CA GLY C 902 -31.90 23.70 23.63
C GLY C 902 -32.33 22.35 23.10
N VAL C 903 -32.13 21.30 23.89
CA VAL C 903 -32.60 19.98 23.47
C VAL C 903 -34.12 19.99 23.27
N LEU C 904 -34.83 20.65 24.19
CA LEU C 904 -36.27 20.81 24.07
C LEU C 904 -36.66 21.52 22.79
N GLY C 905 -35.93 22.59 22.47
CA GLY C 905 -36.24 23.34 21.27
C GLY C 905 -36.06 22.52 20.01
N ALA C 906 -34.95 21.78 19.94
CA ALA C 906 -34.74 20.91 18.78
C ALA C 906 -35.84 19.86 18.69
N LEU C 907 -36.19 19.25 19.82
CA LEU C 907 -37.23 18.22 19.81
C LEU C 907 -38.57 18.78 19.36
N LEU C 908 -38.94 19.96 19.88
CA LEU C 908 -40.20 20.58 19.47
C LEU C 908 -40.18 20.90 17.98
N GLY C 909 -39.06 21.44 17.49
CA GLY C 909 -38.97 21.79 16.08
C GLY C 909 -39.15 20.59 15.18
N VAL C 910 -38.49 19.48 15.50
CA VAL C 910 -38.64 18.30 14.66
C VAL C 910 -40.02 17.68 14.83
N SER C 911 -40.59 17.75 16.03
CA SER C 911 -41.92 17.18 16.23
C SER C 911 -42.97 17.92 15.43
N LEU C 912 -42.89 19.25 15.37
CA LEU C 912 -43.90 20.02 14.66
C LEU C 912 -43.91 19.69 13.16
N ARG C 913 -42.74 19.56 12.56
CA ARG C 913 -42.63 19.25 11.13
C ARG C 913 -42.49 17.76 10.85
N GLY C 914 -42.66 16.92 11.86
CA GLY C 914 -42.62 15.48 11.67
C GLY C 914 -41.32 14.94 11.15
N LEU C 915 -40.21 15.53 11.56
CA LEU C 915 -38.91 15.03 11.13
C LEU C 915 -38.39 14.02 12.15
N PRO C 916 -37.96 12.84 11.71
CA PRO C 916 -37.53 11.79 12.65
C PRO C 916 -36.13 12.08 13.18
N ASN C 917 -35.69 11.22 14.10
CA ASN C 917 -34.36 11.32 14.69
C ASN C 917 -33.35 10.73 13.71
N ASP C 918 -32.98 11.55 12.73
CA ASP C 918 -32.02 11.15 11.71
C ASP C 918 -30.63 11.67 12.09
N ILE C 919 -29.67 11.44 11.19
CA ILE C 919 -28.30 11.89 11.42
C ILE C 919 -28.25 13.41 11.56
N TYR C 920 -28.95 14.11 10.66
CA TYR C 920 -28.95 15.56 10.70
C TYR C 920 -29.49 16.08 12.02
N PHE C 921 -30.54 15.44 12.54
CA PHE C 921 -31.09 15.88 13.82
C PHE C 921 -30.06 15.78 14.93
N LYS C 922 -29.34 14.66 15.00
CA LYS C 922 -28.33 14.50 16.03
C LYS C 922 -27.24 15.54 15.90
N VAL C 923 -26.80 15.80 14.67
CA VAL C 923 -25.78 16.82 14.42
C VAL C 923 -26.27 18.18 14.91
N GLY C 924 -27.50 18.54 14.55
CA GLY C 924 -28.05 19.81 14.99
C GLY C 924 -28.19 19.88 16.50
N LEU C 925 -28.56 18.77 17.12
CA LEU C 925 -28.65 18.73 18.58
C LEU C 925 -27.32 19.04 19.23
N ILE C 926 -26.25 18.42 18.73
CA ILE C 926 -24.92 18.68 19.27
C ILE C 926 -24.57 20.15 19.13
N THR C 927 -24.80 20.71 17.93
CA THR C 927 -24.47 22.12 17.70
C THR C 927 -25.26 23.03 18.64
N ILE C 928 -26.55 22.73 18.82
CA ILE C 928 -27.40 23.56 19.67
C ILE C 928 -26.91 23.51 21.11
N ILE C 929 -26.57 22.31 21.59
CA ILE C 929 -26.03 22.17 22.93
C ILE C 929 -24.81 23.06 23.09
N GLY C 930 -23.90 23.01 22.11
CA GLY C 930 -22.71 23.84 22.15
C GLY C 930 -23.02 25.33 22.27
N LEU C 931 -23.88 25.84 21.39
CA LEU C 931 -24.14 27.27 21.38
C LEU C 931 -24.88 27.72 22.64
N SER C 932 -25.82 26.90 23.12
CA SER C 932 -26.51 27.21 24.36
C SER C 932 -25.52 27.30 25.50
N ALA C 933 -24.57 26.36 25.56
CA ALA C 933 -23.52 26.42 26.57
C ALA C 933 -22.71 27.69 26.43
N LYS C 934 -22.41 28.09 25.19
CA LYS C 934 -21.66 29.33 24.99
C LYS C 934 -22.39 30.53 25.58
N ASN C 935 -23.69 30.65 25.30
CA ASN C 935 -24.46 31.77 25.85
C ASN C 935 -24.50 31.73 27.37
N ALA C 936 -24.69 30.53 27.93
CA ALA C 936 -24.69 30.39 29.38
C ALA C 936 -23.37 30.86 29.98
N ILE C 937 -22.26 30.50 29.33
CA ILE C 937 -20.95 31.00 29.75
C ILE C 937 -20.92 32.52 29.74
N LEU C 938 -21.35 33.10 28.61
CA LEU C 938 -21.35 34.55 28.45
C LEU C 938 -22.04 35.25 29.61
N ILE C 939 -23.19 34.72 30.04
CA ILE C 939 -23.93 35.36 31.13
C ILE C 939 -23.27 35.06 32.48
N ILE C 940 -22.98 33.79 32.73
CA ILE C 940 -22.56 33.33 34.05
C ILE C 940 -21.21 33.92 34.45
N GLU C 941 -20.30 34.09 33.48
CA GLU C 941 -19.00 34.67 33.82
C GLU C 941 -19.17 36.08 34.41
N VAL C 942 -20.00 36.90 33.76
CA VAL C 942 -20.27 38.24 34.27
C VAL C 942 -20.95 38.17 35.63
N ALA C 943 -21.88 37.23 35.77
CA ALA C 943 -22.54 37.07 37.07
C ALA C 943 -21.53 36.76 38.17
N LYS C 944 -20.61 35.84 37.90
CA LYS C 944 -19.57 35.48 38.87
C LYS C 944 -18.69 36.66 39.20
N ASP C 945 -18.29 37.42 38.18
CA ASP C 945 -17.44 38.59 38.41
C ASP C 945 -18.14 39.60 39.32
N HIS C 946 -19.42 39.86 39.04
CA HIS C 946 -20.18 40.78 39.87
C HIS C 946 -20.31 40.27 41.31
N TYR C 947 -20.60 38.98 41.46
CA TYR C 947 -20.76 38.41 42.80
C TYR C 947 -19.48 38.54 43.61
N GLN C 948 -18.34 38.15 43.03
CA GLN C 948 -17.08 38.27 43.73
C GLN C 948 -16.69 39.73 43.96
N GLU C 949 -17.17 40.63 43.10
CA GLU C 949 -16.89 42.05 43.28
C GLU C 949 -17.48 42.56 44.59
N GLY C 950 -18.66 42.09 44.95
CA GLY C 950 -19.31 42.54 46.17
C GLY C 950 -20.82 42.65 46.03
N MET C 951 -21.28 42.68 44.78
CA MET C 951 -22.71 42.70 44.52
C MET C 951 -23.34 41.38 44.99
N SER C 952 -24.53 41.48 45.57
CA SER C 952 -25.20 40.30 46.11
C SER C 952 -25.53 39.32 44.99
N LEU C 953 -25.65 38.04 45.36
CA LEU C 953 -25.87 36.98 44.37
C LEU C 953 -27.06 37.30 43.48
N LEU C 954 -28.20 37.65 44.08
CA LEU C 954 -29.36 38.07 43.30
C LEU C 954 -29.04 39.32 42.50
N GLN C 955 -28.40 40.30 43.13
CA GLN C 955 -27.98 41.50 42.41
C GLN C 955 -27.01 41.14 41.28
N ALA C 956 -26.06 40.25 41.56
CA ALA C 956 -25.10 39.84 40.55
C ALA C 956 -25.79 39.25 39.32
N THR C 957 -26.70 38.30 39.55
CA THR C 957 -27.42 37.67 38.44
C THR C 957 -28.24 38.70 37.68
N LEU C 958 -28.94 39.57 38.40
CA LEU C 958 -29.77 40.57 37.75
C LEU C 958 -28.95 41.49 36.86
N GLU C 959 -27.87 42.04 37.40
CA GLU C 959 -27.04 42.97 36.63
C GLU C 959 -26.38 42.26 35.45
N ALA C 960 -25.90 41.03 35.67
CA ALA C 960 -25.29 40.30 34.57
C ALA C 960 -26.29 40.06 33.45
N ALA C 961 -27.51 39.66 33.80
CA ALA C 961 -28.54 39.45 32.78
C ALA C 961 -28.87 40.74 32.05
N ARG C 962 -28.95 41.85 32.78
CA ARG C 962 -29.23 43.13 32.14
C ARG C 962 -28.13 43.51 31.18
N LEU C 963 -26.87 43.30 31.56
CA LEU C 963 -25.75 43.64 30.69
C LEU C 963 -25.58 42.65 29.54
N ARG C 964 -26.13 41.45 29.66
CA ARG C 964 -25.93 40.40 28.65
C ARG C 964 -27.12 40.19 27.73
N LEU C 965 -28.26 40.84 28.01
CA LEU C 965 -29.41 40.66 27.13
C LEU C 965 -29.06 40.96 25.68
N ARG C 966 -28.42 42.10 25.43
CA ARG C 966 -28.08 42.46 24.05
C ARG C 966 -27.09 41.49 23.41
N PRO C 967 -25.94 41.16 24.02
CA PRO C 967 -25.05 40.18 23.37
C PRO C 967 -25.70 38.83 23.12
N ILE C 968 -26.45 38.31 24.08
CA ILE C 968 -27.05 36.99 23.92
C ILE C 968 -28.04 37.01 22.77
N VAL C 969 -28.94 38.00 22.75
CA VAL C 969 -29.90 38.12 21.67
C VAL C 969 -29.19 38.28 20.34
N MET C 970 -28.12 39.09 20.33
CA MET C 970 -27.39 39.33 19.09
C MET C 970 -26.81 38.04 18.52
N THR C 971 -26.08 37.29 19.35
CA THR C 971 -25.45 36.06 18.88
C THR C 971 -26.50 35.03 18.47
N SER C 972 -27.53 34.85 19.30
CA SER C 972 -28.56 33.88 19.00
C SER C 972 -29.29 34.24 17.71
N LEU C 973 -29.60 35.53 17.53
CA LEU C 973 -30.29 35.99 16.33
C LEU C 973 -29.42 35.79 15.10
N ALA C 974 -28.12 36.10 15.22
CA ALA C 974 -27.21 35.87 14.10
C ALA C 974 -27.21 34.41 13.68
N PHE C 975 -27.03 33.51 14.65
CA PHE C 975 -27.03 32.09 14.35
C PHE C 975 -28.35 31.64 13.74
N GLY C 976 -29.46 32.04 14.36
CA GLY C 976 -30.78 31.68 13.90
C GLY C 976 -31.05 32.13 12.49
N PHE C 977 -30.74 33.39 12.18
CA PHE C 977 -30.91 33.88 10.82
C PHE C 977 -30.01 33.11 9.85
N GLY C 978 -28.78 32.79 10.26
CA GLY C 978 -27.93 31.99 9.40
C GLY C 978 -28.54 30.64 9.08
N VAL C 979 -29.24 30.05 10.05
CA VAL C 979 -29.87 28.76 9.83
C VAL C 979 -31.23 28.87 9.15
N VAL C 980 -31.83 30.07 9.15
CA VAL C 980 -33.19 30.23 8.59
C VAL C 980 -33.30 29.70 7.17
N PRO C 981 -32.40 30.03 6.22
CA PRO C 981 -32.58 29.50 4.85
C PRO C 981 -32.62 27.99 4.78
N LEU C 982 -31.87 27.30 5.64
CA LEU C 982 -31.89 25.85 5.65
C LEU C 982 -33.29 25.32 5.91
N ALA C 983 -33.96 25.84 6.94
CA ALA C 983 -35.29 25.36 7.27
C ALA C 983 -36.32 25.71 6.21
N LEU C 984 -36.08 26.78 5.45
CA LEU C 984 -37.01 27.24 4.44
C LEU C 984 -36.58 26.89 3.02
N SER C 985 -35.63 25.96 2.87
CA SER C 985 -35.16 25.58 1.56
C SER C 985 -36.24 24.83 0.79
N SER C 986 -36.22 25.00 -0.53
CA SER C 986 -37.16 24.32 -1.42
C SER C 986 -36.45 24.00 -2.72
N GLY C 987 -36.42 22.73 -3.09
CA GLY C 987 -35.78 22.32 -4.32
C GLY C 987 -34.89 21.10 -4.19
N ALA C 988 -33.88 20.99 -5.05
CA ALA C 988 -32.96 19.86 -5.01
C ALA C 988 -32.03 20.01 -3.82
N GLY C 989 -32.02 19.00 -2.94
CA GLY C 989 -31.30 19.09 -1.71
C GLY C 989 -32.06 19.76 -0.59
N SER C 990 -33.32 20.10 -0.82
CA SER C 990 -34.09 20.83 0.19
C SER C 990 -34.28 20.02 1.46
N GLY C 991 -34.47 18.70 1.32
CA GLY C 991 -34.80 17.88 2.48
C GLY C 991 -33.74 17.93 3.58
N ALA C 992 -32.48 17.77 3.20
CA ALA C 992 -31.40 17.77 4.18
C ALA C 992 -31.32 19.12 4.91
N GLN C 993 -31.34 20.20 4.14
CA GLN C 993 -31.30 21.53 4.72
C GLN C 993 -32.49 21.75 5.64
N VAL C 994 -33.67 21.30 5.21
CA VAL C 994 -34.87 21.47 6.02
C VAL C 994 -34.72 20.75 7.35
N ALA C 995 -34.24 19.50 7.32
CA ALA C 995 -34.08 18.76 8.56
C ALA C 995 -33.13 19.49 9.51
N ILE C 996 -31.90 19.74 9.06
CA ILE C 996 -30.90 20.31 9.95
C ILE C 996 -31.32 21.70 10.40
N GLY C 997 -31.83 22.51 9.48
CA GLY C 997 -32.26 23.86 9.81
C GLY C 997 -33.41 23.89 10.79
N THR C 998 -34.40 23.02 10.59
CA THR C 998 -35.51 22.94 11.54
C THR C 998 -35.01 22.62 12.94
N GLY C 999 -34.17 21.58 13.05
CA GLY C 999 -33.67 21.22 14.37
C GLY C 999 -32.90 22.37 15.02
N VAL C 1000 -31.98 22.96 14.27
CA VAL C 1000 -31.13 24.01 14.84
C VAL C 1000 -31.96 25.24 15.18
N LEU C 1001 -32.91 25.60 14.32
CA LEU C 1001 -33.73 26.78 14.55
C LEU C 1001 -34.57 26.62 15.81
N GLY C 1002 -35.24 25.48 15.96
CA GLY C 1002 -36.01 25.26 17.17
C GLY C 1002 -35.14 25.30 18.42
N GLY C 1003 -34.00 24.61 18.36
CA GLY C 1003 -33.08 24.60 19.50
C GLY C 1003 -32.62 25.99 19.87
N ILE C 1004 -32.13 26.76 18.90
CA ILE C 1004 -31.63 28.10 19.20
C ILE C 1004 -32.73 29.00 19.70
N VAL C 1005 -33.95 28.83 19.18
CA VAL C 1005 -35.06 29.64 19.63
C VAL C 1005 -35.33 29.41 21.11
N THR C 1006 -35.41 28.14 21.53
CA THR C 1006 -35.64 27.90 22.96
C THR C 1006 -34.36 28.11 23.77
N ALA C 1007 -33.20 27.77 23.20
CA ALA C 1007 -31.94 27.96 23.92
C ALA C 1007 -31.65 29.43 24.19
N THR C 1008 -32.51 30.35 23.76
CA THR C 1008 -32.39 31.76 24.09
C THR C 1008 -33.54 32.24 24.98
N VAL C 1009 -34.78 32.00 24.57
CA VAL C 1009 -35.93 32.45 25.36
C VAL C 1009 -35.90 31.81 26.74
N LEU C 1010 -35.71 30.49 26.80
CA LEU C 1010 -35.63 29.82 28.09
C LEU C 1010 -34.35 30.18 28.82
N ALA C 1011 -33.25 30.35 28.09
CA ALA C 1011 -31.97 30.63 28.72
C ALA C 1011 -32.00 31.96 29.46
N VAL C 1012 -32.44 33.03 28.79
CA VAL C 1012 -32.39 34.36 29.39
C VAL C 1012 -33.24 34.47 30.64
N PHE C 1013 -34.11 33.48 30.89
CA PHE C 1013 -34.93 33.48 32.08
C PHE C 1013 -34.59 32.37 33.07
N LEU C 1014 -33.76 31.41 32.69
CA LEU C 1014 -33.39 30.34 33.62
C LEU C 1014 -31.92 30.34 34.02
N VAL C 1015 -31.02 30.80 33.14
CA VAL C 1015 -29.60 30.85 33.50
C VAL C 1015 -29.35 31.72 34.73
N PRO C 1016 -29.93 32.92 34.85
CA PRO C 1016 -29.81 33.63 36.14
C PRO C 1016 -30.38 32.83 37.30
N LEU C 1017 -31.50 32.15 37.09
CA LEU C 1017 -32.05 31.29 38.13
C LEU C 1017 -31.07 30.17 38.48
N PHE C 1018 -30.47 29.56 37.46
CA PHE C 1018 -29.49 28.50 37.70
C PHE C 1018 -28.32 29.02 38.51
N PHE C 1019 -27.80 30.19 38.14
CA PHE C 1019 -26.67 30.77 38.87
C PHE C 1019 -27.05 31.06 40.31
N LEU C 1020 -28.23 31.64 40.52
CA LEU C 1020 -28.66 31.94 41.88
C LEU C 1020 -28.76 30.68 42.73
N VAL C 1021 -29.41 29.65 42.20
CA VAL C 1021 -29.61 28.42 42.95
C VAL C 1021 -28.26 27.76 43.24
N VAL C 1022 -27.38 27.70 42.25
CA VAL C 1022 -26.07 27.11 42.45
C VAL C 1022 -25.28 27.89 43.50
N GLY C 1023 -25.28 29.22 43.40
CA GLY C 1023 -24.59 30.03 44.37
C GLY C 1023 -25.09 29.80 45.78
N ARG C 1024 -26.40 29.66 45.94
CA ARG C 1024 -26.96 29.39 47.26
C ARG C 1024 -26.56 27.99 47.75
N LEU C 1025 -26.73 26.98 46.91
CA LEU C 1025 -26.51 25.61 47.35
C LEU C 1025 -25.05 25.33 47.63
N PHE C 1026 -24.16 25.76 46.74
CA PHE C 1026 -22.75 25.46 46.85
C PHE C 1026 -21.95 26.55 47.56
N ARG C 1027 -22.62 27.59 48.04
CA ARG C 1027 -22.01 28.67 48.80
C ARG C 1027 -20.76 29.22 48.10
N LEU C 1028 -20.98 29.76 46.90
CA LEU C 1028 -19.89 30.35 46.13
C LEU C 1028 -19.17 31.39 46.97
N ARG C 1029 -17.84 31.29 47.00
CA ARG C 1029 -17.02 32.15 47.84
C ARG C 1029 -16.59 33.39 47.07
N LYS C 1030 -16.64 34.54 47.73
CA LYS C 1030 -16.24 35.80 47.13
C LYS C 1030 -14.73 35.92 47.20
N ALA C 1031 -14.07 35.25 46.27
CA ALA C 1031 -12.60 35.27 46.21
C ALA C 1031 -12.13 35.90 44.90
#